data_7PTT
#
_entry.id   7PTT
#
_cell.length_a   1.00
_cell.length_b   1.00
_cell.length_c   1.00
_cell.angle_alpha   90.00
_cell.angle_beta   90.00
_cell.angle_gamma   90.00
#
_symmetry.space_group_name_H-M   'P 1'
#
_entity_poly.entity_id   1
_entity_poly.type   'polypeptide(L)'
_entity_poly.pdbx_seq_one_letter_code
;ERGNLDADSESFNKTIQSGDRVFLGEEISTDAGLGASNPLLTGTAGNSEGVSLDLSSPIPQTTENQPLGTYDVDGSGSAT
TPNVTLLAPRITDSEILTSSGGDVTGSAISSSDAGNLYVNADYNYESAEKVEVTVEDPSGTDITNEVLSGTDTFVDDGSI
GSTSSTGGGVGIDMSDQDAGEYTIILEGAEDLDFGDATETMTLTISSQDEIGIELDSESVTQGTDVQYTVTNGIDGNEHV
VAMDLSDLQNDATTEQAKEVFRNIGDTSEVGIANSSATNTSGSSTGPTVETADIAYAVVEIDGASAVGGIETQYLDDSEV
DLEVYDAGVSATAAVGQDATNDITLTIEEGGTTLSSPTGQYVVGSEVDINGTATSSDSVAIYVRDDGDWQLLEIGGDNEI
SVDSDDTFEEEDIALSGLSGDGSSILSLTGTYRIGVIDASDADVGGDGSVDDSLTTSEFTSGVSSSNSIRVTDQALTGQF
TTINGQVAPVETGTVDINGTASGANSVLVIFVDERGNVNYQEVSVDSDGTYDEDDITVGLTQGRVTAHILSVGRDSAIGD
GSLPSGPSNGATLNDLTGYLDTLDQNNNNGEQINELIASETVDETASDDLIVTETFRLAESSTSIDSIYPDAAEAAGINP
VATGETMVIAGSTNLKPDDNTISIEVTNEDGTSVALEDTDEWNNDGQWMVEIDTTDFETGTFTVEADDGDNTDTVNVEVV
SEREDTTTSSDNATDTTTTTDGPTETTTTAEPTETTEEPTEETTTSSNTPGFGIAVALVALVGAALLALRREN
;
_entity_poly.pdbx_strand_id   A,B,C,D,E,F
#
# COMPACT_ATOMS: atom_id res chain seq x y z
N GLU A 1 50.12 -14.54 24.41
CA GLU A 1 49.97 -15.46 23.29
C GLU A 1 48.57 -15.35 22.71
N ARG A 2 48.14 -16.37 21.98
CA ARG A 2 46.79 -16.44 21.45
C ARG A 2 46.07 -17.61 22.11
N GLY A 3 44.84 -17.37 22.55
CA GLY A 3 44.09 -18.32 23.33
C GLY A 3 44.23 -18.12 24.82
N ASN A 4 45.32 -17.51 25.26
CA ASN A 4 45.53 -17.08 26.64
C ASN A 4 45.97 -15.61 26.53
N LEU A 5 44.98 -14.72 26.46
CA LEU A 5 45.25 -13.33 26.09
C LEU A 5 45.74 -12.51 27.28
N ASP A 6 45.13 -12.69 28.46
CA ASP A 6 45.52 -11.94 29.64
C ASP A 6 46.83 -12.41 30.25
N ALA A 7 47.38 -13.54 29.78
CA ALA A 7 48.64 -14.04 30.32
C ALA A 7 49.81 -13.11 30.02
N ASP A 8 49.70 -12.25 29.01
CA ASP A 8 50.75 -11.31 28.66
C ASP A 8 50.29 -9.87 28.80
N SER A 9 49.20 -9.63 29.53
CA SER A 9 48.66 -8.30 29.78
C SER A 9 48.32 -7.58 28.48
N GLU A 10 47.95 -8.34 27.45
CA GLU A 10 47.59 -7.77 26.16
C GLU A 10 46.09 -7.79 25.99
N SER A 11 45.56 -6.74 25.39
CA SER A 11 44.13 -6.67 25.10
C SER A 11 43.74 -7.41 23.84
N PHE A 12 44.71 -7.83 23.02
CA PHE A 12 44.45 -8.52 21.77
C PHE A 12 45.76 -9.12 21.27
N ASN A 13 45.64 -10.04 20.32
CA ASN A 13 46.80 -10.53 19.59
C ASN A 13 46.30 -11.12 18.27
N LYS A 14 47.07 -10.90 17.21
CA LYS A 14 46.72 -11.32 15.86
C LYS A 14 47.79 -12.21 15.24
N THR A 15 48.52 -12.95 16.07
CA THR A 15 49.53 -13.90 15.60
C THR A 15 48.90 -15.28 15.65
N ILE A 16 48.27 -15.66 14.53
CA ILE A 16 47.54 -16.91 14.46
C ILE A 16 48.50 -18.05 14.16
N GLN A 17 48.38 -19.14 14.91
CA GLN A 17 49.14 -20.36 14.67
C GLN A 17 48.24 -21.41 14.04
N SER A 18 48.87 -22.49 13.57
CA SER A 18 48.13 -23.53 12.86
C SER A 18 47.12 -24.20 13.78
N GLY A 19 45.92 -24.41 13.27
CA GLY A 19 44.86 -25.07 14.01
C GLY A 19 44.04 -24.20 14.93
N ASP A 20 44.33 -22.91 15.00
CA ASP A 20 43.62 -22.02 15.91
C ASP A 20 42.26 -21.63 15.30
N ARG A 21 41.57 -20.69 15.94
CA ARG A 21 40.28 -20.22 15.48
C ARG A 21 40.38 -18.76 15.07
N VAL A 22 39.56 -18.38 14.09
CA VAL A 22 39.53 -17.03 13.56
C VAL A 22 38.08 -16.60 13.44
N PHE A 23 37.80 -15.33 13.74
CA PHE A 23 36.44 -14.82 13.73
C PHE A 23 36.20 -13.94 12.52
N LEU A 24 34.94 -13.51 12.37
CA LEU A 24 34.49 -12.89 11.14
C LEU A 24 35.22 -11.58 10.85
N GLY A 25 35.28 -10.69 11.84
CA GLY A 25 35.75 -9.35 11.58
C GLY A 25 37.22 -9.09 11.84
N GLU A 26 38.02 -10.15 11.99
CA GLU A 26 39.41 -9.96 12.36
C GLU A 26 40.20 -9.29 11.23
N GLU A 27 41.40 -8.83 11.58
CA GLU A 27 42.35 -8.24 10.63
C GLU A 27 43.68 -8.92 10.93
N ILE A 28 43.98 -10.00 10.20
CA ILE A 28 45.15 -10.81 10.50
C ILE A 28 46.42 -9.99 10.29
N SER A 29 47.42 -10.27 11.12
CA SER A 29 48.73 -9.62 11.01
C SER A 29 49.65 -10.45 10.13
N THR A 30 50.28 -9.79 9.15
CA THR A 30 51.13 -10.46 8.18
C THR A 30 52.56 -10.65 8.68
N ASP A 31 52.80 -10.45 9.97
CA ASP A 31 54.12 -10.64 10.55
C ASP A 31 54.34 -12.13 10.81
N ALA A 32 55.37 -12.46 11.59
CA ALA A 32 55.70 -13.86 11.87
C ALA A 32 54.50 -14.60 12.45
N GLY A 33 54.25 -15.79 11.92
CA GLY A 33 53.10 -16.61 12.24
C GLY A 33 52.50 -17.16 10.97
N LEU A 34 51.22 -17.50 11.03
CA LEU A 34 50.50 -17.99 9.86
C LEU A 34 49.85 -16.84 9.10
N GLY A 35 50.64 -15.80 8.82
CA GLY A 35 50.18 -14.67 8.03
C GLY A 35 51.19 -14.30 6.96
N ALA A 36 52.38 -14.87 7.05
CA ALA A 36 53.40 -14.69 6.02
C ALA A 36 53.93 -16.05 5.57
N SER A 37 53.86 -17.04 6.45
CA SER A 37 54.26 -18.39 6.08
C SER A 37 53.22 -19.09 5.21
N ASN A 38 51.97 -18.64 5.25
CA ASN A 38 50.89 -19.29 4.50
C ASN A 38 49.73 -18.31 4.35
N PRO A 39 49.85 -17.29 3.48
CA PRO A 39 48.79 -16.28 3.41
C PRO A 39 47.55 -16.71 2.66
N LEU A 40 47.63 -17.75 1.83
CA LEU A 40 46.50 -18.19 1.02
C LEU A 40 45.92 -19.45 1.62
N LEU A 41 44.60 -19.43 1.90
CA LEU A 41 43.92 -20.56 2.49
C LEU A 41 42.64 -20.87 1.72
N THR A 42 42.29 -22.15 1.67
CA THR A 42 41.15 -22.62 0.90
C THR A 42 40.27 -23.49 1.80
N GLY A 43 38.99 -23.53 1.49
CA GLY A 43 38.05 -24.27 2.31
C GLY A 43 38.22 -25.78 2.19
N THR A 44 37.56 -26.49 3.11
CA THR A 44 37.71 -27.94 3.23
C THR A 44 36.44 -28.69 2.89
N ALA A 45 35.34 -28.41 3.57
CA ALA A 45 34.12 -29.19 3.37
C ALA A 45 32.91 -28.29 3.58
N GLY A 46 31.73 -28.85 3.37
CA GLY A 46 30.50 -28.13 3.55
C GLY A 46 30.35 -27.00 2.53
N ASN A 47 29.72 -25.91 2.98
CA ASN A 47 29.57 -24.75 2.11
C ASN A 47 30.88 -24.01 1.89
N SER A 48 31.91 -24.30 2.68
CA SER A 48 33.16 -23.56 2.60
C SER A 48 34.18 -24.19 1.65
N GLU A 49 33.91 -25.37 1.12
CA GLU A 49 34.87 -26.05 0.26
C GLU A 49 35.04 -25.28 -1.04
N GLY A 50 36.29 -25.16 -1.47
CA GLY A 50 36.64 -24.42 -2.67
C GLY A 50 36.83 -22.93 -2.44
N VAL A 51 36.02 -22.35 -1.55
CA VAL A 51 36.12 -20.92 -1.27
C VAL A 51 37.47 -20.63 -0.63
N SER A 52 38.06 -19.49 -1.01
CA SER A 52 39.36 -19.10 -0.51
C SER A 52 39.23 -18.10 0.63
N LEU A 53 40.24 -18.08 1.50
CA LEU A 53 40.31 -17.16 2.63
C LEU A 53 41.64 -16.42 2.56
N ASP A 54 41.57 -15.13 2.29
CA ASP A 54 42.77 -14.30 2.14
C ASP A 54 43.11 -13.72 3.51
N LEU A 55 44.16 -14.24 4.14
CA LEU A 55 44.57 -13.77 5.46
C LEU A 55 45.27 -12.41 5.41
N SER A 56 45.84 -12.04 4.27
CA SER A 56 46.51 -10.75 4.14
C SER A 56 45.54 -9.59 4.13
N SER A 57 44.24 -9.85 4.03
CA SER A 57 43.21 -8.84 3.97
C SER A 57 42.19 -9.06 5.09
N PRO A 58 41.47 -8.02 5.50
CA PRO A 58 40.41 -8.19 6.50
C PRO A 58 39.35 -9.18 6.03
N ILE A 59 38.82 -9.96 6.97
CA ILE A 59 37.87 -11.03 6.68
C ILE A 59 36.47 -10.47 6.63
N PRO A 60 35.67 -10.78 5.59
CA PRO A 60 34.30 -10.27 5.52
C PRO A 60 33.40 -10.84 6.60
N GLN A 61 32.12 -10.46 6.59
CA GLN A 61 31.23 -10.73 7.72
C GLN A 61 29.91 -11.26 7.18
N THR A 62 28.91 -11.29 8.07
CA THR A 62 27.53 -11.76 7.84
C THR A 62 27.45 -13.05 7.03
N THR A 63 28.42 -13.95 7.20
CA THR A 63 28.47 -15.29 6.61
C THR A 63 28.35 -15.30 5.09
N GLU A 64 28.62 -14.18 4.44
CA GLU A 64 28.64 -14.09 2.98
C GLU A 64 30.07 -13.85 2.49
N ASN A 65 30.41 -14.55 1.41
CA ASN A 65 31.73 -14.59 0.77
C ASN A 65 32.79 -15.24 1.65
N GLN A 66 32.44 -15.71 2.84
CA GLN A 66 33.38 -16.43 3.71
C GLN A 66 32.59 -17.42 4.56
N PRO A 67 32.30 -18.60 4.02
CA PRO A 67 31.50 -19.57 4.78
C PRO A 67 32.25 -20.10 5.99
N LEU A 68 31.48 -20.42 7.03
CA LEU A 68 32.07 -20.93 8.26
C LEU A 68 32.53 -22.37 8.08
N GLY A 69 33.72 -22.67 8.58
CA GLY A 69 34.21 -24.03 8.53
C GLY A 69 35.72 -24.08 8.63
N THR A 70 36.23 -25.31 8.62
CA THR A 70 37.66 -25.58 8.63
C THR A 70 38.24 -25.31 7.25
N TYR A 71 39.45 -24.75 7.22
CA TYR A 71 40.13 -24.37 5.98
C TYR A 71 41.46 -25.09 5.87
N ASP A 72 41.71 -25.75 4.74
CA ASP A 72 43.00 -26.39 4.50
C ASP A 72 43.95 -25.43 3.81
N VAL A 73 45.17 -25.93 3.56
CA VAL A 73 46.10 -25.29 2.63
C VAL A 73 45.87 -25.84 1.22
N ASP A 74 45.34 -27.06 1.10
CA ASP A 74 45.15 -27.73 -0.17
C ASP A 74 43.70 -27.73 -0.61
N GLY A 75 42.78 -27.45 0.30
CA GLY A 75 41.38 -27.53 0.00
C GLY A 75 40.83 -28.86 0.44
N SER A 76 39.71 -29.24 -0.15
CA SER A 76 39.14 -30.54 0.13
C SER A 76 40.09 -31.61 -0.40
N GLY A 77 40.83 -32.25 0.49
CA GLY A 77 41.82 -33.21 0.03
C GLY A 77 42.33 -34.16 1.09
N SER A 78 43.56 -34.63 0.91
CA SER A 78 44.17 -35.60 1.80
C SER A 78 45.25 -34.99 2.69
N ALA A 79 45.24 -33.67 2.82
CA ALA A 79 46.22 -32.96 3.65
C ALA A 79 45.50 -32.32 4.82
N THR A 80 46.08 -32.46 6.02
CA THR A 80 45.63 -31.79 7.23
C THR A 80 46.88 -31.06 7.75
N THR A 81 47.05 -29.84 7.29
CA THR A 81 48.26 -29.05 7.39
C THR A 81 47.81 -27.59 7.60
N PRO A 82 48.72 -26.55 7.70
CA PRO A 82 48.32 -25.27 8.32
C PRO A 82 46.89 -24.83 8.09
N ASN A 83 46.23 -24.39 9.16
CA ASN A 83 44.84 -24.71 9.42
C ASN A 83 44.17 -23.55 10.12
N VAL A 84 42.93 -23.28 9.75
CA VAL A 84 42.13 -22.22 10.35
C VAL A 84 40.67 -22.66 10.33
N THR A 85 39.99 -22.50 11.46
CA THR A 85 38.55 -22.65 11.54
C THR A 85 37.93 -21.28 11.80
N LEU A 86 36.81 -21.01 11.15
CA LEU A 86 36.20 -19.69 11.16
C LEU A 86 34.89 -19.77 11.92
N LEU A 87 34.83 -19.10 13.06
CA LEU A 87 33.65 -19.03 13.91
C LEU A 87 32.97 -17.67 13.74
N ALA A 88 31.97 -17.41 14.57
CA ALA A 88 31.28 -16.13 14.57
C ALA A 88 31.42 -15.45 15.92
N PRO A 89 31.57 -14.12 15.95
CA PRO A 89 31.70 -13.42 17.23
C PRO A 89 30.33 -13.28 17.89
N ARG A 90 30.31 -13.45 19.21
CA ARG A 90 29.06 -13.51 19.93
C ARG A 90 29.20 -13.00 21.36
N ILE A 91 28.17 -12.29 21.81
CA ILE A 91 27.98 -11.98 23.23
C ILE A 91 26.67 -12.65 23.64
N THR A 92 26.74 -13.55 24.62
CA THR A 92 25.58 -14.36 24.96
C THR A 92 24.74 -13.73 26.08
N ASP A 93 25.35 -13.51 27.24
CA ASP A 93 24.64 -12.97 28.39
C ASP A 93 25.49 -11.89 29.04
N SER A 94 24.81 -10.90 29.62
CA SER A 94 25.49 -9.81 30.30
C SER A 94 24.53 -9.17 31.29
N GLU A 95 25.05 -8.83 32.47
CA GLU A 95 24.20 -8.32 33.54
C GLU A 95 24.98 -7.28 34.35
N ILE A 96 24.23 -6.46 35.08
CA ILE A 96 24.79 -5.53 36.05
C ILE A 96 24.30 -5.97 37.42
N LEU A 97 25.25 -6.24 38.32
CA LEU A 97 24.92 -6.79 39.63
C LEU A 97 25.56 -5.96 40.73
N THR A 98 24.84 -5.86 41.85
CA THR A 98 25.27 -5.12 43.02
C THR A 98 26.33 -5.92 43.78
N SER A 99 26.96 -5.28 44.78
CA SER A 99 28.07 -5.90 45.49
C SER A 99 27.71 -7.21 46.16
N SER A 100 26.43 -7.46 46.41
CA SER A 100 25.96 -8.70 47.01
C SER A 100 24.94 -9.38 46.12
N GLY A 101 25.18 -9.37 44.80
CA GLY A 101 24.30 -9.99 43.86
C GLY A 101 23.07 -9.15 43.59
N GLY A 102 22.23 -9.66 42.68
CA GLY A 102 21.01 -8.97 42.32
C GLY A 102 21.13 -8.15 41.06
N ASP A 103 20.55 -8.64 39.98
CA ASP A 103 20.59 -7.92 38.70
C ASP A 103 19.84 -6.60 38.82
N VAL A 104 20.42 -5.55 38.27
CA VAL A 104 19.83 -4.22 38.37
C VAL A 104 19.80 -3.57 37.00
N THR A 105 20.02 -4.35 35.95
CA THR A 105 20.00 -3.81 34.59
C THR A 105 18.57 -3.43 34.20
N GLY A 106 18.45 -2.33 33.44
CA GLY A 106 17.16 -1.89 32.96
C GLY A 106 16.19 -1.49 34.05
N SER A 107 16.68 -1.27 35.27
CA SER A 107 15.84 -0.92 36.40
C SER A 107 16.45 0.25 37.15
N ALA A 108 15.60 1.15 37.63
CA ALA A 108 16.08 2.30 38.39
C ALA A 108 16.67 1.85 39.72
N ILE A 109 17.79 2.46 40.09
CA ILE A 109 18.47 2.16 41.35
C ILE A 109 18.75 3.46 42.09
N SER A 110 18.81 3.37 43.41
CA SER A 110 19.09 4.54 44.23
C SER A 110 20.53 5.00 44.03
N SER A 111 20.71 6.33 44.02
CA SER A 111 22.06 6.88 43.84
C SER A 111 22.98 6.50 44.99
N SER A 112 22.44 6.38 46.21
CA SER A 112 23.26 6.02 47.35
C SER A 112 23.81 4.61 47.21
N ASP A 113 22.99 3.66 46.76
CA ASP A 113 23.41 2.28 46.65
C ASP A 113 24.13 1.98 45.34
N ALA A 114 24.08 2.90 44.37
CA ALA A 114 24.74 2.69 43.10
C ALA A 114 26.21 3.09 43.18
N GLY A 115 26.94 2.53 44.14
CA GLY A 115 28.33 2.88 44.31
C GLY A 115 29.28 1.70 44.25
N ASN A 116 28.74 0.50 44.16
CA ASN A 116 29.57 -0.71 44.05
C ASN A 116 28.99 -1.64 43.01
N LEU A 117 28.57 -1.09 41.87
CA LEU A 117 28.01 -1.89 40.80
C LEU A 117 29.11 -2.63 40.06
N TYR A 118 28.70 -3.70 39.37
CA TYR A 118 29.60 -4.52 38.56
C TYR A 118 28.99 -4.77 37.20
N VAL A 119 29.85 -4.95 36.20
CA VAL A 119 29.43 -5.26 34.84
C VAL A 119 30.10 -6.57 34.44
N ASN A 120 29.29 -7.53 34.00
CA ASN A 120 29.76 -8.84 33.60
C ASN A 120 29.14 -9.23 32.27
N ALA A 121 29.82 -10.11 31.53
CA ALA A 121 29.33 -10.54 30.24
C ALA A 121 30.01 -11.86 29.86
N ASP A 122 29.36 -12.58 28.95
CA ASP A 122 29.93 -13.77 28.33
C ASP A 122 30.05 -13.51 26.83
N TYR A 123 31.24 -13.73 26.29
CA TYR A 123 31.50 -13.49 24.88
C TYR A 123 32.21 -14.69 24.27
N ASN A 124 31.99 -14.90 22.98
CA ASN A 124 32.59 -16.02 22.27
C ASN A 124 34.07 -15.81 22.00
N TYR A 125 34.46 -14.56 21.72
CA TYR A 125 35.82 -14.25 21.28
C TYR A 125 36.69 -13.91 22.49
N GLU A 126 37.20 -14.96 23.13
CA GLU A 126 38.14 -14.78 24.23
C GLU A 126 39.58 -15.01 23.82
N SER A 127 39.82 -15.87 22.83
CA SER A 127 41.17 -16.11 22.38
C SER A 127 41.73 -14.92 21.60
N ALA A 128 40.87 -14.13 20.97
CA ALA A 128 41.30 -13.06 20.07
C ALA A 128 41.36 -11.70 20.76
N GLU A 129 40.23 -11.21 21.24
CA GLU A 129 40.16 -9.84 21.74
C GLU A 129 39.29 -9.78 22.98
N LYS A 130 39.71 -8.96 23.94
CA LYS A 130 38.85 -8.67 25.09
C LYS A 130 37.74 -7.71 24.67
N VAL A 131 36.75 -7.54 25.54
CA VAL A 131 35.61 -6.69 25.27
C VAL A 131 35.67 -5.46 26.18
N GLU A 132 35.48 -4.29 25.58
CA GLU A 132 35.59 -3.03 26.28
C GLU A 132 34.25 -2.64 26.91
N VAL A 133 34.32 -1.83 27.96
CA VAL A 133 33.15 -1.25 28.59
C VAL A 133 33.27 0.26 28.51
N THR A 134 32.18 0.92 28.10
CA THR A 134 32.16 2.37 27.93
C THR A 134 30.84 2.89 28.47
N VAL A 135 30.89 3.58 29.61
CA VAL A 135 29.70 4.17 30.20
C VAL A 135 29.41 5.50 29.52
N GLU A 136 28.16 5.71 29.13
CA GLU A 136 27.73 6.91 28.43
C GLU A 136 26.61 7.58 29.19
N ASP A 137 26.74 8.89 29.40
CA ASP A 137 25.68 9.65 30.05
C ASP A 137 24.50 9.82 29.09
N PRO A 138 23.32 10.18 29.62
CA PRO A 138 22.18 10.42 28.73
C PRO A 138 22.45 11.51 27.70
N SER A 139 23.34 12.45 27.99
CA SER A 139 23.74 13.44 26.99
C SER A 139 24.59 12.84 25.88
N GLY A 140 25.18 11.67 26.12
CA GLY A 140 25.97 11.00 25.10
C GLY A 140 27.45 11.35 25.14
N THR A 141 28.08 11.22 26.30
CA THR A 141 29.49 11.53 26.45
C THR A 141 30.17 10.43 27.25
N ASP A 142 31.41 10.11 26.87
CA ASP A 142 32.18 9.05 27.53
C ASP A 142 32.59 9.49 28.92
N ILE A 143 31.96 8.91 29.94
CA ILE A 143 32.28 9.19 31.33
C ILE A 143 32.99 8.02 31.99
N THR A 144 33.59 7.13 31.19
CA THR A 144 34.14 5.90 31.72
C THR A 144 35.26 6.16 32.72
N ASN A 145 36.16 7.10 32.42
CA ASN A 145 37.30 7.34 33.29
C ASN A 145 36.88 7.91 34.64
N GLU A 146 35.72 8.58 34.70
CA GLU A 146 35.26 9.11 35.98
C GLU A 146 34.69 8.02 36.88
N VAL A 147 33.97 7.05 36.29
CA VAL A 147 33.27 6.04 37.07
C VAL A 147 34.05 4.74 37.23
N LEU A 148 35.15 4.57 36.51
CA LEU A 148 35.91 3.33 36.59
C LEU A 148 36.49 3.15 37.99
N SER A 149 36.47 1.90 38.47
CA SER A 149 36.98 1.57 39.80
C SER A 149 38.09 0.52 39.77
N GLY A 150 38.11 -0.36 38.80
CA GLY A 150 39.14 -1.38 38.75
C GLY A 150 38.96 -2.30 37.55
N THR A 151 39.84 -3.29 37.47
CA THR A 151 39.85 -4.35 36.48
C THR A 151 40.31 -3.84 35.11
N ASP A 152 40.53 -2.53 35.00
CA ASP A 152 41.13 -1.92 33.81
C ASP A 152 40.25 -2.10 32.57
N THR A 153 38.94 -1.90 32.73
CA THR A 153 38.00 -1.76 31.63
C THR A 153 37.83 -3.06 30.85
N PHE A 154 38.61 -4.08 31.18
CA PHE A 154 38.56 -5.37 30.51
C PHE A 154 37.82 -6.37 31.39
N VAL A 155 36.78 -6.99 30.85
CA VAL A 155 36.02 -8.02 31.56
C VAL A 155 36.29 -9.36 30.90
N ASP A 156 36.55 -10.37 31.73
CA ASP A 156 36.94 -11.68 31.24
C ASP A 156 35.71 -12.48 30.81
N ASP A 157 35.97 -13.60 30.12
CA ASP A 157 34.90 -14.51 29.77
C ASP A 157 34.42 -15.25 31.01
N GLY A 158 33.17 -15.73 30.95
CA GLY A 158 32.57 -16.29 32.14
C GLY A 158 32.36 -15.21 33.18
N SER A 159 32.62 -15.54 34.44
CA SER A 159 32.62 -14.60 35.55
C SER A 159 31.28 -13.90 35.73
N ILE A 160 30.18 -14.51 35.28
CA ILE A 160 28.85 -13.99 35.56
C ILE A 160 28.45 -14.39 36.97
N GLY A 161 27.98 -13.43 37.75
CA GLY A 161 27.74 -13.63 39.16
C GLY A 161 28.92 -13.30 40.05
N SER A 162 29.99 -12.74 39.49
CA SER A 162 31.16 -12.35 40.27
C SER A 162 30.86 -11.03 40.97
N THR A 163 30.76 -11.07 42.29
CA THR A 163 30.46 -9.88 43.08
C THR A 163 31.71 -9.17 43.60
N SER A 164 32.89 -9.66 43.25
CA SER A 164 34.14 -9.08 43.74
C SER A 164 35.04 -8.72 42.57
N SER A 165 35.88 -7.72 42.79
CA SER A 165 36.84 -7.29 41.76
C SER A 165 37.90 -8.34 41.47
N THR A 166 38.04 -9.36 42.32
CA THR A 166 39.02 -10.40 42.06
C THR A 166 38.70 -11.16 40.78
N GLY A 167 37.43 -11.49 40.56
CA GLY A 167 37.02 -12.14 39.34
C GLY A 167 36.86 -11.17 38.18
N GLY A 168 36.60 -11.73 37.01
CA GLY A 168 36.40 -10.89 35.84
C GLY A 168 35.15 -10.03 35.99
N GLY A 169 35.26 -8.79 35.53
CA GLY A 169 34.17 -7.84 35.62
C GLY A 169 34.72 -6.51 36.11
N VAL A 170 34.12 -5.43 35.65
CA VAL A 170 34.56 -4.08 35.98
C VAL A 170 33.55 -3.44 36.90
N GLY A 171 34.04 -2.76 37.94
CA GLY A 171 33.19 -2.04 38.87
C GLY A 171 33.10 -0.57 38.49
N ILE A 172 31.90 -0.03 38.58
CA ILE A 172 31.63 1.37 38.28
C ILE A 172 30.97 2.01 39.50
N ASP A 173 31.44 3.19 39.88
CA ASP A 173 30.89 3.92 41.02
C ASP A 173 30.06 5.06 40.43
N MET A 174 28.78 4.77 40.19
CA MET A 174 27.85 5.71 39.59
C MET A 174 27.09 6.52 40.63
N SER A 175 27.61 6.58 41.87
CA SER A 175 26.94 7.34 42.93
C SER A 175 27.07 8.84 42.73
N ASP A 176 28.22 9.31 42.23
CA ASP A 176 28.44 10.74 42.13
C ASP A 176 27.64 11.37 41.00
N GLN A 177 27.31 10.60 39.96
CA GLN A 177 26.59 11.17 38.83
C GLN A 177 25.15 11.50 39.23
N ASP A 178 24.54 12.42 38.50
CA ASP A 178 23.19 12.87 38.79
C ASP A 178 22.18 11.81 38.37
N ALA A 179 20.90 12.13 38.54
CA ALA A 179 19.83 11.21 38.18
C ALA A 179 19.60 11.22 36.67
N GLY A 180 19.45 10.03 36.11
CA GLY A 180 19.21 9.90 34.69
C GLY A 180 19.32 8.45 34.27
N GLU A 181 19.10 8.23 32.98
CA GLU A 181 19.17 6.89 32.38
C GLU A 181 20.47 6.78 31.60
N TYR A 182 21.29 5.80 31.95
CA TYR A 182 22.63 5.66 31.41
C TYR A 182 22.74 4.37 30.62
N THR A 183 23.64 4.35 29.64
CA THR A 183 23.83 3.21 28.76
C THR A 183 25.28 2.73 28.86
N ILE A 184 25.45 1.46 29.18
CA ILE A 184 26.76 0.81 29.21
C ILE A 184 26.95 0.10 27.88
N ILE A 185 28.08 0.36 27.23
CA ILE A 185 28.36 -0.15 25.90
C ILE A 185 29.49 -1.17 25.99
N LEU A 186 29.24 -2.37 25.46
CA LEU A 186 30.24 -3.42 25.39
C LEU A 186 30.54 -3.73 23.94
N GLU A 187 31.83 -3.81 23.61
CA GLU A 187 32.27 -4.12 22.26
C GLU A 187 33.71 -4.60 22.32
N GLY A 188 34.13 -5.24 21.23
CA GLY A 188 35.45 -5.81 21.19
C GLY A 188 36.54 -4.76 21.25
N ALA A 189 37.76 -5.23 21.57
CA ALA A 189 38.88 -4.33 21.77
C ALA A 189 39.22 -3.60 20.46
N GLU A 190 39.43 -4.35 19.38
CA GLU A 190 39.87 -3.76 18.12
C GLU A 190 38.84 -3.90 17.00
N ASP A 191 38.42 -5.11 16.68
CA ASP A 191 37.70 -5.36 15.44
C ASP A 191 36.29 -5.89 15.62
N LEU A 192 36.06 -6.72 16.63
CA LEU A 192 34.77 -7.40 16.79
C LEU A 192 33.83 -6.50 17.59
N ASP A 193 33.27 -5.50 16.90
CA ASP A 193 32.34 -4.56 17.52
C ASP A 193 31.03 -4.42 16.74
N PHE A 194 30.82 -5.20 15.69
CA PHE A 194 29.62 -5.09 14.88
C PHE A 194 28.46 -5.86 15.54
N GLY A 195 27.38 -6.04 14.79
CA GLY A 195 26.22 -6.71 15.33
C GLY A 195 26.53 -8.10 15.86
N ASP A 196 25.83 -8.47 16.93
CA ASP A 196 25.96 -9.72 17.66
C ASP A 196 27.27 -9.84 18.42
N ALA A 197 28.17 -8.86 18.27
CA ALA A 197 29.40 -8.81 19.05
C ALA A 197 29.42 -7.64 20.03
N THR A 198 28.40 -6.79 20.00
CA THR A 198 28.28 -5.66 20.90
C THR A 198 26.89 -5.62 21.51
N GLU A 199 26.80 -5.14 22.75
CA GLU A 199 25.52 -5.04 23.45
C GLU A 199 25.49 -3.78 24.29
N THR A 200 24.34 -3.12 24.32
CA THR A 200 24.13 -1.91 25.10
C THR A 200 23.25 -2.26 26.29
N MET A 201 23.80 -2.20 27.50
CA MET A 201 23.04 -2.42 28.73
C MET A 201 22.68 -1.07 29.35
N THR A 202 21.39 -0.84 29.53
CA THR A 202 20.90 0.44 30.03
C THR A 202 20.85 0.41 31.55
N LEU A 203 20.81 1.60 32.15
CA LEU A 203 20.76 1.72 33.60
C LEU A 203 20.14 3.07 33.96
N THR A 204 19.22 3.06 34.91
CA THR A 204 18.50 4.25 35.33
C THR A 204 18.94 4.66 36.73
N ILE A 205 19.30 5.93 36.88
CA ILE A 205 19.69 6.52 38.16
C ILE A 205 18.65 7.58 38.51
N SER A 206 18.12 7.49 39.72
CA SER A 206 17.11 8.44 40.16
C SER A 206 17.13 8.51 41.68
N SER A 207 16.44 9.52 42.21
CA SER A 207 16.33 9.67 43.66
C SER A 207 15.64 8.45 44.25
N GLN A 208 16.07 8.07 45.45
CA GLN A 208 15.59 6.84 46.07
C GLN A 208 14.13 6.99 46.49
N ASP A 209 13.19 6.53 45.68
CA ASP A 209 11.79 6.56 46.15
C ASP A 209 11.65 5.56 47.31
N GLU A 210 11.17 6.02 48.50
CA GLU A 210 11.01 5.13 49.68
C GLU A 210 10.04 4.00 49.33
N ILE A 211 9.97 2.94 50.15
CA ILE A 211 9.12 1.84 49.72
C ILE A 211 7.69 2.35 49.52
N GLY A 212 7.13 2.05 48.36
CA GLY A 212 5.78 2.45 48.01
C GLY A 212 4.86 1.24 47.96
N ILE A 213 3.65 1.39 48.50
CA ILE A 213 2.68 0.31 48.54
C ILE A 213 1.35 0.83 48.01
N GLU A 214 0.70 0.03 47.16
CA GLU A 214 -0.59 0.40 46.60
C GLU A 214 -1.52 -0.81 46.61
N LEU A 215 -2.82 -0.53 46.63
CA LEU A 215 -3.84 -1.56 46.62
C LEU A 215 -4.75 -1.37 45.43
N ASP A 216 -5.16 -2.48 44.81
CA ASP A 216 -6.10 -2.41 43.70
C ASP A 216 -7.46 -1.87 44.12
N SER A 217 -7.77 -1.91 45.42
CA SER A 217 -9.01 -1.33 45.93
C SER A 217 -8.80 -0.92 47.38
N GLU A 218 -9.51 0.13 47.78
CA GLU A 218 -9.46 0.64 49.15
C GLU A 218 -10.71 0.34 49.95
N SER A 219 -11.89 0.36 49.32
CA SER A 219 -13.15 0.06 49.99
C SER A 219 -13.60 -1.33 49.56
N VAL A 220 -13.46 -2.31 50.45
CA VAL A 220 -13.82 -3.69 50.19
C VAL A 220 -14.62 -4.24 51.36
N THR A 221 -15.27 -5.36 51.13
CA THR A 221 -16.02 -6.07 52.15
C THR A 221 -15.21 -7.27 52.64
N GLN A 222 -15.75 -7.98 53.62
CA GLN A 222 -15.09 -9.19 54.10
C GLN A 222 -15.10 -10.26 53.03
N GLY A 223 -14.12 -11.16 53.11
CA GLY A 223 -14.01 -12.24 52.15
C GLY A 223 -13.33 -11.88 50.85
N THR A 224 -13.38 -10.61 50.46
CA THR A 224 -12.79 -10.17 49.20
C THR A 224 -11.28 -10.05 49.35
N ASP A 225 -10.54 -10.85 48.59
CA ASP A 225 -9.08 -10.80 48.63
C ASP A 225 -8.59 -9.52 47.98
N VAL A 226 -7.55 -8.93 48.56
CA VAL A 226 -6.96 -7.68 48.07
C VAL A 226 -5.49 -7.93 47.79
N GLN A 227 -5.03 -7.50 46.62
CA GLN A 227 -3.64 -7.66 46.21
C GLN A 227 -2.86 -6.38 46.52
N TYR A 228 -1.77 -6.53 47.25
CA TYR A 228 -0.91 -5.41 47.60
C TYR A 228 0.44 -5.55 46.90
N THR A 229 0.96 -4.43 46.39
CA THR A 229 2.21 -4.40 45.66
C THR A 229 3.23 -3.54 46.40
N VAL A 230 4.45 -4.05 46.51
CA VAL A 230 5.56 -3.31 47.06
C VAL A 230 6.38 -2.72 45.91
N THR A 231 6.73 -1.44 46.03
CA THR A 231 7.30 -0.70 44.91
C THR A 231 8.58 0.00 45.35
N ASN A 232 9.53 0.11 44.41
CA ASN A 232 10.78 0.84 44.60
C ASN A 232 11.60 0.24 45.75
N GLY A 233 12.00 -1.00 45.56
CA GLY A 233 12.85 -1.68 46.52
C GLY A 233 14.06 -2.28 45.82
N ILE A 234 15.11 -2.53 46.61
CA ILE A 234 16.33 -3.10 46.08
C ILE A 234 16.09 -4.57 45.74
N ASP A 235 16.48 -4.97 44.54
CA ASP A 235 16.21 -6.31 44.06
C ASP A 235 17.00 -7.34 44.86
N GLY A 236 16.39 -8.50 45.06
CA GLY A 236 17.09 -9.60 45.72
C GLY A 236 17.08 -9.56 47.22
N ASN A 237 16.35 -8.63 47.83
CA ASN A 237 16.30 -8.51 49.28
C ASN A 237 14.88 -8.72 49.78
N GLU A 238 14.77 -9.16 51.03
CA GLU A 238 13.52 -9.66 51.59
C GLU A 238 12.88 -8.57 52.45
N HIS A 239 11.74 -8.06 52.01
CA HIS A 239 10.95 -7.16 52.83
C HIS A 239 10.09 -7.94 53.81
N VAL A 240 9.46 -7.24 54.74
CA VAL A 240 8.52 -7.82 55.68
C VAL A 240 7.29 -6.93 55.75
N VAL A 241 6.13 -7.48 55.42
CA VAL A 241 4.86 -6.78 55.54
C VAL A 241 4.16 -7.28 56.79
N ALA A 242 3.84 -6.36 57.69
CA ALA A 242 3.33 -6.72 59.01
C ALA A 242 1.83 -6.46 59.12
N MET A 243 1.20 -7.21 60.01
CA MET A 243 -0.24 -7.11 60.26
C MET A 243 -0.46 -7.07 61.76
N ASP A 244 -1.04 -5.96 62.24
CA ASP A 244 -1.31 -5.82 63.66
C ASP A 244 -2.48 -6.70 64.08
N LEU A 245 -2.26 -7.51 65.13
CA LEU A 245 -3.28 -8.44 65.58
C LEU A 245 -4.47 -7.76 66.22
N SER A 246 -4.37 -6.46 66.53
CA SER A 246 -5.52 -5.76 67.07
C SER A 246 -6.62 -5.62 66.02
N ASP A 247 -6.26 -5.50 64.75
CA ASP A 247 -7.26 -5.43 63.69
C ASP A 247 -7.92 -6.77 63.43
N LEU A 248 -7.33 -7.87 63.92
CA LEU A 248 -7.92 -9.19 63.74
C LEU A 248 -9.19 -9.33 64.57
N GLN A 249 -10.07 -10.21 64.11
CA GLN A 249 -11.28 -10.50 64.87
C GLN A 249 -10.93 -11.22 66.17
N ASN A 250 -11.66 -10.89 67.23
CA ASN A 250 -11.33 -11.41 68.56
C ASN A 250 -11.51 -12.91 68.65
N ASP A 251 -12.48 -13.47 67.93
CA ASP A 251 -12.81 -14.88 68.00
C ASP A 251 -11.96 -15.73 67.06
N ALA A 252 -10.81 -15.22 66.62
CA ALA A 252 -9.94 -15.98 65.75
C ALA A 252 -9.08 -16.94 66.56
N THR A 253 -8.56 -17.96 65.86
CA THR A 253 -7.72 -18.98 66.46
C THR A 253 -6.29 -18.84 65.95
N THR A 254 -5.42 -19.74 66.42
CA THR A 254 -4.02 -19.72 66.00
C THR A 254 -3.89 -20.02 64.52
N GLU A 255 -4.52 -21.10 64.06
CA GLU A 255 -4.50 -21.43 62.64
C GLU A 255 -5.28 -20.43 61.81
N GLN A 256 -6.19 -19.68 62.43
CA GLN A 256 -7.00 -18.72 61.69
C GLN A 256 -6.24 -17.42 61.41
N ALA A 257 -5.16 -17.15 62.13
CA ALA A 257 -4.38 -15.93 61.94
C ALA A 257 -3.19 -16.11 61.01
N LYS A 258 -2.76 -17.35 60.77
CA LYS A 258 -1.62 -17.61 59.91
C LYS A 258 -1.97 -17.62 58.44
N GLU A 259 -3.24 -17.39 58.09
CA GLU A 259 -3.68 -17.39 56.71
C GLU A 259 -4.20 -16.03 56.27
N VAL A 260 -3.83 -14.96 56.98
CA VAL A 260 -4.22 -13.63 56.55
C VAL A 260 -3.51 -13.26 55.26
N PHE A 261 -2.21 -13.54 55.18
CA PHE A 261 -1.42 -13.33 53.98
C PHE A 261 -1.34 -14.65 53.19
N ARG A 262 -1.57 -14.56 51.89
CA ARG A 262 -1.52 -15.73 51.03
C ARG A 262 -0.12 -15.91 50.45
N ASN A 263 0.15 -17.13 49.97
CA ASN A 263 1.38 -17.41 49.24
C ASN A 263 1.36 -16.89 47.82
N ILE A 264 0.35 -16.11 47.45
CA ILE A 264 0.27 -15.53 46.12
C ILE A 264 1.47 -14.62 45.87
N GLY A 265 1.89 -14.56 44.60
CA GLY A 265 2.95 -13.65 44.22
C GLY A 265 4.31 -14.10 44.72
N ASP A 266 5.13 -13.13 45.12
CA ASP A 266 6.51 -13.36 45.50
C ASP A 266 6.68 -13.66 46.99
N THR A 267 5.59 -13.86 47.72
CA THR A 267 5.68 -14.14 49.15
C THR A 267 6.48 -15.41 49.39
N SER A 268 7.36 -15.37 50.39
CA SER A 268 8.23 -16.50 50.72
C SER A 268 7.69 -17.31 51.89
N GLU A 269 7.50 -16.68 53.04
CA GLU A 269 6.99 -17.35 54.23
C GLU A 269 5.87 -16.52 54.85
N VAL A 270 4.91 -17.21 55.45
CA VAL A 270 3.78 -16.58 56.11
C VAL A 270 3.67 -17.16 57.52
N GLY A 271 3.20 -16.34 58.44
CA GLY A 271 3.00 -16.79 59.81
C GLY A 271 2.80 -15.60 60.73
N ILE A 272 2.89 -15.90 62.03
CA ILE A 272 2.77 -14.88 63.07
C ILE A 272 4.03 -14.91 63.91
N ALA A 273 4.55 -13.72 64.23
CA ALA A 273 5.81 -13.59 64.94
C ALA A 273 5.62 -12.81 66.24
N ASN A 274 6.58 -12.99 67.15
CA ASN A 274 6.63 -12.27 68.41
C ASN A 274 8.04 -11.71 68.57
N SER A 275 8.25 -10.95 69.65
CA SER A 275 9.55 -10.34 69.89
C SER A 275 10.62 -11.38 70.17
N SER A 276 10.25 -12.60 70.52
CA SER A 276 11.22 -13.66 70.82
C SER A 276 11.22 -14.78 69.79
N ALA A 277 10.05 -15.25 69.36
CA ALA A 277 9.97 -16.35 68.41
C ALA A 277 8.85 -16.07 67.41
N THR A 278 8.77 -16.93 66.39
CA THR A 278 7.78 -16.80 65.33
C THR A 278 7.09 -18.12 65.09
N ASN A 279 5.83 -18.04 64.66
CA ASN A 279 5.02 -19.20 64.33
C ASN A 279 4.67 -19.10 62.84
N THR A 280 5.35 -19.88 62.02
CA THR A 280 5.12 -19.86 60.58
C THR A 280 3.95 -20.78 60.22
N SER A 281 3.57 -20.74 58.95
CA SER A 281 2.50 -21.60 58.45
C SER A 281 2.92 -23.06 58.37
N GLY A 282 4.21 -23.35 58.52
CA GLY A 282 4.66 -24.74 58.45
C GLY A 282 4.14 -25.59 59.59
N SER A 283 4.20 -25.05 60.81
CA SER A 283 3.75 -25.80 61.98
C SER A 283 3.25 -24.83 63.03
N SER A 284 2.43 -25.36 63.94
CA SER A 284 1.90 -24.58 65.06
C SER A 284 2.74 -24.86 66.32
N THR A 285 3.99 -24.39 66.27
CA THR A 285 4.94 -24.61 67.34
C THR A 285 5.28 -23.35 68.12
N GLY A 286 5.34 -22.19 67.46
CA GLY A 286 5.70 -20.96 68.11
C GLY A 286 4.56 -20.37 68.92
N PRO A 287 4.48 -19.04 68.98
CA PRO A 287 3.43 -18.40 69.76
C PRO A 287 2.04 -18.67 69.20
N THR A 288 1.06 -18.68 70.09
CA THR A 288 -0.33 -18.85 69.70
C THR A 288 -0.92 -17.49 69.32
N VAL A 289 -2.21 -17.48 68.96
CA VAL A 289 -2.84 -16.24 68.54
C VAL A 289 -2.90 -15.24 69.68
N GLU A 290 -3.17 -15.71 70.90
CA GLU A 290 -3.13 -14.80 72.04
C GLU A 290 -1.71 -14.51 72.48
N THR A 291 -0.79 -15.47 72.27
CA THR A 291 0.60 -15.28 72.67
C THR A 291 1.32 -14.34 71.71
N ALA A 292 1.09 -14.49 70.40
CA ALA A 292 1.76 -13.65 69.41
C ALA A 292 1.12 -12.27 69.35
N ASP A 293 1.80 -11.35 68.66
CA ASP A 293 1.34 -9.98 68.55
C ASP A 293 1.36 -9.42 67.13
N ILE A 294 2.06 -10.05 66.18
CA ILE A 294 2.15 -9.55 64.83
C ILE A 294 1.94 -10.68 63.85
N ALA A 295 1.36 -10.36 62.70
CA ALA A 295 1.23 -11.27 61.58
C ALA A 295 2.03 -10.72 60.41
N TYR A 296 2.87 -11.56 59.81
CA TYR A 296 3.84 -11.10 58.84
C TYR A 296 3.85 -12.02 57.64
N ALA A 297 4.49 -11.56 56.56
CA ALA A 297 4.71 -12.36 55.37
C ALA A 297 5.96 -11.81 54.68
N VAL A 298 7.09 -12.48 54.87
CA VAL A 298 8.34 -12.05 54.24
C VAL A 298 8.22 -12.22 52.73
N VAL A 299 8.54 -11.16 52.00
CA VAL A 299 8.36 -11.12 50.55
C VAL A 299 9.63 -10.58 49.91
N GLU A 300 10.06 -11.23 48.83
CA GLU A 300 11.22 -10.78 48.07
C GLU A 300 10.74 -9.83 46.97
N ILE A 301 11.63 -9.48 46.06
CA ILE A 301 11.29 -8.63 44.93
C ILE A 301 12.12 -9.04 43.72
N ASP A 302 11.48 -9.12 42.56
CA ASP A 302 12.13 -9.49 41.31
C ASP A 302 11.84 -8.40 40.30
N GLY A 303 12.83 -7.55 40.05
CA GLY A 303 12.66 -6.42 39.16
C GLY A 303 12.53 -5.12 39.94
N ALA A 304 11.46 -4.37 39.66
CA ALA A 304 11.20 -3.12 40.35
C ALA A 304 10.09 -3.22 41.40
N SER A 305 9.25 -4.25 41.32
CA SER A 305 8.13 -4.36 42.24
C SER A 305 7.78 -5.83 42.46
N ALA A 306 7.11 -6.10 43.56
CA ALA A 306 6.59 -7.42 43.89
C ALA A 306 5.15 -7.29 44.36
N VAL A 307 4.37 -8.33 44.15
CA VAL A 307 2.94 -8.33 44.45
C VAL A 307 2.63 -9.45 45.43
N GLY A 308 1.78 -9.14 46.40
CA GLY A 308 1.28 -10.13 47.33
C GLY A 308 -0.23 -10.09 47.43
N GLY A 309 -0.79 -10.62 48.51
CA GLY A 309 -2.23 -10.59 48.68
C GLY A 309 -2.61 -10.81 50.13
N ILE A 310 -3.82 -10.36 50.47
CA ILE A 310 -4.36 -10.48 51.81
C ILE A 310 -5.77 -11.05 51.73
N GLU A 311 -6.22 -11.62 52.84
CA GLU A 311 -7.58 -12.14 52.98
C GLU A 311 -8.34 -11.26 53.96
N THR A 312 -9.15 -10.33 53.44
CA THR A 312 -9.90 -9.44 54.31
C THR A 312 -10.90 -10.17 55.18
N GLN A 313 -11.15 -11.45 54.90
CA GLN A 313 -12.01 -12.27 55.74
C GLN A 313 -11.42 -12.38 57.15
N TYR A 314 -12.32 -12.46 58.13
CA TYR A 314 -11.97 -12.40 59.56
C TYR A 314 -11.12 -11.18 59.90
N LEU A 315 -11.61 -10.00 59.52
CA LEU A 315 -10.98 -8.74 59.85
C LEU A 315 -12.02 -7.81 60.44
N ASP A 316 -11.62 -7.01 61.44
CA ASP A 316 -12.55 -6.10 62.09
C ASP A 316 -13.04 -5.04 61.11
N ASP A 317 -14.31 -4.68 61.22
CA ASP A 317 -14.92 -3.71 60.32
C ASP A 317 -14.49 -2.32 60.77
N SER A 318 -13.28 -1.95 60.37
CA SER A 318 -12.71 -0.64 60.69
C SER A 318 -11.58 -0.38 59.72
N GLU A 319 -10.81 0.69 59.98
CA GLU A 319 -9.67 1.00 59.15
C GLU A 319 -8.57 -0.03 59.38
N VAL A 320 -8.00 -0.55 58.28
CA VAL A 320 -7.00 -1.59 58.32
C VAL A 320 -5.73 -1.09 57.66
N ASP A 321 -4.60 -1.23 58.35
CA ASP A 321 -3.33 -0.72 57.88
C ASP A 321 -2.36 -1.86 57.50
N LEU A 322 -1.44 -1.53 56.60
CA LEU A 322 -0.36 -2.44 56.20
C LEU A 322 0.97 -1.75 56.43
N GLU A 323 1.89 -2.45 57.08
CA GLU A 323 3.19 -1.88 57.45
C GLU A 323 4.30 -2.66 56.79
N VAL A 324 5.19 -1.95 56.11
CA VAL A 324 6.38 -2.56 55.49
C VAL A 324 7.61 -2.17 56.30
N TYR A 325 8.67 -2.95 56.12
CA TYR A 325 9.89 -2.80 56.90
C TYR A 325 11.08 -2.83 55.96
N ASP A 326 12.21 -2.33 56.45
CA ASP A 326 13.40 -2.21 55.62
C ASP A 326 13.95 -3.60 55.26
N ALA A 327 14.71 -3.62 54.17
CA ALA A 327 15.26 -4.88 53.67
C ALA A 327 16.25 -5.47 54.66
N GLY A 328 16.20 -6.79 54.79
CA GLY A 328 17.12 -7.51 55.66
C GLY A 328 16.65 -7.67 57.09
N VAL A 329 15.53 -7.07 57.47
CA VAL A 329 15.04 -7.16 58.84
C VAL A 329 14.43 -8.55 59.07
N SER A 330 14.58 -9.05 60.28
CA SER A 330 14.01 -10.34 60.65
C SER A 330 12.57 -10.16 61.10
N ALA A 331 11.83 -11.28 61.11
CA ALA A 331 10.42 -11.24 61.50
C ALA A 331 10.27 -10.89 62.98
N THR A 332 11.03 -11.57 63.83
CA THR A 332 10.91 -11.35 65.28
C THR A 332 11.38 -9.96 65.66
N ALA A 333 12.45 -9.47 65.04
CA ALA A 333 13.03 -8.17 65.37
C ALA A 333 12.24 -7.00 64.79
N ALA A 334 11.22 -7.25 63.99
CA ALA A 334 10.46 -6.18 63.34
C ALA A 334 9.24 -5.75 64.14
N VAL A 335 9.04 -6.29 65.35
CA VAL A 335 7.85 -5.96 66.13
C VAL A 335 7.90 -4.52 66.61
N GLY A 336 9.08 -4.03 66.98
CA GLY A 336 9.19 -2.73 67.60
C GLY A 336 9.57 -1.59 66.66
N GLN A 337 10.37 -1.89 65.66
CA GLN A 337 10.84 -0.86 64.74
C GLN A 337 9.68 -0.29 63.95
N ASP A 338 9.72 1.02 63.72
CA ASP A 338 8.64 1.70 63.01
C ASP A 338 8.66 1.31 61.53
N ALA A 339 7.50 1.39 60.90
CA ALA A 339 7.35 1.02 59.51
C ALA A 339 7.90 2.12 58.60
N THR A 340 8.58 1.71 57.53
CA THR A 340 9.08 2.66 56.56
C THR A 340 7.95 3.40 55.87
N ASN A 341 6.88 2.69 55.51
CA ASN A 341 5.71 3.30 54.89
C ASN A 341 4.47 2.54 55.35
N ASP A 342 3.31 3.00 54.90
CA ASP A 342 2.06 2.39 55.30
C ASP A 342 0.97 2.68 54.27
N ILE A 343 -0.10 1.92 54.36
CA ILE A 343 -1.29 2.12 53.52
C ILE A 343 -2.49 1.57 54.29
N THR A 344 -3.62 2.27 54.18
CA THR A 344 -4.80 1.93 54.97
C THR A 344 -6.00 1.71 54.05
N LEU A 345 -6.85 0.76 54.44
CA LEU A 345 -8.09 0.48 53.73
C LEU A 345 -9.20 0.25 54.74
N THR A 346 -10.44 0.46 54.30
CA THR A 346 -11.61 0.33 55.15
C THR A 346 -12.38 -0.95 54.78
N ILE A 347 -12.95 -1.59 55.79
CA ILE A 347 -13.71 -2.82 55.62
C ILE A 347 -15.09 -2.64 56.25
N GLU A 348 -16.13 -2.98 55.49
CA GLU A 348 -17.50 -2.89 55.96
C GLU A 348 -18.18 -4.25 55.85
N GLU A 349 -19.33 -4.39 56.52
CA GLU A 349 -20.11 -5.67 56.45
C GLU A 349 -21.08 -5.65 55.26
N GLY A 350 -21.25 -6.80 54.59
CA GLY A 350 -22.12 -6.88 53.40
C GLY A 350 -23.59 -7.08 53.74
N GLY A 351 -24.43 -7.34 52.73
CA GLY A 351 -25.89 -7.46 52.96
C GLY A 351 -26.43 -8.80 52.54
N THR A 352 -27.33 -9.38 53.35
CA THR A 352 -27.88 -10.73 53.05
C THR A 352 -29.40 -10.71 53.16
N THR A 353 -30.13 -10.50 52.06
CA THR A 353 -31.58 -10.42 52.19
C THR A 353 -32.26 -11.48 51.33
N LEU A 354 -33.49 -11.80 51.70
CA LEU A 354 -34.35 -12.72 50.96
C LEU A 354 -35.40 -11.94 50.19
N SER A 355 -35.82 -12.49 49.05
CA SER A 355 -36.75 -11.81 48.17
C SER A 355 -38.06 -12.56 47.98
N SER A 356 -38.02 -13.85 47.64
CA SER A 356 -39.23 -14.56 47.27
C SER A 356 -40.06 -14.98 48.49
N PRO A 357 -39.47 -15.51 49.58
CA PRO A 357 -40.35 -15.92 50.70
C PRO A 357 -40.85 -14.71 51.50
N THR A 358 -41.70 -13.90 50.87
CA THR A 358 -42.16 -12.66 51.48
C THR A 358 -43.63 -12.43 51.15
N GLY A 359 -44.35 -11.87 52.11
CA GLY A 359 -45.73 -11.44 51.90
C GLY A 359 -46.77 -12.50 52.18
N GLN A 360 -46.88 -13.49 51.30
CA GLN A 360 -47.91 -14.52 51.42
C GLN A 360 -47.30 -15.88 51.15
N TYR A 361 -47.94 -16.92 51.71
CA TYR A 361 -47.50 -18.29 51.48
C TYR A 361 -48.67 -19.22 51.76
N VAL A 362 -49.04 -20.03 50.78
CA VAL A 362 -50.09 -21.02 50.96
C VAL A 362 -49.50 -22.23 51.68
N VAL A 363 -50.16 -22.67 52.75
CA VAL A 363 -49.64 -23.77 53.55
C VAL A 363 -49.56 -25.04 52.70
N GLY A 364 -48.41 -25.70 52.75
CA GLY A 364 -48.18 -26.91 51.97
C GLY A 364 -47.67 -26.67 50.58
N SER A 365 -47.61 -25.41 50.11
CA SER A 365 -47.13 -25.12 48.78
C SER A 365 -45.60 -25.12 48.74
N GLU A 366 -45.07 -25.15 47.53
CA GLU A 366 -43.63 -25.11 47.30
C GLU A 366 -43.24 -23.79 46.67
N VAL A 367 -42.09 -23.26 47.09
CA VAL A 367 -41.61 -21.96 46.62
C VAL A 367 -40.09 -22.00 46.62
N ASP A 368 -39.48 -21.19 45.76
CA ASP A 368 -38.04 -21.10 45.67
C ASP A 368 -37.48 -20.11 46.69
N ILE A 369 -36.19 -20.23 46.95
CA ILE A 369 -35.47 -19.34 47.85
C ILE A 369 -34.68 -18.36 46.99
N ASN A 370 -35.07 -17.09 47.02
CA ASN A 370 -34.47 -16.06 46.18
C ASN A 370 -33.92 -14.95 47.06
N GLY A 371 -32.69 -14.54 46.79
CA GLY A 371 -32.07 -13.50 47.58
C GLY A 371 -30.67 -13.20 47.09
N THR A 372 -30.00 -12.33 47.83
CA THR A 372 -28.64 -11.91 47.50
C THR A 372 -27.77 -11.93 48.76
N ALA A 373 -26.46 -12.09 48.56
CA ALA A 373 -25.52 -12.13 49.67
C ALA A 373 -24.18 -11.62 49.17
N THR A 374 -23.79 -10.42 49.58
CA THR A 374 -22.56 -9.82 49.08
C THR A 374 -21.33 -10.59 49.54
N SER A 375 -21.23 -10.85 50.84
CA SER A 375 -20.07 -11.54 51.43
C SER A 375 -20.57 -12.76 52.17
N SER A 376 -20.69 -13.89 51.46
CA SER A 376 -21.19 -15.11 52.07
C SER A 376 -20.67 -16.30 51.30
N ASP A 377 -20.57 -17.43 51.99
CA ASP A 377 -20.24 -18.72 51.39
C ASP A 377 -21.34 -19.74 51.60
N SER A 378 -21.84 -19.87 52.84
CA SER A 378 -22.96 -20.75 53.16
C SER A 378 -24.00 -19.95 53.92
N VAL A 379 -25.26 -20.15 53.55
CA VAL A 379 -26.37 -19.42 54.16
C VAL A 379 -27.42 -20.42 54.66
N ALA A 380 -28.08 -20.04 55.75
CA ALA A 380 -29.10 -20.88 56.36
C ALA A 380 -30.36 -20.05 56.57
N ILE A 381 -31.50 -20.74 56.59
CA ILE A 381 -32.81 -20.11 56.72
C ILE A 381 -33.42 -20.52 58.05
N TYR A 382 -33.89 -19.54 58.81
CA TYR A 382 -34.47 -19.77 60.13
C TYR A 382 -35.86 -19.17 60.20
N VAL A 383 -36.69 -19.75 61.06
CA VAL A 383 -38.06 -19.30 61.27
C VAL A 383 -38.27 -19.05 62.76
N ARG A 384 -38.88 -17.92 63.09
CA ARG A 384 -39.09 -17.52 64.47
C ARG A 384 -40.56 -17.20 64.72
N ASP A 385 -41.06 -17.59 65.89
CA ASP A 385 -42.41 -17.23 66.30
C ASP A 385 -42.45 -17.27 67.83
N ASP A 386 -42.41 -16.08 68.45
CA ASP A 386 -42.53 -15.94 69.90
C ASP A 386 -41.49 -16.78 70.64
N GLY A 387 -40.25 -16.75 70.16
CA GLY A 387 -39.20 -17.49 70.83
C GLY A 387 -37.93 -17.69 70.03
N ASP A 388 -37.43 -18.92 70.03
CA ASP A 388 -36.17 -19.24 69.37
C ASP A 388 -36.33 -19.26 67.86
N TRP A 389 -35.21 -19.08 67.16
CA TRP A 389 -35.16 -19.23 65.71
C TRP A 389 -34.88 -20.69 65.40
N GLN A 390 -35.93 -21.46 65.14
CA GLN A 390 -35.76 -22.88 64.84
C GLN A 390 -35.18 -23.05 63.44
N LEU A 391 -34.14 -23.87 63.33
CA LEU A 391 -33.51 -24.10 62.04
C LEU A 391 -34.45 -24.84 61.09
N LEU A 392 -34.46 -24.42 59.84
CA LEU A 392 -35.26 -25.04 58.80
C LEU A 392 -34.35 -25.96 57.99
N GLU A 393 -34.65 -27.25 57.99
CA GLU A 393 -33.82 -28.27 57.34
C GLU A 393 -34.11 -28.27 55.85
N ILE A 394 -33.40 -27.41 55.11
CA ILE A 394 -33.62 -27.30 53.68
C ILE A 394 -33.22 -28.59 52.96
N GLY A 395 -32.32 -29.37 53.53
CA GLY A 395 -31.88 -30.59 52.91
C GLY A 395 -30.37 -30.75 52.83
N GLY A 396 -29.84 -30.78 51.62
CA GLY A 396 -28.43 -31.01 51.41
C GLY A 396 -27.52 -29.95 52.00
N ASP A 397 -26.79 -30.32 53.06
CA ASP A 397 -25.76 -29.51 53.72
C ASP A 397 -26.32 -28.25 54.38
N ASN A 398 -27.63 -28.00 54.30
CA ASN A 398 -28.26 -26.86 54.94
C ASN A 398 -27.58 -25.54 54.57
N GLU A 399 -27.23 -25.41 53.29
CA GLU A 399 -26.54 -24.21 52.83
C GLU A 399 -26.80 -24.02 51.35
N ILE A 400 -26.60 -22.78 50.90
CA ILE A 400 -26.70 -22.42 49.49
C ILE A 400 -25.47 -21.60 49.11
N SER A 401 -24.83 -21.98 48.01
CA SER A 401 -23.67 -21.25 47.54
C SER A 401 -24.08 -19.94 46.85
N VAL A 402 -23.14 -19.02 46.76
CA VAL A 402 -23.35 -17.71 46.16
C VAL A 402 -22.45 -17.58 44.94
N ASP A 403 -23.01 -17.06 43.85
CA ASP A 403 -22.26 -16.90 42.60
C ASP A 403 -21.41 -15.64 42.67
N SER A 404 -20.76 -15.31 41.55
CA SER A 404 -19.94 -14.09 41.49
C SER A 404 -20.81 -12.84 41.53
N ASP A 405 -22.05 -12.92 41.07
CA ASP A 405 -22.95 -11.77 41.04
C ASP A 405 -23.58 -11.48 42.40
N ASP A 406 -23.03 -12.06 43.47
CA ASP A 406 -23.54 -11.84 44.83
C ASP A 406 -25.02 -12.22 44.95
N THR A 407 -25.40 -13.30 44.30
CA THR A 407 -26.78 -13.77 44.30
C THR A 407 -26.81 -15.28 44.54
N PHE A 408 -27.73 -15.71 45.40
CA PHE A 408 -27.91 -17.13 45.68
C PHE A 408 -29.38 -17.49 45.46
N GLU A 409 -29.60 -18.70 44.97
CA GLU A 409 -30.93 -19.17 44.64
C GLU A 409 -31.05 -20.65 44.94
N GLU A 410 -32.29 -21.10 45.14
CA GLU A 410 -32.59 -22.49 45.39
C GLU A 410 -33.84 -22.87 44.61
N GLU A 411 -33.99 -24.16 44.35
CA GLU A 411 -35.13 -24.67 43.60
C GLU A 411 -36.41 -24.56 44.45
N ASP A 412 -37.52 -24.98 43.86
CA ASP A 412 -38.81 -24.91 44.53
C ASP A 412 -38.84 -25.87 45.70
N ILE A 413 -38.98 -25.35 46.91
CA ILE A 413 -38.98 -26.13 48.13
C ILE A 413 -40.28 -25.87 48.88
N ALA A 414 -40.93 -26.95 49.33
CA ALA A 414 -42.11 -26.85 50.18
C ALA A 414 -41.65 -26.65 51.63
N LEU A 415 -41.88 -25.45 52.17
CA LEU A 415 -41.38 -25.13 53.50
C LEU A 415 -42.00 -26.04 54.56
N SER A 416 -43.33 -26.20 54.52
CA SER A 416 -43.99 -27.05 55.49
C SER A 416 -43.79 -28.54 55.19
N GLY A 417 -43.59 -28.88 53.92
CA GLY A 417 -43.47 -30.29 53.55
C GLY A 417 -42.20 -30.93 54.09
N LEU A 418 -41.11 -30.18 54.15
CA LEU A 418 -39.82 -30.72 54.54
C LEU A 418 -39.81 -31.11 56.01
N SER A 419 -38.97 -32.09 56.34
CA SER A 419 -38.88 -32.64 57.69
C SER A 419 -38.02 -31.73 58.57
N GLY A 420 -38.41 -31.63 59.83
CA GLY A 420 -37.70 -30.83 60.80
C GLY A 420 -38.72 -30.14 61.70
N ASP A 421 -38.26 -29.73 62.88
CA ASP A 421 -39.14 -28.97 63.74
C ASP A 421 -39.29 -27.51 63.29
N GLY A 422 -38.35 -27.00 62.51
CA GLY A 422 -38.48 -25.63 62.02
C GLY A 422 -39.70 -25.47 61.14
N SER A 423 -39.93 -26.45 60.26
CA SER A 423 -41.07 -26.43 59.36
C SER A 423 -42.40 -26.51 60.11
N SER A 424 -42.38 -27.13 61.30
CA SER A 424 -43.63 -27.32 62.05
C SER A 424 -44.24 -25.99 62.47
N ILE A 425 -43.44 -24.96 62.69
CA ILE A 425 -44.00 -23.67 63.08
C ILE A 425 -44.87 -23.12 61.95
N LEU A 426 -44.38 -23.22 60.72
CA LEU A 426 -45.09 -22.66 59.57
C LEU A 426 -46.34 -23.44 59.19
N SER A 427 -46.53 -24.64 59.73
CA SER A 427 -47.69 -25.44 59.35
C SER A 427 -48.99 -24.77 59.76
N LEU A 428 -49.03 -24.21 60.96
CA LEU A 428 -50.24 -23.58 61.48
C LEU A 428 -50.41 -22.19 60.88
N THR A 429 -51.67 -21.81 60.66
CA THR A 429 -51.97 -20.52 60.06
C THR A 429 -51.64 -19.38 61.03
N GLY A 430 -51.00 -18.34 60.49
CA GLY A 430 -50.66 -17.18 61.30
C GLY A 430 -49.65 -16.32 60.56
N THR A 431 -49.15 -15.32 61.29
CA THR A 431 -48.12 -14.42 60.79
C THR A 431 -46.82 -14.66 61.56
N TYR A 432 -45.74 -14.91 60.82
CA TYR A 432 -44.47 -15.32 61.40
C TYR A 432 -43.32 -14.48 60.83
N ARG A 433 -42.08 -14.88 61.11
CA ARG A 433 -40.91 -14.21 60.59
C ARG A 433 -39.94 -15.25 60.06
N ILE A 434 -39.26 -14.93 58.95
CA ILE A 434 -38.28 -15.80 58.34
C ILE A 434 -37.05 -14.97 58.00
N GLY A 435 -35.86 -15.52 58.28
CA GLY A 435 -34.63 -14.79 58.04
C GLY A 435 -33.54 -15.71 57.55
N VAL A 436 -32.52 -15.09 56.95
CA VAL A 436 -31.35 -15.80 56.44
C VAL A 436 -30.13 -15.31 57.18
N ILE A 437 -29.13 -16.17 57.30
CA ILE A 437 -27.90 -15.85 58.00
C ILE A 437 -26.72 -16.51 57.28
N ASP A 438 -25.58 -15.83 57.30
CA ASP A 438 -24.37 -16.34 56.66
C ASP A 438 -23.77 -17.47 57.49
N ALA A 439 -22.69 -18.07 56.98
CA ALA A 439 -21.96 -19.14 57.65
C ALA A 439 -21.16 -18.65 58.84
N SER A 440 -21.33 -17.40 59.27
CA SER A 440 -20.61 -16.91 60.44
C SER A 440 -20.98 -17.67 61.70
N ASP A 441 -22.16 -18.29 61.73
CA ASP A 441 -22.56 -19.11 62.87
C ASP A 441 -21.61 -20.30 63.03
N ALA A 442 -21.59 -21.18 62.03
CA ALA A 442 -20.73 -22.37 62.04
C ALA A 442 -20.93 -23.17 63.33
N ASP A 443 -22.20 -23.49 63.62
CA ASP A 443 -22.58 -24.15 64.87
C ASP A 443 -22.14 -23.32 66.08
N VAL A 444 -22.33 -22.01 65.98
CA VAL A 444 -22.00 -21.00 67.00
C VAL A 444 -20.65 -21.31 67.65
N GLY A 445 -19.74 -21.88 66.86
CA GLY A 445 -18.44 -22.27 67.36
C GLY A 445 -18.31 -23.78 67.51
N GLY A 446 -17.62 -24.42 66.57
CA GLY A 446 -17.46 -25.86 66.60
C GLY A 446 -17.27 -26.48 65.23
N ASP A 447 -18.00 -27.54 64.95
CA ASP A 447 -17.91 -28.20 63.66
C ASP A 447 -18.45 -27.30 62.55
N GLY A 448 -17.88 -27.48 61.36
CA GLY A 448 -18.27 -26.66 60.21
C GLY A 448 -19.61 -27.07 59.62
N SER A 449 -20.68 -26.91 60.40
CA SER A 449 -22.03 -27.24 59.95
C SER A 449 -23.03 -26.40 60.73
N VAL A 450 -24.09 -25.98 60.05
CA VAL A 450 -25.12 -25.15 60.67
C VAL A 450 -26.12 -26.09 61.34
N ASP A 451 -25.89 -26.37 62.62
CA ASP A 451 -26.78 -27.24 63.40
C ASP A 451 -26.96 -26.63 64.79
N ASP A 452 -27.93 -25.73 64.91
CA ASP A 452 -28.32 -25.05 66.14
C ASP A 452 -29.71 -24.47 65.97
N SER A 453 -30.20 -23.83 67.03
CA SER A 453 -31.39 -22.98 67.00
C SER A 453 -30.96 -21.67 67.66
N LEU A 454 -30.40 -20.77 66.85
CA LEU A 454 -29.83 -19.54 67.36
C LEU A 454 -30.92 -18.65 67.96
N THR A 455 -30.61 -18.04 69.11
CA THR A 455 -31.55 -17.17 69.78
C THR A 455 -31.55 -15.80 69.10
N THR A 456 -32.28 -14.85 69.67
CA THR A 456 -32.36 -13.51 69.07
C THR A 456 -30.99 -12.84 69.05
N SER A 457 -30.24 -12.94 70.14
CA SER A 457 -28.92 -12.32 70.20
C SER A 457 -27.95 -12.97 69.21
N GLU A 458 -27.96 -14.30 69.13
CA GLU A 458 -27.05 -14.99 68.21
C GLU A 458 -27.40 -14.70 66.76
N PHE A 459 -28.68 -14.68 66.42
CA PHE A 459 -29.08 -14.42 65.04
C PHE A 459 -28.77 -13.00 64.63
N THR A 460 -28.99 -12.04 65.53
CA THR A 460 -28.77 -10.63 65.21
C THR A 460 -27.28 -10.27 65.20
N SER A 461 -26.47 -10.96 66.01
CA SER A 461 -25.06 -10.60 66.13
C SER A 461 -24.33 -10.70 64.80
N GLY A 462 -24.56 -11.78 64.07
CA GLY A 462 -23.97 -11.95 62.76
C GLY A 462 -24.74 -11.19 61.70
N VAL A 463 -24.20 -11.22 60.48
CA VAL A 463 -24.86 -10.59 59.36
C VAL A 463 -26.09 -11.41 58.98
N SER A 464 -27.23 -10.75 58.88
CA SER A 464 -28.50 -11.44 58.65
C SER A 464 -29.54 -10.41 58.25
N SER A 465 -30.73 -10.90 57.92
CA SER A 465 -31.88 -10.06 57.60
C SER A 465 -33.13 -10.91 57.68
N SER A 466 -34.22 -10.31 58.16
CA SER A 466 -35.48 -11.02 58.30
C SER A 466 -36.61 -10.18 57.72
N ASN A 467 -37.67 -10.85 57.27
CA ASN A 467 -38.82 -10.18 56.69
C ASN A 467 -40.09 -10.89 57.14
N SER A 468 -41.17 -10.12 57.26
CA SER A 468 -42.43 -10.65 57.77
C SER A 468 -43.10 -11.55 56.74
N ILE A 469 -43.59 -12.70 57.21
CA ILE A 469 -44.29 -13.67 56.37
C ILE A 469 -45.50 -14.19 57.13
N ARG A 470 -46.59 -14.40 56.41
CA ARG A 470 -47.79 -15.02 56.97
C ARG A 470 -48.24 -16.13 56.04
N VAL A 471 -48.82 -17.17 56.64
CA VAL A 471 -49.25 -18.36 55.90
C VAL A 471 -50.76 -18.32 55.76
N THR A 472 -51.24 -18.61 54.56
CA THR A 472 -52.67 -18.58 54.23
C THR A 472 -53.03 -20.04 54.03
N ASP A 473 -54.23 -20.45 54.44
CA ASP A 473 -54.67 -21.86 54.26
C ASP A 473 -54.74 -22.26 52.76
N GLN A 474 -54.94 -23.55 52.47
CA GLN A 474 -54.98 -24.03 51.04
C GLN A 474 -56.19 -23.50 50.24
N ALA A 475 -56.25 -23.77 48.91
CA ALA A 475 -57.32 -23.21 48.04
C ALA A 475 -57.56 -24.08 46.79
N LEU A 476 -58.68 -23.84 46.06
CA LEU A 476 -59.01 -24.66 44.86
C LEU A 476 -60.02 -23.98 43.91
N THR A 477 -59.70 -23.86 42.61
CA THR A 477 -60.58 -23.35 41.57
C THR A 477 -60.69 -24.39 40.47
N GLY A 478 -61.89 -24.55 39.92
CA GLY A 478 -62.10 -25.53 38.87
C GLY A 478 -63.20 -25.08 37.92
N GLN A 479 -63.25 -25.76 36.78
CA GLN A 479 -64.25 -25.45 35.76
C GLN A 479 -64.48 -26.68 34.90
N PHE A 480 -65.69 -26.77 34.33
CA PHE A 480 -66.07 -27.83 33.42
C PHE A 480 -66.66 -27.22 32.17
N THR A 481 -66.22 -27.69 31.01
CA THR A 481 -66.67 -27.16 29.73
C THR A 481 -67.82 -28.02 29.22
N THR A 482 -69.02 -27.47 29.21
CA THR A 482 -70.20 -28.14 28.68
C THR A 482 -70.74 -27.36 27.49
N ILE A 483 -71.02 -28.08 26.40
CA ILE A 483 -71.50 -27.42 25.18
C ILE A 483 -72.85 -26.74 25.44
N ASN A 484 -73.76 -27.45 26.11
CA ASN A 484 -75.04 -26.87 26.49
C ASN A 484 -75.47 -27.32 27.87
N GLY A 485 -74.52 -27.58 28.75
CA GLY A 485 -74.81 -28.25 30.00
C GLY A 485 -74.92 -29.75 29.88
N GLN A 486 -74.57 -30.31 28.72
CA GLN A 486 -74.71 -31.73 28.45
C GLN A 486 -73.49 -32.22 27.69
N VAL A 487 -73.30 -33.54 27.69
CA VAL A 487 -72.28 -34.19 26.89
C VAL A 487 -73.01 -35.06 25.87
N ALA A 488 -72.74 -34.83 24.57
CA ALA A 488 -73.56 -35.46 23.53
C ALA A 488 -73.29 -36.95 23.39
N PRO A 489 -72.06 -37.40 23.12
CA PRO A 489 -71.84 -38.84 22.90
C PRO A 489 -71.80 -39.60 24.21
N VAL A 490 -72.86 -40.38 24.47
CA VAL A 490 -72.91 -41.16 25.70
C VAL A 490 -71.84 -42.23 25.70
N GLU A 491 -71.65 -42.91 24.56
CA GLU A 491 -70.66 -43.99 24.48
C GLU A 491 -69.26 -43.46 24.77
N THR A 492 -68.89 -42.33 24.18
CA THR A 492 -67.56 -41.74 24.36
C THR A 492 -67.73 -40.26 24.66
N GLY A 493 -67.84 -39.92 25.94
CA GLY A 493 -67.94 -38.53 26.35
C GLY A 493 -66.59 -37.86 26.41
N THR A 494 -66.62 -36.54 26.58
CA THR A 494 -65.39 -35.76 26.64
C THR A 494 -65.68 -34.43 27.32
N VAL A 495 -64.91 -34.12 28.37
CA VAL A 495 -65.00 -32.85 29.07
C VAL A 495 -63.59 -32.30 29.26
N ASP A 496 -63.52 -30.99 29.42
CA ASP A 496 -62.26 -30.28 29.62
C ASP A 496 -62.28 -29.66 31.01
N ILE A 497 -61.19 -29.83 31.76
CA ILE A 497 -61.10 -29.32 33.12
C ILE A 497 -59.86 -28.44 33.25
N ASN A 498 -60.03 -27.28 33.89
CA ASN A 498 -58.92 -26.39 34.16
C ASN A 498 -59.25 -25.57 35.40
N GLY A 499 -58.20 -25.07 36.04
CA GLY A 499 -58.38 -24.27 37.24
C GLY A 499 -57.05 -24.03 37.92
N THR A 500 -57.14 -23.41 39.09
CA THR A 500 -55.97 -23.09 39.90
C THR A 500 -56.01 -23.91 41.18
N ALA A 501 -54.95 -24.67 41.42
CA ALA A 501 -54.78 -25.47 42.63
C ALA A 501 -53.39 -25.18 43.18
N SER A 502 -53.27 -24.12 43.98
CA SER A 502 -51.98 -23.71 44.50
C SER A 502 -51.63 -24.51 45.74
N GLY A 503 -50.39 -25.00 45.80
CA GLY A 503 -49.91 -25.74 46.95
C GLY A 503 -50.16 -27.22 46.92
N ALA A 504 -50.88 -27.73 45.92
CA ALA A 504 -51.18 -29.15 45.83
C ALA A 504 -50.24 -29.83 44.84
N ASN A 505 -50.14 -31.15 44.95
CA ASN A 505 -49.32 -31.95 44.06
C ASN A 505 -50.13 -32.72 43.03
N SER A 506 -51.35 -33.11 43.37
CA SER A 506 -52.24 -33.81 42.44
C SER A 506 -53.68 -33.48 42.79
N VAL A 507 -54.54 -33.60 41.78
CA VAL A 507 -55.96 -33.30 41.91
C VAL A 507 -56.76 -34.46 41.35
N LEU A 508 -57.77 -34.91 42.10
CA LEU A 508 -58.61 -36.02 41.70
C LEU A 508 -60.00 -35.52 41.34
N VAL A 509 -60.55 -36.04 40.26
CA VAL A 509 -61.88 -35.71 39.78
C VAL A 509 -62.71 -36.99 39.71
N ILE A 510 -63.95 -36.92 40.17
CA ILE A 510 -64.83 -38.08 40.26
C ILE A 510 -66.15 -37.77 39.56
N PHE A 511 -66.68 -38.74 38.83
CA PHE A 511 -67.97 -38.64 38.18
C PHE A 511 -68.89 -39.74 38.72
N VAL A 512 -70.09 -39.36 39.14
CA VAL A 512 -71.08 -40.31 39.63
C VAL A 512 -72.43 -39.97 39.03
N ASP A 513 -73.19 -40.99 38.64
CA ASP A 513 -74.48 -40.81 38.00
C ASP A 513 -75.59 -41.02 39.01
N GLU A 514 -76.84 -41.05 38.55
CA GLU A 514 -77.96 -41.31 39.44
C GLU A 514 -78.00 -42.76 39.90
N ARG A 515 -77.56 -43.70 39.07
CA ARG A 515 -77.54 -45.10 39.50
C ARG A 515 -76.53 -45.31 40.62
N GLY A 516 -75.32 -44.76 40.47
CA GLY A 516 -74.28 -44.92 41.45
C GLY A 516 -72.95 -45.35 40.89
N ASN A 517 -72.80 -45.35 39.56
CA ASN A 517 -71.53 -45.71 38.96
C ASN A 517 -70.53 -44.58 39.14
N VAL A 518 -69.27 -44.93 39.34
CA VAL A 518 -68.24 -43.95 39.65
C VAL A 518 -67.08 -44.11 38.68
N ASN A 519 -66.56 -42.98 38.20
CA ASN A 519 -65.35 -42.93 37.40
C ASN A 519 -64.42 -41.87 37.98
N TYR A 520 -63.14 -42.19 38.08
CA TYR A 520 -62.16 -41.30 38.70
C TYR A 520 -60.94 -41.17 37.82
N GLN A 521 -60.25 -40.04 37.99
CA GLN A 521 -58.98 -39.80 37.31
C GLN A 521 -58.19 -38.77 38.10
N GLU A 522 -56.89 -38.98 38.20
CA GLU A 522 -56.00 -38.04 38.87
C GLU A 522 -55.34 -37.13 37.84
N VAL A 523 -55.12 -35.88 38.23
CA VAL A 523 -54.54 -34.87 37.36
C VAL A 523 -53.28 -34.31 38.01
N SER A 524 -52.17 -34.36 37.29
CA SER A 524 -50.90 -33.84 37.79
C SER A 524 -50.87 -32.33 37.58
N VAL A 525 -50.91 -31.58 38.66
CA VAL A 525 -50.89 -30.12 38.58
C VAL A 525 -49.44 -29.65 38.43
N ASP A 526 -49.26 -28.62 37.60
CA ASP A 526 -47.92 -28.12 37.32
C ASP A 526 -47.38 -27.32 38.50
N SER A 527 -46.19 -26.75 38.31
CA SER A 527 -45.49 -26.09 39.41
C SER A 527 -46.25 -24.86 39.92
N ASP A 528 -46.76 -24.03 39.01
CA ASP A 528 -47.43 -22.81 39.41
C ASP A 528 -48.91 -23.02 39.77
N GLY A 529 -49.32 -24.26 40.01
CA GLY A 529 -50.67 -24.54 40.45
C GLY A 529 -51.75 -24.19 39.44
N THR A 530 -51.55 -24.53 38.16
CA THR A 530 -52.52 -24.28 37.11
C THR A 530 -52.69 -25.56 36.32
N TYR A 531 -53.62 -26.41 36.76
CA TYR A 531 -53.86 -27.69 36.12
C TYR A 531 -54.84 -27.55 34.97
N ASP A 532 -54.56 -28.24 33.86
CA ASP A 532 -55.44 -28.21 32.69
C ASP A 532 -55.34 -29.58 32.03
N GLU A 533 -56.36 -30.41 32.25
CA GLU A 533 -56.44 -31.73 31.63
C GLU A 533 -57.58 -31.73 30.62
N ASP A 534 -57.30 -32.16 29.40
CA ASP A 534 -58.25 -32.06 28.30
C ASP A 534 -58.62 -33.43 27.77
N ASP A 535 -59.83 -33.53 27.21
CA ASP A 535 -60.36 -34.75 26.61
C ASP A 535 -60.43 -35.89 27.64
N ILE A 536 -61.25 -35.69 28.66
CA ILE A 536 -61.50 -36.69 29.69
C ILE A 536 -62.75 -37.46 29.33
N THR A 537 -62.59 -38.77 29.11
CA THR A 537 -63.72 -39.62 28.75
C THR A 537 -64.55 -39.94 29.98
N VAL A 538 -65.86 -40.08 29.77
CA VAL A 538 -66.80 -40.45 30.81
C VAL A 538 -67.45 -41.76 30.40
N GLY A 539 -67.30 -42.78 31.25
CA GLY A 539 -67.83 -44.10 30.96
C GLY A 539 -69.03 -44.45 31.81
N LEU A 540 -69.91 -43.48 32.02
CA LEU A 540 -71.10 -43.66 32.84
C LEU A 540 -72.32 -43.86 31.95
N THR A 541 -73.49 -43.95 32.57
CA THR A 541 -74.73 -44.18 31.87
C THR A 541 -75.47 -42.87 31.61
N GLN A 542 -76.46 -42.95 30.72
CA GLN A 542 -77.25 -41.78 30.38
C GLN A 542 -78.06 -41.31 31.58
N GLY A 543 -78.23 -39.99 31.68
CA GLY A 543 -78.98 -39.41 32.78
C GLY A 543 -78.38 -38.13 33.30
N ARG A 544 -78.30 -37.99 34.63
CA ARG A 544 -77.71 -36.83 35.27
C ARG A 544 -76.45 -37.25 36.01
N VAL A 545 -75.36 -36.55 35.75
CA VAL A 545 -74.06 -36.85 36.35
C VAL A 545 -73.57 -35.61 37.07
N THR A 546 -73.23 -35.74 38.34
CA THR A 546 -72.64 -34.67 39.12
C THR A 546 -71.14 -34.94 39.26
N ALA A 547 -70.35 -33.87 39.21
CA ALA A 547 -68.90 -33.98 39.20
C ALA A 547 -68.32 -33.28 40.42
N HIS A 548 -67.26 -33.86 40.97
CA HIS A 548 -66.52 -33.30 42.08
C HIS A 548 -65.03 -33.31 41.78
N ILE A 549 -64.34 -32.32 42.34
CA ILE A 549 -62.89 -32.16 42.19
C ILE A 549 -62.31 -32.25 43.60
N LEU A 550 -61.42 -33.22 43.81
CA LEU A 550 -60.79 -33.42 45.11
C LEU A 550 -59.38 -32.85 45.15
N SER A 551 -59.01 -32.36 46.32
CA SER A 551 -57.72 -31.73 46.55
C SER A 551 -57.34 -31.95 48.00
N VAL A 552 -56.23 -32.65 48.26
CA VAL A 552 -55.79 -32.81 49.63
C VAL A 552 -55.36 -31.47 50.20
N GLY A 553 -55.80 -31.16 51.41
CA GLY A 553 -55.48 -29.89 52.01
C GLY A 553 -54.11 -29.83 52.61
N ARG A 554 -53.98 -29.16 53.76
CA ARG A 554 -52.70 -29.02 54.42
C ARG A 554 -52.19 -30.36 54.92
N ASP A 555 -53.08 -31.21 55.44
CA ASP A 555 -52.65 -32.46 56.06
C ASP A 555 -52.08 -33.46 55.05
N SER A 556 -52.30 -33.25 53.75
CA SER A 556 -51.86 -34.17 52.71
C SER A 556 -52.43 -35.56 52.98
N ALA A 557 -53.63 -35.57 53.54
CA ALA A 557 -54.39 -36.76 53.88
C ALA A 557 -55.83 -36.51 53.47
N ILE A 558 -56.53 -37.55 53.06
CA ILE A 558 -57.92 -37.31 52.68
C ILE A 558 -58.68 -36.99 53.96
N GLY A 559 -59.02 -35.71 54.16
CA GLY A 559 -59.74 -35.37 55.36
C GLY A 559 -58.91 -35.68 56.60
N ASP A 560 -59.49 -36.50 57.48
CA ASP A 560 -58.82 -36.95 58.69
C ASP A 560 -58.08 -38.27 58.53
N GLY A 561 -58.07 -38.86 57.34
CA GLY A 561 -57.49 -40.18 57.20
C GLY A 561 -58.37 -41.31 57.66
N SER A 562 -59.62 -41.03 58.02
CA SER A 562 -60.53 -42.05 58.54
C SER A 562 -61.39 -42.63 57.41
N LEU A 563 -60.73 -43.46 56.59
CA LEU A 563 -61.41 -44.20 55.55
C LEU A 563 -62.14 -45.40 56.16
N PRO A 564 -63.35 -45.72 55.69
CA PRO A 564 -64.05 -46.90 56.22
C PRO A 564 -63.29 -48.19 55.99
N SER A 565 -62.54 -48.30 54.90
CA SER A 565 -61.78 -49.51 54.58
C SER A 565 -60.29 -49.28 54.45
N GLY A 566 -59.82 -48.03 54.40
CA GLY A 566 -58.41 -47.75 54.27
C GLY A 566 -57.71 -47.58 55.59
N PRO A 567 -56.39 -47.49 55.56
CA PRO A 567 -55.61 -47.32 56.80
C PRO A 567 -55.74 -45.92 57.38
N SER A 568 -55.16 -45.72 58.56
CA SER A 568 -55.23 -44.44 59.25
C SER A 568 -54.04 -43.57 58.86
N ASN A 569 -54.33 -42.32 58.50
CA ASN A 569 -53.36 -41.28 58.14
C ASN A 569 -52.63 -41.57 56.84
N GLY A 570 -52.90 -42.69 56.18
CA GLY A 570 -52.30 -42.98 54.89
C GLY A 570 -53.26 -42.74 53.75
N ALA A 571 -54.34 -42.02 54.04
CA ALA A 571 -55.40 -41.78 53.06
C ALA A 571 -54.96 -40.71 52.08
N THR A 572 -54.42 -41.15 50.94
CA THR A 572 -54.05 -40.25 49.86
C THR A 572 -55.11 -40.32 48.78
N LEU A 573 -54.86 -39.61 47.67
CA LEU A 573 -55.79 -39.66 46.54
C LEU A 573 -55.89 -41.06 45.97
N ASN A 574 -54.76 -41.75 45.82
CA ASN A 574 -54.77 -43.13 45.35
C ASN A 574 -55.48 -44.05 46.34
N ASP A 575 -55.30 -43.80 47.65
CA ASP A 575 -55.97 -44.62 48.65
C ASP A 575 -57.48 -44.45 48.58
N LEU A 576 -57.95 -43.22 48.34
CA LEU A 576 -59.39 -43.00 48.26
C LEU A 576 -60.00 -43.68 47.03
N THR A 577 -59.21 -43.89 45.99
CA THR A 577 -59.71 -44.59 44.81
C THR A 577 -60.10 -46.02 45.16
N GLY A 578 -59.34 -46.68 46.04
CA GLY A 578 -59.72 -48.01 46.48
C GLY A 578 -61.05 -48.01 47.20
N TYR A 579 -61.34 -46.94 47.96
CA TYR A 579 -62.65 -46.83 48.60
C TYR A 579 -63.75 -46.63 47.58
N LEU A 580 -63.46 -45.95 46.47
CA LEU A 580 -64.46 -45.73 45.44
C LEU A 580 -64.88 -47.04 44.78
N ASP A 581 -63.94 -47.99 44.64
CA ASP A 581 -64.26 -49.26 44.02
C ASP A 581 -65.30 -50.03 44.83
N THR A 582 -65.34 -49.81 46.15
CA THR A 582 -66.35 -50.45 46.98
C THR A 582 -67.72 -49.77 46.84
N LEU A 583 -67.76 -48.50 46.45
CA LEU A 583 -69.02 -47.78 46.39
C LEU A 583 -69.91 -48.31 45.26
N ASP A 584 -69.34 -48.48 44.07
CA ASP A 584 -70.14 -48.92 42.94
C ASP A 584 -70.49 -50.40 43.03
N GLN A 585 -69.65 -51.20 43.70
CA GLN A 585 -69.95 -52.62 43.84
C GLN A 585 -71.22 -52.84 44.63
N ASN A 586 -71.39 -52.11 45.73
CA ASN A 586 -72.62 -52.21 46.50
C ASN A 586 -73.77 -51.50 45.78
N ASN A 587 -74.97 -52.03 45.97
CA ASN A 587 -76.16 -51.46 45.33
C ASN A 587 -76.56 -50.20 46.09
N ASN A 588 -75.88 -49.10 45.76
CA ASN A 588 -76.09 -47.83 46.40
C ASN A 588 -76.70 -46.84 45.41
N ASN A 589 -77.63 -46.02 45.90
CA ASN A 589 -78.21 -44.96 45.09
C ASN A 589 -77.15 -43.89 44.79
N GLY A 590 -77.29 -43.28 43.61
CA GLY A 590 -76.37 -42.21 43.25
C GLY A 590 -76.45 -41.04 44.20
N GLU A 591 -77.65 -40.72 44.69
CA GLU A 591 -77.80 -39.67 45.68
C GLU A 591 -77.11 -40.06 46.99
N GLN A 592 -77.13 -41.34 47.34
CA GLN A 592 -76.45 -41.79 48.55
C GLN A 592 -74.95 -41.56 48.44
N ILE A 593 -74.38 -41.73 47.25
CA ILE A 593 -72.95 -41.47 47.06
C ILE A 593 -72.62 -40.01 47.32
N ASN A 594 -73.51 -39.10 46.91
CA ASN A 594 -73.29 -37.68 47.22
C ASN A 594 -73.24 -37.43 48.73
N GLU A 595 -74.15 -38.04 49.48
CA GLU A 595 -74.11 -37.93 50.93
C GLU A 595 -72.85 -38.55 51.51
N LEU A 596 -72.48 -39.74 51.00
CA LEU A 596 -71.32 -40.45 51.54
C LEU A 596 -70.02 -39.71 51.23
N ILE A 597 -69.85 -39.25 49.98
CA ILE A 597 -68.59 -38.64 49.59
C ILE A 597 -68.35 -37.35 50.39
N ALA A 598 -69.39 -36.52 50.49
CA ALA A 598 -69.26 -35.27 51.24
C ALA A 598 -69.06 -35.52 52.73
N SER A 599 -69.76 -36.51 53.28
CA SER A 599 -69.70 -36.75 54.72
C SER A 599 -68.35 -37.33 55.14
N GLU A 600 -67.83 -38.28 54.38
CA GLU A 600 -66.61 -38.98 54.81
C GLU A 600 -65.36 -38.14 54.61
N THR A 601 -65.37 -37.21 53.66
CA THR A 601 -64.18 -36.44 53.31
C THR A 601 -64.25 -34.97 53.70
N VAL A 602 -65.37 -34.30 53.45
CA VAL A 602 -65.46 -32.86 53.64
C VAL A 602 -66.29 -32.50 54.87
N ASP A 603 -67.43 -33.16 55.06
CA ASP A 603 -68.32 -32.78 56.15
C ASP A 603 -67.71 -33.05 57.53
N GLU A 604 -66.69 -33.92 57.61
CA GLU A 604 -66.01 -34.14 58.88
C GLU A 604 -65.45 -32.83 59.40
N THR A 605 -65.68 -32.55 60.69
CA THR A 605 -65.32 -31.26 61.27
C THR A 605 -63.82 -31.03 61.32
N ALA A 606 -63.02 -32.08 61.35
CA ALA A 606 -61.57 -31.95 61.42
C ALA A 606 -60.92 -31.99 60.04
N SER A 607 -61.72 -32.06 58.98
CA SER A 607 -61.20 -32.13 57.61
C SER A 607 -60.75 -30.76 57.13
N ASP A 608 -59.66 -30.74 56.38
CA ASP A 608 -59.12 -29.54 55.77
C ASP A 608 -59.20 -29.55 54.25
N ASP A 609 -59.68 -30.63 53.66
CA ASP A 609 -59.70 -30.75 52.20
C ASP A 609 -60.85 -29.94 51.62
N LEU A 610 -60.67 -29.49 50.37
CA LEU A 610 -61.64 -28.65 49.69
C LEU A 610 -62.12 -29.33 48.41
N ILE A 611 -63.39 -29.08 48.06
CA ILE A 611 -63.97 -29.58 46.82
C ILE A 611 -64.77 -28.47 46.15
N VAL A 612 -65.04 -28.68 44.86
CA VAL A 612 -65.95 -27.83 44.09
C VAL A 612 -66.97 -28.75 43.44
N THR A 613 -68.19 -28.25 43.26
CA THR A 613 -69.29 -29.06 42.75
C THR A 613 -69.77 -28.53 41.42
N GLU A 614 -70.08 -29.45 40.50
CA GLU A 614 -70.60 -29.09 39.19
C GLU A 614 -71.44 -30.27 38.69
N THR A 615 -72.50 -29.96 37.96
CA THR A 615 -73.41 -30.99 37.47
C THR A 615 -73.72 -30.77 35.99
N PHE A 616 -74.00 -31.87 35.29
CA PHE A 616 -74.36 -31.79 33.89
C PHE A 616 -75.19 -33.01 33.51
N ARG A 617 -76.20 -32.80 32.67
CA ARG A 617 -77.09 -33.89 32.24
C ARG A 617 -76.42 -34.64 31.09
N LEU A 618 -76.08 -35.90 31.32
CA LEU A 618 -75.48 -36.72 30.27
C LEU A 618 -76.60 -37.21 29.36
N ALA A 619 -76.73 -36.61 28.19
CA ALA A 619 -77.76 -36.94 27.23
C ALA A 619 -77.12 -37.45 25.94
N GLU A 620 -77.96 -37.68 24.92
CA GLU A 620 -77.43 -38.20 23.63
C GLU A 620 -76.92 -37.04 22.76
N SER A 621 -76.32 -37.35 21.60
CA SER A 621 -75.73 -36.30 20.74
C SER A 621 -76.78 -35.37 20.14
N SER A 622 -76.46 -34.08 19.99
CA SER A 622 -77.42 -33.13 19.35
C SER A 622 -76.73 -32.18 18.36
N THR A 623 -77.40 -31.84 17.26
CA THR A 623 -76.87 -30.87 16.25
C THR A 623 -78.08 -30.28 15.54
N SER A 624 -78.27 -28.95 15.57
CA SER A 624 -79.47 -28.36 15.02
C SER A 624 -79.16 -26.96 14.53
N ILE A 625 -80.02 -26.46 13.63
CA ILE A 625 -79.91 -25.11 13.10
C ILE A 625 -80.92 -24.23 13.83
N ASP A 626 -80.45 -23.10 14.36
CA ASP A 626 -81.27 -22.24 15.19
C ASP A 626 -81.86 -21.06 14.41
N SER A 627 -81.01 -20.23 13.82
CA SER A 627 -81.46 -19.01 13.17
C SER A 627 -80.74 -18.80 11.85
N ILE A 628 -81.50 -18.41 10.82
CA ILE A 628 -80.96 -18.05 9.53
C ILE A 628 -81.54 -16.68 9.16
N TYR A 629 -80.65 -15.73 8.84
CA TYR A 629 -81.07 -14.36 8.55
C TYR A 629 -79.87 -13.62 7.94
N PRO A 630 -80.13 -12.55 7.18
CA PRO A 630 -79.02 -11.80 6.56
C PRO A 630 -78.26 -10.95 7.57
N ASP A 631 -77.35 -10.11 7.08
CA ASP A 631 -76.52 -9.27 7.95
C ASP A 631 -77.33 -8.24 8.73
N ALA A 632 -78.65 -8.19 8.51
CA ALA A 632 -79.49 -7.28 9.25
C ALA A 632 -79.65 -7.76 10.69
N ALA A 633 -80.44 -7.02 11.48
CA ALA A 633 -80.65 -7.33 12.88
C ALA A 633 -81.93 -8.15 13.01
N GLU A 634 -81.78 -9.43 13.36
CA GLU A 634 -82.92 -10.31 13.55
C GLU A 634 -82.47 -11.53 14.34
N ALA A 635 -83.35 -12.04 15.21
CA ALA A 635 -83.04 -13.22 15.99
C ALA A 635 -84.20 -14.20 16.06
N ALA A 636 -85.27 -13.99 15.29
CA ALA A 636 -86.41 -14.90 15.32
C ALA A 636 -86.02 -16.28 14.82
N GLY A 637 -85.25 -16.36 13.74
CA GLY A 637 -84.80 -17.64 13.23
C GLY A 637 -84.91 -17.79 11.73
N ILE A 638 -85.93 -17.17 11.13
CA ILE A 638 -86.18 -17.26 9.69
C ILE A 638 -86.31 -15.85 9.13
N ASN A 639 -85.67 -15.61 7.99
CA ASN A 639 -85.71 -14.32 7.33
C ASN A 639 -85.35 -14.47 5.86
N PRO A 640 -86.22 -14.03 4.94
CA PRO A 640 -85.86 -14.05 3.52
C PRO A 640 -84.61 -13.22 3.27
N VAL A 641 -83.76 -13.72 2.37
CA VAL A 641 -82.46 -13.12 2.10
C VAL A 641 -82.42 -12.70 0.63
N ALA A 642 -82.11 -11.42 0.40
CA ALA A 642 -81.93 -10.92 -0.96
C ALA A 642 -80.56 -11.32 -1.48
N THR A 643 -80.50 -11.68 -2.76
CA THR A 643 -79.24 -12.06 -3.37
C THR A 643 -78.28 -10.88 -3.45
N GLY A 644 -76.98 -11.18 -3.36
CA GLY A 644 -75.94 -10.18 -3.42
C GLY A 644 -75.37 -9.78 -2.07
N GLU A 645 -76.05 -10.09 -0.98
CA GLU A 645 -75.58 -9.77 0.37
C GLU A 645 -75.37 -11.06 1.15
N THR A 646 -74.30 -11.07 1.96
CA THR A 646 -74.00 -12.25 2.75
C THR A 646 -75.05 -12.45 3.83
N MET A 647 -75.42 -13.71 4.08
CA MET A 647 -76.37 -14.07 5.11
C MET A 647 -75.71 -15.01 6.09
N VAL A 648 -76.04 -14.85 7.38
CA VAL A 648 -75.47 -15.65 8.45
C VAL A 648 -76.45 -16.73 8.85
N ILE A 649 -75.93 -17.90 9.20
CA ILE A 649 -76.73 -19.01 9.72
C ILE A 649 -76.12 -19.44 11.05
N ALA A 650 -76.99 -19.62 12.06
CA ALA A 650 -76.55 -19.93 13.41
C ALA A 650 -77.23 -21.20 13.88
N GLY A 651 -76.43 -22.13 14.44
CA GLY A 651 -76.96 -23.37 14.94
C GLY A 651 -76.29 -23.75 16.25
N SER A 652 -76.83 -24.78 16.88
CA SER A 652 -76.33 -25.29 18.15
C SER A 652 -75.72 -26.67 17.97
N THR A 653 -74.73 -26.98 18.81
CA THR A 653 -74.07 -28.27 18.76
C THR A 653 -73.51 -28.59 20.13
N ASN A 654 -73.21 -29.88 20.33
CA ASN A 654 -72.59 -30.36 21.55
C ASN A 654 -71.23 -30.99 21.32
N LEU A 655 -70.74 -30.99 20.07
CA LEU A 655 -69.49 -31.66 19.75
C LEU A 655 -68.29 -30.85 20.23
N LYS A 656 -67.12 -31.48 20.18
CA LYS A 656 -65.89 -30.79 20.52
C LYS A 656 -65.62 -29.67 19.52
N PRO A 657 -65.18 -28.50 19.98
CA PRO A 657 -65.01 -27.37 19.06
C PRO A 657 -64.00 -27.62 17.96
N ASP A 658 -62.94 -28.38 18.22
CA ASP A 658 -61.85 -28.56 17.28
C ASP A 658 -61.78 -29.94 16.65
N ASP A 659 -62.04 -31.00 17.42
CA ASP A 659 -61.93 -32.35 16.90
C ASP A 659 -63.02 -32.70 15.89
N ASN A 660 -64.06 -31.89 15.78
CA ASN A 660 -65.16 -32.15 14.86
C ASN A 660 -65.39 -30.93 13.98
N THR A 661 -66.32 -31.05 13.05
CA THR A 661 -66.64 -29.96 12.13
C THR A 661 -68.08 -30.10 11.67
N ILE A 662 -68.63 -28.99 11.19
CA ILE A 662 -69.99 -28.93 10.66
C ILE A 662 -69.91 -28.51 9.20
N SER A 663 -70.46 -29.34 8.32
CA SER A 663 -70.47 -29.08 6.88
C SER A 663 -71.88 -28.71 6.45
N ILE A 664 -72.00 -27.65 5.65
CA ILE A 664 -73.30 -27.16 5.20
C ILE A 664 -73.49 -27.54 3.74
N GLU A 665 -74.75 -27.55 3.31
CA GLU A 665 -75.09 -27.77 1.91
C GLU A 665 -76.30 -26.92 1.55
N VAL A 666 -76.19 -26.15 0.46
CA VAL A 666 -77.29 -25.35 -0.06
C VAL A 666 -77.63 -25.86 -1.46
N THR A 667 -78.87 -26.32 -1.64
CA THR A 667 -79.30 -26.92 -2.90
C THR A 667 -80.59 -26.28 -3.37
N ASN A 668 -80.75 -26.22 -4.70
CA ASN A 668 -81.93 -25.62 -5.31
C ASN A 668 -83.08 -26.59 -5.41
N GLU A 669 -84.07 -26.26 -6.25
CA GLU A 669 -85.28 -27.05 -6.36
C GLU A 669 -85.06 -28.42 -6.98
N ASP A 670 -83.93 -28.64 -7.66
CA ASP A 670 -83.68 -29.94 -8.29
C ASP A 670 -82.21 -30.35 -8.05
N GLY A 671 -81.83 -30.41 -6.78
CA GLY A 671 -80.55 -30.99 -6.39
C GLY A 671 -79.32 -30.43 -7.07
N THR A 672 -79.26 -29.12 -7.28
CA THR A 672 -78.05 -28.47 -7.76
C THR A 672 -77.46 -27.73 -6.56
N SER A 673 -76.41 -28.29 -5.97
CA SER A 673 -75.74 -27.62 -4.87
C SER A 673 -75.05 -26.35 -5.37
N VAL A 674 -75.14 -25.30 -4.58
CA VAL A 674 -74.59 -24.00 -4.96
C VAL A 674 -73.52 -23.55 -3.99
N ALA A 675 -73.60 -24.00 -2.74
CA ALA A 675 -72.69 -23.55 -1.70
C ALA A 675 -72.29 -24.71 -0.82
N LEU A 676 -71.10 -24.60 -0.22
CA LEU A 676 -70.59 -25.63 0.69
C LEU A 676 -69.53 -24.98 1.55
N GLU A 677 -69.81 -24.84 2.85
CA GLU A 677 -68.87 -24.27 3.79
C GLU A 677 -68.80 -25.13 5.05
N ASP A 678 -67.66 -25.06 5.73
CA ASP A 678 -67.43 -25.85 6.92
C ASP A 678 -66.79 -24.99 7.99
N THR A 679 -67.11 -25.30 9.25
CA THR A 679 -66.51 -24.63 10.39
C THR A 679 -66.05 -25.66 11.40
N ASP A 680 -64.92 -25.39 12.04
CA ASP A 680 -64.36 -26.28 13.06
C ASP A 680 -63.89 -25.47 14.26
N GLU A 681 -64.67 -24.44 14.63
CA GLU A 681 -64.34 -23.61 15.78
C GLU A 681 -65.61 -22.95 16.28
N TRP A 682 -65.79 -22.97 17.59
CA TRP A 682 -66.89 -22.28 18.27
C TRP A 682 -66.60 -22.30 19.76
N ASN A 683 -67.00 -21.21 20.44
CA ASN A 683 -66.73 -21.07 21.85
C ASN A 683 -67.57 -22.06 22.66
N ASN A 684 -67.34 -22.08 23.97
CA ASN A 684 -68.05 -22.99 24.86
C ASN A 684 -69.53 -22.62 25.04
N ASP A 685 -70.03 -21.62 24.33
CA ASP A 685 -71.46 -21.32 24.36
C ASP A 685 -72.27 -22.28 23.49
N GLY A 686 -71.62 -22.99 22.58
CA GLY A 686 -72.29 -23.95 21.72
C GLY A 686 -72.81 -23.39 20.42
N GLN A 687 -72.74 -22.08 20.21
CA GLN A 687 -73.26 -21.45 18.99
C GLN A 687 -72.18 -21.38 17.92
N TRP A 688 -72.55 -21.73 16.69
CA TRP A 688 -71.65 -21.66 15.55
C TRP A 688 -72.35 -20.94 14.41
N MET A 689 -71.60 -20.08 13.72
CA MET A 689 -72.11 -19.30 12.61
C MET A 689 -71.31 -19.61 11.35
N VAL A 690 -72.03 -19.73 10.23
CA VAL A 690 -71.42 -20.06 8.94
C VAL A 690 -71.82 -18.97 7.94
N GLU A 691 -70.84 -18.48 7.19
CA GLU A 691 -71.04 -17.41 6.23
C GLU A 691 -71.05 -17.96 4.81
N ILE A 692 -72.10 -17.64 4.06
CA ILE A 692 -72.20 -18.01 2.65
C ILE A 692 -72.65 -16.79 1.87
N ASP A 693 -72.09 -16.61 0.68
CA ASP A 693 -72.41 -15.47 -0.16
C ASP A 693 -73.61 -15.79 -1.06
N THR A 694 -74.36 -14.75 -1.40
CA THR A 694 -75.54 -14.85 -2.26
C THR A 694 -75.34 -14.04 -3.54
N THR A 695 -74.12 -14.02 -4.06
CA THR A 695 -73.81 -13.21 -5.23
C THR A 695 -74.50 -13.75 -6.48
N ASP A 696 -74.38 -15.05 -6.72
CA ASP A 696 -74.92 -15.68 -7.92
C ASP A 696 -76.21 -16.46 -7.66
N PHE A 697 -76.82 -16.27 -6.50
CA PHE A 697 -78.02 -17.02 -6.16
C PHE A 697 -79.21 -16.54 -6.99
N GLU A 698 -80.20 -17.41 -7.11
CA GLU A 698 -81.43 -17.13 -7.84
C GLU A 698 -82.60 -17.20 -6.88
N THR A 699 -83.60 -16.33 -7.11
CA THR A 699 -84.74 -16.27 -6.21
C THR A 699 -85.54 -17.58 -6.27
N GLY A 700 -86.10 -17.93 -5.12
CA GLY A 700 -86.88 -19.15 -4.99
C GLY A 700 -86.72 -19.73 -3.59
N THR A 701 -86.84 -21.05 -3.52
CA THR A 701 -86.71 -21.81 -2.28
C THR A 701 -85.44 -22.64 -2.31
N PHE A 702 -84.67 -22.56 -1.24
CA PHE A 702 -83.36 -23.20 -1.15
C PHE A 702 -83.29 -24.01 0.14
N THR A 703 -82.60 -25.14 0.08
CA THR A 703 -82.55 -26.10 1.18
C THR A 703 -81.18 -26.05 1.83
N VAL A 704 -81.16 -25.91 3.16
CA VAL A 704 -79.93 -25.83 3.93
C VAL A 704 -79.79 -27.13 4.71
N GLU A 705 -78.67 -27.82 4.52
CA GLU A 705 -78.42 -29.13 5.11
C GLU A 705 -77.10 -29.10 5.85
N ALA A 706 -77.10 -29.59 7.09
CA ALA A 706 -75.89 -29.62 7.92
C ALA A 706 -75.75 -31.00 8.54
N ASP A 707 -74.56 -31.58 8.41
CA ASP A 707 -74.27 -32.88 8.98
C ASP A 707 -72.90 -32.88 9.62
N ASP A 708 -72.70 -33.82 10.55
CA ASP A 708 -71.43 -33.98 11.25
C ASP A 708 -71.08 -35.45 11.44
N GLY A 709 -71.49 -36.30 10.51
CA GLY A 709 -71.37 -37.74 10.69
C GLY A 709 -72.45 -38.34 11.53
N ASP A 710 -73.50 -37.60 11.84
CA ASP A 710 -74.58 -38.01 12.73
C ASP A 710 -75.90 -37.53 12.11
N ASN A 711 -76.94 -37.47 12.92
CA ASN A 711 -78.26 -37.05 12.44
C ASN A 711 -78.17 -35.68 11.77
N THR A 712 -78.84 -35.56 10.64
CA THR A 712 -78.74 -34.39 9.77
C THR A 712 -80.01 -33.55 9.88
N ASP A 713 -79.84 -32.25 10.07
CA ASP A 713 -80.95 -31.30 10.13
C ASP A 713 -81.07 -30.54 8.81
N THR A 714 -82.32 -30.34 8.37
CA THR A 714 -82.60 -29.63 7.14
C THR A 714 -83.57 -28.49 7.41
N VAL A 715 -83.31 -27.33 6.80
CA VAL A 715 -84.17 -26.17 6.90
C VAL A 715 -84.26 -25.50 5.54
N ASN A 716 -85.42 -24.92 5.26
CA ASN A 716 -85.68 -24.26 3.98
C ASN A 716 -85.87 -22.78 4.17
N VAL A 717 -85.24 -21.99 3.30
CA VAL A 717 -85.34 -20.53 3.34
C VAL A 717 -85.70 -20.04 1.94
N GLU A 718 -86.39 -18.91 1.89
CA GLU A 718 -86.82 -18.31 0.62
C GLU A 718 -85.82 -17.24 0.19
N VAL A 719 -85.66 -17.12 -1.13
CA VAL A 719 -84.76 -16.15 -1.73
C VAL A 719 -85.59 -15.20 -2.60
N VAL A 720 -85.40 -13.90 -2.39
CA VAL A 720 -86.15 -12.87 -3.09
C VAL A 720 -85.17 -11.88 -3.68
N SER A 721 -85.58 -11.19 -4.75
CA SER A 721 -84.73 -10.17 -5.35
C SER A 721 -84.48 -9.03 -4.37
N GLU A 722 -85.55 -8.51 -3.76
CA GLU A 722 -85.44 -7.45 -2.76
C GLU A 722 -86.44 -7.72 -1.65
N ARG A 723 -86.09 -7.31 -0.44
CA ARG A 723 -86.93 -7.51 0.73
C ARG A 723 -87.78 -6.27 1.00
N GLU A 724 -88.75 -6.43 1.90
CA GLU A 724 -89.63 -5.36 2.31
C GLU A 724 -89.12 -4.76 3.62
N ASP A 725 -88.97 -3.44 3.64
CA ASP A 725 -88.48 -2.75 4.84
C ASP A 725 -89.13 -1.38 4.98
N GLU B 1 21.02 -38.55 37.19
CA GLU B 1 21.88 -38.67 36.02
C GLU B 1 21.27 -37.88 34.87
N ARG B 2 21.70 -38.19 33.64
CA ARG B 2 21.14 -37.59 32.45
C ARG B 2 20.43 -38.67 31.64
N GLY B 3 19.21 -38.37 31.19
CA GLY B 3 18.35 -39.34 30.54
C GLY B 3 17.38 -40.00 31.49
N ASN B 4 17.72 -40.05 32.78
CA ASN B 4 16.82 -40.49 33.85
C ASN B 4 16.90 -39.38 34.89
N LEU B 5 16.07 -38.36 34.71
CA LEU B 5 16.22 -37.13 35.48
C LEU B 5 15.57 -37.24 36.87
N ASP B 6 14.38 -37.83 36.95
CA ASP B 6 13.68 -37.96 38.22
C ASP B 6 14.27 -39.04 39.12
N ALA B 7 15.22 -39.84 38.62
CA ALA B 7 15.83 -40.87 39.44
C ALA B 7 16.65 -40.31 40.58
N ASP B 8 17.10 -39.05 40.48
CA ASP B 8 17.86 -38.40 41.53
C ASP B 8 17.14 -37.20 42.12
N SER B 9 15.83 -37.09 41.89
CA SER B 9 15.01 -36.00 42.40
C SER B 9 15.51 -34.64 41.93
N GLU B 10 16.12 -34.59 40.76
CA GLU B 10 16.64 -33.36 40.19
C GLU B 10 15.70 -32.87 39.09
N SER B 11 15.52 -31.55 39.04
CA SER B 11 14.71 -30.96 37.98
C SER B 11 15.47 -30.77 36.69
N PHE B 12 16.79 -30.94 36.69
CA PHE B 12 17.61 -30.76 35.51
C PHE B 12 18.99 -31.34 35.78
N ASN B 13 19.75 -31.54 34.71
CA ASN B 13 21.17 -31.87 34.83
C ASN B 13 21.85 -31.51 33.52
N LYS B 14 23.07 -30.98 33.62
CA LYS B 14 23.82 -30.51 32.47
C LYS B 14 25.19 -31.18 32.38
N THR B 15 25.29 -32.42 32.86
CA THR B 15 26.51 -33.21 32.76
C THR B 15 26.33 -34.16 31.59
N ILE B 16 26.73 -33.71 30.41
CA ILE B 16 26.55 -34.47 29.18
C ILE B 16 27.66 -35.49 29.03
N GLN B 17 27.29 -36.72 28.72
CA GLN B 17 28.23 -37.78 28.42
C GLN B 17 28.26 -38.04 26.92
N SER B 18 29.25 -38.82 26.49
CA SER B 18 29.44 -39.08 25.07
C SER B 18 28.25 -39.83 24.49
N GLY B 19 27.81 -39.38 23.32
CA GLY B 19 26.71 -40.01 22.61
C GLY B 19 25.32 -39.58 23.03
N ASP B 20 25.20 -38.66 23.98
CA ASP B 20 23.89 -38.23 24.45
C ASP B 20 23.29 -37.22 23.48
N ARG B 21 22.17 -36.62 23.87
CA ARG B 21 21.49 -35.63 23.04
C ARG B 21 21.53 -34.27 23.73
N VAL B 22 21.54 -33.22 22.91
CA VAL B 22 21.61 -31.84 23.38
C VAL B 22 20.59 -31.03 22.60
N PHE B 23 19.92 -30.10 23.28
CA PHE B 23 18.86 -29.30 22.67
C PHE B 23 19.35 -27.89 22.40
N LEU B 24 18.48 -27.13 21.73
CA LEU B 24 18.88 -25.85 21.16
C LEU B 24 19.30 -24.84 22.24
N GLY B 25 18.48 -24.67 23.27
CA GLY B 25 18.72 -23.58 24.20
C GLY B 25 19.50 -23.94 25.45
N GLU B 26 20.18 -25.08 25.46
CA GLU B 26 20.86 -25.52 26.67
C GLU B 26 22.03 -24.60 26.99
N GLU B 27 22.53 -24.75 28.22
CA GLU B 27 23.73 -24.06 28.70
C GLU B 27 24.59 -25.12 29.36
N ILE B 28 25.51 -25.68 28.58
CA ILE B 28 26.32 -26.81 29.05
C ILE B 28 27.16 -26.40 30.25
N SER B 29 27.36 -27.34 31.17
CA SER B 29 28.20 -27.13 32.33
C SER B 29 29.62 -27.59 32.03
N THR B 30 30.58 -26.72 32.33
CA THR B 30 32.00 -26.97 32.04
C THR B 30 32.68 -27.79 33.13
N ASP B 31 31.92 -28.38 34.04
CA ASP B 31 32.49 -29.21 35.10
C ASP B 31 32.78 -30.60 34.53
N ALA B 32 33.02 -31.56 35.42
CA ALA B 32 33.35 -32.92 35.00
C ALA B 32 32.28 -33.49 34.08
N GLY B 33 32.72 -34.09 32.98
CA GLY B 33 31.87 -34.59 31.92
C GLY B 33 32.44 -34.19 30.58
N LEU B 34 31.57 -34.15 29.57
CA LEU B 34 31.99 -33.70 28.24
C LEU B 34 31.82 -32.20 28.09
N GLY B 35 32.34 -31.45 29.05
CA GLY B 35 32.32 -30.01 28.98
C GLY B 35 33.67 -29.41 29.31
N ALA B 36 34.56 -30.25 29.84
CA ALA B 36 35.94 -29.85 30.09
C ALA B 36 36.90 -30.84 29.46
N SER B 37 36.47 -32.09 29.30
CA SER B 37 37.28 -33.09 28.61
C SER B 37 37.30 -32.89 27.10
N ASN B 38 36.31 -32.19 26.55
CA ASN B 38 36.21 -32.02 25.10
C ASN B 38 35.30 -30.83 24.80
N PRO B 39 35.76 -29.60 25.03
CA PRO B 39 34.85 -28.45 24.86
C PRO B 39 34.60 -28.05 23.42
N LEU B 40 35.43 -28.47 22.48
CA LEU B 40 35.31 -28.07 21.08
C LEU B 40 34.74 -29.24 20.27
N LEU B 41 33.64 -29.01 19.57
CA LEU B 41 33.00 -30.04 18.77
C LEU B 41 32.70 -29.50 17.38
N THR B 42 32.77 -30.41 16.40
CA THR B 42 32.59 -30.08 15.00
C THR B 42 31.55 -31.00 14.38
N GLY B 43 30.87 -30.51 13.35
CA GLY B 43 29.81 -31.27 12.72
C GLY B 43 30.32 -32.46 11.93
N THR B 44 29.39 -33.34 11.57
CA THR B 44 29.73 -34.60 10.91
C THR B 44 29.22 -34.68 9.47
N ALA B 45 27.93 -34.49 9.24
CA ALA B 45 27.38 -34.67 7.90
C ALA B 45 26.22 -33.72 7.71
N GLY B 46 25.65 -33.74 6.51
CA GLY B 46 24.51 -32.90 6.19
C GLY B 46 24.87 -31.43 6.22
N ASN B 47 23.90 -30.62 6.64
CA ASN B 47 24.13 -29.18 6.75
C ASN B 47 25.04 -28.84 7.92
N SER B 48 25.29 -29.78 8.84
CA SER B 48 26.06 -29.49 10.03
C SER B 48 27.54 -29.77 9.89
N GLU B 49 27.97 -30.36 8.78
CA GLU B 49 29.37 -30.72 8.61
C GLU B 49 30.23 -29.47 8.49
N GLY B 50 31.36 -29.48 9.18
CA GLY B 50 32.28 -28.36 9.22
C GLY B 50 31.94 -27.34 10.30
N VAL B 51 30.64 -27.12 10.54
CA VAL B 51 30.22 -26.15 11.55
C VAL B 51 30.66 -26.63 12.92
N SER B 52 31.09 -25.70 13.75
CA SER B 52 31.57 -26.00 15.09
C SER B 52 30.48 -25.77 16.13
N LEU B 53 30.59 -26.49 17.24
CA LEU B 53 29.67 -26.39 18.37
C LEU B 53 30.48 -26.13 19.63
N ASP B 54 30.36 -24.92 20.17
CA ASP B 54 31.11 -24.52 21.35
C ASP B 54 30.29 -24.87 22.59
N LEU B 55 30.70 -25.92 23.31
CA LEU B 55 29.98 -26.35 24.49
C LEU B 55 30.22 -25.44 25.69
N SER B 56 31.32 -24.69 25.70
CA SER B 56 31.60 -23.78 26.81
C SER B 56 30.68 -22.56 26.81
N SER B 57 29.90 -22.37 25.76
CA SER B 57 29.01 -21.23 25.62
C SER B 57 27.58 -21.71 25.38
N PRO B 58 26.58 -20.89 25.69
CA PRO B 58 25.19 -21.27 25.39
C PRO B 58 24.98 -21.52 23.90
N ILE B 59 24.14 -22.49 23.60
CA ILE B 59 23.91 -22.93 22.22
C ILE B 59 22.83 -22.06 21.57
N PRO B 60 23.06 -21.54 20.36
CA PRO B 60 22.05 -20.72 19.70
C PRO B 60 20.80 -21.49 19.32
N GLN B 61 19.84 -20.83 18.69
CA GLN B 61 18.50 -21.39 18.51
C GLN B 61 18.05 -21.16 17.07
N THR B 62 16.75 -21.38 16.84
CA THR B 62 16.05 -21.25 15.56
C THR B 62 16.82 -21.82 14.37
N THR B 63 17.57 -22.91 14.60
CA THR B 63 18.29 -23.69 13.58
C THR B 63 19.26 -22.85 12.73
N GLU B 64 19.66 -21.69 13.21
CA GLU B 64 20.65 -20.85 12.55
C GLU B 64 21.93 -20.80 13.37
N ASN B 65 23.06 -20.88 12.68
CA ASN B 65 24.42 -20.94 13.21
C ASN B 65 24.69 -22.22 13.98
N GLN B 66 23.73 -23.13 14.08
CA GLN B 66 23.94 -24.43 14.73
C GLN B 66 23.02 -25.45 14.09
N PRO B 67 23.44 -26.03 12.96
CA PRO B 67 22.56 -26.99 12.27
C PRO B 67 22.37 -28.26 13.07
N LEU B 68 21.19 -28.86 12.91
CA LEU B 68 20.86 -30.08 13.62
C LEU B 68 21.62 -31.27 13.03
N GLY B 69 22.15 -32.10 13.90
CA GLY B 69 22.82 -33.30 13.44
C GLY B 69 23.81 -33.82 14.45
N THR B 70 24.44 -34.94 14.09
CA THR B 70 25.48 -35.55 14.88
C THR B 70 26.78 -34.77 14.73
N TYR B 71 27.53 -34.65 15.83
CA TYR B 71 28.76 -33.87 15.88
C TYR B 71 29.92 -34.78 16.30
N ASP B 72 31.00 -34.75 15.53
CA ASP B 72 32.20 -35.50 15.90
C ASP B 72 33.15 -34.64 16.73
N VAL B 73 34.26 -35.25 17.12
CA VAL B 73 35.41 -34.50 17.63
C VAL B 73 36.34 -34.14 16.48
N ASP B 74 36.30 -34.90 15.38
CA ASP B 74 37.19 -34.71 14.24
C ASP B 74 36.48 -34.07 13.06
N GLY B 75 35.17 -34.06 13.06
CA GLY B 75 34.41 -33.58 11.94
C GLY B 75 34.00 -34.73 11.06
N SER B 76 33.71 -34.41 9.81
CA SER B 76 33.38 -35.44 8.83
C SER B 76 34.63 -36.28 8.62
N GLY B 77 34.67 -37.48 9.18
CA GLY B 77 35.88 -38.28 9.07
C GLY B 77 35.70 -39.74 9.41
N SER B 78 36.79 -40.36 9.86
CA SER B 78 36.81 -41.79 10.17
C SER B 78 36.82 -42.06 11.67
N ALA B 79 36.46 -41.07 12.47
CA ALA B 79 36.42 -41.22 13.92
C ALA B 79 34.97 -41.13 14.38
N THR B 80 34.60 -42.04 15.29
CA THR B 80 33.31 -42.02 15.98
C THR B 80 33.66 -42.05 17.46
N THR B 81 33.84 -40.87 18.03
CA THR B 81 34.46 -40.63 19.34
C THR B 81 33.68 -39.46 19.95
N PRO B 82 34.03 -38.93 21.19
CA PRO B 82 33.06 -38.12 21.96
C PRO B 82 32.12 -37.25 21.14
N ASN B 83 30.84 -37.28 21.50
CA ASN B 83 29.77 -37.29 20.51
C ASN B 83 28.56 -36.55 21.08
N VAL B 84 27.90 -35.78 20.23
CA VAL B 84 26.71 -35.02 20.59
C VAL B 84 25.80 -34.96 19.37
N THR B 85 24.52 -35.25 19.58
CA THR B 85 23.49 -35.00 18.57
C THR B 85 22.59 -33.88 19.06
N LEU B 86 22.20 -32.99 18.15
CA LEU B 86 21.49 -31.78 18.50
C LEU B 86 20.07 -31.87 17.96
N LEU B 87 19.10 -31.94 18.87
CA LEU B 87 17.69 -31.99 18.55
C LEU B 87 17.05 -30.62 18.77
N ALA B 88 15.72 -30.58 18.68
CA ALA B 88 14.98 -29.36 18.94
C ALA B 88 14.00 -29.57 20.09
N PRO B 89 13.81 -28.56 20.94
CA PRO B 89 12.86 -28.72 22.05
C PRO B 89 11.44 -28.57 21.57
N ARG B 90 10.56 -29.40 22.11
CA ARG B 90 9.20 -29.49 21.62
C ARG B 90 8.20 -29.88 22.70
N ILE B 91 7.03 -29.26 22.65
CA ILE B 91 5.86 -29.71 23.40
C ILE B 91 4.81 -30.08 22.37
N THR B 92 4.37 -31.35 22.40
CA THR B 92 3.50 -31.86 21.35
C THR B 92 2.02 -31.71 21.71
N ASP B 93 1.60 -32.32 22.81
CA ASP B 93 0.20 -32.29 23.22
C ASP B 93 0.12 -32.01 24.71
N SER B 94 -0.95 -31.35 25.11
CA SER B 94 -1.18 -31.01 26.51
C SER B 94 -2.66 -30.78 26.72
N GLU B 95 -3.18 -31.26 27.85
CA GLU B 95 -4.61 -31.18 28.12
C GLU B 95 -4.84 -31.00 29.60
N ILE B 96 -6.03 -30.52 29.94
CA ILE B 96 -6.52 -30.44 31.31
C ILE B 96 -7.69 -31.38 31.43
N LEU B 97 -7.60 -32.34 32.35
CA LEU B 97 -8.62 -33.38 32.48
C LEU B 97 -9.09 -33.49 33.92
N THR B 98 -10.38 -33.81 34.06
CA THR B 98 -11.04 -33.94 35.34
C THR B 98 -10.65 -35.28 35.97
N SER B 99 -11.03 -35.48 37.24
CA SER B 99 -10.62 -36.65 37.99
C SER B 99 -11.06 -37.96 37.35
N SER B 100 -12.06 -37.93 36.48
CA SER B 100 -12.54 -39.12 35.79
C SER B 100 -12.50 -38.90 34.27
N GLY B 101 -11.42 -38.27 33.79
CA GLY B 101 -11.27 -38.01 32.38
C GLY B 101 -12.12 -36.86 31.90
N GLY B 102 -11.96 -36.55 30.62
CA GLY B 102 -12.72 -35.47 30.01
C GLY B 102 -11.94 -34.17 29.93
N ASP B 103 -11.50 -33.83 28.72
CA ASP B 103 -10.75 -32.59 28.52
C ASP B 103 -11.63 -31.39 28.82
N VAL B 104 -11.07 -30.41 29.53
CA VAL B 104 -11.82 -29.24 29.94
C VAL B 104 -11.05 -27.98 29.59
N THR B 105 -10.01 -28.11 28.78
CA THR B 105 -9.22 -26.95 28.39
C THR B 105 -10.02 -26.05 27.46
N GLY B 106 -9.81 -24.74 27.61
CA GLY B 106 -10.48 -23.77 26.77
C GLY B 106 -11.98 -23.74 26.90
N SER B 107 -12.53 -24.35 27.96
CA SER B 107 -13.96 -24.43 28.16
C SER B 107 -14.30 -24.07 29.60
N ALA B 108 -15.41 -23.37 29.78
CA ALA B 108 -15.83 -22.99 31.12
C ALA B 108 -16.24 -24.22 31.92
N ILE B 109 -15.85 -24.23 33.18
CA ILE B 109 -16.17 -25.33 34.10
C ILE B 109 -16.76 -24.76 35.37
N SER B 110 -17.60 -25.55 36.02
CA SER B 110 -18.21 -25.12 37.28
C SER B 110 -17.17 -25.04 38.39
N SER B 111 -17.30 -24.04 39.25
CA SER B 111 -16.37 -23.88 40.35
C SER B 111 -16.44 -25.04 41.32
N SER B 112 -17.62 -25.63 41.50
CA SER B 112 -17.76 -26.76 42.42
C SER B 112 -16.98 -27.97 41.92
N ASP B 113 -17.05 -28.26 40.62
CA ASP B 113 -16.38 -29.43 40.07
C ASP B 113 -14.93 -29.17 39.72
N ALA B 114 -14.49 -27.91 39.72
CA ALA B 114 -13.10 -27.59 39.41
C ALA B 114 -12.23 -27.72 40.65
N GLY B 115 -12.25 -28.88 41.29
CA GLY B 115 -11.48 -29.07 42.50
C GLY B 115 -10.52 -30.25 42.43
N ASN B 116 -10.58 -31.02 41.35
CA ASN B 116 -9.69 -32.16 41.17
C ASN B 116 -9.17 -32.20 39.74
N LEU B 117 -8.80 -31.03 39.21
CA LEU B 117 -8.29 -30.94 37.86
C LEU B 117 -6.85 -31.46 37.79
N TYR B 118 -6.44 -31.83 36.58
CA TYR B 118 -5.09 -32.31 36.31
C TYR B 118 -4.53 -31.61 35.08
N VAL B 119 -3.21 -31.46 35.06
CA VAL B 119 -2.50 -30.88 33.92
C VAL B 119 -1.50 -31.90 33.43
N ASN B 120 -1.55 -32.22 32.14
CA ASN B 120 -0.66 -33.19 31.52
C ASN B 120 -0.11 -32.62 30.21
N ALA B 121 1.06 -33.11 29.82
CA ALA B 121 1.70 -32.65 28.60
C ALA B 121 2.69 -33.70 28.12
N ASP B 122 3.03 -33.61 26.83
CA ASP B 122 4.11 -34.38 26.24
C ASP B 122 5.16 -33.43 25.71
N TYR B 123 6.41 -33.64 26.10
CA TYR B 123 7.50 -32.77 25.70
C TYR B 123 8.67 -33.61 25.21
N ASN B 124 9.45 -33.03 24.29
CA ASN B 124 10.58 -33.73 23.71
C ASN B 124 11.75 -33.81 24.67
N TYR B 125 11.95 -32.79 25.49
CA TYR B 125 13.14 -32.68 26.34
C TYR B 125 12.85 -33.30 27.70
N GLU B 126 12.98 -34.61 27.78
CA GLU B 126 12.85 -35.32 29.04
C GLU B 126 14.17 -35.69 29.66
N SER B 127 15.20 -35.90 28.84
CA SER B 127 16.51 -36.24 29.38
C SER B 127 17.18 -35.04 30.03
N ALA B 128 16.84 -33.83 29.58
CA ALA B 128 17.54 -32.62 30.02
C ALA B 128 16.83 -31.91 31.17
N GLU B 129 15.60 -31.45 30.94
CA GLU B 129 14.91 -30.60 31.92
C GLU B 129 13.45 -30.96 31.99
N LYS B 130 12.90 -30.95 33.21
CA LYS B 130 11.47 -31.07 33.38
C LYS B 130 10.78 -29.77 32.96
N VAL B 131 9.45 -29.83 32.85
CA VAL B 131 8.66 -28.68 32.42
C VAL B 131 7.82 -28.20 33.61
N GLU B 132 7.86 -26.89 33.85
CA GLU B 132 7.18 -26.28 34.98
C GLU B 132 5.75 -25.93 34.62
N VAL B 133 4.90 -25.85 35.65
CA VAL B 133 3.52 -25.40 35.52
C VAL B 133 3.34 -24.18 36.40
N THR B 134 2.73 -23.13 35.84
CA THR B 134 2.53 -21.88 36.57
C THR B 134 1.12 -21.37 36.25
N VAL B 135 0.23 -21.43 37.24
CA VAL B 135 -1.13 -20.95 37.07
C VAL B 135 -1.13 -19.44 37.29
N GLU B 136 -1.79 -18.72 36.38
CA GLU B 136 -1.85 -17.27 36.42
C GLU B 136 -3.31 -16.81 36.44
N ASP B 137 -3.64 -15.92 37.37
CA ASP B 137 -4.97 -15.36 37.41
C ASP B 137 -5.18 -14.38 36.25
N PRO B 138 -6.44 -14.05 35.94
CA PRO B 138 -6.67 -13.05 34.88
C PRO B 138 -6.01 -11.71 35.15
N SER B 139 -5.78 -11.37 36.41
CA SER B 139 -5.04 -10.15 36.73
C SER B 139 -3.55 -10.29 36.40
N GLY B 140 -3.05 -11.52 36.26
CA GLY B 140 -1.66 -11.73 35.91
C GLY B 140 -0.73 -11.89 37.09
N THR B 141 -1.06 -12.79 38.01
CA THR B 141 -0.26 -13.00 39.20
C THR B 141 -0.09 -14.50 39.43
N ASP B 142 1.09 -14.90 39.88
CA ASP B 142 1.41 -16.31 40.12
C ASP B 142 0.64 -16.81 41.33
N ILE B 143 -0.37 -17.64 41.09
CA ILE B 143 -1.16 -18.24 42.17
C ILE B 143 -0.87 -19.73 42.30
N THR B 144 0.28 -20.19 41.81
CA THR B 144 0.56 -21.61 41.74
C THR B 144 0.60 -22.24 43.12
N ASN B 145 1.24 -21.58 44.09
CA ASN B 145 1.39 -22.18 45.42
C ASN B 145 0.05 -22.31 46.12
N GLU B 146 -0.94 -21.48 45.77
CA GLU B 146 -2.26 -21.60 46.40
C GLU B 146 -3.04 -22.79 45.86
N VAL B 147 -2.92 -23.07 44.56
CA VAL B 147 -3.74 -24.09 43.92
C VAL B 147 -3.03 -25.43 43.78
N LEU B 148 -1.74 -25.50 44.05
CA LEU B 148 -1.01 -26.74 43.90
C LEU B 148 -1.52 -27.79 44.88
N SER B 149 -1.60 -29.04 44.40
CA SER B 149 -2.08 -30.14 45.22
C SER B 149 -1.08 -31.28 45.35
N GLY B 150 -0.20 -31.48 44.38
CA GLY B 150 0.77 -32.56 44.47
C GLY B 150 1.65 -32.60 43.23
N THR B 151 2.53 -33.60 43.23
CA THR B 151 3.44 -33.93 42.14
C THR B 151 4.60 -32.93 42.05
N ASP B 152 4.55 -31.88 42.87
CA ASP B 152 5.65 -30.92 43.02
C ASP B 152 5.93 -30.16 41.72
N THR B 153 4.86 -29.74 41.04
CA THR B 153 4.93 -28.76 39.95
C THR B 153 5.62 -29.35 38.71
N PHE B 154 6.16 -30.56 38.83
CA PHE B 154 6.85 -31.22 37.73
C PHE B 154 5.94 -32.28 37.12
N VAL B 155 5.71 -32.20 35.82
CA VAL B 155 4.91 -33.19 35.10
C VAL B 155 5.84 -34.00 34.20
N ASP B 156 5.67 -35.32 34.22
CA ASP B 156 6.55 -36.21 33.49
C ASP B 156 6.16 -36.29 32.02
N ASP B 157 7.04 -36.88 31.22
CA ASP B 157 6.73 -37.13 29.82
C ASP B 157 5.69 -38.25 29.71
N GLY B 158 4.98 -38.25 28.60
CA GLY B 158 3.86 -39.16 28.47
C GLY B 158 2.77 -38.78 29.46
N SER B 159 2.16 -39.79 30.07
CA SER B 159 1.20 -39.62 31.15
C SER B 159 -0.01 -38.78 30.74
N ILE B 160 -0.32 -38.73 29.45
CA ILE B 160 -1.56 -38.09 29.01
C ILE B 160 -2.71 -39.05 29.23
N GLY B 161 -3.79 -38.55 29.84
CA GLY B 161 -4.88 -39.40 30.27
C GLY B 161 -4.74 -39.93 31.68
N SER B 162 -3.73 -39.49 32.43
CA SER B 162 -3.52 -39.93 33.81
C SER B 162 -4.49 -39.16 34.70
N THR B 163 -5.46 -39.85 35.27
CA THR B 163 -6.46 -39.23 36.12
C THR B 163 -6.10 -39.28 37.61
N SER B 164 -4.94 -39.83 37.95
CA SER B 164 -4.52 -39.98 39.35
C SER B 164 -3.18 -39.31 39.55
N SER B 165 -2.93 -38.87 40.79
CA SER B 165 -1.67 -38.24 41.14
C SER B 165 -0.50 -39.22 41.11
N THR B 166 -0.77 -40.53 41.05
CA THR B 166 0.32 -41.51 40.99
C THR B 166 1.12 -41.34 39.71
N GLY B 167 0.46 -41.12 38.58
CA GLY B 167 1.15 -40.89 37.33
C GLY B 167 1.62 -39.47 37.20
N GLY B 168 2.37 -39.21 36.12
CA GLY B 168 2.85 -37.87 35.88
C GLY B 168 1.71 -36.91 35.61
N GLY B 169 1.83 -35.70 36.14
CA GLY B 169 0.81 -34.68 36.01
C GLY B 169 0.58 -34.04 37.35
N VAL B 170 0.25 -32.75 37.33
CA VAL B 170 0.04 -31.97 38.55
C VAL B 170 -1.44 -31.67 38.70
N GLY B 171 -1.94 -31.81 39.92
CA GLY B 171 -3.33 -31.49 40.23
C GLY B 171 -3.44 -30.09 40.80
N ILE B 172 -4.46 -29.37 40.35
CA ILE B 172 -4.73 -28.01 40.81
C ILE B 172 -6.16 -27.96 41.34
N ASP B 173 -6.34 -27.34 42.51
CA ASP B 173 -7.66 -27.21 43.12
C ASP B 173 -8.07 -25.76 42.91
N MET B 174 -8.73 -25.50 41.79
CA MET B 174 -9.18 -24.18 41.41
C MET B 174 -10.59 -23.85 41.89
N SER B 175 -11.09 -24.61 42.87
CA SER B 175 -12.45 -24.39 43.38
C SER B 175 -12.53 -23.11 44.20
N ASP B 176 -11.49 -22.80 44.97
CA ASP B 176 -11.56 -21.66 45.88
C ASP B 176 -11.49 -20.33 45.14
N GLN B 177 -10.83 -20.30 43.98
CA GLN B 177 -10.69 -19.04 43.25
C GLN B 177 -12.03 -18.60 42.68
N ASP B 178 -12.14 -17.29 42.44
CA ASP B 178 -13.38 -16.72 41.94
C ASP B 178 -13.58 -17.06 40.47
N ALA B 179 -14.66 -16.53 39.89
CA ALA B 179 -14.96 -16.78 38.49
C ALA B 179 -14.08 -15.91 37.59
N GLY B 180 -13.55 -16.52 36.54
CA GLY B 180 -12.72 -15.81 35.60
C GLY B 180 -12.05 -16.78 34.64
N GLU B 181 -11.26 -16.21 33.74
CA GLU B 181 -10.53 -16.98 32.73
C GLU B 181 -9.07 -17.02 33.15
N TYR B 182 -8.53 -18.22 33.31
CA TYR B 182 -7.19 -18.42 33.84
C TYR B 182 -6.30 -19.07 32.79
N THR B 183 -5.00 -18.81 32.90
CA THR B 183 -4.02 -19.31 31.94
C THR B 183 -2.98 -20.15 32.68
N ILE B 184 -2.82 -21.39 32.24
CA ILE B 184 -1.79 -22.28 32.75
C ILE B 184 -0.59 -22.21 31.82
N ILE B 185 0.59 -21.97 32.39
CA ILE B 185 1.80 -21.76 31.62
C ILE B 185 2.75 -22.92 31.84
N LEU B 186 3.19 -23.54 30.75
CA LEU B 186 4.15 -24.63 30.77
C LEU B 186 5.43 -24.20 30.08
N GLU B 187 6.56 -24.44 30.73
CA GLU B 187 7.85 -24.09 30.16
C GLU B 187 8.92 -24.91 30.87
N GLY B 188 10.10 -24.96 30.25
CA GLY B 188 11.17 -25.77 30.79
C GLY B 188 11.66 -25.27 32.12
N ALA B 189 12.39 -26.15 32.82
CA ALA B 189 12.85 -25.84 34.16
C ALA B 189 13.82 -24.67 34.16
N GLU B 190 14.87 -24.75 33.33
CA GLU B 190 15.91 -23.73 33.32
C GLU B 190 16.00 -22.97 32.01
N ASP B 191 16.17 -23.65 30.88
CA ASP B 191 16.57 -22.98 29.65
C ASP B 191 15.59 -23.11 28.52
N LEU B 192 14.91 -24.25 28.39
CA LEU B 192 14.04 -24.52 27.25
C LEU B 192 12.65 -23.96 27.53
N ASP B 193 12.52 -22.63 27.37
CA ASP B 193 11.25 -21.95 27.59
C ASP B 193 10.85 -21.06 26.43
N PHE B 194 11.59 -21.07 25.32
CA PHE B 194 11.28 -20.23 24.17
C PHE B 194 10.18 -20.86 23.33
N GLY B 195 9.98 -20.31 22.13
CA GLY B 195 8.93 -20.82 21.26
C GLY B 195 9.08 -22.29 20.95
N ASP B 196 7.93 -22.95 20.81
CA ASP B 196 7.79 -24.39 20.55
C ASP B 196 8.22 -25.24 21.74
N ALA B 197 8.74 -24.64 22.81
CA ALA B 197 9.05 -25.35 24.04
C ALA B 197 8.15 -24.93 25.20
N THR B 198 7.27 -23.95 24.98
CA THR B 198 6.33 -23.50 26.00
C THR B 198 4.94 -23.39 25.39
N GLU B 199 3.93 -23.64 26.22
CA GLU B 199 2.54 -23.58 25.78
C GLU B 199 1.67 -23.01 26.89
N THR B 200 0.71 -22.17 26.51
CA THR B 200 -0.23 -21.56 27.45
C THR B 200 -1.59 -22.22 27.25
N MET B 201 -2.04 -22.97 28.27
CA MET B 201 -3.37 -23.58 28.25
C MET B 201 -4.33 -22.73 29.07
N THR B 202 -5.40 -22.28 28.44
CA THR B 202 -6.35 -21.39 29.09
C THR B 202 -7.43 -22.20 29.79
N LEU B 203 -8.11 -21.55 30.73
CA LEU B 203 -9.18 -22.21 31.49
C LEU B 203 -10.13 -21.15 32.02
N THR B 204 -11.42 -21.41 31.88
CA THR B 204 -12.46 -20.47 32.28
C THR B 204 -13.20 -21.01 33.50
N ILE B 205 -13.31 -20.18 34.52
CA ILE B 205 -14.05 -20.49 35.74
C ILE B 205 -15.23 -19.54 35.84
N SER B 206 -16.42 -20.10 36.04
CA SER B 206 -17.63 -19.29 36.12
C SER B 206 -18.66 -20.05 36.94
N SER B 207 -19.72 -19.33 37.32
CA SER B 207 -20.83 -19.94 38.04
C SER B 207 -21.46 -21.04 37.20
N GLN B 208 -21.91 -22.10 37.87
CA GLN B 208 -22.40 -23.28 37.16
C GLN B 208 -23.73 -22.98 36.50
N ASP B 209 -23.73 -22.66 35.21
CA ASP B 209 -25.05 -22.48 34.54
C ASP B 209 -25.72 -23.86 34.47
N GLU B 210 -26.97 -23.98 35.01
CA GLU B 210 -27.70 -25.29 34.99
C GLU B 210 -27.91 -25.74 33.54
N ILE B 211 -28.28 -27.00 33.31
CA ILE B 211 -28.36 -27.42 31.91
C ILE B 211 -29.32 -26.50 31.16
N GLY B 212 -28.85 -25.97 30.04
CA GLY B 212 -29.65 -25.08 29.20
C GLY B 212 -29.98 -25.77 27.88
N ILE B 213 -31.22 -25.60 27.43
CA ILE B 213 -31.72 -26.21 26.21
C ILE B 213 -32.37 -25.14 25.35
N GLU B 214 -32.09 -25.15 24.06
CA GLU B 214 -32.67 -24.20 23.13
C GLU B 214 -33.07 -24.92 21.85
N LEU B 215 -34.05 -24.35 21.16
CA LEU B 215 -34.54 -24.88 19.90
C LEU B 215 -34.40 -23.83 18.81
N ASP B 216 -34.04 -24.29 17.61
CA ASP B 216 -33.94 -23.38 16.47
C ASP B 216 -35.30 -22.79 16.09
N SER B 217 -36.39 -23.42 16.50
CA SER B 217 -37.72 -22.89 16.26
C SER B 217 -38.65 -23.38 17.36
N GLU B 218 -39.65 -22.55 17.67
CA GLU B 218 -40.66 -22.89 18.68
C GLU B 218 -42.02 -23.21 18.08
N SER B 219 -42.41 -22.52 17.01
CA SER B 219 -43.68 -22.77 16.34
C SER B 219 -43.40 -23.52 15.04
N VAL B 220 -43.71 -24.82 15.04
CA VAL B 220 -43.50 -25.68 13.89
C VAL B 220 -44.74 -26.52 13.65
N THR B 221 -44.80 -27.12 12.46
CA THR B 221 -45.87 -28.02 12.09
C THR B 221 -45.38 -29.46 12.19
N GLN B 222 -46.29 -30.40 11.92
CA GLN B 222 -45.91 -31.80 11.92
C GLN B 222 -44.95 -32.10 10.78
N GLY B 223 -44.13 -33.13 10.96
CA GLY B 223 -43.17 -33.53 9.95
C GLY B 223 -41.88 -32.73 9.95
N THR B 224 -41.91 -31.49 10.44
CA THR B 224 -40.73 -30.64 10.45
C THR B 224 -39.81 -31.04 11.59
N ASP B 225 -38.60 -31.50 11.25
CA ASP B 225 -37.63 -31.87 12.26
C ASP B 225 -37.09 -30.64 12.98
N VAL B 226 -36.91 -30.76 14.29
CA VAL B 226 -36.43 -29.68 15.13
C VAL B 226 -35.15 -30.14 15.82
N GLN B 227 -34.12 -29.30 15.79
CA GLN B 227 -32.84 -29.59 16.41
C GLN B 227 -32.78 -28.95 17.79
N TYR B 228 -32.48 -29.76 18.81
CA TYR B 228 -32.36 -29.30 20.18
C TYR B 228 -30.91 -29.41 20.62
N THR B 229 -30.45 -28.40 21.35
CA THR B 229 -29.07 -28.33 21.82
C THR B 229 -29.05 -28.31 23.34
N VAL B 230 -28.16 -29.12 23.92
CA VAL B 230 -27.92 -29.14 25.36
C VAL B 230 -26.69 -28.28 25.64
N THR B 231 -26.79 -27.42 26.65
CA THR B 231 -25.79 -26.39 26.89
C THR B 231 -25.34 -26.43 28.35
N ASN B 232 -24.07 -26.10 28.56
CA ASN B 232 -23.49 -25.96 29.90
C ASN B 232 -23.58 -27.28 30.68
N GLY B 233 -22.89 -28.29 30.16
CA GLY B 233 -22.81 -29.58 30.81
C GLY B 233 -21.37 -30.02 30.92
N ILE B 234 -21.14 -30.93 31.87
CA ILE B 234 -19.79 -31.46 32.09
C ILE B 234 -19.42 -32.39 30.94
N ASP B 235 -18.24 -32.18 30.38
CA ASP B 235 -17.81 -32.92 29.20
C ASP B 235 -17.60 -34.39 29.55
N GLY B 236 -17.91 -35.26 28.60
CA GLY B 236 -17.65 -36.67 28.76
C GLY B 236 -18.69 -37.44 29.53
N ASN B 237 -19.81 -36.82 29.88
CA ASN B 237 -20.87 -37.46 30.64
C ASN B 237 -22.16 -37.51 29.83
N GLU B 238 -22.99 -38.50 30.14
CA GLU B 238 -24.14 -38.84 29.31
C GLU B 238 -25.41 -38.24 29.93
N HIS B 239 -26.01 -37.29 29.24
CA HIS B 239 -27.32 -36.78 29.64
C HIS B 239 -28.42 -37.69 29.11
N VAL B 240 -29.65 -37.43 29.56
CA VAL B 240 -30.82 -38.15 29.08
C VAL B 240 -31.91 -37.11 28.80
N VAL B 241 -32.39 -37.07 27.56
CA VAL B 241 -33.49 -36.21 27.17
C VAL B 241 -34.74 -37.08 27.05
N ALA B 242 -35.78 -36.73 27.80
CA ALA B 242 -36.96 -37.57 27.93
C ALA B 242 -38.13 -37.01 27.14
N MET B 243 -39.03 -37.90 26.75
CA MET B 243 -40.22 -37.57 25.97
C MET B 243 -41.42 -38.25 26.60
N ASP B 244 -42.37 -37.46 27.07
CA ASP B 244 -43.56 -38.02 27.69
C ASP B 244 -44.48 -38.63 26.63
N LEU B 245 -44.87 -39.88 26.85
CA LEU B 245 -45.69 -40.59 25.88
C LEU B 245 -47.11 -40.04 25.79
N SER B 246 -47.54 -39.21 26.74
CA SER B 246 -48.85 -38.60 26.64
C SER B 246 -48.94 -37.63 25.47
N ASP B 247 -47.83 -36.96 25.14
CA ASP B 247 -47.81 -36.07 23.99
C ASP B 247 -47.82 -36.82 22.67
N LEU B 248 -47.50 -38.12 22.69
CA LEU B 248 -47.51 -38.92 21.48
C LEU B 248 -48.94 -39.11 20.97
N GLN B 249 -49.06 -39.33 19.66
CA GLN B 249 -50.35 -39.64 19.08
C GLN B 249 -50.84 -41.00 19.55
N ASN B 250 -52.16 -41.09 19.78
CA ASN B 250 -52.72 -42.29 20.38
C ASN B 250 -52.60 -43.50 19.46
N ASP B 251 -52.66 -43.29 18.15
CA ASP B 251 -52.64 -44.37 17.18
C ASP B 251 -51.23 -44.79 16.79
N ALA B 252 -50.24 -44.47 17.61
CA ALA B 252 -48.86 -44.86 17.33
C ALA B 252 -48.61 -46.30 17.77
N THR B 253 -47.57 -46.89 17.19
CA THR B 253 -47.17 -48.27 17.48
C THR B 253 -45.85 -48.28 18.24
N THR B 254 -45.38 -49.49 18.55
CA THR B 254 -44.13 -49.64 19.28
C THR B 254 -42.96 -49.12 18.46
N GLU B 255 -42.85 -49.57 17.20
CA GLU B 255 -41.80 -49.10 16.33
C GLU B 255 -41.98 -47.64 15.95
N GLN B 256 -43.20 -47.10 16.07
CA GLN B 256 -43.46 -45.72 15.72
C GLN B 256 -43.01 -44.75 16.80
N ALA B 257 -42.81 -45.22 18.03
CA ALA B 257 -42.39 -44.35 19.13
C ALA B 257 -40.89 -44.34 19.35
N LYS B 258 -40.17 -45.31 18.82
CA LYS B 258 -38.73 -45.40 19.01
C LYS B 258 -37.96 -44.53 18.03
N GLU B 259 -38.66 -43.80 17.15
CA GLU B 259 -38.01 -42.94 16.16
C GLU B 259 -38.36 -41.47 16.37
N VAL B 260 -38.82 -41.11 17.56
CA VAL B 260 -39.07 -39.69 17.84
C VAL B 260 -37.76 -38.91 17.88
N PHE B 261 -36.75 -39.46 18.53
CA PHE B 261 -35.42 -38.88 18.57
C PHE B 261 -34.55 -39.54 17.50
N ARG B 262 -33.83 -38.72 16.75
CA ARG B 262 -32.96 -39.21 15.69
C ARG B 262 -31.55 -39.44 16.23
N ASN B 263 -30.78 -40.23 15.48
CA ASN B 263 -29.36 -40.41 15.77
C ASN B 263 -28.50 -39.24 15.34
N ILE B 264 -29.13 -38.14 14.93
CA ILE B 264 -28.40 -36.95 14.53
C ILE B 264 -27.57 -36.42 15.71
N GLY B 265 -26.43 -35.82 15.38
CA GLY B 265 -25.62 -35.18 16.42
C GLY B 265 -24.92 -36.18 17.31
N ASP B 266 -24.83 -35.85 18.59
CA ASP B 266 -24.08 -36.62 19.56
C ASP B 266 -24.92 -37.70 20.25
N THR B 267 -26.14 -37.94 19.79
CA THR B 267 -26.99 -38.94 20.39
C THR B 267 -26.33 -40.31 20.33
N SER B 268 -26.41 -41.05 21.44
CA SER B 268 -25.80 -42.37 21.54
C SER B 268 -26.80 -43.50 21.32
N GLU B 269 -27.86 -43.55 22.11
CA GLU B 269 -28.89 -44.57 22.00
C GLU B 269 -30.27 -43.93 22.04
N VAL B 270 -31.20 -44.53 21.30
CA VAL B 270 -32.58 -44.06 21.25
C VAL B 270 -33.49 -45.23 21.55
N GLY B 271 -34.63 -44.93 22.17
CA GLY B 271 -35.61 -45.96 22.47
C GLY B 271 -36.63 -45.45 23.46
N ILE B 272 -37.40 -46.40 24.01
CA ILE B 272 -38.41 -46.10 25.01
C ILE B 272 -38.10 -46.92 26.25
N ALA B 273 -38.20 -46.29 27.42
CA ALA B 273 -37.84 -46.91 28.67
C ALA B 273 -39.03 -46.92 29.63
N ASN B 274 -38.94 -47.81 30.62
CA ASN B 274 -39.93 -47.92 31.67
C ASN B 274 -39.18 -47.95 33.01
N SER B 275 -39.93 -47.97 34.11
CA SER B 275 -39.32 -47.98 35.44
C SER B 275 -38.54 -49.26 35.70
N SER B 276 -38.78 -50.32 34.95
CA SER B 276 -38.10 -51.60 35.14
C SER B 276 -37.14 -51.94 34.00
N ALA B 277 -37.57 -51.77 32.75
CA ALA B 277 -36.74 -52.12 31.61
C ALA B 277 -36.89 -51.05 30.52
N THR B 278 -36.07 -51.18 29.48
CA THR B 278 -36.06 -50.23 28.38
C THR B 278 -36.10 -50.98 27.05
N ASN B 279 -36.71 -50.33 26.05
CA ASN B 279 -36.79 -50.86 24.69
C ASN B 279 -36.04 -49.89 23.78
N THR B 280 -34.83 -50.28 23.39
CA THR B 280 -34.02 -49.43 22.53
C THR B 280 -34.38 -49.65 21.07
N SER B 281 -33.79 -48.83 20.20
CA SER B 281 -34.01 -48.96 18.76
C SER B 281 -33.36 -50.21 18.18
N GLY B 282 -32.49 -50.88 18.93
CA GLY B 282 -31.84 -52.07 18.43
C GLY B 282 -32.81 -53.21 18.18
N SER B 283 -33.72 -53.45 19.12
CA SER B 283 -34.67 -54.54 18.99
C SER B 283 -35.95 -54.19 19.73
N SER B 284 -37.04 -54.86 19.35
CA SER B 284 -38.33 -54.69 20.00
C SER B 284 -38.54 -55.81 21.01
N THR B 285 -37.75 -55.76 22.07
CA THR B 285 -37.78 -56.77 23.13
C THR B 285 -38.33 -56.27 24.44
N GLY B 286 -38.09 -55.00 24.79
CA GLY B 286 -38.55 -54.46 26.05
C GLY B 286 -40.01 -54.11 26.02
N PRO B 287 -40.38 -53.05 26.76
CA PRO B 287 -41.79 -52.66 26.81
C PRO B 287 -42.32 -52.19 25.47
N THR B 288 -43.61 -52.39 25.25
CA THR B 288 -44.28 -51.93 24.04
C THR B 288 -44.72 -50.48 24.22
N VAL B 289 -45.36 -49.92 23.20
CA VAL B 289 -45.78 -48.52 23.27
C VAL B 289 -46.82 -48.31 24.36
N GLU B 290 -47.74 -49.25 24.53
CA GLU B 290 -48.69 -49.15 25.64
C GLU B 290 -48.05 -49.55 26.96
N THR B 291 -47.07 -50.46 26.92
CA THR B 291 -46.42 -50.91 28.14
C THR B 291 -45.46 -49.84 28.67
N ALA B 292 -44.69 -49.21 27.78
CA ALA B 292 -43.72 -48.20 28.19
C ALA B 292 -44.42 -46.89 28.52
N ASP B 293 -43.66 -45.98 29.14
CA ASP B 293 -44.20 -44.68 29.54
C ASP B 293 -43.32 -43.50 29.18
N ILE B 294 -42.06 -43.70 28.80
CA ILE B 294 -41.17 -42.59 28.47
C ILE B 294 -40.41 -42.92 27.19
N ALA B 295 -40.09 -41.89 26.43
CA ALA B 295 -39.22 -41.99 25.27
C ALA B 295 -37.98 -41.16 25.53
N TYR B 296 -36.80 -41.75 25.31
CA TYR B 296 -35.56 -41.13 25.72
C TYR B 296 -34.53 -41.24 24.61
N ALA B 297 -33.45 -40.47 24.77
CA ALA B 297 -32.30 -40.55 23.86
C ALA B 297 -31.08 -40.09 24.65
N VAL B 298 -30.27 -41.05 25.11
CA VAL B 298 -29.08 -40.71 25.87
C VAL B 298 -28.08 -40.02 24.95
N VAL B 299 -27.58 -38.87 25.38
CA VAL B 299 -26.72 -38.02 24.56
C VAL B 299 -25.51 -37.61 25.39
N GLU B 300 -24.33 -37.67 24.76
CA GLU B 300 -23.11 -37.22 25.41
C GLU B 300 -22.88 -35.75 25.08
N ILE B 301 -21.70 -35.24 25.40
CA ILE B 301 -21.35 -33.85 25.10
C ILE B 301 -19.86 -33.79 24.80
N ASP B 302 -19.50 -33.06 23.75
CA ASP B 302 -18.10 -32.88 23.35
C ASP B 302 -17.84 -31.38 23.26
N GLY B 303 -17.17 -30.84 24.28
CA GLY B 303 -16.90 -29.42 24.36
C GLY B 303 -17.81 -28.75 25.38
N ALA B 304 -18.52 -27.71 24.95
CA ALA B 304 -19.45 -27.00 25.83
C ALA B 304 -20.90 -27.32 25.56
N SER B 305 -21.23 -27.87 24.40
CA SER B 305 -22.61 -28.15 24.05
C SER B 305 -22.69 -29.33 23.11
N ALA B 306 -23.87 -29.95 23.06
CA ALA B 306 -24.17 -31.04 22.14
C ALA B 306 -25.53 -30.78 21.51
N VAL B 307 -25.70 -31.29 20.29
CA VAL B 307 -26.90 -31.04 19.49
C VAL B 307 -27.56 -32.36 19.15
N GLY B 308 -28.88 -32.40 19.25
CA GLY B 308 -29.66 -33.55 18.83
C GLY B 308 -30.78 -33.15 17.90
N GLY B 309 -31.81 -33.99 17.78
CA GLY B 309 -32.94 -33.66 16.93
C GLY B 309 -34.14 -34.49 17.28
N ILE B 310 -35.31 -33.97 16.89
CA ILE B 310 -36.58 -34.63 17.15
C ILE B 310 -37.39 -34.64 15.85
N GLU B 311 -38.34 -35.56 15.79
CA GLU B 311 -39.28 -35.68 14.68
C GLU B 311 -40.67 -35.28 15.17
N THR B 312 -41.06 -34.04 14.88
CA THR B 312 -42.38 -33.57 15.32
C THR B 312 -43.52 -34.34 14.67
N GLN B 313 -43.23 -35.14 13.65
CA GLN B 313 -44.23 -36.01 13.04
C GLN B 313 -44.76 -37.00 14.08
N TYR B 314 -46.04 -37.34 13.94
CA TYR B 314 -46.79 -38.14 14.90
C TYR B 314 -46.69 -37.59 16.33
N LEU B 315 -47.02 -36.30 16.47
CA LEU B 315 -47.08 -35.65 17.77
C LEU B 315 -48.41 -34.92 17.89
N ASP B 316 -48.97 -34.93 19.10
CA ASP B 316 -50.25 -34.27 19.32
C ASP B 316 -50.15 -32.78 19.11
N ASP B 317 -51.19 -32.19 18.52
CA ASP B 317 -51.20 -30.76 18.21
C ASP B 317 -51.51 -30.02 19.50
N SER B 318 -50.47 -29.83 20.31
CA SER B 318 -50.56 -29.12 21.58
C SER B 318 -49.17 -28.71 21.99
N GLU B 319 -49.04 -28.22 23.22
CA GLU B 319 -47.73 -27.84 23.74
C GLU B 319 -46.90 -29.09 24.00
N VAL B 320 -45.65 -29.08 23.54
CA VAL B 320 -44.76 -30.23 23.63
C VAL B 320 -43.54 -29.82 24.43
N ASP B 321 -43.18 -30.62 25.43
CA ASP B 321 -42.08 -30.32 26.33
C ASP B 321 -40.91 -31.28 26.13
N LEU B 322 -39.71 -30.81 26.48
CA LEU B 322 -38.50 -31.62 26.48
C LEU B 322 -37.87 -31.56 27.86
N GLU B 323 -37.53 -32.73 28.41
CA GLU B 323 -37.01 -32.84 29.77
C GLU B 323 -35.61 -33.42 29.73
N VAL B 324 -34.67 -32.75 30.39
CA VAL B 324 -33.30 -33.22 30.52
C VAL B 324 -33.08 -33.69 31.95
N TYR B 325 -32.05 -34.51 32.12
CA TYR B 325 -31.76 -35.15 33.40
C TYR B 325 -30.27 -35.01 33.70
N ASP B 326 -29.94 -35.17 34.98
CA ASP B 326 -28.56 -34.98 35.42
C ASP B 326 -27.64 -36.04 34.82
N ALA B 327 -26.35 -35.71 34.76
CA ALA B 327 -25.38 -36.60 34.17
C ALA B 327 -25.24 -37.87 34.99
N GLY B 328 -25.08 -39.00 34.29
CA GLY B 328 -24.89 -40.28 34.92
C GLY B 328 -26.16 -41.04 35.25
N VAL B 329 -27.32 -40.44 35.03
CA VAL B 329 -28.59 -41.11 35.33
C VAL B 329 -28.87 -42.16 34.27
N SER B 330 -29.49 -43.26 34.69
CA SER B 330 -29.88 -44.31 33.78
C SER B 330 -31.22 -44.01 33.14
N ALA B 331 -31.51 -44.71 32.04
CA ALA B 331 -32.77 -44.48 31.33
C ALA B 331 -33.96 -44.95 32.15
N THR B 332 -33.88 -46.17 32.70
CA THR B 332 -34.99 -46.72 33.46
C THR B 332 -35.22 -45.94 34.75
N ALA B 333 -34.15 -45.51 35.42
CA ALA B 333 -34.25 -44.81 36.69
C ALA B 333 -34.65 -43.36 36.54
N ALA B 334 -34.76 -42.84 35.32
CA ALA B 334 -35.08 -41.43 35.10
C ALA B 334 -36.56 -41.17 34.95
N VAL B 335 -37.41 -42.18 35.10
CA VAL B 335 -38.84 -42.01 34.89
C VAL B 335 -39.45 -41.12 35.98
N GLY B 336 -38.98 -41.25 37.22
CA GLY B 336 -39.61 -40.57 38.33
C GLY B 336 -38.94 -39.26 38.75
N GLN B 337 -37.62 -39.20 38.61
CA GLN B 337 -36.88 -38.02 39.04
C GLN B 337 -37.27 -36.81 38.19
N ASP B 338 -37.37 -35.66 38.85
CA ASP B 338 -37.77 -34.44 38.16
C ASP B 338 -36.66 -33.97 37.22
N ALA B 339 -37.06 -33.25 36.17
CA ALA B 339 -36.12 -32.76 35.18
C ALA B 339 -35.35 -31.56 35.70
N THR B 340 -34.06 -31.51 35.38
CA THR B 340 -33.24 -30.37 35.77
C THR B 340 -33.72 -29.09 35.09
N ASN B 341 -34.07 -29.18 33.80
CA ASN B 341 -34.58 -28.04 33.07
C ASN B 341 -35.60 -28.54 32.05
N ASP B 342 -36.20 -27.61 31.31
CA ASP B 342 -37.22 -27.97 30.34
C ASP B 342 -37.33 -26.88 29.29
N ILE B 343 -37.98 -27.23 28.17
CA ILE B 343 -38.27 -26.31 27.09
C ILE B 343 -39.52 -26.81 26.38
N THR B 344 -40.38 -25.88 25.96
CA THR B 344 -41.67 -26.23 25.39
C THR B 344 -41.83 -25.59 24.02
N LEU B 345 -42.49 -26.32 23.12
CA LEU B 345 -42.81 -25.82 21.78
C LEU B 345 -44.23 -26.23 21.43
N THR B 346 -44.84 -25.49 20.51
CA THR B 346 -46.21 -25.72 20.08
C THR B 346 -46.22 -26.32 18.68
N ILE B 347 -47.17 -27.22 18.44
CA ILE B 347 -47.32 -27.91 17.16
C ILE B 347 -48.75 -27.70 16.67
N GLU B 348 -48.88 -27.29 15.41
CA GLU B 348 -50.18 -27.07 14.78
C GLU B 348 -50.29 -27.92 13.52
N GLU B 349 -51.52 -28.06 13.01
CA GLU B 349 -51.75 -28.83 11.76
C GLU B 349 -51.61 -27.91 10.53
N GLY B 350 -51.04 -28.44 9.43
CA GLY B 350 -50.81 -27.63 8.22
C GLY B 350 -52.02 -27.55 7.31
N GLY B 351 -51.87 -26.99 6.10
CA GLY B 351 -53.01 -26.80 5.20
C GLY B 351 -52.82 -27.51 3.87
N THR B 352 -53.87 -28.14 3.35
CA THR B 352 -53.76 -28.92 2.09
C THR B 352 -54.91 -28.53 1.15
N THR B 353 -54.71 -27.59 0.22
CA THR B 353 -55.82 -27.18 -0.61
C THR B 353 -55.48 -27.38 -2.09
N LEU B 354 -56.53 -27.50 -2.90
CA LEU B 354 -56.42 -27.59 -4.34
C LEU B 354 -56.79 -26.27 -4.99
N SER B 355 -56.19 -26.00 -6.15
CA SER B 355 -56.38 -24.72 -6.82
C SER B 355 -57.01 -24.86 -8.20
N SER B 356 -56.46 -25.72 -9.07
CA SER B 356 -56.91 -25.76 -10.45
C SER B 356 -58.23 -26.50 -10.63
N PRO B 357 -58.46 -27.67 -9.99
CA PRO B 357 -59.76 -28.34 -10.24
C PRO B 357 -60.91 -27.66 -9.49
N THR B 358 -61.25 -26.44 -9.92
CA THR B 358 -62.24 -25.65 -9.22
C THR B 358 -63.07 -24.87 -10.22
N GLY B 359 -64.37 -24.73 -9.91
CA GLY B 359 -65.26 -23.90 -10.68
C GLY B 359 -65.96 -24.60 -11.82
N GLN B 360 -65.23 -24.90 -12.90
CA GLN B 360 -65.81 -25.50 -14.08
C GLN B 360 -64.92 -26.62 -14.59
N TYR B 361 -65.52 -27.56 -15.30
CA TYR B 361 -64.78 -28.67 -15.90
C TYR B 361 -65.59 -29.23 -17.05
N VAL B 362 -65.00 -29.26 -18.25
CA VAL B 362 -65.64 -29.85 -19.40
C VAL B 362 -65.47 -31.37 -19.33
N VAL B 363 -66.57 -32.10 -19.48
CA VAL B 363 -66.52 -33.55 -19.35
C VAL B 363 -65.62 -34.13 -20.44
N GLY B 364 -64.71 -35.02 -20.03
CA GLY B 364 -63.77 -35.63 -20.94
C GLY B 364 -62.50 -34.85 -21.17
N SER B 365 -62.41 -33.62 -20.65
CA SER B 365 -61.23 -32.80 -20.84
C SER B 365 -60.13 -33.21 -19.85
N GLU B 366 -58.92 -32.74 -20.12
CA GLU B 366 -57.77 -32.99 -19.25
C GLU B 366 -57.35 -31.71 -18.57
N VAL B 367 -56.95 -31.83 -17.30
CA VAL B 367 -56.56 -30.67 -16.49
C VAL B 367 -55.49 -31.13 -15.51
N ASP B 368 -54.66 -30.19 -15.09
CA ASP B 368 -53.60 -30.47 -14.12
C ASP B 368 -54.13 -30.37 -12.69
N ILE B 369 -53.38 -30.98 -11.77
CA ILE B 369 -53.68 -30.93 -10.35
C ILE B 369 -52.75 -29.92 -9.71
N ASN B 370 -53.30 -28.81 -9.25
CA ASN B 370 -52.52 -27.72 -8.69
C ASN B 370 -52.98 -27.44 -7.26
N GLY B 371 -52.02 -27.31 -6.35
CA GLY B 371 -52.36 -27.05 -4.96
C GLY B 371 -51.11 -26.96 -4.12
N THR B 372 -51.32 -26.84 -2.81
CA THR B 372 -50.24 -26.72 -1.85
C THR B 372 -50.50 -27.64 -0.66
N ALA B 373 -49.42 -28.02 0.01
CA ALA B 373 -49.52 -28.90 1.18
C ALA B 373 -48.34 -28.61 2.09
N THR B 374 -48.61 -27.97 3.24
CA THR B 374 -47.53 -27.57 4.13
C THR B 374 -46.83 -28.77 4.74
N SER B 375 -47.59 -29.70 5.31
CA SER B 375 -47.04 -30.88 5.98
C SER B 375 -47.65 -32.12 5.33
N SER B 376 -47.01 -32.60 4.27
CA SER B 376 -47.52 -33.77 3.57
C SER B 376 -46.37 -34.46 2.84
N ASP B 377 -46.54 -35.77 2.63
CA ASP B 377 -45.63 -36.57 1.83
C ASP B 377 -46.33 -37.19 0.63
N SER B 378 -47.49 -37.80 0.84
CA SER B 378 -48.30 -38.37 -0.23
C SER B 378 -49.72 -37.84 -0.10
N VAL B 379 -50.31 -37.45 -1.22
CA VAL B 379 -51.65 -36.88 -1.24
C VAL B 379 -52.51 -37.65 -2.23
N ALA B 380 -53.80 -37.75 -1.92
CA ALA B 380 -54.75 -38.46 -2.76
C ALA B 380 -55.95 -37.56 -3.02
N ILE B 381 -56.62 -37.80 -4.15
CA ILE B 381 -57.75 -37.00 -4.61
C ILE B 381 -59.00 -37.87 -4.57
N TYR B 382 -60.05 -37.35 -3.95
CA TYR B 382 -61.30 -38.07 -3.80
C TYR B 382 -62.45 -37.24 -4.34
N VAL B 383 -63.50 -37.93 -4.80
CA VAL B 383 -64.70 -37.30 -5.35
C VAL B 383 -65.91 -37.82 -4.60
N ARG B 384 -66.80 -36.92 -4.21
CA ARG B 384 -67.98 -37.28 -3.43
C ARG B 384 -69.23 -36.74 -4.09
N ASP B 385 -70.31 -37.53 -4.06
CA ASP B 385 -71.61 -37.08 -4.55
C ASP B 385 -72.68 -37.92 -3.83
N ASP B 386 -73.32 -37.31 -2.83
CA ASP B 386 -74.43 -37.93 -2.10
C ASP B 386 -74.04 -39.28 -1.52
N GLY B 387 -72.85 -39.35 -0.93
CA GLY B 387 -72.42 -40.60 -0.31
C GLY B 387 -70.94 -40.68 0.01
N ASP B 388 -70.34 -41.81 -0.34
CA ASP B 388 -68.94 -42.07 0.00
C ASP B 388 -68.01 -41.23 -0.89
N TRP B 389 -66.79 -41.04 -0.40
CA TRP B 389 -65.73 -40.40 -1.18
C TRP B 389 -65.02 -41.49 -1.97
N GLN B 390 -65.41 -41.68 -3.22
CA GLN B 390 -64.79 -42.70 -4.05
C GLN B 390 -63.38 -42.25 -4.46
N LEU B 391 -62.41 -43.14 -4.29
CA LEU B 391 -61.03 -42.82 -4.65
C LEU B 391 -60.88 -42.65 -6.15
N LEU B 392 -60.13 -41.63 -6.55
CA LEU B 392 -59.84 -41.37 -7.95
C LEU B 392 -58.46 -41.93 -8.26
N GLU B 393 -58.39 -42.88 -9.18
CA GLU B 393 -57.15 -43.58 -9.53
C GLU B 393 -56.33 -42.71 -10.47
N ILE B 394 -55.52 -41.83 -9.88
CA ILE B 394 -54.71 -40.91 -10.69
C ILE B 394 -53.67 -41.68 -11.50
N GLY B 395 -53.27 -42.86 -11.06
CA GLY B 395 -52.27 -43.63 -11.78
C GLY B 395 -51.14 -44.14 -10.90
N GLY B 396 -49.93 -43.67 -11.17
CA GLY B 396 -48.75 -44.13 -10.46
C GLY B 396 -48.75 -43.85 -8.98
N ASP B 397 -48.89 -44.91 -8.18
CA ASP B 397 -48.80 -44.90 -6.71
C ASP B 397 -49.90 -44.09 -6.04
N ASN B 398 -50.81 -43.49 -6.81
CA ASN B 398 -51.93 -42.73 -6.26
C ASN B 398 -51.47 -41.67 -5.26
N GLU B 399 -50.39 -40.99 -5.60
CA GLU B 399 -49.84 -39.98 -4.71
C GLU B 399 -49.05 -38.95 -5.51
N ILE B 400 -48.85 -37.79 -4.90
CA ILE B 400 -48.05 -36.71 -5.47
C ILE B 400 -47.10 -36.20 -4.39
N SER B 401 -45.82 -36.09 -4.73
CA SER B 401 -44.84 -35.59 -3.78
C SER B 401 -44.93 -34.07 -3.67
N VAL B 402 -44.41 -33.54 -2.57
CA VAL B 402 -44.42 -32.12 -2.28
C VAL B 402 -42.98 -31.62 -2.22
N ASP B 403 -42.73 -30.46 -2.84
CA ASP B 403 -41.40 -29.89 -2.88
C ASP B 403 -41.11 -29.15 -1.57
N SER B 404 -39.96 -28.48 -1.51
CA SER B 404 -39.61 -27.70 -0.33
C SER B 404 -40.50 -26.48 -0.17
N ASP B 405 -41.03 -25.95 -1.28
CA ASP B 405 -41.89 -24.77 -1.24
C ASP B 405 -43.31 -25.07 -0.81
N ASP B 406 -43.56 -26.26 -0.24
CA ASP B 406 -44.88 -26.67 0.22
C ASP B 406 -45.91 -26.61 -0.89
N THR B 407 -45.51 -27.03 -2.10
CA THR B 407 -46.36 -27.02 -3.26
C THR B 407 -46.23 -28.35 -4.00
N PHE B 408 -47.36 -28.89 -4.43
CA PHE B 408 -47.39 -30.13 -5.20
C PHE B 408 -48.18 -29.89 -6.49
N GLU B 409 -47.75 -30.54 -7.56
CA GLU B 409 -48.35 -30.36 -8.86
C GLU B 409 -48.33 -31.69 -9.62
N GLU B 410 -49.23 -31.79 -10.59
CA GLU B 410 -49.33 -32.96 -11.45
C GLU B 410 -49.59 -32.51 -12.88
N GLU B 411 -49.22 -33.36 -13.83
CA GLU B 411 -49.41 -33.05 -15.24
C GLU B 411 -50.89 -33.05 -15.60
N ASP B 412 -51.18 -32.77 -16.87
CA ASP B 412 -52.56 -32.71 -17.34
C ASP B 412 -53.18 -34.09 -17.32
N ILE B 413 -54.22 -34.27 -16.51
CA ILE B 413 -54.90 -35.55 -16.34
C ILE B 413 -56.37 -35.38 -16.68
N ALA B 414 -56.90 -36.29 -17.48
CA ALA B 414 -58.32 -36.34 -17.78
C ALA B 414 -59.03 -37.07 -16.64
N LEU B 415 -59.82 -36.33 -15.86
CA LEU B 415 -60.45 -36.92 -14.69
C LEU B 415 -61.41 -38.03 -15.08
N SER B 416 -62.28 -37.77 -16.06
CA SER B 416 -63.23 -38.79 -16.49
C SER B 416 -62.57 -39.87 -17.35
N GLY B 417 -61.49 -39.53 -18.04
CA GLY B 417 -60.85 -40.49 -18.93
C GLY B 417 -60.21 -41.65 -18.19
N LEU B 418 -59.64 -41.37 -17.01
CA LEU B 418 -58.90 -42.38 -16.26
C LEU B 418 -59.81 -43.48 -15.74
N SER B 419 -59.25 -44.67 -15.57
CA SER B 419 -59.99 -45.84 -15.15
C SER B 419 -60.19 -45.83 -13.64
N GLY B 420 -61.35 -46.30 -13.21
CA GLY B 420 -61.70 -46.38 -11.80
C GLY B 420 -63.16 -46.01 -11.64
N ASP B 421 -63.73 -46.44 -10.52
CA ASP B 421 -65.11 -46.04 -10.25
C ASP B 421 -65.21 -44.61 -9.75
N GLY B 422 -64.12 -44.03 -9.23
CA GLY B 422 -64.17 -42.64 -8.79
C GLY B 422 -64.44 -41.71 -9.95
N SER B 423 -63.79 -41.96 -11.09
CA SER B 423 -63.98 -41.14 -12.29
C SER B 423 -65.40 -41.24 -12.83
N SER B 424 -66.08 -42.37 -12.58
CA SER B 424 -67.41 -42.58 -13.12
C SER B 424 -68.41 -41.56 -12.58
N ILE B 425 -68.21 -41.08 -11.36
CA ILE B 425 -69.15 -40.10 -10.82
C ILE B 425 -69.10 -38.81 -11.64
N LEU B 426 -67.89 -38.37 -12.00
CA LEU B 426 -67.71 -37.11 -12.72
C LEU B 426 -68.16 -37.19 -14.18
N SER B 427 -68.41 -38.39 -14.71
CA SER B 427 -68.79 -38.50 -16.11
C SER B 427 -70.12 -37.82 -16.38
N LEU B 428 -71.09 -38.00 -15.50
CA LEU B 428 -72.41 -37.43 -15.69
C LEU B 428 -72.42 -35.95 -15.32
N THR B 429 -73.22 -35.19 -16.04
CA THR B 429 -73.30 -33.75 -15.82
C THR B 429 -73.97 -33.44 -14.49
N GLY B 430 -73.38 -32.51 -13.74
CA GLY B 430 -73.93 -32.09 -12.47
C GLY B 430 -72.91 -31.30 -11.68
N THR B 431 -73.26 -31.02 -10.43
CA THR B 431 -72.40 -30.32 -9.49
C THR B 431 -71.97 -31.29 -8.39
N TYR B 432 -70.67 -31.40 -8.18
CA TYR B 432 -70.09 -32.39 -7.28
C TYR B 432 -69.08 -31.73 -6.34
N ARG B 433 -68.32 -32.54 -5.61
CA ARG B 433 -67.28 -32.07 -4.72
C ARG B 433 -66.02 -32.89 -4.91
N ILE B 434 -64.87 -32.23 -4.84
CA ILE B 434 -63.57 -32.88 -4.99
C ILE B 434 -62.66 -32.37 -3.88
N GLY B 435 -61.92 -33.29 -3.25
CA GLY B 435 -61.04 -32.93 -2.15
C GLY B 435 -59.75 -33.72 -2.20
N VAL B 436 -58.75 -33.19 -1.48
CA VAL B 436 -57.44 -33.80 -1.37
C VAL B 436 -57.20 -34.14 0.10
N ILE B 437 -56.40 -35.18 0.33
CA ILE B 437 -56.09 -35.64 1.68
C ILE B 437 -54.64 -36.10 1.71
N ASP B 438 -54.00 -35.90 2.87
CA ASP B 438 -52.61 -36.30 3.06
C ASP B 438 -52.53 -37.81 3.23
N ALA B 439 -51.31 -38.33 3.36
CA ALA B 439 -51.03 -39.74 3.57
C ALA B 439 -51.38 -40.21 4.97
N SER B 440 -52.06 -39.38 5.78
CA SER B 440 -52.47 -39.81 7.11
C SER B 440 -53.43 -40.98 7.07
N ASP B 441 -54.15 -41.16 5.95
CA ASP B 441 -55.03 -42.32 5.81
C ASP B 441 -54.22 -43.61 5.85
N ALA B 442 -53.33 -43.80 4.87
CA ALA B 442 -52.51 -45.01 4.76
C ALA B 442 -53.35 -46.27 4.84
N ASP B 443 -54.36 -46.33 3.97
CA ASP B 443 -55.35 -47.40 3.96
C ASP B 443 -56.05 -47.50 5.32
N VAL B 444 -56.40 -46.36 5.88
CA VAL B 444 -57.08 -46.18 7.16
C VAL B 444 -56.51 -47.14 8.22
N GLY B 445 -55.22 -47.43 8.10
CA GLY B 445 -54.58 -48.38 9.00
C GLY B 445 -54.27 -49.70 8.31
N GLY B 446 -53.00 -49.91 7.93
CA GLY B 446 -52.61 -51.12 7.25
C GLY B 446 -51.41 -50.94 6.35
N ASP B 447 -51.50 -51.44 5.12
CA ASP B 447 -50.41 -51.32 4.17
C ASP B 447 -50.21 -49.86 3.77
N GLY B 448 -48.97 -49.52 3.45
CA GLY B 448 -48.64 -48.15 3.07
C GLY B 448 -49.07 -47.79 1.67
N SER B 449 -50.38 -47.78 1.44
CA SER B 449 -50.94 -47.42 0.14
C SER B 449 -52.34 -46.89 0.33
N VAL B 450 -52.71 -45.89 -0.47
CA VAL B 450 -54.04 -45.27 -0.38
C VAL B 450 -54.98 -46.10 -1.23
N ASP B 451 -55.64 -47.07 -0.59
CA ASP B 451 -56.62 -47.93 -1.28
C ASP B 451 -57.82 -48.12 -0.36
N ASP B 452 -58.78 -47.19 -0.44
CA ASP B 452 -60.03 -47.20 0.30
C ASP B 452 -61.00 -46.25 -0.37
N SER B 453 -62.21 -46.17 0.19
CA SER B 453 -63.19 -45.15 -0.14
C SER B 453 -63.63 -44.55 1.20
N LEU B 454 -62.87 -43.57 1.67
CA LEU B 454 -63.09 -43.01 3.00
C LEU B 454 -64.44 -42.31 3.08
N THR B 455 -65.14 -42.53 4.19
CA THR B 455 -66.44 -41.91 4.40
C THR B 455 -66.25 -40.46 4.82
N THR B 456 -67.36 -39.78 5.17
CA THR B 456 -67.28 -38.38 5.56
C THR B 456 -66.46 -38.22 6.83
N SER B 457 -66.66 -39.09 7.82
CA SER B 457 -65.92 -38.99 9.06
C SER B 457 -64.43 -39.25 8.85
N GLU B 458 -64.09 -40.27 8.05
CA GLU B 458 -62.70 -40.59 7.82
C GLU B 458 -62.00 -39.50 7.02
N PHE B 459 -62.67 -38.95 6.01
CA PHE B 459 -62.05 -37.90 5.20
C PHE B 459 -61.85 -36.61 6.01
N THR B 460 -62.83 -36.27 6.85
CA THR B 460 -62.75 -35.03 7.63
C THR B 460 -61.78 -35.15 8.80
N SER B 461 -61.62 -36.36 9.36
CA SER B 461 -60.80 -36.52 10.55
C SER B 461 -59.36 -36.10 10.30
N GLY B 462 -58.79 -36.53 9.19
CA GLY B 462 -57.45 -36.12 8.83
C GLY B 462 -57.41 -34.74 8.22
N VAL B 463 -56.20 -34.28 7.95
CA VAL B 463 -56.02 -32.99 7.30
C VAL B 463 -56.44 -33.10 5.84
N SER B 464 -57.31 -32.20 5.40
CA SER B 464 -57.89 -32.28 4.07
C SER B 464 -58.56 -30.95 3.75
N SER B 465 -59.06 -30.84 2.54
CA SER B 465 -59.83 -29.68 2.10
C SER B 465 -60.57 -30.05 0.82
N SER B 466 -61.78 -29.52 0.67
CA SER B 466 -62.61 -29.80 -0.48
C SER B 466 -63.17 -28.51 -1.04
N ASN B 467 -63.45 -28.52 -2.34
CA ASN B 467 -64.01 -27.36 -3.03
C ASN B 467 -65.06 -27.81 -4.03
N SER B 468 -66.05 -26.96 -4.25
CA SER B 468 -67.16 -27.29 -5.13
C SER B 468 -66.74 -27.29 -6.59
N ILE B 469 -67.16 -28.31 -7.33
CA ILE B 469 -66.86 -28.45 -8.75
C ILE B 469 -68.12 -28.93 -9.46
N ARG B 470 -68.33 -28.41 -10.66
CA ARG B 470 -69.42 -28.87 -11.52
C ARG B 470 -68.88 -29.14 -12.92
N VAL B 471 -69.46 -30.14 -13.57
CA VAL B 471 -69.01 -30.57 -14.89
C VAL B 471 -69.97 -30.05 -15.93
N THR B 472 -69.42 -29.50 -17.02
CA THR B 472 -70.20 -28.92 -18.10
C THR B 472 -70.00 -29.88 -19.26
N ASP B 473 -71.03 -30.08 -20.08
CA ASP B 473 -70.92 -30.99 -21.26
C ASP B 473 -69.86 -30.50 -22.27
N GLN B 474 -69.53 -31.32 -23.27
CA GLN B 474 -68.48 -30.93 -24.29
C GLN B 474 -68.87 -29.75 -25.18
N ALA B 475 -67.95 -29.25 -26.03
CA ALA B 475 -68.22 -28.04 -26.87
C ALA B 475 -67.35 -28.01 -28.14
N LEU B 476 -67.68 -27.12 -29.10
CA LEU B 476 -66.92 -27.05 -30.39
C LEU B 476 -67.11 -25.72 -31.14
N THR B 477 -66.01 -25.02 -31.51
CA THR B 477 -66.03 -23.82 -32.32
C THR B 477 -65.12 -24.03 -33.53
N GLY B 478 -65.56 -23.54 -34.69
CA GLY B 478 -64.78 -23.71 -35.90
C GLY B 478 -64.97 -22.54 -36.84
N GLN B 479 -64.09 -22.46 -37.84
CA GLN B 479 -64.17 -21.40 -38.83
C GLN B 479 -63.46 -21.85 -40.10
N PHE B 480 -63.90 -21.29 -41.23
CA PHE B 480 -63.32 -21.55 -42.54
C PHE B 480 -63.00 -20.23 -43.21
N THR B 481 -61.79 -20.12 -43.75
CA THR B 481 -61.35 -18.88 -44.40
C THR B 481 -61.62 -18.99 -45.89
N THR B 482 -62.56 -18.20 -46.39
CA THR B 482 -62.89 -18.14 -47.81
C THR B 482 -62.60 -16.74 -48.32
N ILE B 483 -61.90 -16.65 -49.45
CA ILE B 483 -61.55 -15.34 -50.01
C ILE B 483 -62.80 -14.56 -50.39
N ASN B 484 -63.75 -15.23 -51.05
CA ASN B 484 -65.02 -14.60 -51.39
C ASN B 484 -66.17 -15.57 -51.23
N GLY B 485 -66.06 -16.52 -50.31
CA GLY B 485 -66.99 -17.63 -50.26
C GLY B 485 -66.65 -18.74 -51.23
N GLN B 486 -65.50 -18.67 -51.89
CA GLN B 486 -65.11 -19.63 -52.91
C GLN B 486 -63.63 -19.96 -52.76
N VAL B 487 -63.22 -21.06 -53.37
CA VAL B 487 -61.82 -21.44 -53.47
C VAL B 487 -61.45 -21.40 -54.95
N ALA B 488 -60.43 -20.60 -55.29
CA ALA B 488 -60.16 -20.33 -56.70
C ALA B 488 -59.56 -21.53 -57.42
N PRO B 489 -58.41 -22.08 -57.00
CA PRO B 489 -57.80 -23.18 -57.78
C PRO B 489 -58.51 -24.50 -57.52
N VAL B 490 -59.26 -24.96 -58.52
CA VAL B 490 -59.99 -26.22 -58.38
C VAL B 490 -59.00 -27.38 -58.28
N GLU B 491 -57.96 -27.37 -59.09
CA GLU B 491 -56.98 -28.46 -59.09
C GLU B 491 -56.31 -28.59 -57.72
N THR B 492 -55.89 -27.48 -57.13
CA THR B 492 -55.21 -27.47 -55.84
C THR B 492 -55.85 -26.39 -54.97
N GLY B 493 -56.88 -26.77 -54.21
CA GLY B 493 -57.52 -25.86 -53.31
C GLY B 493 -56.75 -25.71 -52.00
N THR B 494 -57.18 -24.75 -51.19
CA THR B 494 -56.52 -24.49 -49.92
C THR B 494 -57.47 -23.71 -49.01
N VAL B 495 -57.72 -24.24 -47.81
CA VAL B 495 -58.53 -23.57 -46.81
C VAL B 495 -57.80 -23.63 -45.48
N ASP B 496 -58.12 -22.67 -44.62
CA ASP B 496 -57.54 -22.56 -43.28
C ASP B 496 -58.64 -22.79 -42.26
N ILE B 497 -58.36 -23.63 -41.27
CA ILE B 497 -59.34 -23.97 -40.23
C ILE B 497 -58.75 -23.68 -38.86
N ASN B 498 -59.54 -23.05 -38.01
CA ASN B 498 -59.14 -22.78 -36.63
C ASN B 498 -60.40 -22.69 -35.77
N GLY B 499 -60.22 -22.92 -34.48
CA GLY B 499 -61.33 -22.87 -33.56
C GLY B 499 -60.92 -23.41 -32.20
N THR B 500 -61.92 -23.51 -31.32
CA THR B 500 -61.72 -24.00 -29.96
C THR B 500 -62.46 -25.33 -29.81
N ALA B 501 -61.72 -26.36 -29.41
CA ALA B 501 -62.27 -27.69 -29.15
C ALA B 501 -61.73 -28.14 -27.80
N SER B 502 -62.42 -27.75 -26.73
CA SER B 502 -61.96 -28.06 -25.38
C SER B 502 -62.40 -29.45 -24.98
N GLY B 503 -61.48 -30.22 -24.41
CA GLY B 503 -61.77 -31.55 -23.92
C GLY B 503 -61.61 -32.67 -24.94
N ALA B 504 -61.33 -32.34 -26.20
CA ALA B 504 -61.17 -33.33 -27.25
C ALA B 504 -59.69 -33.61 -27.50
N ASN B 505 -59.42 -34.77 -28.11
CA ASN B 505 -58.07 -35.16 -28.47
C ASN B 505 -57.77 -35.02 -29.95
N SER B 506 -58.78 -35.15 -30.80
CA SER B 506 -58.60 -34.98 -32.24
C SER B 506 -59.90 -34.49 -32.84
N VAL B 507 -59.80 -33.82 -33.98
CA VAL B 507 -60.94 -33.25 -34.69
C VAL B 507 -60.87 -33.66 -36.14
N LEU B 508 -61.99 -34.14 -36.68
CA LEU B 508 -62.07 -34.58 -38.06
C LEU B 508 -62.90 -33.60 -38.89
N VAL B 509 -62.42 -33.28 -40.08
CA VAL B 509 -63.10 -32.40 -41.01
C VAL B 509 -63.37 -33.15 -42.31
N ILE B 510 -64.56 -33.00 -42.86
CA ILE B 510 -64.98 -33.72 -44.05
C ILE B 510 -65.49 -32.74 -45.09
N PHE B 511 -65.15 -32.99 -46.35
CA PHE B 511 -65.63 -32.20 -47.48
C PHE B 511 -66.40 -33.10 -48.43
N VAL B 512 -67.61 -32.69 -48.80
CA VAL B 512 -68.43 -33.43 -49.74
C VAL B 512 -69.03 -32.46 -50.74
N ASP B 513 -69.08 -32.87 -52.01
CA ASP B 513 -69.58 -32.02 -53.08
C ASP B 513 -71.01 -32.42 -53.43
N GLU B 514 -71.54 -31.84 -54.51
CA GLU B 514 -72.89 -32.22 -54.94
C GLU B 514 -72.93 -33.61 -55.56
N ARG B 515 -71.85 -34.05 -56.20
CA ARG B 515 -71.84 -35.40 -56.76
C ARG B 515 -71.85 -36.44 -55.65
N GLY B 516 -71.03 -36.25 -54.62
CA GLY B 516 -70.94 -37.20 -53.54
C GLY B 516 -69.53 -37.62 -53.18
N ASN B 517 -68.52 -36.96 -53.74
CA ASN B 517 -67.14 -37.28 -53.40
C ASN B 517 -66.82 -36.74 -52.02
N VAL B 518 -65.99 -37.49 -51.28
CA VAL B 518 -65.70 -37.15 -49.89
C VAL B 518 -64.19 -37.09 -49.70
N ASN B 519 -63.74 -36.08 -48.97
CA ASN B 519 -62.35 -35.95 -48.53
C ASN B 519 -62.35 -35.67 -47.04
N TYR B 520 -61.44 -36.33 -46.32
CA TYR B 520 -61.38 -36.22 -44.87
C TYR B 520 -59.95 -36.00 -44.43
N GLN B 521 -59.81 -35.38 -43.26
CA GLN B 521 -58.51 -35.17 -42.62
C GLN B 521 -58.73 -34.98 -41.12
N GLU B 522 -57.84 -35.58 -40.33
CA GLU B 522 -57.88 -35.43 -38.89
C GLU B 522 -56.91 -34.33 -38.45
N VAL B 523 -57.28 -33.61 -37.41
CA VAL B 523 -56.50 -32.49 -36.89
C VAL B 523 -56.19 -32.75 -35.43
N SER B 524 -54.91 -32.72 -35.09
CA SER B 524 -54.48 -32.92 -33.70
C SER B 524 -54.63 -31.60 -32.95
N VAL B 525 -55.56 -31.56 -32.00
CA VAL B 525 -55.79 -30.36 -31.22
C VAL B 525 -54.79 -30.30 -30.08
N ASP B 526 -54.30 -29.09 -29.79
CA ASP B 526 -53.28 -28.91 -28.76
C ASP B 526 -53.89 -29.04 -27.36
N SER B 527 -53.05 -28.82 -26.35
CA SER B 527 -53.45 -29.07 -24.97
C SER B 527 -54.59 -28.15 -24.53
N ASP B 528 -54.49 -26.87 -24.86
CA ASP B 528 -55.50 -25.90 -24.41
C ASP B 528 -56.73 -25.86 -25.32
N GLY B 529 -56.92 -26.86 -26.17
CA GLY B 529 -58.09 -26.93 -27.01
C GLY B 529 -58.23 -25.81 -28.03
N THR B 530 -57.14 -25.47 -28.72
CA THR B 530 -57.16 -24.43 -29.75
C THR B 530 -56.46 -25.00 -30.99
N TYR B 531 -57.24 -25.65 -31.85
CA TYR B 531 -56.69 -26.28 -33.05
C TYR B 531 -56.62 -25.27 -34.19
N ASP B 532 -55.53 -25.32 -34.94
CA ASP B 532 -55.34 -24.43 -36.09
C ASP B 532 -54.52 -25.21 -37.13
N GLU B 533 -55.20 -25.71 -38.15
CA GLU B 533 -54.56 -26.41 -39.25
C GLU B 533 -54.67 -25.56 -40.51
N ASP B 534 -53.54 -25.34 -41.18
CA ASP B 534 -53.47 -24.40 -42.29
C ASP B 534 -53.08 -25.13 -43.58
N ASP B 535 -53.50 -24.56 -44.70
CA ASP B 535 -53.22 -25.07 -46.03
C ASP B 535 -53.72 -26.51 -46.21
N ILE B 536 -55.04 -26.66 -46.14
CA ILE B 536 -55.71 -27.94 -46.34
C ILE B 536 -56.16 -28.02 -47.78
N THR B 537 -55.63 -28.99 -48.52
CA THR B 537 -55.99 -29.17 -49.92
C THR B 537 -57.35 -29.85 -50.05
N VAL B 538 -58.08 -29.48 -51.09
CA VAL B 538 -59.38 -30.06 -51.40
C VAL B 538 -59.27 -30.72 -52.76
N GLY B 539 -59.53 -32.03 -52.82
CA GLY B 539 -59.43 -32.78 -54.05
C GLY B 539 -60.77 -33.18 -54.61
N LEU B 540 -61.74 -32.26 -54.54
CA LEU B 540 -63.08 -32.51 -55.02
C LEU B 540 -63.28 -31.85 -56.38
N THR B 541 -64.51 -31.94 -56.89
CA THR B 541 -64.84 -31.40 -58.20
C THR B 541 -65.45 -30.01 -58.08
N GLN B 542 -65.52 -29.33 -59.22
CA GLN B 542 -66.08 -27.99 -59.27
C GLN B 542 -67.58 -28.02 -58.93
N GLY B 543 -68.04 -26.97 -58.25
CA GLY B 543 -69.43 -26.88 -57.88
C GLY B 543 -69.64 -26.30 -56.50
N ARG B 544 -70.52 -26.91 -55.71
CA ARG B 544 -70.80 -26.49 -54.35
C ARG B 544 -70.34 -27.57 -53.39
N VAL B 545 -69.55 -27.18 -52.40
CA VAL B 545 -68.99 -28.09 -51.41
C VAL B 545 -69.40 -27.61 -50.03
N THR B 546 -70.01 -28.50 -49.25
CA THR B 546 -70.36 -28.22 -47.85
C THR B 546 -69.36 -28.93 -46.95
N ALA B 547 -69.00 -28.26 -45.86
CA ALA B 547 -67.96 -28.76 -44.96
C ALA B 547 -68.53 -28.99 -43.58
N HIS B 548 -68.05 -30.05 -42.93
CA HIS B 548 -68.42 -30.39 -41.57
C HIS B 548 -67.17 -30.65 -40.74
N ILE B 549 -67.27 -30.36 -39.46
CA ILE B 549 -66.21 -30.56 -38.48
C ILE B 549 -66.74 -31.54 -37.45
N LEU B 550 -66.07 -32.66 -37.30
CA LEU B 550 -66.47 -33.69 -36.35
C LEU B 550 -65.63 -33.65 -35.08
N SER B 551 -66.29 -33.99 -33.96
CA SER B 551 -65.67 -33.96 -32.65
C SER B 551 -66.36 -35.01 -31.79
N VAL B 552 -65.62 -36.01 -31.33
CA VAL B 552 -66.23 -37.00 -30.44
C VAL B 552 -66.59 -36.34 -29.12
N GLY B 553 -67.79 -36.62 -28.64
CA GLY B 553 -68.26 -36.00 -27.41
C GLY B 553 -67.71 -36.67 -26.17
N ARG B 554 -68.56 -36.76 -25.15
CA ARG B 554 -68.14 -37.36 -23.89
C ARG B 554 -67.85 -38.84 -24.05
N ASP B 555 -68.65 -39.56 -24.85
CA ASP B 555 -68.50 -41.00 -24.96
C ASP B 555 -67.20 -41.43 -25.65
N SER B 556 -66.52 -40.51 -26.33
CA SER B 556 -65.30 -40.82 -27.08
C SER B 556 -65.60 -41.91 -28.08
N ALA B 557 -66.81 -41.88 -28.61
CA ALA B 557 -67.32 -42.80 -29.61
C ALA B 557 -68.09 -41.98 -30.62
N ILE B 558 -68.09 -42.40 -31.89
CA ILE B 558 -68.84 -41.62 -32.85
C ILE B 558 -70.32 -41.83 -32.54
N GLY B 559 -70.96 -40.82 -31.95
CA GLY B 559 -72.37 -40.98 -31.62
C GLY B 559 -72.56 -42.12 -30.64
N ASP B 560 -73.40 -43.08 -31.04
CA ASP B 560 -73.67 -44.27 -30.24
C ASP B 560 -72.76 -45.45 -30.58
N GLY B 561 -71.81 -45.29 -31.50
CA GLY B 561 -71.04 -46.43 -31.92
C GLY B 561 -71.73 -47.35 -32.90
N SER B 562 -72.90 -46.96 -33.40
CA SER B 562 -73.68 -47.80 -34.31
C SER B 562 -73.38 -47.42 -35.76
N LEU B 563 -72.18 -47.84 -36.20
CA LEU B 563 -71.79 -47.68 -37.59
C LEU B 563 -72.46 -48.76 -38.44
N PRO B 564 -72.92 -48.43 -39.64
CA PRO B 564 -73.52 -49.47 -40.50
C PRO B 564 -72.56 -50.60 -40.85
N SER B 565 -71.27 -50.31 -40.96
CA SER B 565 -70.27 -51.32 -41.29
C SER B 565 -69.18 -51.48 -40.24
N GLY B 566 -69.10 -50.60 -39.26
CA GLY B 566 -68.08 -50.69 -38.24
C GLY B 566 -68.53 -51.46 -37.01
N PRO B 567 -67.60 -51.74 -36.10
CA PRO B 567 -67.95 -52.47 -34.88
C PRO B 567 -68.74 -51.63 -33.90
N SER B 568 -69.18 -52.24 -32.80
CA SER B 568 -69.97 -51.56 -31.79
C SER B 568 -69.06 -50.99 -30.71
N ASN B 569 -69.27 -49.72 -30.37
CA ASN B 569 -68.58 -48.97 -29.34
C ASN B 569 -67.10 -48.71 -29.67
N GLY B 570 -66.61 -49.19 -30.81
CA GLY B 570 -65.24 -48.91 -31.20
C GLY B 570 -65.19 -47.83 -32.28
N ALA B 571 -66.28 -47.10 -32.45
CA ALA B 571 -66.41 -46.10 -33.50
C ALA B 571 -65.65 -44.85 -33.10
N THR B 572 -64.41 -44.75 -33.55
CA THR B 572 -63.59 -43.57 -33.35
C THR B 572 -63.58 -42.73 -34.63
N LEU B 573 -62.79 -41.65 -34.62
CA LEU B 573 -62.66 -40.84 -35.82
C LEU B 573 -62.04 -41.64 -36.97
N ASN B 574 -61.01 -42.43 -36.67
CA ASN B 574 -60.40 -43.28 -37.70
C ASN B 574 -61.38 -44.34 -38.18
N ASP B 575 -62.19 -44.88 -37.27
CA ASP B 575 -63.18 -45.88 -37.67
C ASP B 575 -64.22 -45.29 -38.60
N LEU B 576 -64.64 -44.04 -38.36
CA LEU B 576 -65.64 -43.42 -39.22
C LEU B 576 -65.08 -43.15 -40.61
N THR B 577 -63.77 -42.98 -40.73
CA THR B 577 -63.16 -42.78 -42.04
C THR B 577 -63.38 -44.00 -42.94
N GLY B 578 -63.30 -45.21 -42.35
CA GLY B 578 -63.59 -46.40 -43.13
C GLY B 578 -65.01 -46.41 -43.65
N TYR B 579 -65.96 -45.88 -42.87
CA TYR B 579 -67.33 -45.76 -43.34
C TYR B 579 -67.45 -44.75 -44.47
N LEU B 580 -66.63 -43.69 -44.45
CA LEU B 580 -66.67 -42.70 -45.52
C LEU B 580 -66.22 -43.29 -46.84
N ASP B 581 -65.27 -44.23 -46.83
CA ASP B 581 -64.80 -44.84 -48.06
C ASP B 581 -65.92 -45.59 -48.77
N THR B 582 -66.90 -46.09 -48.03
CA THR B 582 -68.04 -46.76 -48.64
C THR B 582 -69.04 -45.78 -49.23
N LEU B 583 -69.07 -44.53 -48.74
CA LEU B 583 -70.06 -43.58 -49.21
C LEU B 583 -69.79 -43.15 -50.64
N ASP B 584 -68.55 -42.81 -50.95
CA ASP B 584 -68.23 -42.34 -52.31
C ASP B 584 -68.22 -43.49 -53.31
N GLN B 585 -67.93 -44.70 -52.87
CA GLN B 585 -67.93 -45.85 -53.78
C GLN B 585 -69.32 -46.08 -54.36
N ASN B 586 -70.35 -46.03 -53.52
CA ASN B 586 -71.72 -46.18 -54.00
C ASN B 586 -72.16 -44.91 -54.71
N ASN B 587 -73.02 -45.09 -55.73
CA ASN B 587 -73.53 -43.97 -56.50
C ASN B 587 -74.59 -43.24 -55.69
N ASN B 588 -74.13 -42.39 -54.78
CA ASN B 588 -74.99 -41.65 -53.88
C ASN B 588 -74.94 -40.16 -54.22
N ASN B 589 -76.09 -39.51 -54.14
CA ASN B 589 -76.16 -38.07 -54.33
C ASN B 589 -75.46 -37.34 -53.19
N GLY B 590 -74.86 -36.19 -53.52
CA GLY B 590 -74.20 -35.40 -52.50
C GLY B 590 -75.15 -34.94 -51.41
N GLU B 591 -76.39 -34.62 -51.80
CA GLU B 591 -77.40 -34.27 -50.80
C GLU B 591 -77.75 -35.44 -49.91
N GLN B 592 -77.72 -36.66 -50.47
CA GLN B 592 -77.97 -37.85 -49.68
C GLN B 592 -76.91 -38.03 -48.60
N ILE B 593 -75.66 -37.69 -48.91
CA ILE B 593 -74.60 -37.78 -47.92
C ILE B 593 -74.85 -36.84 -46.75
N ASN B 594 -75.39 -35.65 -47.03
CA ASN B 594 -75.73 -34.74 -45.94
C ASN B 594 -76.78 -35.34 -45.01
N GLU B 595 -77.80 -35.98 -45.58
CA GLU B 595 -78.79 -36.66 -44.76
C GLU B 595 -78.18 -37.83 -44.00
N LEU B 596 -77.32 -38.60 -44.66
CA LEU B 596 -76.74 -39.79 -44.04
C LEU B 596 -75.77 -39.40 -42.92
N ILE B 597 -74.90 -38.42 -43.17
CA ILE B 597 -73.88 -38.07 -42.18
C ILE B 597 -74.53 -37.53 -40.93
N ALA B 598 -75.50 -36.62 -41.08
CA ALA B 598 -76.19 -36.05 -39.92
C ALA B 598 -77.01 -37.10 -39.18
N SER B 599 -77.68 -38.00 -39.92
CA SER B 599 -78.57 -38.97 -39.29
C SER B 599 -77.79 -40.02 -38.52
N GLU B 600 -76.71 -40.54 -39.09
CA GLU B 600 -76.01 -41.66 -38.47
C GLU B 600 -75.18 -41.23 -37.26
N THR B 601 -74.74 -39.98 -37.22
CA THR B 601 -73.81 -39.52 -36.19
C THR B 601 -74.44 -38.53 -35.22
N VAL B 602 -75.19 -37.54 -35.70
CA VAL B 602 -75.69 -36.47 -34.85
C VAL B 602 -77.19 -36.59 -34.59
N ASP B 603 -77.98 -36.90 -35.62
CA ASP B 603 -79.44 -36.94 -35.45
C ASP B 603 -79.88 -38.05 -34.51
N GLU B 604 -79.05 -39.06 -34.28
CA GLU B 604 -79.40 -40.11 -33.32
C GLU B 604 -79.64 -39.50 -31.95
N THR B 605 -80.75 -39.89 -31.32
CA THR B 605 -81.16 -39.27 -30.07
C THR B 605 -80.21 -39.53 -28.91
N ALA B 606 -79.45 -40.61 -28.95
CA ALA B 606 -78.50 -40.94 -27.90
C ALA B 606 -77.10 -40.42 -28.18
N SER B 607 -76.91 -39.70 -29.28
CA SER B 607 -75.61 -39.18 -29.64
C SER B 607 -75.26 -37.94 -28.83
N ASP B 608 -73.97 -37.84 -28.48
CA ASP B 608 -73.44 -36.71 -27.75
C ASP B 608 -72.45 -35.88 -28.56
N ASP B 609 -72.14 -36.30 -29.78
CA ASP B 609 -71.14 -35.62 -30.58
C ASP B 609 -71.71 -34.34 -31.18
N LEU B 610 -70.83 -33.37 -31.44
CA LEU B 610 -71.21 -32.06 -31.94
C LEU B 610 -70.53 -31.80 -33.28
N ILE B 611 -71.23 -31.06 -34.16
CA ILE B 611 -70.67 -30.64 -35.44
C ILE B 611 -71.00 -29.17 -35.68
N VAL B 612 -70.27 -28.58 -36.62
CA VAL B 612 -70.55 -27.25 -37.12
C VAL B 612 -70.62 -27.35 -38.64
N THR B 613 -71.46 -26.51 -39.26
CA THR B 613 -71.70 -26.58 -40.69
C THR B 613 -71.23 -25.32 -41.39
N GLU B 614 -70.62 -25.48 -42.55
CA GLU B 614 -70.17 -24.36 -43.35
C GLU B 614 -70.16 -24.79 -44.82
N THR B 615 -70.47 -23.86 -45.71
CA THR B 615 -70.55 -24.17 -47.13
C THR B 615 -69.78 -23.13 -47.95
N PHE B 616 -69.27 -23.56 -49.10
CA PHE B 616 -68.59 -22.64 -50.00
C PHE B 616 -68.66 -23.20 -51.42
N ARG B 617 -68.82 -22.31 -52.39
CA ARG B 617 -68.91 -22.69 -53.79
C ARG B 617 -67.50 -22.87 -54.35
N LEU B 618 -67.15 -24.10 -54.71
CA LEU B 618 -65.84 -24.37 -55.31
C LEU B 618 -65.90 -23.98 -56.78
N ALA B 619 -65.30 -22.84 -57.11
CA ALA B 619 -65.30 -22.29 -58.45
C ALA B 619 -63.86 -22.20 -58.97
N GLU B 620 -63.69 -21.61 -60.15
CA GLU B 620 -62.34 -21.49 -60.74
C GLU B 620 -61.63 -20.25 -60.20
N SER B 621 -60.36 -20.06 -60.54
CA SER B 621 -59.56 -18.92 -60.00
C SER B 621 -60.09 -17.55 -60.47
N SER B 622 -60.03 -16.53 -59.61
CA SER B 622 -60.47 -15.17 -60.03
C SER B 622 -59.50 -14.08 -59.53
N THR B 623 -59.29 -13.03 -60.33
CA THR B 623 -58.44 -11.87 -59.94
C THR B 623 -58.91 -10.68 -60.77
N SER B 624 -59.34 -9.59 -60.13
CA SER B 624 -59.94 -8.48 -60.88
C SER B 624 -59.68 -7.19 -60.13
N ILE B 625 -59.76 -6.08 -60.86
CA ILE B 625 -59.61 -4.74 -60.30
C ILE B 625 -61.00 -4.14 -60.11
N ASP B 626 -61.27 -3.64 -58.90
CA ASP B 626 -62.59 -3.16 -58.54
C ASP B 626 -62.72 -1.65 -58.65
N SER B 627 -61.89 -0.90 -57.92
CA SER B 627 -62.02 0.54 -57.87
C SER B 627 -60.65 1.20 -57.93
N ILE B 628 -60.56 2.27 -58.72
CA ILE B 628 -59.37 3.11 -58.81
C ILE B 628 -59.81 4.56 -58.61
N TYR B 629 -59.17 5.25 -57.66
CA TYR B 629 -59.55 6.60 -57.30
C TYR B 629 -58.46 7.19 -56.41
N PRO B 630 -58.35 8.52 -56.36
CA PRO B 630 -57.31 9.14 -55.51
C PRO B 630 -57.66 9.08 -54.03
N ASP B 631 -56.86 9.75 -53.19
CA ASP B 631 -57.04 9.73 -51.75
C ASP B 631 -58.37 10.37 -51.31
N ALA B 632 -59.14 10.88 -52.27
CA ALA B 632 -60.44 11.46 -51.95
C ALA B 632 -61.43 10.35 -51.61
N ALA B 633 -62.67 10.76 -51.31
CA ALA B 633 -63.72 9.82 -50.93
C ALA B 633 -64.53 9.45 -52.16
N GLU B 634 -64.40 8.20 -52.61
CA GLU B 634 -65.15 7.71 -53.76
C GLU B 634 -65.10 6.18 -53.76
N ALA B 635 -66.21 5.57 -54.19
CA ALA B 635 -66.27 4.11 -54.26
C ALA B 635 -66.92 3.62 -55.54
N ALA B 636 -67.19 4.50 -56.51
CA ALA B 636 -67.80 4.08 -57.76
C ALA B 636 -66.90 3.12 -58.53
N GLY B 637 -65.61 3.42 -58.60
CA GLY B 637 -64.67 2.54 -59.27
C GLY B 637 -63.69 3.25 -60.18
N ILE B 638 -64.12 4.35 -60.81
CA ILE B 638 -63.30 5.10 -61.74
C ILE B 638 -63.30 6.57 -61.32
N ASN B 639 -62.12 7.18 -61.32
CA ASN B 639 -61.97 8.58 -60.96
C ASN B 639 -60.68 9.15 -61.54
N PRO B 640 -60.75 10.22 -62.32
CA PRO B 640 -59.52 10.86 -62.80
C PRO B 640 -58.64 11.31 -61.65
N VAL B 641 -57.33 11.14 -61.81
CA VAL B 641 -56.37 11.41 -60.75
C VAL B 641 -55.42 12.50 -61.22
N ALA B 642 -55.32 13.57 -60.42
CA ALA B 642 -54.37 14.63 -60.70
C ALA B 642 -52.97 14.21 -60.27
N THR B 643 -51.98 14.59 -61.07
CA THR B 643 -50.60 14.24 -60.76
C THR B 643 -50.13 14.97 -59.50
N GLY B 644 -49.22 14.33 -58.77
CA GLY B 644 -48.67 14.86 -57.55
C GLY B 644 -49.27 14.31 -56.27
N GLU B 645 -50.44 13.68 -56.36
CA GLU B 645 -51.10 13.09 -55.19
C GLU B 645 -51.21 11.57 -55.37
N THR B 646 -51.02 10.85 -54.29
CA THR B 646 -51.11 9.39 -54.35
C THR B 646 -52.54 8.95 -54.62
N MET B 647 -52.69 7.92 -55.44
CA MET B 647 -53.99 7.35 -55.76
C MET B 647 -54.01 5.88 -55.36
N VAL B 648 -55.14 5.44 -54.85
CA VAL B 648 -55.31 4.06 -54.38
C VAL B 648 -56.05 3.26 -55.44
N ILE B 649 -55.67 1.99 -55.57
CA ILE B 649 -56.35 1.05 -56.46
C ILE B 649 -56.76 -0.16 -55.64
N ALA B 650 -58.00 -0.60 -55.81
CA ALA B 650 -58.57 -1.69 -55.02
C ALA B 650 -59.10 -2.78 -55.95
N GLY B 651 -58.72 -4.03 -55.66
CA GLY B 651 -59.17 -5.15 -56.45
C GLY B 651 -59.52 -6.33 -55.57
N SER B 652 -60.12 -7.34 -56.19
CA SER B 652 -60.53 -8.56 -55.51
C SER B 652 -59.70 -9.74 -55.97
N THR B 653 -59.51 -10.71 -55.08
CA THR B 653 -58.74 -11.89 -55.38
C THR B 653 -59.23 -13.05 -54.52
N ASN B 654 -58.88 -14.25 -54.94
CA ASN B 654 -59.18 -15.46 -54.18
C ASN B 654 -57.94 -16.23 -53.76
N LEU B 655 -56.75 -15.72 -54.05
CA LEU B 655 -55.52 -16.42 -53.77
C LEU B 655 -55.19 -16.37 -52.28
N LYS B 656 -54.20 -17.17 -51.89
CA LYS B 656 -53.72 -17.13 -50.51
C LYS B 656 -53.10 -15.77 -50.21
N PRO B 657 -53.34 -15.21 -49.03
CA PRO B 657 -52.82 -13.87 -48.74
C PRO B 657 -51.31 -13.77 -48.77
N ASP B 658 -50.60 -14.81 -48.36
CA ASP B 658 -49.16 -14.75 -48.20
C ASP B 658 -48.39 -15.54 -49.25
N ASP B 659 -48.87 -16.73 -49.63
CA ASP B 659 -48.15 -17.56 -50.57
C ASP B 659 -48.15 -17.01 -52.00
N ASN B 660 -48.97 -16.01 -52.29
CA ASN B 660 -49.05 -15.43 -53.62
C ASN B 660 -48.86 -13.92 -53.52
N THR B 661 -48.85 -13.25 -54.68
CA THR B 661 -48.67 -11.81 -54.73
C THR B 661 -49.33 -11.28 -55.99
N ILE B 662 -49.61 -9.97 -55.97
CA ILE B 662 -50.21 -9.28 -57.10
C ILE B 662 -49.25 -8.18 -57.54
N SER B 663 -48.85 -8.23 -58.81
CA SER B 663 -47.93 -7.25 -59.39
C SER B 663 -48.69 -6.33 -60.33
N ILE B 664 -48.46 -5.03 -60.21
CA ILE B 664 -49.15 -4.04 -61.02
C ILE B 664 -48.20 -3.52 -62.09
N GLU B 665 -48.78 -2.95 -63.14
CA GLU B 665 -48.01 -2.27 -64.19
C GLU B 665 -48.79 -1.07 -64.69
N VAL B 666 -48.12 0.08 -64.73
CA VAL B 666 -48.70 1.32 -65.26
C VAL B 666 -47.88 1.73 -66.47
N THR B 667 -48.52 1.81 -67.64
CA THR B 667 -47.83 2.12 -68.89
C THR B 667 -48.54 3.24 -69.63
N ASN B 668 -47.76 4.03 -70.36
CA ASN B 668 -48.28 5.17 -71.11
C ASN B 668 -48.81 4.77 -72.47
N GLU B 669 -49.01 5.76 -73.34
CA GLU B 669 -49.61 5.53 -74.66
C GLU B 669 -48.73 4.69 -75.58
N ASP B 670 -47.43 4.55 -75.30
CA ASP B 670 -46.55 3.78 -76.17
C ASP B 670 -45.60 2.92 -75.32
N GLY B 671 -46.19 2.09 -74.46
CA GLY B 671 -45.45 1.06 -73.74
C GLY B 671 -44.24 1.53 -72.96
N THR B 672 -44.34 2.67 -72.29
CA THR B 672 -43.30 3.12 -71.36
C THR B 672 -43.87 2.90 -69.96
N SER B 673 -43.42 1.84 -69.29
CA SER B 673 -43.85 1.61 -67.92
C SER B 673 -43.29 2.70 -67.01
N VAL B 674 -44.12 3.14 -66.07
CA VAL B 674 -43.75 4.24 -65.18
C VAL B 674 -43.77 3.78 -63.72
N ALA B 675 -44.58 2.79 -63.41
CA ALA B 675 -44.75 2.34 -62.03
C ALA B 675 -44.84 0.83 -61.98
N LEU B 676 -44.43 0.27 -60.83
CA LEU B 676 -44.49 -1.17 -60.63
C LEU B 676 -44.48 -1.41 -59.13
N GLU B 677 -45.59 -1.92 -58.59
CA GLU B 677 -45.71 -2.22 -57.17
C GLU B 677 -46.34 -3.59 -56.99
N ASP B 678 -46.03 -4.21 -55.86
CA ASP B 678 -46.51 -5.55 -55.55
C ASP B 678 -46.98 -5.59 -54.11
N THR B 679 -48.00 -6.41 -53.86
CA THR B 679 -48.52 -6.66 -52.52
C THR B 679 -48.67 -8.15 -52.30
N ASP B 680 -48.38 -8.58 -51.08
CA ASP B 680 -48.49 -9.99 -50.70
C ASP B 680 -49.17 -10.11 -49.34
N GLU B 681 -50.16 -9.27 -49.09
CA GLU B 681 -50.91 -9.31 -47.84
C GLU B 681 -52.27 -8.68 -48.05
N TRP B 682 -53.30 -9.34 -47.52
CA TRP B 682 -54.67 -8.85 -47.53
C TRP B 682 -55.50 -9.73 -46.60
N ASN B 683 -56.46 -9.12 -45.92
CA ASN B 683 -57.27 -9.83 -44.95
C ASN B 683 -58.20 -10.81 -45.67
N ASN B 684 -58.93 -11.58 -44.87
CA ASN B 684 -59.86 -12.58 -45.40
C ASN B 684 -61.07 -11.97 -46.08
N ASP B 685 -61.15 -10.65 -46.20
CA ASP B 685 -62.22 -10.02 -46.97
C ASP B 685 -62.00 -10.11 -48.47
N GLY B 686 -60.77 -10.37 -48.90
CA GLY B 686 -60.45 -10.50 -50.31
C GLY B 686 -60.04 -9.22 -50.99
N GLN B 687 -60.11 -8.07 -50.31
CA GLN B 687 -59.78 -6.80 -50.91
C GLN B 687 -58.31 -6.47 -50.69
N TRP B 688 -57.66 -6.00 -51.75
CA TRP B 688 -56.26 -5.59 -51.69
C TRP B 688 -56.11 -4.21 -52.30
N MET B 689 -55.29 -3.36 -51.68
CA MET B 689 -55.06 -2.01 -52.13
C MET B 689 -53.58 -1.80 -52.41
N VAL B 690 -53.27 -1.11 -53.50
CA VAL B 690 -51.91 -0.86 -53.93
C VAL B 690 -51.72 0.64 -54.08
N GLU B 691 -50.63 1.17 -53.54
CA GLU B 691 -50.34 2.59 -53.54
C GLU B 691 -49.26 2.90 -54.57
N ILE B 692 -49.54 3.85 -55.47
CA ILE B 692 -48.57 4.34 -56.44
C ILE B 692 -48.61 5.86 -56.45
N ASP B 693 -47.44 6.47 -56.56
CA ASP B 693 -47.33 7.92 -56.56
C ASP B 693 -47.48 8.46 -57.97
N THR B 694 -47.99 9.69 -58.06
CA THR B 694 -48.18 10.40 -59.32
C THR B 694 -47.36 11.67 -59.38
N THR B 695 -46.14 11.62 -58.82
CA THR B 695 -45.30 12.80 -58.74
C THR B 695 -44.81 13.22 -60.13
N ASP B 696 -44.28 12.28 -60.91
CA ASP B 696 -43.70 12.56 -62.21
C ASP B 696 -44.61 12.16 -63.36
N PHE B 697 -45.88 11.86 -63.08
CA PHE B 697 -46.79 11.42 -64.12
C PHE B 697 -47.15 12.57 -65.06
N GLU B 698 -47.58 12.21 -66.26
CA GLU B 698 -47.99 13.17 -67.28
C GLU B 698 -49.45 12.94 -67.62
N THR B 699 -50.17 14.02 -67.90
CA THR B 699 -51.59 13.92 -68.18
C THR B 699 -51.84 13.12 -69.45
N GLY B 700 -52.95 12.39 -69.46
CA GLY B 700 -53.33 11.57 -70.59
C GLY B 700 -54.04 10.32 -70.11
N THR B 701 -53.90 9.24 -70.90
CA THR B 701 -54.50 7.96 -70.62
C THR B 701 -53.41 6.96 -70.26
N PHE B 702 -53.63 6.22 -69.16
CA PHE B 702 -52.64 5.30 -68.61
C PHE B 702 -53.31 3.96 -68.38
N THR B 703 -52.55 2.88 -68.59
CA THR B 703 -53.06 1.52 -68.54
C THR B 703 -52.57 0.84 -67.28
N VAL B 704 -53.49 0.25 -66.53
CA VAL B 704 -53.18 -0.45 -65.30
C VAL B 704 -53.35 -1.95 -65.54
N GLU B 705 -52.28 -2.71 -65.28
CA GLU B 705 -52.24 -4.13 -65.56
C GLU B 705 -51.83 -4.88 -64.29
N ALA B 706 -52.58 -5.93 -63.95
CA ALA B 706 -52.31 -6.72 -62.76
C ALA B 706 -52.34 -8.19 -63.12
N ASP B 707 -51.30 -8.93 -62.73
CA ASP B 707 -51.21 -10.35 -62.99
C ASP B 707 -50.69 -11.08 -61.75
N ASP B 708 -51.00 -12.39 -61.69
CA ASP B 708 -50.55 -13.23 -60.59
C ASP B 708 -50.14 -14.60 -61.09
N GLY B 709 -49.60 -14.67 -62.31
CA GLY B 709 -49.34 -15.95 -62.94
C GLY B 709 -50.55 -16.60 -63.57
N ASP B 710 -51.64 -15.85 -63.69
CA ASP B 710 -52.92 -16.37 -64.19
C ASP B 710 -53.51 -15.29 -65.10
N ASN B 711 -54.80 -15.38 -65.36
CA ASN B 711 -55.48 -14.41 -66.23
C ASN B 711 -55.26 -12.99 -65.73
N THR B 712 -54.97 -12.10 -66.68
CA THR B 712 -54.56 -10.73 -66.39
C THR B 712 -55.69 -9.77 -66.71
N ASP B 713 -55.97 -8.87 -65.77
CA ASP B 713 -56.98 -7.84 -65.94
C ASP B 713 -56.33 -6.50 -66.24
N THR B 714 -56.93 -5.75 -67.17
CA THR B 714 -56.44 -4.45 -67.58
C THR B 714 -57.54 -3.40 -67.44
N VAL B 715 -57.18 -2.23 -66.93
CA VAL B 715 -58.10 -1.12 -66.80
C VAL B 715 -57.37 0.16 -67.17
N ASN B 716 -58.11 1.11 -67.74
CA ASN B 716 -57.55 2.38 -68.19
C ASN B 716 -58.13 3.53 -67.38
N VAL B 717 -57.26 4.44 -66.96
CA VAL B 717 -57.67 5.62 -66.19
C VAL B 717 -57.05 6.85 -66.86
N GLU B 718 -57.74 7.98 -66.70
CA GLU B 718 -57.30 9.25 -67.27
C GLU B 718 -56.53 10.05 -66.24
N VAL B 719 -55.54 10.81 -66.72
CA VAL B 719 -54.71 11.66 -65.88
C VAL B 719 -54.89 13.09 -66.33
N VAL B 720 -55.18 13.98 -65.37
CA VAL B 720 -55.43 15.38 -65.64
C VAL B 720 -54.55 16.22 -64.73
N SER B 721 -54.26 17.45 -65.15
CA SER B 721 -53.47 18.35 -64.32
C SER B 721 -54.20 18.68 -63.03
N GLU B 722 -55.48 19.06 -63.12
CA GLU B 722 -56.31 19.34 -61.97
C GLU B 722 -57.71 18.82 -62.23
N ARG B 723 -58.37 18.41 -61.15
CA ARG B 723 -59.72 17.87 -61.25
C ARG B 723 -60.77 18.96 -60.98
N GLU B 724 -62.02 18.62 -61.26
CA GLU B 724 -63.15 19.51 -61.03
C GLU B 724 -63.81 19.15 -59.71
N ASP B 725 -64.01 20.15 -58.86
CA ASP B 725 -64.63 19.94 -57.56
C ASP B 725 -65.47 21.14 -57.13
N GLU C 1 -2.26 -56.45 10.82
CA GLU C 1 -0.83 -56.15 10.72
C GLU C 1 -0.63 -54.75 10.19
N ARG C 2 0.56 -54.47 9.67
CA ARG C 2 0.85 -53.19 9.03
C ARG C 2 1.13 -53.43 7.56
N GLY C 3 0.52 -52.62 6.71
CA GLY C 3 0.55 -52.81 5.28
C GLY C 3 -0.64 -53.56 4.74
N ASN C 4 -1.27 -54.38 5.59
CA ASN C 4 -2.53 -55.05 5.30
C ASN C 4 -3.42 -54.74 6.50
N LEU C 5 -4.10 -53.59 6.45
CA LEU C 5 -4.77 -53.05 7.62
C LEU C 5 -6.14 -53.69 7.84
N ASP C 6 -6.92 -53.88 6.77
CA ASP C 6 -8.24 -54.46 6.88
C ASP C 6 -8.21 -55.96 7.12
N ALA C 7 -7.05 -56.61 7.03
CA ALA C 7 -6.96 -58.04 7.26
C ALA C 7 -7.28 -58.42 8.70
N ASP C 8 -7.16 -57.48 9.64
CA ASP C 8 -7.47 -57.74 11.04
C ASP C 8 -8.62 -56.89 11.55
N SER C 9 -9.40 -56.31 10.62
CA SER C 9 -10.55 -55.48 10.96
C SER C 9 -10.16 -54.29 11.83
N GLU C 10 -8.94 -53.79 11.65
CA GLU C 10 -8.44 -52.65 12.40
C GLU C 10 -8.45 -51.41 11.52
N SER C 11 -8.81 -50.28 12.11
CA SER C 11 -8.79 -49.02 11.38
C SER C 11 -7.40 -48.38 11.32
N PHE C 12 -6.45 -48.90 12.10
CA PHE C 12 -5.10 -48.35 12.14
C PHE C 12 -4.20 -49.36 12.84
N ASN C 13 -2.89 -49.16 12.70
CA ASN C 13 -1.91 -49.89 13.48
C ASN C 13 -0.62 -49.09 13.48
N LYS C 14 0.07 -49.07 14.61
CA LYS C 14 1.28 -48.29 14.81
C LYS C 14 2.45 -49.17 15.26
N THR C 15 2.44 -50.44 14.87
CA THR C 15 3.52 -51.37 15.18
C THR C 15 4.40 -51.46 13.93
N ILE C 16 5.39 -50.58 13.85
CA ILE C 16 6.24 -50.49 12.68
C ILE C 16 7.34 -51.53 12.76
N GLN C 17 7.55 -52.24 11.66
CA GLN C 17 8.63 -53.22 11.53
C GLN C 17 9.73 -52.64 10.64
N SER C 18 10.88 -53.31 10.63
CA SER C 18 12.03 -52.82 9.89
C SER C 18 11.73 -52.77 8.40
N GLY C 19 12.14 -51.67 7.76
CA GLY C 19 11.97 -51.50 6.33
C GLY C 19 10.62 -50.97 5.89
N ASP C 20 9.69 -50.70 6.80
CA ASP C 20 8.37 -50.25 6.43
C ASP C 20 8.40 -48.75 6.12
N ARG C 21 7.23 -48.16 5.92
CA ARG C 21 7.11 -46.74 5.62
C ARG C 21 6.40 -46.03 6.75
N VAL C 22 6.74 -44.76 6.94
CA VAL C 22 6.18 -43.93 8.00
C VAL C 22 5.83 -42.58 7.39
N PHE C 23 4.72 -42.00 7.83
CA PHE C 23 4.22 -40.75 7.28
C PHE C 23 4.46 -39.61 8.25
N LEU C 24 4.15 -38.40 7.78
CA LEU C 24 4.56 -37.19 8.48
C LEU C 24 3.92 -37.07 9.85
N GLY C 25 2.61 -37.25 9.94
CA GLY C 25 1.92 -36.95 11.17
C GLY C 25 1.69 -38.10 12.13
N GLU C 26 2.39 -39.20 11.93
CA GLU C 26 2.13 -40.39 12.74
C GLU C 26 2.55 -40.16 14.19
N GLU C 27 2.10 -41.07 15.05
CA GLU C 27 2.46 -41.10 16.47
C GLU C 27 2.85 -42.55 16.77
N ILE C 28 4.14 -42.84 16.66
CA ILE C 28 4.61 -44.22 16.78
C ILE C 28 4.31 -44.77 18.18
N SER C 29 4.01 -46.06 18.23
CA SER C 29 3.77 -46.75 19.50
C SER C 29 5.06 -47.35 20.01
N THR C 30 5.37 -47.09 21.27
CA THR C 30 6.60 -47.53 21.91
C THR C 30 6.51 -48.95 22.44
N ASP C 31 5.48 -49.70 22.08
CA ASP C 31 5.33 -51.08 22.52
C ASP C 31 6.20 -51.97 21.64
N ALA C 32 5.96 -53.28 21.70
CA ALA C 32 6.77 -54.24 20.94
C ALA C 32 6.75 -53.90 19.45
N GLY C 33 7.93 -53.94 18.84
CA GLY C 33 8.15 -53.53 17.47
C GLY C 33 9.39 -52.67 17.39
N LEU C 34 9.46 -51.85 16.35
CA LEU C 34 10.56 -50.91 16.18
C LEU C 34 10.24 -49.57 16.84
N GLY C 35 9.79 -49.62 18.09
CA GLY C 35 9.54 -48.42 18.86
C GLY C 35 10.14 -48.51 20.24
N ALA C 36 10.58 -49.71 20.62
CA ALA C 36 11.29 -49.92 21.88
C ALA C 36 12.61 -50.64 21.63
N SER C 37 12.67 -51.43 20.55
CA SER C 37 13.90 -52.09 20.18
C SER C 37 14.91 -51.14 19.54
N ASN C 38 14.45 -50.01 19.00
CA ASN C 38 15.33 -49.08 18.30
C ASN C 38 14.65 -47.72 18.22
N PRO C 39 14.57 -46.97 19.34
CA PRO C 39 13.81 -45.71 19.31
C PRO C 39 14.53 -44.56 18.63
N LEU C 40 15.85 -44.63 18.46
CA LEU C 40 16.62 -43.53 17.91
C LEU C 40 17.01 -43.88 16.47
N LEU C 41 16.67 -43.02 15.53
CA LEU C 41 16.97 -43.24 14.13
C LEU C 41 17.60 -41.99 13.53
N THR C 42 18.49 -42.21 12.56
CA THR C 42 19.26 -41.15 11.92
C THR C 42 19.14 -41.27 10.42
N GLY C 43 19.26 -40.14 9.73
CA GLY C 43 19.10 -40.12 8.29
C GLY C 43 20.24 -40.80 7.55
N THR C 44 20.02 -41.05 6.26
CA THR C 44 20.95 -41.80 5.44
C THR C 44 21.60 -40.96 4.35
N ALA C 45 20.81 -40.33 3.48
CA ALA C 45 21.37 -39.61 2.35
C ALA C 45 20.48 -38.42 2.03
N GLY C 46 20.90 -37.65 1.04
CA GLY C 46 20.15 -36.48 0.60
C GLY C 46 20.08 -35.42 1.68
N ASN C 47 18.95 -34.72 1.71
CA ASN C 47 18.74 -33.70 2.74
C ASN C 47 18.51 -34.30 4.12
N SER C 48 18.26 -35.60 4.21
CA SER C 48 17.92 -36.23 5.48
C SER C 48 19.14 -36.79 6.22
N GLU C 49 20.30 -36.80 5.60
CA GLU C 49 21.48 -37.39 6.22
C GLU C 49 21.90 -36.56 7.44
N GLY C 50 22.25 -37.25 8.52
CA GLY C 50 22.62 -36.64 9.78
C GLY C 50 21.44 -36.29 10.66
N VAL C 51 20.33 -35.88 10.07
CA VAL C 51 19.14 -35.53 10.84
C VAL C 51 18.61 -36.76 11.55
N SER C 52 18.16 -36.56 12.79
CA SER C 52 17.65 -37.66 13.60
C SER C 52 16.13 -37.72 13.55
N LEU C 53 15.60 -38.92 13.78
CA LEU C 53 14.16 -39.16 13.81
C LEU C 53 13.83 -39.85 15.12
N ASP C 54 13.12 -39.14 16.00
CA ASP C 54 12.76 -39.66 17.31
C ASP C 54 11.42 -40.37 17.20
N LEU C 55 11.43 -41.70 17.24
CA LEU C 55 10.20 -42.47 17.13
C LEU C 55 9.37 -42.44 18.40
N SER C 56 9.98 -42.16 19.56
CA SER C 56 9.24 -42.09 20.80
C SER C 56 8.35 -40.87 20.90
N SER C 57 8.48 -39.93 19.97
CA SER C 57 7.70 -38.70 19.95
C SER C 57 6.97 -38.56 18.62
N PRO C 58 5.89 -37.79 18.58
CA PRO C 58 5.19 -37.54 17.32
C PRO C 58 6.10 -36.89 16.29
N ILE C 59 5.92 -37.26 15.03
CA ILE C 59 6.78 -36.82 13.94
C ILE C 59 6.28 -35.48 13.40
N PRO C 60 7.17 -34.49 13.23
CA PRO C 60 6.73 -33.19 12.70
C PRO C 60 6.27 -33.27 11.25
N GLN C 61 5.89 -32.13 10.67
CA GLN C 61 5.19 -32.11 9.39
C GLN C 61 5.80 -31.03 8.51
N THR C 62 5.09 -30.73 7.42
CA THR C 62 5.45 -29.75 6.40
C THR C 62 6.92 -29.79 5.97
N THR C 63 7.51 -30.99 5.96
CA THR C 63 8.86 -31.28 5.48
C THR C 63 9.95 -30.43 6.14
N GLU C 64 9.68 -29.87 7.31
CA GLU C 64 10.65 -29.12 8.10
C GLU C 64 10.97 -29.87 9.38
N ASN C 65 12.26 -29.88 9.72
CA ASN C 65 12.87 -30.60 10.84
C ASN C 65 12.79 -32.11 10.68
N GLN C 66 12.24 -32.63 9.60
CA GLN C 66 12.21 -34.07 9.33
C GLN C 66 12.20 -34.28 7.82
N PRO C 67 13.38 -34.27 7.20
CA PRO C 67 13.44 -34.42 5.75
C PRO C 67 13.01 -35.82 5.31
N LEU C 68 12.42 -35.86 4.12
CA LEU C 68 11.95 -37.14 3.57
C LEU C 68 13.12 -37.98 3.09
N GLY C 69 13.09 -39.26 3.41
CA GLY C 69 14.11 -40.17 2.94
C GLY C 69 14.22 -41.41 3.81
N THR C 70 15.14 -42.28 3.39
CA THR C 70 15.45 -43.48 4.14
C THR C 70 16.32 -43.14 5.35
N TYR C 71 16.07 -43.83 6.47
CA TYR C 71 16.75 -43.59 7.72
C TYR C 71 17.45 -44.85 8.20
N ASP C 72 18.74 -44.73 8.52
CA ASP C 72 19.48 -45.86 9.07
C ASP C 72 19.40 -45.88 10.59
N VAL C 73 20.05 -46.89 11.18
CA VAL C 73 20.36 -46.88 12.61
C VAL C 73 21.72 -46.24 12.84
N ASP C 74 22.60 -46.26 11.82
CA ASP C 74 23.96 -45.75 11.94
C ASP C 74 24.14 -44.42 11.24
N GLY C 75 23.20 -44.05 10.38
CA GLY C 75 23.33 -42.86 9.59
C GLY C 75 23.89 -43.20 8.23
N SER C 76 24.46 -42.19 7.59
CA SER C 76 25.11 -42.41 6.30
C SER C 76 26.31 -43.32 6.53
N GLY C 77 26.21 -44.58 6.18
CA GLY C 77 27.29 -45.50 6.45
C GLY C 77 27.24 -46.80 5.68
N SER C 78 27.81 -47.85 6.28
CA SER C 78 27.91 -49.16 5.65
C SER C 78 26.95 -50.16 6.24
N ALA C 79 25.94 -49.70 6.97
CA ALA C 79 24.97 -50.57 7.59
C ALA C 79 23.61 -50.34 6.95
N THR C 80 22.92 -51.44 6.65
CA THR C 80 21.54 -51.43 6.16
C THR C 80 20.78 -52.35 7.12
N THR C 81 20.28 -51.76 8.20
CA THR C 81 19.77 -52.43 9.39
C THR C 81 18.57 -51.60 9.86
N PRO C 82 17.86 -51.92 11.01
CA PRO C 82 16.49 -51.42 11.22
C PRO C 82 16.22 -50.02 10.69
N ASN C 83 15.08 -49.87 10.00
CA ASN C 83 14.99 -49.06 8.81
C ASN C 83 13.61 -48.42 8.72
N VAL C 84 13.57 -47.17 8.30
CA VAL C 84 12.33 -46.42 8.13
C VAL C 84 12.51 -45.48 6.95
N THR C 85 11.53 -45.45 6.06
CA THR C 85 11.43 -44.44 5.02
C THR C 85 10.24 -43.54 5.32
N LEU C 86 10.41 -42.25 5.09
CA LEU C 86 9.42 -41.26 5.49
C LEU C 86 8.80 -40.65 4.24
N LEU C 87 7.52 -40.90 4.03
CA LEU C 87 6.75 -40.38 2.91
C LEU C 87 5.87 -39.23 3.37
N ALA C 88 5.00 -38.77 2.49
CA ALA C 88 4.05 -37.73 2.82
C ALA C 88 2.61 -38.23 2.65
N PRO C 89 1.69 -37.82 3.52
CA PRO C 89 0.31 -38.27 3.38
C PRO C 89 -0.39 -37.49 2.29
N ARG C 90 -1.22 -38.19 1.52
CA ARG C 90 -1.82 -37.62 0.32
C ARG C 90 -3.18 -38.24 0.02
N ILE C 91 -4.10 -37.39 -0.43
CA ILE C 91 -5.34 -37.81 -1.07
C ILE C 91 -5.29 -37.27 -2.49
N THR C 92 -5.37 -38.17 -3.47
CA THR C 92 -5.16 -37.78 -4.87
C THR C 92 -6.48 -37.44 -5.56
N ASP C 93 -7.40 -38.39 -5.63
CA ASP C 93 -8.66 -38.20 -6.31
C ASP C 93 -9.80 -38.73 -5.45
N SER C 94 -10.96 -38.11 -5.58
CA SER C 94 -12.14 -38.52 -4.83
C SER C 94 -13.38 -38.02 -5.55
N GLU C 95 -14.42 -38.87 -5.60
CA GLU C 95 -15.61 -38.55 -6.35
C GLU C 95 -16.83 -39.13 -5.65
N ILE C 96 -18.00 -38.58 -5.99
CA ILE C 96 -19.28 -39.11 -5.56
C ILE C 96 -20.00 -39.61 -6.81
N LEU C 97 -20.36 -40.87 -6.81
CA LEU C 97 -20.95 -41.50 -8.00
C LEU C 97 -22.25 -42.21 -7.64
N THR C 98 -23.18 -42.17 -8.59
CA THR C 98 -24.49 -42.78 -8.45
C THR C 98 -24.38 -44.30 -8.63
N SER C 99 -25.47 -45.01 -8.35
CA SER C 99 -25.45 -46.47 -8.36
C SER C 99 -25.05 -47.06 -9.71
N SER C 100 -25.18 -46.30 -10.79
CA SER C 100 -24.79 -46.74 -12.12
C SER C 100 -23.78 -45.78 -12.74
N GLY C 101 -22.83 -45.31 -11.93
CA GLY C 101 -21.80 -44.41 -12.40
C GLY C 101 -22.31 -42.98 -12.54
N GLY C 102 -21.40 -42.10 -12.91
CA GLY C 102 -21.74 -40.71 -13.11
C GLY C 102 -21.40 -39.84 -11.91
N ASP C 103 -20.33 -39.05 -12.04
CA ASP C 103 -19.92 -38.18 -10.95
C ASP C 103 -20.99 -37.11 -10.69
N VAL C 104 -21.28 -36.87 -9.42
CA VAL C 104 -22.32 -35.92 -9.05
C VAL C 104 -21.80 -34.95 -8.00
N THR C 105 -20.48 -34.92 -7.81
CA THR C 105 -19.90 -34.01 -6.84
C THR C 105 -20.02 -32.57 -7.32
N GLY C 106 -20.24 -31.66 -6.36
CA GLY C 106 -20.34 -30.25 -6.68
C GLY C 106 -21.49 -29.89 -7.59
N SER C 107 -22.47 -30.77 -7.75
CA SER C 107 -23.60 -30.55 -8.64
C SER C 107 -24.88 -30.92 -7.92
N ALA C 108 -25.93 -30.14 -8.15
CA ALA C 108 -27.22 -30.43 -7.54
C ALA C 108 -27.81 -31.72 -8.09
N ILE C 109 -28.39 -32.52 -7.21
CA ILE C 109 -29.01 -33.79 -7.58
C ILE C 109 -30.40 -33.83 -6.98
N SER C 110 -31.28 -34.58 -7.66
CA SER C 110 -32.65 -34.73 -7.18
C SER C 110 -32.69 -35.55 -5.89
N SER C 111 -33.59 -35.16 -4.98
CA SER C 111 -33.71 -35.88 -3.72
C SER C 111 -34.17 -37.31 -3.93
N SER C 112 -35.02 -37.54 -4.94
CA SER C 112 -35.50 -38.88 -5.21
C SER C 112 -34.38 -39.81 -5.64
N ASP C 113 -33.48 -39.34 -6.50
CA ASP C 113 -32.39 -40.16 -7.01
C ASP C 113 -31.18 -40.19 -6.08
N ALA C 114 -31.14 -39.30 -5.09
CA ALA C 114 -30.01 -39.27 -4.15
C ALA C 114 -30.21 -40.27 -3.03
N GLY C 115 -30.43 -41.54 -3.38
CA GLY C 115 -30.67 -42.55 -2.37
C GLY C 115 -29.71 -43.72 -2.45
N ASN C 116 -28.85 -43.75 -3.47
CA ASN C 116 -27.88 -44.82 -3.62
C ASN C 116 -26.52 -44.23 -4.01
N LEU C 117 -26.15 -43.12 -3.39
CA LEU C 117 -24.88 -42.48 -3.70
C LEU C 117 -23.72 -43.26 -3.08
N TYR C 118 -22.53 -43.03 -3.63
CA TYR C 118 -21.31 -43.66 -3.15
C TYR C 118 -20.22 -42.61 -3.02
N VAL C 119 -19.29 -42.85 -2.09
CA VAL C 119 -18.15 -41.97 -1.87
C VAL C 119 -16.89 -42.81 -2.03
N ASN C 120 -15.99 -42.36 -2.90
CA ASN C 120 -14.74 -43.06 -3.18
C ASN C 120 -13.58 -42.07 -3.16
N ALA C 121 -12.39 -42.59 -2.88
CA ALA C 121 -11.21 -41.74 -2.81
C ALA C 121 -9.97 -42.61 -2.99
N ASP C 122 -8.88 -41.96 -3.38
CA ASP C 122 -7.56 -42.57 -3.41
C ASP C 122 -6.65 -41.81 -2.45
N TYR C 123 -6.00 -42.54 -1.56
CA TYR C 123 -5.13 -41.94 -0.56
C TYR C 123 -3.80 -42.67 -0.52
N ASN C 124 -2.76 -41.94 -0.15
CA ASN C 124 -1.41 -42.51 -0.09
C ASN C 124 -1.22 -43.41 1.11
N TYR C 125 -1.85 -43.09 2.24
CA TYR C 125 -1.62 -43.79 3.50
C TYR C 125 -2.62 -44.91 3.64
N GLU C 126 -2.30 -46.05 3.03
CA GLU C 126 -3.12 -47.25 3.19
C GLU C 126 -2.53 -48.24 4.16
N SER C 127 -1.21 -48.28 4.29
CA SER C 127 -0.58 -49.20 5.23
C SER C 127 -0.81 -48.76 6.68
N ALA C 128 -0.98 -47.47 6.91
CA ALA C 128 -1.03 -46.92 8.26
C ALA C 128 -2.46 -46.77 8.78
N GLU C 129 -3.26 -45.93 8.13
CA GLU C 129 -4.58 -45.57 8.65
C GLU C 129 -5.60 -45.49 7.52
N LYS C 130 -6.81 -45.97 7.79
CA LYS C 130 -7.90 -45.76 6.87
C LYS C 130 -8.37 -44.31 6.94
N VAL C 131 -9.22 -43.92 5.99
CA VAL C 131 -9.73 -42.55 5.90
C VAL C 131 -11.21 -42.56 6.23
N GLU C 132 -11.62 -41.64 7.10
CA GLU C 132 -12.99 -41.56 7.59
C GLU C 132 -13.83 -40.69 6.66
N VAL C 133 -15.14 -40.94 6.68
CA VAL C 133 -16.10 -40.12 5.96
C VAL C 133 -17.09 -39.56 6.98
N THR C 134 -17.36 -38.26 6.89
CA THR C 134 -18.24 -37.58 7.82
C THR C 134 -19.12 -36.62 7.04
N VAL C 135 -20.41 -36.94 6.92
CA VAL C 135 -21.35 -36.07 6.22
C VAL C 135 -21.80 -34.98 7.18
N GLU C 136 -21.80 -33.73 6.70
CA GLU C 136 -22.17 -32.58 7.50
C GLU C 136 -23.29 -31.82 6.81
N ASP C 137 -24.34 -31.50 7.57
CA ASP C 137 -25.42 -30.70 7.03
C ASP C 137 -24.98 -29.26 6.86
N PRO C 138 -25.72 -28.47 6.08
CA PRO C 138 -25.36 -27.04 5.94
C PRO C 138 -25.35 -26.30 7.27
N SER C 139 -26.13 -26.75 8.25
CA SER C 139 -26.07 -26.16 9.58
C SER C 139 -24.77 -26.51 10.30
N GLY C 140 -24.07 -27.56 9.87
CA GLY C 140 -22.81 -27.93 10.48
C GLY C 140 -22.94 -28.95 11.60
N THR C 141 -23.61 -30.06 11.34
CA THR C 141 -23.79 -31.10 12.34
C THR C 141 -23.54 -32.46 11.72
N ASP C 142 -22.93 -33.34 12.50
CA ASP C 142 -22.58 -34.68 12.03
C ASP C 142 -23.85 -35.52 11.86
N ILE C 143 -24.23 -35.78 10.62
CA ILE C 143 -25.39 -36.60 10.31
C ILE C 143 -24.98 -37.95 9.72
N THR C 144 -23.73 -38.37 9.97
CA THR C 144 -23.20 -39.55 9.32
C THR C 144 -23.99 -40.81 9.68
N ASN C 145 -24.33 -40.97 10.97
CA ASN C 145 -25.01 -42.18 11.39
C ASN C 145 -26.41 -42.29 10.80
N GLU C 146 -27.03 -41.17 10.45
CA GLU C 146 -28.35 -41.22 9.84
C GLU C 146 -28.30 -41.67 8.39
N VAL C 147 -27.28 -41.23 7.65
CA VAL C 147 -27.21 -41.48 6.20
C VAL C 147 -26.35 -42.68 5.84
N LEU C 148 -25.60 -43.24 6.80
CA LEU C 148 -24.72 -44.36 6.48
C LEU C 148 -25.54 -45.57 6.06
N SER C 149 -25.02 -46.30 5.07
CA SER C 149 -25.69 -47.49 4.54
C SER C 149 -24.85 -48.75 4.62
N GLY C 150 -23.52 -48.64 4.59
CA GLY C 150 -22.68 -49.82 4.66
C GLY C 150 -21.21 -49.45 4.58
N THR C 151 -20.38 -50.50 4.58
CA THR C 151 -18.93 -50.43 4.45
C THR C 151 -18.27 -49.91 5.72
N ASP C 152 -19.08 -49.49 6.70
CA ASP C 152 -18.60 -49.12 8.03
C ASP C 152 -17.67 -47.89 7.99
N THR C 153 -18.05 -46.89 7.18
CA THR C 153 -17.45 -45.57 7.22
C THR C 153 -16.01 -45.56 6.72
N PHE C 154 -15.46 -46.75 6.45
CA PHE C 154 -14.09 -46.88 5.97
C PHE C 154 -14.11 -47.16 4.47
N VAL C 155 -13.39 -46.35 3.71
CA VAL C 155 -13.26 -46.53 2.26
C VAL C 155 -11.83 -46.95 1.96
N ASP C 156 -11.69 -47.97 1.12
CA ASP C 156 -10.40 -48.55 0.82
C ASP C 156 -9.65 -47.72 -0.22
N ASP C 157 -8.37 -48.03 -0.39
CA ASP C 157 -7.58 -47.40 -1.44
C ASP C 157 -8.01 -47.94 -2.80
N GLY C 158 -7.75 -47.15 -3.83
CA GLY C 158 -8.28 -47.50 -5.14
C GLY C 158 -9.78 -47.41 -5.14
N SER C 159 -10.42 -48.38 -5.80
CA SER C 159 -11.87 -48.54 -5.78
C SER C 159 -12.61 -47.31 -6.31
N ILE C 160 -11.97 -46.50 -7.13
CA ILE C 160 -12.67 -45.41 -7.80
C ILE C 160 -13.43 -45.96 -8.99
N GLY C 161 -14.70 -45.59 -9.10
CA GLY C 161 -15.60 -46.20 -10.07
C GLY C 161 -16.35 -47.40 -9.56
N SER C 162 -16.23 -47.73 -8.28
CA SER C 162 -16.94 -48.87 -7.70
C SER C 162 -18.38 -48.45 -7.43
N THR C 163 -19.32 -49.04 -8.17
CA THR C 163 -20.73 -48.71 -8.05
C THR C 163 -21.47 -49.65 -7.09
N SER C 164 -20.77 -50.59 -6.46
CA SER C 164 -21.40 -51.55 -5.57
C SER C 164 -20.73 -51.52 -4.22
N SER C 165 -21.49 -51.88 -3.18
CA SER C 165 -20.97 -51.92 -1.83
C SER C 165 -19.93 -53.02 -1.63
N THR C 166 -19.81 -53.96 -2.56
CA THR C 166 -18.81 -55.01 -2.44
C THR C 166 -17.40 -54.43 -2.47
N GLY C 167 -17.15 -53.47 -3.36
CA GLY C 167 -15.86 -52.82 -3.40
C GLY C 167 -15.72 -51.74 -2.36
N GLY C 168 -14.52 -51.17 -2.27
CA GLY C 168 -14.28 -50.10 -1.32
C GLY C 168 -15.11 -48.87 -1.67
N GLY C 169 -15.63 -48.23 -0.64
CA GLY C 169 -16.46 -47.05 -0.80
C GLY C 169 -17.67 -47.18 0.10
N VAL C 170 -18.16 -46.04 0.59
CA VAL C 170 -19.28 -46.01 1.52
C VAL C 170 -20.48 -45.43 0.80
N GLY C 171 -21.64 -46.05 1.01
CA GLY C 171 -22.89 -45.57 0.45
C GLY C 171 -23.66 -44.72 1.45
N ILE C 172 -24.21 -43.61 0.97
CA ILE C 172 -25.00 -42.70 1.78
C ILE C 172 -26.36 -42.54 1.14
N ASP C 173 -27.41 -42.61 1.96
CA ASP C 173 -28.79 -42.46 1.49
C ASP C 173 -29.24 -41.08 1.93
N MET C 174 -28.99 -40.09 1.08
CA MET C 174 -29.30 -38.70 1.34
C MET C 174 -30.69 -38.30 0.84
N SER C 175 -31.56 -39.28 0.59
CA SER C 175 -32.90 -39.00 0.09
C SER C 175 -33.79 -38.38 1.17
N ASP C 176 -33.64 -38.83 2.41
CA ASP C 176 -34.54 -38.38 3.47
C ASP C 176 -34.25 -36.95 3.89
N GLN C 177 -33.01 -36.50 3.75
CA GLN C 177 -32.67 -35.14 4.18
C GLN C 177 -33.32 -34.11 3.26
N ASP C 178 -33.49 -32.90 3.80
CA ASP C 178 -34.14 -31.83 3.07
C ASP C 178 -33.21 -31.27 2.01
N ALA C 179 -33.68 -30.24 1.32
CA ALA C 179 -32.88 -29.61 0.26
C ALA C 179 -31.84 -28.68 0.86
N GLY C 180 -30.63 -28.76 0.34
CA GLY C 180 -29.54 -27.93 0.81
C GLY C 180 -28.23 -28.40 0.22
N GLU C 181 -27.17 -27.67 0.59
CA GLU C 181 -25.83 -27.97 0.13
C GLU C 181 -25.06 -28.61 1.27
N TYR C 182 -24.54 -29.82 1.02
CA TYR C 182 -23.93 -30.64 2.05
C TYR C 182 -22.46 -30.86 1.74
N THR C 183 -21.67 -31.07 2.80
CA THR C 183 -20.22 -31.24 2.66
C THR C 183 -19.83 -32.59 3.23
N ILE C 184 -19.15 -33.40 2.43
CA ILE C 184 -18.60 -34.68 2.86
C ILE C 184 -17.14 -34.46 3.20
N ILE C 185 -16.74 -34.90 4.40
CA ILE C 185 -15.41 -34.65 4.93
C ILE C 185 -14.66 -35.97 4.99
N LEU C 186 -13.48 -36.01 4.37
CA LEU C 186 -12.60 -37.17 4.40
C LEU C 186 -11.32 -36.81 5.14
N GLU C 187 -10.91 -37.67 6.07
CA GLU C 187 -9.68 -37.46 6.82
C GLU C 187 -9.24 -38.78 7.41
N GLY C 188 -7.99 -38.83 7.83
CA GLY C 188 -7.43 -40.06 8.36
C GLY C 188 -8.10 -40.50 9.63
N ALA C 189 -7.88 -41.77 9.96
CA ALA C 189 -8.53 -42.37 11.12
C ALA C 189 -8.08 -41.70 12.42
N GLU C 190 -6.77 -41.63 12.63
CA GLU C 190 -6.24 -41.10 13.88
C GLU C 190 -5.44 -39.82 13.70
N ASP C 191 -4.41 -39.81 12.86
CA ASP C 191 -3.42 -38.75 12.89
C ASP C 191 -3.33 -37.97 11.58
N LEU C 192 -3.49 -38.62 10.44
CA LEU C 192 -3.25 -37.99 9.15
C LEU C 192 -4.54 -37.30 8.69
N ASP C 193 -4.79 -36.12 9.28
CA ASP C 193 -5.98 -35.33 8.94
C ASP C 193 -5.66 -33.89 8.59
N PHE C 194 -4.38 -33.53 8.51
CA PHE C 194 -3.99 -32.15 8.21
C PHE C 194 -4.06 -31.90 6.70
N GLY C 195 -3.49 -30.77 6.28
CA GLY C 195 -3.53 -30.41 4.87
C GLY C 195 -2.92 -31.47 3.98
N ASP C 196 -3.49 -31.62 2.79
CA ASP C 196 -3.13 -32.59 1.76
C ASP C 196 -3.47 -34.01 2.15
N ALA C 197 -3.94 -34.24 3.37
CA ALA C 197 -4.42 -35.54 3.79
C ALA C 197 -5.92 -35.57 4.03
N THR C 198 -6.59 -34.43 3.90
CA THR C 198 -8.04 -34.34 4.05
C THR C 198 -8.63 -33.55 2.89
N GLU C 199 -9.86 -33.90 2.51
CA GLU C 199 -10.54 -33.23 1.43
C GLU C 199 -12.02 -33.12 1.74
N THR C 200 -12.62 -31.98 1.39
CA THR C 200 -14.04 -31.73 1.60
C THR C 200 -14.73 -31.77 0.24
N MET C 201 -15.58 -32.77 0.03
CA MET C 201 -16.37 -32.88 -1.18
C MET C 201 -17.79 -32.37 -0.92
N THR C 202 -18.20 -31.37 -1.69
CA THR C 202 -19.49 -30.73 -1.48
C THR C 202 -20.57 -31.45 -2.28
N LEU C 203 -21.82 -31.24 -1.88
CA LEU C 203 -22.95 -31.87 -2.56
C LEU C 203 -24.19 -31.03 -2.33
N THR C 204 -24.96 -30.80 -3.38
CA THR C 204 -26.16 -29.97 -3.33
C THR C 204 -27.39 -30.84 -3.50
N ILE C 205 -28.34 -30.69 -2.59
CA ILE C 205 -29.63 -31.38 -2.63
C ILE C 205 -30.72 -30.34 -2.82
N SER C 206 -31.58 -30.55 -3.80
CA SER C 206 -32.64 -29.61 -4.10
C SER C 206 -33.78 -30.36 -4.79
N SER C 207 -34.93 -29.69 -4.89
CA SER C 207 -36.07 -30.25 -5.58
C SER C 207 -35.71 -30.51 -7.04
N GLN C 208 -36.27 -31.59 -7.59
CA GLN C 208 -35.90 -32.02 -8.93
C GLN C 208 -36.45 -31.05 -9.97
N ASP C 209 -35.63 -30.11 -10.44
CA ASP C 209 -36.14 -29.25 -11.54
C ASP C 209 -36.29 -30.13 -12.80
N GLU C 210 -37.49 -30.16 -13.41
CA GLU C 210 -37.74 -30.99 -14.63
C GLU C 210 -36.81 -30.52 -15.75
N ILE C 211 -36.66 -31.31 -16.82
CA ILE C 211 -35.67 -30.87 -17.81
C ILE C 211 -36.02 -29.48 -18.30
N GLY C 212 -35.04 -28.59 -18.26
CA GLY C 212 -35.20 -27.21 -18.72
C GLY C 212 -34.41 -26.97 -19.99
N ILE C 213 -35.01 -26.24 -20.92
CA ILE C 213 -34.40 -25.96 -22.22
C ILE C 213 -34.50 -24.46 -22.47
N GLU C 214 -33.41 -23.86 -22.94
CA GLU C 214 -33.38 -22.45 -23.26
C GLU C 214 -32.65 -22.22 -24.57
N LEU C 215 -32.98 -21.13 -25.24
CA LEU C 215 -32.36 -20.75 -26.50
C LEU C 215 -31.73 -19.37 -26.37
N ASP C 216 -30.57 -19.20 -26.98
CA ASP C 216 -29.91 -17.90 -26.99
C ASP C 216 -30.71 -16.85 -27.74
N SER C 217 -31.65 -17.26 -28.59
CA SER C 217 -32.52 -16.34 -29.30
C SER C 217 -33.84 -17.04 -29.62
N GLU C 218 -34.92 -16.28 -29.64
CA GLU C 218 -36.24 -16.79 -29.99
C GLU C 218 -36.73 -16.34 -31.36
N SER C 219 -36.41 -15.12 -31.77
CA SER C 219 -36.80 -14.60 -33.08
C SER C 219 -35.57 -14.60 -33.98
N VAL C 220 -35.51 -15.55 -34.92
CA VAL C 220 -34.40 -15.69 -35.83
C VAL C 220 -34.95 -15.89 -37.24
N THR C 221 -34.06 -15.72 -38.22
CA THR C 221 -34.38 -15.94 -39.62
C THR C 221 -33.81 -17.29 -40.06
N GLN C 222 -34.07 -17.64 -41.32
CA GLN C 222 -33.51 -18.88 -41.86
C GLN C 222 -32.00 -18.77 -41.97
N GLY C 223 -31.33 -19.92 -41.94
CA GLY C 223 -29.89 -19.98 -42.03
C GLY C 223 -29.15 -19.70 -40.75
N THR C 224 -29.75 -18.96 -39.82
CA THR C 224 -29.10 -18.61 -38.57
C THR C 224 -29.15 -19.80 -37.61
N ASP C 225 -27.97 -20.32 -37.26
CA ASP C 225 -27.90 -21.43 -36.32
C ASP C 225 -28.27 -20.97 -34.92
N VAL C 226 -29.00 -21.82 -34.19
CA VAL C 226 -29.46 -21.53 -32.85
C VAL C 226 -28.94 -22.63 -31.92
N GLN C 227 -28.36 -22.23 -30.79
CA GLN C 227 -27.82 -23.15 -29.81
C GLN C 227 -28.84 -23.39 -28.71
N TYR C 228 -29.17 -24.66 -28.46
CA TYR C 228 -30.12 -25.04 -27.42
C TYR C 228 -29.38 -25.78 -26.31
N THR C 229 -29.74 -25.48 -25.07
CA THR C 229 -29.11 -26.06 -23.89
C THR C 229 -30.14 -26.86 -23.11
N VAL C 230 -29.75 -28.07 -22.69
CA VAL C 230 -30.55 -28.91 -21.81
C VAL C 230 -30.06 -28.71 -20.39
N THR C 231 -30.98 -28.53 -19.46
CA THR C 231 -30.65 -28.11 -18.10
C THR C 231 -31.33 -29.04 -17.09
N ASN C 232 -30.64 -29.25 -15.97
CA ASN C 232 -31.17 -30.01 -14.83
C ASN C 232 -31.50 -31.45 -15.24
N GLY C 233 -30.45 -32.18 -15.63
CA GLY C 233 -30.58 -33.58 -15.96
C GLY C 233 -29.55 -34.41 -15.22
N ILE C 234 -29.84 -35.70 -15.10
CA ILE C 234 -28.94 -36.61 -14.41
C ILE C 234 -27.71 -36.85 -15.26
N ASP C 235 -26.53 -36.72 -14.66
CA ASP C 235 -25.29 -36.81 -15.40
C ASP C 235 -25.07 -38.22 -15.91
N GLY C 236 -24.47 -38.33 -17.09
CA GLY C 236 -24.11 -39.62 -17.63
C GLY C 236 -25.21 -40.35 -18.37
N ASN C 237 -26.37 -39.73 -18.56
CA ASN C 237 -27.49 -40.35 -19.23
C ASN C 237 -27.83 -39.59 -20.51
N GLU C 238 -28.43 -40.31 -21.46
CA GLU C 238 -28.60 -39.82 -22.82
C GLU C 238 -30.04 -39.33 -23.00
N HIS C 239 -30.19 -38.02 -23.20
CA HIS C 239 -31.49 -37.46 -23.56
C HIS C 239 -31.72 -37.59 -25.06
N VAL C 240 -32.93 -37.28 -25.49
CA VAL C 240 -33.29 -37.27 -26.91
C VAL C 240 -34.08 -36.00 -27.18
N VAL C 241 -33.57 -35.16 -28.09
CA VAL C 241 -34.26 -33.96 -28.52
C VAL C 241 -34.88 -34.25 -29.88
N ALA C 242 -36.19 -34.07 -29.99
CA ALA C 242 -36.94 -34.48 -31.17
C ALA C 242 -37.34 -33.28 -32.02
N MET C 243 -37.52 -33.54 -33.31
CA MET C 243 -37.90 -32.52 -34.28
C MET C 243 -39.02 -33.07 -35.14
N ASP C 244 -40.18 -32.42 -35.07
CA ASP C 244 -41.33 -32.86 -35.86
C ASP C 244 -41.13 -32.53 -37.33
N LEU C 245 -41.30 -33.53 -38.19
CA LEU C 245 -41.07 -33.36 -39.61
C LEU C 245 -42.12 -32.48 -40.27
N SER C 246 -43.24 -32.19 -39.60
CA SER C 246 -44.22 -31.28 -40.16
C SER C 246 -43.69 -29.86 -40.27
N ASP C 247 -42.81 -29.47 -39.34
CA ASP C 247 -42.20 -28.15 -39.40
C ASP C 247 -41.15 -28.05 -40.50
N LEU C 248 -40.68 -29.19 -41.02
CA LEU C 248 -39.70 -29.19 -42.09
C LEU C 248 -40.32 -28.67 -43.39
N GLN C 249 -39.46 -28.12 -44.24
CA GLN C 249 -39.91 -27.68 -45.55
C GLN C 249 -40.31 -28.89 -46.40
N ASN C 250 -41.37 -28.71 -47.19
CA ASN C 250 -41.93 -29.84 -47.94
C ASN C 250 -40.97 -30.35 -49.01
N ASP C 251 -40.16 -29.47 -49.60
CA ASP C 251 -39.26 -29.83 -50.68
C ASP C 251 -37.92 -30.36 -50.18
N ALA C 252 -37.85 -30.81 -48.95
CA ALA C 252 -36.62 -31.36 -48.41
C ALA C 252 -36.44 -32.81 -48.85
N THR C 253 -35.20 -33.27 -48.78
CA THR C 253 -34.83 -34.63 -49.15
C THR C 253 -34.41 -35.42 -47.91
N THR C 254 -34.04 -36.68 -48.13
CA THR C 254 -33.63 -37.54 -47.03
C THR C 254 -32.35 -37.03 -46.39
N GLU C 255 -31.34 -36.75 -47.21
CA GLU C 255 -30.09 -36.20 -46.69
C GLU C 255 -30.27 -34.78 -46.19
N GLN C 256 -31.32 -34.08 -46.61
CA GLN C 256 -31.55 -32.71 -46.19
C GLN C 256 -32.16 -32.63 -44.79
N ALA C 257 -32.75 -33.72 -44.30
CA ALA C 257 -33.39 -33.72 -43.00
C ALA C 257 -32.49 -34.25 -41.89
N LYS C 258 -31.41 -34.96 -42.24
CA LYS C 258 -30.51 -35.52 -41.25
C LYS C 258 -29.49 -34.52 -40.75
N GLU C 259 -29.52 -33.28 -41.25
CA GLU C 259 -28.57 -32.25 -40.83
C GLU C 259 -29.25 -31.09 -40.13
N VAL C 260 -30.47 -31.30 -39.61
CA VAL C 260 -31.13 -30.25 -38.85
C VAL C 260 -30.39 -30.01 -37.53
N PHE C 261 -30.01 -31.08 -36.85
CA PHE C 261 -29.21 -31.01 -35.63
C PHE C 261 -27.74 -31.20 -35.98
N ARG C 262 -26.89 -30.35 -35.43
CA ARG C 262 -25.46 -30.43 -35.67
C ARG C 262 -24.78 -31.29 -34.60
N ASN C 263 -23.57 -31.74 -34.93
CA ASN C 263 -22.73 -32.46 -33.96
C ASN C 263 -22.08 -31.52 -32.95
N ILE C 264 -22.47 -30.24 -32.96
CA ILE C 264 -21.93 -29.29 -32.00
C ILE C 264 -22.25 -29.72 -30.57
N GLY C 265 -21.35 -29.38 -29.65
CA GLY C 265 -21.61 -29.65 -28.24
C GLY C 265 -21.51 -31.12 -27.90
N ASP C 266 -22.41 -31.56 -27.01
CA ASP C 266 -22.38 -32.91 -26.45
C ASP C 266 -23.21 -33.89 -27.26
N THR C 267 -23.71 -33.50 -28.42
CA THR C 267 -24.52 -34.39 -29.24
C THR C 267 -23.73 -35.64 -29.62
N SER C 268 -24.39 -36.80 -29.53
CA SER C 268 -23.76 -38.08 -29.82
C SER C 268 -24.08 -38.58 -31.22
N GLU C 269 -25.36 -38.74 -31.54
CA GLU C 269 -25.80 -39.21 -32.85
C GLU C 269 -26.92 -38.33 -33.37
N VAL C 270 -26.96 -38.16 -34.68
CA VAL C 270 -27.98 -37.36 -35.34
C VAL C 270 -28.60 -38.21 -36.46
N GLY C 271 -29.88 -37.97 -36.72
CA GLY C 271 -30.55 -38.69 -37.78
C GLY C 271 -32.06 -38.52 -37.66
N ILE C 272 -32.77 -39.34 -38.42
CA ILE C 272 -34.23 -39.36 -38.41
C ILE C 272 -34.69 -40.76 -38.03
N ALA C 273 -35.68 -40.83 -37.15
CA ALA C 273 -36.17 -42.11 -36.63
C ALA C 273 -37.64 -42.29 -36.93
N ASN C 274 -38.08 -43.54 -36.88
CA ASN C 274 -39.47 -43.92 -37.05
C ASN C 274 -39.84 -44.85 -35.90
N SER C 275 -41.12 -45.24 -35.84
CA SER C 275 -41.60 -46.13 -34.78
C SER C 275 -40.96 -47.51 -34.85
N SER C 276 -40.40 -47.89 -36.00
CA SER C 276 -39.79 -49.20 -36.16
C SER C 276 -38.27 -49.15 -36.33
N ALA C 277 -37.75 -48.23 -37.13
CA ALA C 277 -36.31 -48.14 -37.37
C ALA C 277 -35.90 -46.67 -37.41
N THR C 278 -34.60 -46.45 -37.47
CA THR C 278 -34.03 -45.10 -37.50
C THR C 278 -33.00 -44.98 -38.61
N ASN C 279 -32.88 -43.77 -39.15
CA ASN C 279 -31.91 -43.45 -40.18
C ASN C 279 -30.96 -42.40 -39.62
N THR C 280 -29.77 -42.84 -39.24
CA THR C 280 -28.78 -41.93 -38.67
C THR C 280 -27.99 -41.22 -39.77
N SER C 281 -27.14 -40.29 -39.36
CA SER C 281 -26.30 -39.57 -40.30
C SER C 281 -25.18 -40.45 -40.87
N GLY C 282 -24.96 -41.63 -40.30
CA GLY C 282 -23.90 -42.49 -40.80
C GLY C 282 -24.19 -43.00 -42.21
N SER C 283 -25.43 -43.43 -42.47
CA SER C 283 -25.79 -43.98 -43.77
C SER C 283 -27.26 -43.72 -44.02
N SER C 284 -27.62 -43.75 -45.31
CA SER C 284 -29.02 -43.60 -45.73
C SER C 284 -29.63 -44.97 -45.99
N THR C 285 -29.80 -45.71 -44.89
CA THR C 285 -30.33 -47.07 -44.95
C THR C 285 -31.73 -47.21 -44.37
N GLY C 286 -32.05 -46.46 -43.33
CA GLY C 286 -33.34 -46.56 -42.68
C GLY C 286 -34.43 -45.85 -43.45
N PRO C 287 -35.39 -45.29 -42.73
CA PRO C 287 -36.50 -44.60 -43.40
C PRO C 287 -36.05 -43.37 -44.15
N THR C 288 -36.77 -43.06 -45.22
CA THR C 288 -36.51 -41.86 -46.00
C THR C 288 -37.24 -40.67 -45.38
N VAL C 289 -37.12 -39.50 -46.01
CA VAL C 289 -37.73 -38.30 -45.46
C VAL C 289 -39.26 -38.42 -45.46
N GLU C 290 -39.83 -39.00 -46.52
CA GLU C 290 -41.27 -39.24 -46.51
C GLU C 290 -41.64 -40.44 -45.65
N THR C 291 -40.74 -41.43 -45.56
CA THR C 291 -41.02 -42.61 -44.75
C THR C 291 -40.92 -42.31 -43.26
N ALA C 292 -39.90 -41.55 -42.86
CA ALA C 292 -39.70 -41.23 -41.45
C ALA C 292 -40.69 -40.16 -40.99
N ASP C 293 -40.76 -39.97 -39.67
CA ASP C 293 -41.68 -39.00 -39.09
C ASP C 293 -41.06 -38.10 -38.03
N ILE C 294 -39.88 -38.41 -37.51
CA ILE C 294 -39.25 -37.60 -36.46
C ILE C 294 -37.77 -37.41 -36.81
N ALA C 295 -37.24 -36.26 -36.41
CA ALA C 295 -35.82 -35.97 -36.48
C ALA C 295 -35.29 -35.80 -35.07
N TYR C 296 -34.20 -36.49 -34.74
CA TYR C 296 -33.72 -36.55 -33.38
C TYR C 296 -32.22 -36.34 -33.33
N ALA C 297 -31.72 -36.11 -32.11
CA ALA C 297 -30.28 -36.02 -31.86
C ALA C 297 -30.05 -36.42 -30.41
N VAL C 298 -29.61 -37.65 -30.19
CA VAL C 298 -29.34 -38.11 -28.84
C VAL C 298 -28.16 -37.36 -28.26
N VAL C 299 -28.34 -36.81 -27.06
CA VAL C 299 -27.36 -35.93 -26.44
C VAL C 299 -27.15 -36.37 -25.00
N GLU C 300 -25.89 -36.43 -24.58
CA GLU C 300 -25.54 -36.75 -23.21
C GLU C 300 -25.47 -35.47 -22.39
N ILE C 301 -24.96 -35.55 -21.17
CA ILE C 301 -24.79 -34.39 -20.32
C ILE C 301 -23.55 -34.60 -19.46
N ASP C 302 -22.73 -33.56 -19.33
CA ASP C 302 -21.52 -33.59 -18.52
C ASP C 302 -21.58 -32.42 -17.55
N GLY C 303 -21.90 -32.71 -16.30
CA GLY C 303 -22.07 -31.69 -15.29
C GLY C 303 -23.53 -31.44 -14.99
N ALA C 304 -23.95 -30.18 -15.08
CA ALA C 304 -25.34 -29.82 -14.83
C ALA C 304 -26.12 -29.53 -16.11
N SER C 305 -25.44 -29.27 -17.21
CA SER C 305 -26.13 -28.91 -18.45
C SER C 305 -25.30 -29.34 -19.64
N ALA C 306 -25.97 -29.47 -20.78
CA ALA C 306 -25.33 -29.77 -22.06
C ALA C 306 -25.91 -28.85 -23.13
N VAL C 307 -25.11 -28.56 -24.14
CA VAL C 307 -25.45 -27.60 -25.18
C VAL C 307 -25.41 -28.30 -26.53
N GLY C 308 -26.41 -28.01 -27.37
CA GLY C 308 -26.43 -28.49 -28.74
C GLY C 308 -26.67 -27.37 -29.71
N GLY C 309 -27.13 -27.68 -30.91
CA GLY C 309 -27.42 -26.65 -31.90
C GLY C 309 -28.34 -27.16 -32.98
N ILE C 310 -29.01 -26.21 -33.64
CA ILE C 310 -29.94 -26.52 -34.72
C ILE C 310 -29.62 -25.63 -35.90
N GLU C 311 -30.06 -26.05 -37.08
CA GLU C 311 -29.93 -25.29 -38.32
C GLU C 311 -31.33 -24.84 -38.76
N THR C 312 -31.67 -23.58 -38.46
CA THR C 312 -32.98 -23.08 -38.82
C THR C 312 -33.19 -23.03 -40.34
N GLN C 313 -32.13 -23.22 -41.11
CA GLN C 313 -32.24 -23.31 -42.56
C GLN C 313 -33.12 -24.50 -42.95
N TYR C 314 -33.85 -24.34 -44.05
CA TYR C 314 -34.87 -25.28 -44.50
C TYR C 314 -35.88 -25.61 -43.40
N LEU C 315 -36.47 -24.57 -42.83
CA LEU C 315 -37.53 -24.72 -41.83
C LEU C 315 -38.69 -23.83 -42.22
N ASP C 316 -39.91 -24.31 -41.99
CA ASP C 316 -41.10 -23.55 -42.35
C ASP C 316 -41.19 -22.26 -41.54
N ASP C 317 -41.64 -21.19 -42.20
CA ASP C 317 -41.73 -19.88 -41.55
C ASP C 317 -42.98 -19.88 -40.67
N SER C 318 -42.84 -20.46 -39.49
CA SER C 318 -43.91 -20.54 -38.51
C SER C 318 -43.29 -20.82 -37.15
N GLU C 319 -44.14 -21.11 -36.16
CA GLU C 319 -43.65 -21.44 -34.83
C GLU C 319 -43.00 -22.82 -34.87
N VAL C 320 -41.80 -22.92 -34.29
CA VAL C 320 -41.01 -24.13 -34.30
C VAL C 320 -40.76 -24.58 -32.85
N ASP C 321 -41.03 -25.85 -32.58
CA ASP C 321 -40.93 -26.39 -31.23
C ASP C 321 -39.78 -27.39 -31.12
N LEU C 322 -39.27 -27.54 -29.89
CA LEU C 322 -38.25 -28.52 -29.55
C LEU C 322 -38.76 -29.38 -28.41
N GLU C 323 -38.66 -30.70 -28.57
CA GLU C 323 -39.19 -31.65 -27.60
C GLU C 323 -38.07 -32.50 -27.03
N VAL C 324 -37.99 -32.56 -25.71
CA VAL C 324 -37.02 -33.39 -25.01
C VAL C 324 -37.74 -34.60 -24.41
N TYR C 325 -36.97 -35.64 -24.12
CA TYR C 325 -37.50 -36.90 -23.65
C TYR C 325 -36.69 -37.36 -22.44
N ASP C 326 -37.29 -38.26 -21.66
CA ASP C 326 -36.66 -38.73 -20.44
C ASP C 326 -35.39 -39.53 -20.74
N ALA C 327 -34.51 -39.58 -19.73
CA ALA C 327 -33.23 -40.27 -19.90
C ALA C 327 -33.44 -41.75 -20.12
N GLY C 328 -32.63 -42.32 -21.00
CA GLY C 328 -32.66 -43.74 -21.27
C GLY C 328 -33.62 -44.16 -22.37
N VAL C 329 -34.41 -43.24 -22.90
CA VAL C 329 -35.37 -43.58 -23.96
C VAL C 329 -34.64 -43.78 -25.27
N SER C 330 -35.13 -44.71 -26.08
CA SER C 330 -34.56 -44.96 -27.39
C SER C 330 -35.15 -44.01 -28.41
N ALA C 331 -34.45 -43.90 -29.56
CA ALA C 331 -34.90 -42.99 -30.60
C ALA C 331 -36.20 -43.48 -31.23
N THR C 332 -36.27 -44.76 -31.59
CA THR C 332 -37.46 -45.28 -32.24
C THR C 332 -38.66 -45.28 -31.30
N ALA C 333 -38.44 -45.60 -30.02
CA ALA C 333 -39.53 -45.68 -29.06
C ALA C 333 -40.00 -44.32 -28.56
N ALA C 334 -39.36 -43.23 -28.96
CA ALA C 334 -39.71 -41.90 -28.48
C ALA C 334 -40.70 -41.18 -29.38
N VAL C 335 -41.20 -41.84 -30.44
CA VAL C 335 -42.10 -41.19 -31.38
C VAL C 335 -43.45 -40.89 -30.72
N GLY C 336 -43.94 -41.78 -29.86
CA GLY C 336 -45.27 -41.64 -29.33
C GLY C 336 -45.35 -41.01 -27.94
N GLN C 337 -44.34 -41.25 -27.12
CA GLN C 337 -44.35 -40.75 -25.75
C GLN C 337 -44.30 -39.22 -25.75
N ASP C 338 -45.05 -38.61 -24.84
CA ASP C 338 -45.10 -37.16 -24.76
C ASP C 338 -43.78 -36.60 -24.24
N ALA C 339 -43.50 -35.35 -24.63
CA ALA C 339 -42.27 -34.70 -24.25
C ALA C 339 -42.33 -34.23 -22.80
N THR C 340 -41.21 -34.39 -22.09
CA THR C 340 -41.13 -33.91 -20.72
C THR C 340 -41.26 -32.39 -20.66
N ASN C 341 -40.62 -31.68 -21.57
CA ASN C 341 -40.72 -30.23 -21.64
C ASN C 341 -40.62 -29.81 -23.10
N ASP C 342 -40.74 -28.51 -23.34
CA ASP C 342 -40.72 -28.00 -24.70
C ASP C 342 -40.31 -26.53 -24.70
N ILE C 343 -39.93 -26.06 -25.88
CA ILE C 343 -39.59 -24.65 -26.10
C ILE C 343 -39.89 -24.32 -27.56
N THR C 344 -40.39 -23.12 -27.81
CA THR C 344 -40.83 -22.74 -29.14
C THR C 344 -40.16 -21.45 -29.58
N LEU C 345 -39.85 -21.37 -30.87
CA LEU C 345 -39.27 -20.18 -31.47
C LEU C 345 -39.94 -19.92 -32.82
N THR C 346 -39.89 -18.66 -33.25
CA THR C 346 -40.51 -18.24 -34.49
C THR C 346 -39.45 -17.97 -35.55
N ILE C 347 -39.77 -18.30 -36.81
CA ILE C 347 -38.87 -18.13 -37.94
C ILE C 347 -39.58 -17.30 -39.00
N GLU C 348 -38.90 -16.27 -39.50
CA GLU C 348 -39.43 -15.41 -40.54
C GLU C 348 -38.48 -15.38 -41.72
N GLU C 349 -38.97 -14.88 -42.86
CA GLU C 349 -38.11 -14.76 -44.08
C GLU C 349 -37.37 -13.42 -44.10
N GLY C 350 -36.11 -13.42 -44.57
CA GLY C 350 -35.28 -12.20 -44.58
C GLY C 350 -35.54 -11.31 -45.79
N GLY C 351 -34.72 -10.27 -45.98
CA GLY C 351 -34.95 -9.31 -47.08
C GLY C 351 -33.77 -9.23 -48.02
N THR C 352 -34.03 -9.17 -49.33
CA THR C 352 -32.93 -9.16 -50.33
C THR C 352 -33.18 -8.03 -51.35
N THR C 353 -32.60 -6.83 -51.15
CA THR C 353 -32.89 -5.75 -52.07
C THR C 353 -31.61 -5.22 -52.70
N LEU C 354 -31.78 -4.59 -53.86
CA LEU C 354 -30.70 -3.94 -54.58
C LEU C 354 -30.78 -2.43 -54.40
N SER C 355 -29.63 -1.77 -54.44
CA SER C 355 -29.56 -0.33 -54.18
C SER C 355 -29.03 0.46 -55.37
N SER C 356 -27.89 0.08 -55.93
CA SER C 356 -27.25 0.90 -56.95
C SER C 356 -27.91 0.77 -58.33
N PRO C 357 -28.27 -0.44 -58.80
CA PRO C 357 -28.87 -0.47 -60.16
C PRO C 357 -30.33 -0.01 -60.15
N THR C 358 -30.52 1.29 -59.90
CA THR C 358 -31.86 1.84 -59.74
C THR C 358 -31.93 3.23 -60.36
N GLY C 359 -33.08 3.54 -60.96
CA GLY C 359 -33.35 4.87 -61.47
C GLY C 359 -32.92 5.10 -62.90
N GLN C 360 -31.62 5.22 -63.13
CA GLN C 360 -31.09 5.53 -64.45
C GLN C 360 -29.89 4.66 -64.75
N TYR C 361 -29.64 4.45 -66.05
CA TYR C 361 -28.48 3.66 -66.49
C TYR C 361 -28.15 4.06 -67.92
N VAL C 362 -26.93 4.50 -68.14
CA VAL C 362 -26.47 4.81 -69.49
C VAL C 362 -26.08 3.52 -70.19
N VAL C 363 -26.61 3.32 -71.40
CA VAL C 363 -26.37 2.08 -72.12
C VAL C 363 -24.87 1.93 -72.41
N GLY C 364 -24.33 0.76 -72.11
CA GLY C 364 -22.93 0.48 -72.29
C GLY C 364 -22.04 0.88 -71.14
N SER C 365 -22.58 1.56 -70.13
CA SER C 365 -21.78 1.98 -68.99
C SER C 365 -21.60 0.83 -68.01
N GLU C 366 -20.66 1.00 -67.08
CA GLU C 366 -20.38 0.02 -66.04
C GLU C 366 -20.82 0.57 -64.69
N VAL C 367 -21.38 -0.31 -63.85
CA VAL C 367 -21.88 0.07 -62.55
C VAL C 367 -21.71 -1.11 -61.61
N ASP C 368 -21.60 -0.82 -60.32
CA ASP C 368 -21.46 -1.86 -59.31
C ASP C 368 -22.83 -2.39 -58.87
N ILE C 369 -22.80 -3.56 -58.25
CA ILE C 369 -24.00 -4.20 -57.71
C ILE C 369 -23.98 -3.99 -56.20
N ASN C 370 -24.91 -3.19 -55.70
CA ASN C 370 -24.97 -2.83 -54.29
C ASN C 370 -26.31 -3.23 -53.72
N GLY C 371 -26.28 -3.88 -52.56
CA GLY C 371 -27.52 -4.32 -51.94
C GLY C 371 -27.24 -5.04 -50.64
N THR C 372 -28.30 -5.57 -50.05
CA THR C 372 -28.22 -6.29 -48.78
C THR C 372 -29.03 -7.58 -48.87
N ALA C 373 -28.65 -8.56 -48.04
CA ALA C 373 -29.33 -9.85 -48.02
C ALA C 373 -29.17 -10.43 -46.62
N THR C 374 -30.28 -10.45 -45.86
CA THR C 374 -30.22 -10.90 -44.47
C THR C 374 -29.89 -12.38 -44.38
N SER C 375 -30.62 -13.21 -45.12
CA SER C 375 -30.45 -14.67 -45.08
C SER C 375 -30.18 -15.15 -46.51
N SER C 376 -28.91 -15.15 -46.90
CA SER C 376 -28.55 -15.57 -48.25
C SER C 376 -27.11 -16.07 -48.25
N ASP C 377 -26.81 -16.95 -49.20
CA ASP C 377 -25.46 -17.42 -49.46
C ASP C 377 -25.02 -17.09 -50.88
N SER C 378 -25.85 -17.37 -51.88
CA SER C 378 -25.58 -17.02 -53.26
C SER C 378 -26.79 -16.27 -53.83
N VAL C 379 -26.50 -15.20 -54.57
CA VAL C 379 -27.55 -14.36 -55.12
C VAL C 379 -27.33 -14.20 -56.63
N ALA C 380 -28.42 -14.09 -57.36
CA ALA C 380 -28.38 -13.94 -58.81
C ALA C 380 -29.23 -12.74 -59.23
N ILE C 381 -28.88 -12.16 -60.36
CA ILE C 381 -29.53 -10.96 -60.88
C ILE C 381 -30.26 -11.31 -62.16
N TYR C 382 -31.53 -10.93 -62.25
CA TYR C 382 -32.36 -11.24 -63.40
C TYR C 382 -32.97 -9.96 -63.95
N VAL C 383 -33.26 -9.97 -65.25
CA VAL C 383 -33.85 -8.85 -65.95
C VAL C 383 -35.10 -9.33 -66.66
N ARG C 384 -36.19 -8.56 -66.54
CA ARG C 384 -37.47 -8.93 -67.12
C ARG C 384 -38.01 -7.80 -67.97
N ASP C 385 -38.63 -8.15 -69.10
CA ASP C 385 -39.31 -7.16 -69.95
C ASP C 385 -40.37 -7.91 -70.75
N ASP C 386 -41.63 -7.76 -70.33
CA ASP C 386 -42.78 -8.34 -71.03
C ASP C 386 -42.62 -9.84 -71.24
N GLY C 387 -42.18 -10.55 -70.20
CA GLY C 387 -42.04 -11.99 -70.31
C GLY C 387 -41.20 -12.64 -69.23
N ASP C 388 -40.31 -13.53 -69.64
CA ASP C 388 -39.50 -14.30 -68.72
C ASP C 388 -38.42 -13.43 -68.08
N TRP C 389 -37.93 -13.88 -66.93
CA TRP C 389 -36.78 -13.25 -66.28
C TRP C 389 -35.53 -13.90 -66.82
N GLN C 390 -34.91 -13.28 -67.82
CA GLN C 390 -33.70 -13.84 -68.40
C GLN C 390 -32.52 -13.65 -67.44
N LEU C 391 -31.77 -14.73 -67.23
CA LEU C 391 -30.63 -14.67 -66.33
C LEU C 391 -29.54 -13.77 -66.89
N LEU C 392 -28.93 -12.96 -66.03
CA LEU C 392 -27.83 -12.09 -66.39
C LEU C 392 -26.53 -12.76 -65.96
N GLU C 393 -25.67 -13.05 -66.93
CA GLU C 393 -24.42 -13.77 -66.69
C GLU C 393 -23.38 -12.81 -66.14
N ILE C 394 -23.38 -12.65 -64.81
CA ILE C 394 -22.45 -11.72 -64.18
C ILE C 394 -21.01 -12.19 -64.34
N GLY C 395 -20.79 -13.48 -64.52
CA GLY C 395 -19.44 -14.00 -64.66
C GLY C 395 -19.15 -15.19 -63.77
N GLY C 396 -18.20 -15.01 -62.85
CA GLY C 396 -17.75 -16.08 -61.98
C GLY C 396 -18.83 -16.65 -61.07
N ASP C 397 -19.26 -17.88 -61.35
CA ASP C 397 -20.18 -18.68 -60.55
C ASP C 397 -21.58 -18.06 -60.48
N ASN C 398 -21.83 -16.93 -61.12
CA ASN C 398 -23.14 -16.29 -61.15
C ASN C 398 -23.71 -16.11 -59.75
N GLU C 399 -22.86 -15.68 -58.82
CA GLU C 399 -23.29 -15.50 -57.44
C GLU C 399 -22.40 -14.48 -56.76
N ILE C 400 -22.91 -13.92 -55.66
CA ILE C 400 -22.18 -12.99 -54.82
C ILE C 400 -22.35 -13.42 -53.37
N SER C 401 -21.24 -13.52 -52.64
CA SER C 401 -21.29 -13.88 -51.24
C SER C 401 -21.75 -12.70 -50.39
N VAL C 402 -22.23 -13.01 -49.18
CA VAL C 402 -22.73 -12.02 -48.25
C VAL C 402 -21.87 -12.05 -47.00
N ASP C 403 -21.50 -10.87 -46.49
CA ASP C 403 -20.65 -10.77 -45.32
C ASP C 403 -21.50 -10.94 -44.05
N SER C 404 -20.86 -10.76 -42.89
CA SER C 404 -21.58 -10.87 -41.63
C SER C 404 -22.56 -9.73 -41.43
N ASP C 405 -22.29 -8.57 -42.05
CA ASP C 405 -23.16 -7.40 -41.92
C ASP C 405 -24.39 -7.47 -42.81
N ASP C 406 -24.71 -8.66 -43.34
CA ASP C 406 -25.88 -8.86 -44.20
C ASP C 406 -25.84 -7.92 -45.42
N THR C 407 -24.66 -7.74 -45.99
CA THR C 407 -24.47 -6.88 -47.15
C THR C 407 -23.61 -7.58 -48.18
N PHE C 408 -24.00 -7.47 -49.44
CA PHE C 408 -23.24 -8.05 -50.54
C PHE C 408 -22.96 -6.96 -51.57
N GLU C 409 -21.80 -7.03 -52.20
CA GLU C 409 -21.37 -6.02 -53.15
C GLU C 409 -20.58 -6.69 -54.27
N GLU C 410 -20.53 -6.00 -55.41
CA GLU C 410 -19.76 -6.46 -56.57
C GLU C 410 -19.07 -5.26 -57.20
N GLU C 411 -18.00 -5.55 -57.93
CA GLU C 411 -17.23 -4.50 -58.58
C GLU C 411 -18.03 -3.89 -59.73
N ASP C 412 -17.42 -2.91 -60.40
CA ASP C 412 -18.09 -2.23 -61.50
C ASP C 412 -18.25 -3.18 -62.69
N ILE C 413 -19.50 -3.45 -63.06
CA ILE C 413 -19.82 -4.38 -64.14
C ILE C 413 -20.67 -3.64 -65.16
N ALA C 414 -20.30 -3.81 -66.43
CA ALA C 414 -21.10 -3.28 -67.53
C ALA C 414 -22.22 -4.27 -67.84
N LEU C 415 -23.46 -3.87 -67.55
CA LEU C 415 -24.58 -4.79 -67.70
C LEU C 415 -24.76 -5.20 -69.15
N SER C 416 -24.76 -4.23 -70.07
CA SER C 416 -24.92 -4.55 -71.48
C SER C 416 -23.66 -5.14 -72.09
N GLY C 417 -22.49 -4.81 -71.54
CA GLY C 417 -21.25 -5.29 -72.12
C GLY C 417 -21.07 -6.79 -71.97
N LEU C 418 -21.52 -7.35 -70.85
CA LEU C 418 -21.30 -8.76 -70.56
C LEU C 418 -22.09 -9.66 -71.51
N SER C 419 -21.55 -10.86 -71.73
CA SER C 419 -22.13 -11.81 -72.66
C SER C 419 -23.29 -12.55 -72.02
N GLY C 420 -24.31 -12.83 -72.82
CA GLY C 420 -25.49 -13.54 -72.38
C GLY C 420 -26.70 -12.92 -73.05
N ASP C 421 -27.79 -13.70 -73.10
CA ASP C 421 -29.03 -13.14 -73.63
C ASP C 421 -29.73 -12.22 -72.64
N GLY C 422 -29.42 -12.35 -71.34
CA GLY C 422 -30.04 -11.46 -70.37
C GLY C 422 -29.63 -10.01 -70.61
N SER C 423 -28.35 -9.79 -70.90
CA SER C 423 -27.83 -8.46 -71.17
C SER C 423 -28.44 -7.85 -72.42
N SER C 424 -28.87 -8.70 -73.37
CA SER C 424 -29.39 -8.19 -74.64
C SER C 424 -30.67 -7.39 -74.45
N ILE C 425 -31.47 -7.71 -73.43
CA ILE C 425 -32.69 -6.95 -73.21
C ILE C 425 -32.35 -5.50 -72.86
N LEU C 426 -31.35 -5.29 -72.01
CA LEU C 426 -30.99 -3.95 -71.55
C LEU C 426 -30.30 -3.11 -72.62
N SER C 427 -29.87 -3.72 -73.73
CA SER C 427 -29.15 -2.96 -74.75
C SER C 427 -30.04 -1.90 -75.38
N LEU C 428 -31.30 -2.24 -75.66
CA LEU C 428 -32.21 -1.31 -76.30
C LEU C 428 -32.76 -0.32 -75.29
N THR C 429 -32.99 0.90 -75.74
CA THR C 429 -33.50 1.96 -74.87
C THR C 429 -34.94 1.69 -74.46
N GLY C 430 -35.22 1.87 -73.18
CA GLY C 430 -36.55 1.68 -72.66
C GLY C 430 -36.54 1.61 -71.14
N THR C 431 -37.70 1.28 -70.58
CA THR C 431 -37.88 1.09 -69.15
C THR C 431 -38.12 -0.38 -68.87
N TYR C 432 -37.32 -0.95 -67.95
CA TYR C 432 -37.32 -2.39 -67.68
C TYR C 432 -37.40 -2.64 -66.18
N ARG C 433 -37.20 -3.90 -65.78
CA ARG C 433 -37.17 -4.27 -64.37
C ARG C 433 -35.98 -5.18 -64.12
N ILE C 434 -35.34 -5.01 -62.96
CA ILE C 434 -34.21 -5.82 -62.55
C ILE C 434 -34.42 -6.26 -61.11
N GLY C 435 -34.13 -7.52 -60.82
CA GLY C 435 -34.35 -8.06 -59.50
C GLY C 435 -33.25 -9.03 -59.11
N VAL C 436 -33.14 -9.27 -57.81
CA VAL C 436 -32.17 -10.19 -57.23
C VAL C 436 -32.93 -11.31 -56.53
N ILE C 437 -32.31 -12.49 -56.48
CA ILE C 437 -32.92 -13.65 -55.85
C ILE C 437 -31.83 -14.46 -55.15
N ASP C 438 -32.21 -15.08 -54.04
CA ASP C 438 -31.28 -15.89 -53.26
C ASP C 438 -31.03 -17.22 -53.97
N ALA C 439 -30.15 -18.04 -53.38
CA ALA C 439 -29.82 -19.36 -53.91
C ALA C 439 -30.92 -20.38 -53.68
N SER C 440 -32.12 -19.96 -53.25
CA SER C 440 -33.22 -20.90 -53.09
C SER C 440 -33.63 -21.54 -54.40
N ASP C 441 -33.33 -20.88 -55.53
CA ASP C 441 -33.62 -21.49 -56.83
C ASP C 441 -32.81 -22.77 -57.02
N ALA C 442 -31.49 -22.66 -57.04
CA ALA C 442 -30.59 -23.80 -57.22
C ALA C 442 -30.97 -24.61 -58.46
N ASP C 443 -31.08 -23.91 -59.59
CA ASP C 443 -31.55 -24.49 -60.85
C ASP C 443 -32.95 -25.10 -60.67
N VAL C 444 -33.81 -24.37 -59.95
CA VAL C 444 -35.20 -24.73 -59.66
C VAL C 444 -35.31 -26.21 -59.30
N GLY C 445 -34.27 -26.75 -58.68
CA GLY C 445 -34.23 -28.16 -58.35
C GLY C 445 -33.28 -28.94 -59.23
N GLY C 446 -32.10 -29.25 -58.71
CA GLY C 446 -31.11 -29.98 -59.50
C GLY C 446 -29.69 -29.69 -59.06
N ASP C 447 -28.81 -29.42 -60.02
CA ASP C 447 -27.43 -29.13 -59.72
C ASP C 447 -27.31 -27.80 -58.97
N GLY C 448 -26.28 -27.71 -58.13
CA GLY C 448 -26.07 -26.50 -57.33
C GLY C 448 -25.50 -25.34 -58.12
N SER C 449 -26.27 -24.85 -59.09
CA SER C 449 -25.84 -23.72 -59.91
C SER C 449 -27.07 -23.00 -60.42
N VAL C 450 -26.99 -21.68 -60.52
CA VAL C 450 -28.10 -20.85 -60.97
C VAL C 450 -28.03 -20.80 -62.50
N ASP C 451 -28.73 -21.73 -63.15
CA ASP C 451 -28.77 -21.77 -64.62
C ASP C 451 -30.21 -22.08 -65.05
N ASP C 452 -31.01 -21.02 -65.19
CA ASP C 452 -32.40 -21.08 -65.64
C ASP C 452 -32.81 -19.68 -66.08
N SER C 453 -34.06 -19.58 -66.52
CA SER C 453 -34.75 -18.31 -66.77
C SER C 453 -36.07 -18.43 -66.03
N LEU C 454 -36.07 -18.10 -64.74
CA LEU C 454 -37.23 -18.30 -63.90
C LEU C 454 -38.39 -17.41 -64.35
N THR C 455 -39.59 -17.96 -64.37
CA THR C 455 -40.77 -17.22 -64.76
C THR C 455 -41.22 -16.32 -63.61
N THR C 456 -42.38 -15.67 -63.79
CA THR C 456 -42.87 -14.77 -62.74
C THR C 456 -43.19 -15.54 -61.47
N SER C 457 -43.83 -16.70 -61.59
CA SER C 457 -44.18 -17.50 -60.41
C SER C 457 -42.93 -18.00 -59.71
N GLU C 458 -41.94 -18.50 -60.47
CA GLU C 458 -40.73 -19.02 -59.85
C GLU C 458 -39.92 -17.92 -59.18
N PHE C 459 -39.82 -16.76 -59.82
CA PHE C 459 -39.05 -15.66 -59.23
C PHE C 459 -39.72 -15.12 -57.97
N THR C 460 -41.06 -15.01 -57.99
CA THR C 460 -41.77 -14.45 -56.85
C THR C 460 -41.87 -15.45 -55.69
N SER C 461 -41.89 -16.75 -55.99
CA SER C 461 -42.09 -17.75 -54.94
C SER C 461 -41.00 -17.68 -53.89
N GLY C 462 -39.75 -17.59 -54.31
CA GLY C 462 -38.64 -17.46 -53.39
C GLY C 462 -38.49 -16.04 -52.89
N VAL C 463 -37.54 -15.86 -51.97
CA VAL C 463 -37.24 -14.53 -51.47
C VAL C 463 -36.52 -13.74 -52.54
N SER C 464 -37.01 -12.54 -52.82
CA SER C 464 -36.50 -11.73 -53.92
C SER C 464 -37.03 -10.31 -53.77
N SER C 465 -36.57 -9.43 -54.65
CA SER C 465 -37.04 -8.06 -54.71
C SER C 465 -36.62 -7.48 -56.05
N SER C 466 -37.49 -6.63 -56.63
CA SER C 466 -37.22 -6.01 -57.91
C SER C 466 -37.50 -4.53 -57.83
N ASN C 467 -36.81 -3.76 -58.68
CA ASN C 467 -36.96 -2.32 -58.73
C ASN C 467 -36.93 -1.85 -60.17
N SER C 468 -37.65 -0.76 -60.45
CA SER C 468 -37.77 -0.27 -61.82
C SER C 468 -36.48 0.39 -62.28
N ILE C 469 -36.07 0.07 -63.50
CA ILE C 469 -34.87 0.65 -64.10
C ILE C 469 -35.16 0.98 -65.55
N ARG C 470 -34.60 2.10 -66.01
CA ARG C 470 -34.69 2.49 -67.41
C ARG C 470 -33.31 2.86 -67.91
N VAL C 471 -33.07 2.58 -69.19
CA VAL C 471 -31.76 2.80 -69.81
C VAL C 471 -31.83 4.04 -70.67
N THR C 472 -30.82 4.90 -70.55
CA THR C 472 -30.75 6.16 -71.28
C THR C 472 -29.62 5.94 -72.28
N ASP C 473 -29.75 6.51 -73.48
CA ASP C 473 -28.68 6.36 -74.51
C ASP C 473 -27.35 7.01 -74.06
N GLN C 474 -26.26 6.78 -74.81
CA GLN C 474 -24.91 7.33 -74.42
C GLN C 474 -24.83 8.88 -74.47
N ALA C 475 -23.70 9.47 -74.02
CA ALA C 475 -23.56 10.94 -73.92
C ALA C 475 -22.09 11.40 -73.98
N LEU C 476 -21.85 12.72 -74.18
CA LEU C 476 -20.45 13.25 -74.29
C LEU C 476 -20.34 14.76 -74.04
N THR C 477 -19.47 15.21 -73.14
CA THR C 477 -19.16 16.61 -72.87
C THR C 477 -17.67 16.81 -73.02
N GLY C 478 -17.28 17.95 -73.60
CA GLY C 478 -15.88 18.24 -73.81
C GLY C 478 -15.61 19.73 -73.75
N GLN C 479 -14.33 20.07 -73.63
CA GLN C 479 -13.92 21.46 -73.58
C GLN C 479 -12.47 21.58 -74.03
N PHE C 480 -12.12 22.75 -74.56
CA PHE C 480 -10.77 23.07 -75.00
C PHE C 480 -10.37 24.39 -74.38
N THR C 481 -9.16 24.43 -73.80
CA THR C 481 -8.66 25.64 -73.14
C THR C 481 -7.81 26.42 -74.14
N THR C 482 -8.30 27.58 -74.56
CA THR C 482 -7.58 28.47 -75.45
C THR C 482 -7.32 29.78 -74.73
N ILE C 483 -6.08 30.26 -74.79
CA ILE C 483 -5.71 31.50 -74.11
C ILE C 483 -6.49 32.67 -74.69
N ASN C 484 -6.57 32.77 -76.01
CA ASN C 484 -7.36 33.79 -76.66
C ASN C 484 -8.08 33.26 -77.89
N GLY C 485 -8.43 31.97 -77.87
CA GLY C 485 -8.88 31.32 -79.08
C GLY C 485 -7.78 30.85 -79.98
N GLN C 486 -6.52 30.95 -79.52
CA GLN C 486 -5.36 30.61 -80.33
C GLN C 486 -4.36 29.84 -79.46
N VAL C 487 -3.43 29.17 -80.13
CA VAL C 487 -2.29 28.52 -79.48
C VAL C 487 -1.04 29.23 -79.96
N ALA C 488 -0.25 29.76 -79.02
CA ALA C 488 0.84 30.66 -79.40
C ALA C 488 2.00 29.91 -80.05
N PRO C 489 2.65 28.92 -79.40
CA PRO C 489 3.82 28.30 -80.01
C PRO C 489 3.40 27.30 -81.09
N VAL C 490 3.66 27.67 -82.35
CA VAL C 490 3.32 26.79 -83.46
C VAL C 490 4.17 25.53 -83.43
N GLU C 491 5.46 25.67 -83.14
CA GLU C 491 6.36 24.52 -83.13
C GLU C 491 5.93 23.51 -82.07
N THR C 492 5.59 23.97 -80.87
CA THR C 492 5.19 23.10 -79.77
C THR C 492 3.94 23.68 -79.13
N GLY C 493 2.78 23.26 -79.64
CA GLY C 493 1.52 23.69 -79.08
C GLY C 493 1.14 22.90 -77.84
N THR C 494 0.09 23.37 -77.16
CA THR C 494 -0.37 22.72 -75.94
C THR C 494 -1.80 23.14 -75.66
N VAL C 495 -2.69 22.14 -75.52
CA VAL C 495 -4.08 22.37 -75.16
C VAL C 495 -4.47 21.42 -74.04
N ASP C 496 -5.48 21.82 -73.29
CA ASP C 496 -6.00 21.04 -72.17
C ASP C 496 -7.42 20.61 -72.49
N ILE C 497 -7.73 19.34 -72.29
CA ILE C 497 -9.05 18.80 -72.59
C ILE C 497 -9.62 18.13 -71.35
N ASN C 498 -10.90 18.41 -71.08
CA ASN C 498 -11.61 17.78 -69.98
C ASN C 498 -13.09 17.75 -70.31
N GLY C 499 -13.79 16.83 -69.66
CA GLY C 499 -15.22 16.70 -69.88
C GLY C 499 -15.74 15.44 -69.25
N THR C 500 -17.02 15.17 -69.51
CA THR C 500 -17.71 14.00 -68.97
C THR C 500 -18.05 13.05 -70.12
N ALA C 501 -17.59 11.81 -70.02
CA ALA C 501 -17.89 10.76 -71.00
C ALA C 501 -18.34 9.54 -70.21
N SER C 502 -19.64 9.48 -69.91
CA SER C 502 -20.17 8.40 -69.09
C SER C 502 -20.48 7.19 -69.97
N GLY C 503 -20.05 6.01 -69.50
CA GLY C 503 -20.32 4.77 -70.21
C GLY C 503 -19.29 4.37 -71.24
N ALA C 504 -18.30 5.22 -71.51
CA ALA C 504 -17.27 4.94 -72.49
C ALA C 504 -16.00 4.43 -71.82
N ASN C 505 -15.16 3.76 -72.60
CA ASN C 505 -13.89 3.25 -72.12
C ASN C 505 -12.70 4.06 -72.59
N SER C 506 -12.79 4.69 -73.76
CA SER C 506 -11.72 5.54 -74.27
C SER C 506 -12.34 6.61 -75.15
N VAL C 507 -11.62 7.72 -75.28
CA VAL C 507 -12.06 8.88 -76.05
C VAL C 507 -10.94 9.30 -76.98
N LEU C 508 -11.25 9.52 -78.26
CA LEU C 508 -10.28 9.92 -79.26
C LEU C 508 -10.51 11.38 -79.66
N VAL C 509 -9.42 12.12 -79.77
CA VAL C 509 -9.45 13.52 -80.20
C VAL C 509 -8.59 13.67 -81.44
N ILE C 510 -9.10 14.42 -82.42
CA ILE C 510 -8.44 14.59 -83.70
C ILE C 510 -8.28 16.08 -84.01
N PHE C 511 -7.13 16.45 -84.57
CA PHE C 511 -6.86 17.81 -85.00
C PHE C 511 -6.58 17.81 -86.50
N VAL C 512 -7.26 18.67 -87.24
CA VAL C 512 -7.04 18.80 -88.67
C VAL C 512 -6.98 20.29 -89.02
N ASP C 513 -6.07 20.65 -89.93
CA ASP C 513 -5.87 22.03 -90.31
C ASP C 513 -6.56 22.30 -91.65
N GLU C 514 -6.31 23.48 -92.22
CA GLU C 514 -6.89 23.78 -93.53
C GLU C 514 -6.22 23.01 -94.64
N ARG C 515 -4.92 22.70 -94.52
CA ARG C 515 -4.25 21.90 -95.55
C ARG C 515 -4.82 20.49 -95.59
N GLY C 516 -4.97 19.87 -94.42
CA GLY C 516 -5.46 18.50 -94.36
C GLY C 516 -4.63 17.59 -93.48
N ASN C 517 -3.67 18.14 -92.74
CA ASN C 517 -2.86 17.31 -91.85
C ASN C 517 -3.67 16.91 -90.64
N VAL C 518 -3.46 15.69 -90.15
CA VAL C 518 -4.25 15.14 -89.06
C VAL C 518 -3.34 14.67 -87.95
N ASN C 519 -3.72 14.97 -86.70
CA ASN C 519 -3.08 14.45 -85.51
C ASN C 519 -4.14 13.87 -84.59
N TYR C 520 -3.86 12.71 -84.02
CA TYR C 520 -4.83 12.02 -83.18
C TYR C 520 -4.17 11.56 -81.88
N GLN C 521 -5.00 11.40 -80.86
CA GLN C 521 -4.56 10.86 -79.58
C GLN C 521 -5.77 10.28 -78.85
N GLU C 522 -5.57 9.14 -78.21
CA GLU C 522 -6.61 8.51 -77.41
C GLU C 522 -6.44 8.87 -75.95
N VAL C 523 -7.57 9.01 -75.25
CA VAL C 523 -7.60 9.41 -73.85
C VAL C 523 -8.32 8.34 -73.05
N SER C 524 -7.65 7.82 -72.02
CA SER C 524 -8.25 6.81 -71.16
C SER C 524 -9.14 7.50 -70.13
N VAL C 525 -10.45 7.29 -70.24
CA VAL C 525 -11.39 7.91 -69.32
C VAL C 525 -11.47 7.07 -68.05
N ASP C 526 -11.57 7.74 -66.91
CA ASP C 526 -11.59 7.06 -65.62
C ASP C 526 -12.94 6.38 -65.38
N SER C 527 -13.09 5.79 -64.20
CA SER C 527 -14.25 4.97 -63.90
C SER C 527 -15.54 5.79 -63.90
N ASP C 528 -15.52 6.97 -63.28
CA ASP C 528 -16.72 7.79 -63.17
C ASP C 528 -16.98 8.65 -64.41
N GLY C 529 -16.33 8.35 -65.53
CA GLY C 529 -16.57 9.07 -66.76
C GLY C 529 -16.20 10.53 -66.73
N THR C 530 -15.04 10.88 -66.17
CA THR C 530 -14.56 12.26 -66.12
C THR C 530 -13.11 12.27 -66.62
N TYR C 531 -12.93 12.42 -67.92
CA TYR C 531 -11.61 12.39 -68.53
C TYR C 531 -10.99 13.79 -68.49
N ASP C 532 -9.69 13.84 -68.18
CA ASP C 532 -8.96 15.11 -68.15
C ASP C 532 -7.52 14.80 -68.57
N GLU C 533 -7.20 15.14 -69.82
CA GLU C 533 -5.86 14.98 -70.34
C GLU C 533 -5.26 16.36 -70.58
N ASP C 534 -4.04 16.58 -70.05
CA ASP C 534 -3.43 17.89 -70.04
C ASP C 534 -2.13 17.88 -70.85
N ASP C 535 -1.78 19.05 -71.38
CA ASP C 535 -0.56 19.26 -72.16
C ASP C 535 -0.50 18.35 -73.38
N ILE C 536 -1.45 18.56 -74.29
CA ILE C 536 -1.52 17.83 -75.54
C ILE C 536 -0.85 18.66 -76.62
N THR C 537 0.22 18.13 -77.20
CA THR C 537 0.96 18.82 -78.24
C THR C 537 0.23 18.73 -79.57
N VAL C 538 0.35 19.78 -80.37
CA VAL C 538 -0.23 19.84 -81.70
C VAL C 538 0.91 20.01 -82.70
N GLY C 539 1.02 19.06 -83.63
CA GLY C 539 2.09 19.08 -84.60
C GLY C 539 1.61 19.44 -85.98
N LEU C 540 0.71 20.41 -86.07
CA LEU C 540 0.13 20.84 -87.33
C LEU C 540 0.79 22.15 -87.78
N THR C 541 0.29 22.69 -88.89
CA THR C 541 0.83 23.90 -89.47
C THR C 541 0.04 25.13 -89.02
N GLN C 542 0.62 26.29 -89.26
CA GLN C 542 -0.01 27.56 -88.89
C GLN C 542 -1.28 27.77 -89.71
N GLY C 543 -2.29 28.38 -89.08
CA GLY C 543 -3.54 28.64 -89.75
C GLY C 543 -4.75 28.44 -88.85
N ARG C 544 -5.78 27.78 -89.39
CA ARG C 544 -6.99 27.48 -88.64
C ARG C 544 -7.10 25.97 -88.45
N VAL C 545 -7.29 25.54 -87.21
CA VAL C 545 -7.39 24.12 -86.87
C VAL C 545 -8.71 23.89 -86.17
N THR C 546 -9.49 22.94 -86.67
CA THR C 546 -10.74 22.53 -86.04
C THR C 546 -10.51 21.20 -85.33
N ALA C 547 -11.14 21.05 -84.16
CA ALA C 547 -10.92 19.90 -83.31
C ALA C 547 -12.21 19.13 -83.12
N HIS C 548 -12.09 17.80 -83.08
CA HIS C 548 -13.22 16.91 -82.82
C HIS C 548 -12.84 15.91 -81.73
N ILE C 549 -13.86 15.50 -80.98
CA ILE C 549 -13.73 14.52 -79.91
C ILE C 549 -14.62 13.34 -80.28
N LEU C 550 -14.00 12.17 -80.40
CA LEU C 550 -14.73 10.96 -80.76
C LEU C 550 -15.01 10.09 -79.55
N SER C 551 -16.16 9.41 -79.61
CA SER C 551 -16.63 8.55 -78.52
C SER C 551 -17.49 7.46 -79.14
N VAL C 552 -17.08 6.19 -78.98
CA VAL C 552 -17.90 5.11 -79.48
C VAL C 552 -19.19 5.04 -78.68
N GLY C 553 -20.31 4.90 -79.38
CA GLY C 553 -21.59 4.87 -78.72
C GLY C 553 -21.92 3.53 -78.10
N ARG C 554 -23.20 3.16 -78.19
CA ARG C 554 -23.64 1.88 -77.63
C ARG C 554 -23.02 0.70 -78.35
N ASP C 555 -22.89 0.78 -79.67
CA ASP C 555 -22.42 -0.36 -80.46
C ASP C 555 -20.96 -0.70 -80.19
N SER C 556 -20.20 0.21 -79.57
CA SER C 556 -18.77 0.02 -79.32
C SER C 556 -18.06 -0.25 -80.65
N ALA C 557 -18.57 0.40 -81.69
CA ALA C 557 -18.05 0.34 -83.05
C ALA C 557 -18.08 1.74 -83.60
N ILE C 558 -17.13 2.07 -84.47
CA ILE C 558 -17.15 3.42 -85.01
C ILE C 558 -18.36 3.50 -85.93
N GLY C 559 -19.43 4.18 -85.49
CA GLY C 559 -20.60 4.28 -86.33
C GLY C 559 -21.19 2.90 -86.61
N ASP C 560 -21.30 2.57 -87.89
CA ASP C 560 -21.79 1.27 -88.34
C ASP C 560 -20.69 0.26 -88.58
N GLY C 561 -19.42 0.61 -88.33
CA GLY C 561 -18.36 -0.30 -88.69
C GLY C 561 -17.99 -0.31 -90.15
N SER C 562 -18.57 0.58 -90.95
CA SER C 562 -18.32 0.61 -92.39
C SER C 562 -17.19 1.60 -92.71
N LEU C 563 -15.96 1.17 -92.39
CA LEU C 563 -14.77 1.91 -92.76
C LEU C 563 -14.44 1.68 -94.23
N PRO C 564 -14.01 2.71 -94.96
CA PRO C 564 -13.64 2.51 -96.36
C PRO C 564 -12.51 1.52 -96.54
N SER C 565 -11.57 1.45 -95.59
CA SER C 565 -10.44 0.54 -95.68
C SER C 565 -10.36 -0.46 -94.53
N GLY C 566 -11.15 -0.30 -93.47
CA GLY C 566 -11.11 -1.19 -92.35
C GLY C 566 -12.11 -2.32 -92.47
N PRO C 567 -12.01 -3.30 -91.55
CA PRO C 567 -12.94 -4.43 -91.58
C PRO C 567 -14.34 -4.06 -91.11
N SER C 568 -15.26 -5.01 -91.20
CA SER C 568 -16.65 -4.78 -90.82
C SER C 568 -16.85 -5.15 -89.36
N ASN C 569 -17.50 -4.25 -88.60
CA ASN C 569 -17.87 -4.39 -87.20
C ASN C 569 -16.66 -4.42 -86.27
N GLY C 570 -15.44 -4.35 -86.79
CA GLY C 570 -14.27 -4.29 -85.94
C GLY C 570 -13.71 -2.88 -85.84
N ALA C 571 -14.52 -1.89 -86.23
CA ALA C 571 -14.10 -0.50 -86.29
C ALA C 571 -14.09 0.08 -84.87
N THR C 572 -12.92 0.04 -84.23
CA THR C 572 -12.74 0.66 -82.93
C THR C 572 -12.01 1.99 -83.11
N LEU C 573 -11.69 2.64 -81.98
CA LEU C 573 -10.94 3.88 -82.04
C LEU C 573 -9.57 3.69 -82.66
N ASN C 574 -8.88 2.60 -82.28
CA ASN C 574 -7.59 2.30 -82.88
C ASN C 574 -7.74 1.98 -84.37
N ASP C 575 -8.82 1.29 -84.74
CA ASP C 575 -9.03 0.98 -86.15
C ASP C 575 -9.24 2.24 -86.98
N LEU C 576 -9.97 3.22 -86.41
CA LEU C 576 -10.21 4.46 -87.16
C LEU C 576 -8.93 5.26 -87.34
N THR C 577 -7.95 5.08 -86.45
CA THR C 577 -6.67 5.77 -86.61
C THR C 577 -5.97 5.32 -87.89
N GLY C 578 -6.06 4.04 -88.22
CA GLY C 578 -5.50 3.57 -89.48
C GLY C 578 -6.14 4.24 -90.68
N TYR C 579 -7.44 4.51 -90.60
CA TYR C 579 -8.11 5.24 -91.67
C TYR C 579 -7.64 6.68 -91.74
N LEU C 580 -7.28 7.29 -90.60
CA LEU C 580 -6.78 8.65 -90.60
C LEU C 580 -5.46 8.77 -91.32
N ASP C 581 -4.60 7.74 -91.22
CA ASP C 581 -3.31 7.77 -91.88
C ASP C 581 -3.46 7.86 -93.39
N THR C 582 -4.55 7.33 -93.94
CA THR C 582 -4.80 7.45 -95.37
C THR C 582 -5.31 8.83 -95.77
N LEU C 583 -5.91 9.57 -94.83
CA LEU C 583 -6.49 10.86 -95.18
C LEU C 583 -5.40 11.89 -95.50
N ASP C 584 -4.38 11.98 -94.65
CA ASP C 584 -3.35 12.98 -94.86
C ASP C 584 -2.42 12.60 -96.01
N GLN C 585 -2.26 11.30 -96.28
CA GLN C 585 -1.41 10.88 -97.39
C GLN C 585 -1.94 11.38 -98.73
N ASN C 586 -3.25 11.27 -98.93
CA ASN C 586 -3.85 11.79 -100.15
C ASN C 586 -3.94 13.30 -100.10
N ASN C 587 -3.82 13.94 -101.26
CA ASN C 587 -3.88 15.39 -101.37
C ASN C 587 -5.32 15.84 -101.23
N ASN C 588 -5.78 15.91 -99.99
CA ASN C 588 -7.16 16.27 -99.68
C ASN C 588 -7.19 17.63 -98.98
N ASN C 589 -8.20 18.42 -99.32
CA ASN C 589 -8.42 19.70 -98.66
C ASN C 589 -8.83 19.47 -97.20
N GLY C 590 -8.43 20.40 -96.34
CA GLY C 590 -8.83 20.31 -94.94
C GLY C 590 -10.33 20.37 -94.76
N GLU C 591 -11.00 21.19 -95.58
CA GLU C 591 -12.46 21.23 -95.54
C GLU C 591 -13.06 19.90 -95.97
N GLN C 592 -12.42 19.22 -96.92
CA GLN C 592 -12.91 17.91 -97.35
C GLN C 592 -12.85 16.90 -96.21
N ILE C 593 -11.83 17.00 -95.37
CA ILE C 593 -11.72 16.09 -94.23
C ILE C 593 -12.90 16.30 -93.27
N ASN C 594 -13.33 17.55 -93.08
CA ASN C 594 -14.50 17.80 -92.25
C ASN C 594 -15.74 17.11 -92.81
N GLU C 595 -15.94 17.20 -94.12
CA GLU C 595 -17.06 16.50 -94.74
C GLU C 595 -16.91 14.99 -94.61
N LEU C 596 -15.70 14.47 -94.84
CA LEU C 596 -15.47 13.03 -94.79
C LEU C 596 -15.63 12.47 -93.38
N ILE C 597 -15.06 13.15 -92.38
CA ILE C 597 -15.08 12.62 -91.02
C ILE C 597 -16.51 12.57 -90.50
N ALA C 598 -17.26 13.65 -90.71
CA ALA C 598 -18.65 13.69 -90.25
C ALA C 598 -19.52 12.69 -91.00
N SER C 599 -19.29 12.55 -92.32
CA SER C 599 -20.15 11.69 -93.13
C SER C 599 -19.93 10.22 -92.82
N GLU C 600 -18.66 9.81 -92.69
CA GLU C 600 -18.37 8.39 -92.55
C GLU C 600 -18.69 7.85 -91.16
N THR C 601 -18.66 8.70 -90.14
CA THR C 601 -18.82 8.27 -88.76
C THR C 601 -20.13 8.72 -88.12
N VAL C 602 -20.52 9.99 -88.30
CA VAL C 602 -21.67 10.53 -87.60
C VAL C 602 -22.87 10.71 -88.51
N ASP C 603 -22.66 11.23 -89.72
CA ASP C 603 -23.79 11.52 -90.60
C ASP C 603 -24.52 10.26 -91.05
N GLU C 604 -23.89 9.09 -90.97
CA GLU C 604 -24.56 7.84 -91.29
C GLU C 604 -25.80 7.68 -90.41
N THR C 605 -26.93 7.33 -91.04
CA THR C 605 -28.20 7.29 -90.32
C THR C 605 -28.26 6.20 -89.26
N ALA C 606 -27.48 5.14 -89.39
CA ALA C 606 -27.47 4.05 -88.43
C ALA C 606 -26.39 4.23 -87.37
N SER C 607 -25.66 5.33 -87.39
CA SER C 607 -24.60 5.58 -86.43
C SER C 607 -25.16 6.03 -85.10
N ASP C 608 -24.52 5.58 -84.02
CA ASP C 608 -24.88 5.95 -82.66
C ASP C 608 -23.79 6.76 -81.97
N ASP C 609 -22.66 6.98 -82.62
CA ASP C 609 -21.55 7.66 -81.99
C ASP C 609 -21.80 9.17 -81.94
N LEU C 610 -21.20 9.83 -80.95
CA LEU C 610 -21.39 11.25 -80.71
C LEU C 610 -20.05 11.99 -80.80
N ILE C 611 -20.11 13.24 -81.28
CA ILE C 611 -18.93 14.09 -81.32
C ILE C 611 -19.28 15.49 -80.84
N VAL C 612 -18.25 16.26 -80.49
CA VAL C 612 -18.38 17.68 -80.19
C VAL C 612 -17.37 18.42 -81.05
N THR C 613 -17.72 19.64 -81.44
CA THR C 613 -16.90 20.41 -82.37
C THR C 613 -16.36 21.66 -81.70
N GLU C 614 -15.09 21.97 -81.99
CA GLU C 614 -14.46 23.18 -81.46
C GLU C 614 -13.37 23.60 -82.44
N THR C 615 -13.17 24.91 -82.57
CA THR C 615 -12.19 25.44 -83.51
C THR C 615 -11.32 26.49 -82.85
N PHE C 616 -10.08 26.61 -83.33
CA PHE C 616 -9.17 27.62 -82.83
C PHE C 616 -8.14 27.95 -83.90
N ARG C 617 -7.78 29.22 -83.99
CA ARG C 617 -6.80 29.68 -84.98
C ARG C 617 -5.40 29.44 -84.44
N LEU C 618 -4.66 28.55 -85.10
CA LEU C 618 -3.28 28.28 -84.68
C LEU C 618 -2.39 29.39 -85.24
N ALA C 619 -1.99 30.31 -84.38
CA ALA C 619 -1.17 31.46 -84.76
C ALA C 619 0.16 31.40 -84.03
N GLU C 620 0.97 32.45 -84.18
CA GLU C 620 2.31 32.48 -83.53
C GLU C 620 2.16 32.98 -82.09
N SER C 621 3.26 32.98 -81.32
CA SER C 621 3.22 33.37 -79.88
C SER C 621 2.90 34.86 -79.69
N SER C 622 2.13 35.21 -78.65
CA SER C 622 1.85 36.64 -78.37
C SER C 622 1.95 36.97 -76.88
N THR C 623 2.44 38.18 -76.57
CA THR C 623 2.54 38.66 -75.15
C THR C 623 2.52 40.20 -75.20
N SER C 624 1.56 40.84 -74.55
CA SER C 624 1.43 42.29 -74.69
C SER C 624 0.84 42.86 -73.41
N ILE C 625 1.05 44.16 -73.21
CA ILE C 625 0.50 44.89 -72.08
C ILE C 625 -0.72 45.66 -72.54
N ASP C 626 -1.84 45.49 -71.83
CA ASP C 626 -3.11 46.06 -72.25
C ASP C 626 -3.44 47.37 -71.53
N SER C 627 -3.50 47.34 -70.20
CA SER C 627 -3.92 48.51 -69.44
C SER C 627 -3.05 48.69 -68.21
N ILE C 628 -2.66 49.94 -67.95
CA ILE C 628 -1.95 50.31 -66.75
C ILE C 628 -2.68 51.49 -66.11
N TYR C 629 -3.02 51.36 -64.83
CA TYR C 629 -3.81 52.37 -64.13
C TYR C 629 -3.77 52.05 -62.64
N PRO C 630 -3.99 53.05 -61.78
CA PRO C 630 -3.97 52.82 -60.33
C PRO C 630 -5.21 52.07 -59.84
N ASP C 631 -5.35 51.95 -58.52
CA ASP C 631 -6.47 51.23 -57.92
C ASP C 631 -7.82 51.88 -58.21
N ALA C 632 -7.82 53.01 -58.90
CA ALA C 632 -9.07 53.67 -59.26
C ALA C 632 -9.78 52.88 -60.36
N ALA C 633 -10.93 53.39 -60.79
CA ALA C 633 -11.73 52.74 -61.81
C ALA C 633 -11.39 53.32 -63.17
N GLU C 634 -10.74 52.52 -64.01
CA GLU C 634 -10.38 52.94 -65.36
C GLU C 634 -10.04 51.71 -66.19
N ALA C 635 -10.40 51.76 -67.48
CA ALA C 635 -10.11 50.65 -68.38
C ALA C 635 -9.59 51.12 -69.74
N ALA C 636 -9.29 52.40 -69.89
CA ALA C 636 -8.79 52.90 -71.17
C ALA C 636 -7.44 52.29 -71.52
N GLY C 637 -6.54 52.21 -70.53
CA GLY C 637 -5.24 51.59 -70.76
C GLY C 637 -4.08 52.37 -70.18
N ILE C 638 -4.18 53.70 -70.15
CA ILE C 638 -3.12 54.56 -69.66
C ILE C 638 -3.71 55.52 -68.63
N ASN C 639 -3.00 55.68 -67.51
CA ASN C 639 -3.42 56.57 -66.44
C ASN C 639 -2.24 56.96 -65.58
N PRO C 640 -1.97 58.26 -65.41
CA PRO C 640 -0.90 58.68 -64.50
C PRO C 640 -1.17 58.18 -63.08
N VAL C 641 -0.11 57.77 -62.41
CA VAL C 641 -0.20 57.15 -61.08
C VAL C 641 0.56 58.01 -60.09
N ALA C 642 -0.13 58.40 -59.02
CA ALA C 642 0.51 59.13 -57.93
C ALA C 642 1.29 58.17 -57.04
N THR C 643 2.45 58.63 -56.59
CA THR C 643 3.28 57.80 -55.72
C THR C 643 2.61 57.58 -54.37
N GLY C 644 2.88 56.43 -53.77
CA GLY C 644 2.33 56.05 -52.48
C GLY C 644 1.15 55.10 -52.56
N GLU C 645 0.52 54.96 -53.72
CA GLU C 645 -0.62 54.06 -53.88
C GLU C 645 -0.26 52.99 -54.90
N THR C 646 -0.72 51.77 -54.65
CA THR C 646 -0.45 50.66 -55.55
C THR C 646 -1.18 50.85 -56.86
N MET C 647 -0.52 50.50 -57.97
CA MET C 647 -1.10 50.59 -59.30
C MET C 647 -1.09 49.20 -59.93
N VAL C 648 -2.14 48.89 -60.67
CA VAL C 648 -2.29 47.59 -61.32
C VAL C 648 -1.93 47.72 -62.78
N ILE C 649 -1.33 46.66 -63.32
CA ILE C 649 -1.00 46.58 -64.74
C ILE C 649 -1.60 45.29 -65.28
N ALA C 650 -2.26 45.38 -66.43
CA ALA C 650 -2.98 44.24 -67.00
C ALA C 650 -2.50 44.02 -68.43
N GLY C 651 -2.18 42.76 -68.75
CA GLY C 651 -1.73 42.41 -70.08
C GLY C 651 -2.33 41.09 -70.52
N SER C 652 -2.12 40.78 -71.80
CA SER C 652 -2.63 39.56 -72.41
C SER C 652 -1.48 38.63 -72.76
N THR C 653 -1.77 37.33 -72.74
CA THR C 653 -0.77 36.32 -73.06
C THR C 653 -1.47 35.07 -73.58
N ASN C 654 -0.69 34.23 -74.25
CA ASN C 654 -1.18 32.95 -74.75
C ASN C 654 -0.44 31.76 -74.16
N LEU C 655 0.49 32.00 -73.23
CA LEU C 655 1.31 30.93 -72.69
C LEU C 655 0.52 30.10 -71.69
N LYS C 656 1.11 28.97 -71.30
CA LYS C 656 0.50 28.14 -70.28
C LYS C 656 0.47 28.89 -68.94
N PRO C 657 -0.62 28.78 -68.19
CA PRO C 657 -0.73 29.56 -66.95
C PRO C 657 0.33 29.23 -65.91
N ASP C 658 0.76 27.97 -65.83
CA ASP C 658 1.66 27.53 -64.78
C ASP C 658 3.08 27.24 -65.25
N ASP C 659 3.24 26.63 -66.43
CA ASP C 659 4.56 26.25 -66.91
C ASP C 659 5.42 27.45 -67.30
N ASN C 660 4.83 28.65 -67.43
CA ASN C 660 5.57 29.84 -67.83
C ASN C 660 5.32 30.94 -66.80
N THR C 661 5.98 32.07 -67.00
CA THR C 661 5.84 33.21 -66.11
C THR C 661 6.13 34.49 -66.87
N ILE C 662 5.66 35.61 -66.32
CA ILE C 662 5.86 36.93 -66.88
C ILE C 662 6.62 37.77 -65.86
N SER C 663 7.77 38.29 -66.26
CA SER C 663 8.62 39.12 -65.41
C SER C 663 8.52 40.57 -65.87
N ILE C 664 8.34 41.48 -64.92
CA ILE C 664 8.21 42.90 -65.23
C ILE C 664 9.49 43.62 -64.84
N GLU C 665 9.69 44.79 -65.43
CA GLU C 665 10.81 45.66 -65.09
C GLU C 665 10.36 47.12 -65.17
N VAL C 666 10.61 47.88 -64.10
CA VAL C 666 10.32 49.31 -64.06
C VAL C 666 11.64 50.05 -63.89
N THR C 667 11.96 50.91 -64.86
CA THR C 667 13.24 51.62 -64.86
C THR C 667 13.01 53.11 -65.07
N ASN C 668 13.90 53.92 -64.48
CA ASN C 668 13.82 55.37 -64.55
C ASN C 668 14.45 55.91 -65.83
N GLU C 669 14.71 57.23 -65.83
CA GLU C 669 15.22 57.90 -67.01
C GLU C 669 16.64 57.48 -67.38
N ASP C 670 17.39 56.85 -66.47
CA ASP C 670 18.76 56.45 -66.77
C ASP C 670 19.02 55.04 -66.21
N GLY C 671 18.19 54.09 -66.63
CA GLY C 671 18.43 52.67 -66.36
C GLY C 671 18.66 52.30 -64.91
N THR C 672 17.90 52.88 -64.00
CA THR C 672 17.90 52.46 -62.60
C THR C 672 16.60 51.70 -62.39
N SER C 673 16.67 50.37 -62.34
CA SER C 673 15.48 49.58 -62.06
C SER C 673 15.03 49.82 -60.62
N VAL C 674 13.72 49.91 -60.43
CA VAL C 674 13.16 50.21 -59.13
C VAL C 674 12.25 49.07 -58.66
N ALA C 675 11.66 48.34 -59.60
CA ALA C 675 10.69 47.31 -59.26
C ALA C 675 10.91 46.09 -60.14
N LEU C 676 10.52 44.93 -59.61
CA LEU C 676 10.63 43.68 -60.36
C LEU C 676 9.67 42.69 -59.73
N GLU C 677 8.62 42.31 -60.47
CA GLU C 677 7.64 41.35 -59.99
C GLU C 677 7.34 40.33 -61.08
N ASP C 678 6.92 39.15 -60.67
CA ASP C 678 6.65 38.06 -61.58
C ASP C 678 5.34 37.38 -61.18
N THR C 679 4.63 36.88 -62.19
CA THR C 679 3.40 36.12 -61.98
C THR C 679 3.45 34.85 -62.81
N ASP C 680 2.91 33.77 -62.24
CA ASP C 680 2.86 32.48 -62.92
C ASP C 680 1.48 31.85 -62.74
N GLU C 681 0.44 32.68 -62.79
CA GLU C 681 -0.92 32.20 -62.66
C GLU C 681 -1.87 33.19 -63.31
N TRP C 682 -2.82 32.66 -64.09
CA TRP C 682 -3.87 33.45 -64.71
C TRP C 682 -4.91 32.48 -65.28
N ASN C 683 -6.18 32.89 -65.21
CA ASN C 683 -7.26 32.03 -65.66
C ASN C 683 -7.23 31.89 -67.18
N ASN C 684 -8.14 31.05 -67.69
CA ASN C 684 -8.22 30.80 -69.13
C ASN C 684 -8.74 31.98 -69.92
N ASP C 685 -8.98 33.13 -69.28
CA ASP C 685 -9.34 34.33 -70.03
C ASP C 685 -8.14 34.99 -70.68
N GLY C 686 -6.92 34.67 -70.25
CA GLY C 686 -5.72 35.22 -70.81
C GLY C 686 -5.22 36.50 -70.17
N GLN C 687 -5.97 37.07 -69.24
CA GLN C 687 -5.59 38.32 -68.60
C GLN C 687 -4.77 38.05 -67.34
N TRP C 688 -3.68 38.80 -67.18
CA TRP C 688 -2.83 38.71 -66.01
C TRP C 688 -2.59 40.11 -65.45
N MET C 689 -2.63 40.21 -64.12
CA MET C 689 -2.41 41.48 -63.43
C MET C 689 -1.22 41.37 -62.49
N VAL C 690 -0.41 42.42 -62.46
CA VAL C 690 0.80 42.46 -61.64
C VAL C 690 0.73 43.70 -60.75
N GLU C 691 1.02 43.52 -59.46
CA GLU C 691 0.93 44.58 -58.48
C GLU C 691 2.33 45.07 -58.11
N ILE C 692 2.54 46.38 -58.22
CA ILE C 692 3.79 47.00 -57.80
C ILE C 692 3.47 48.24 -56.97
N ASP C 693 4.23 48.46 -55.92
CA ASP C 693 4.02 49.59 -55.03
C ASP C 693 4.76 50.83 -55.53
N THR C 694 4.21 51.99 -55.21
CA THR C 694 4.79 53.28 -55.59
C THR C 694 5.15 54.10 -54.35
N THR C 695 5.63 53.41 -53.31
CA THR C 695 5.93 54.10 -52.06
C THR C 695 7.13 55.03 -52.20
N ASP C 696 8.23 54.53 -52.78
CA ASP C 696 9.46 55.28 -52.91
C ASP C 696 9.69 55.83 -54.30
N PHE C 697 8.67 55.80 -55.16
CA PHE C 697 8.83 56.25 -56.53
C PHE C 697 8.97 57.77 -56.59
N GLU C 698 9.57 58.24 -57.68
CA GLU C 698 9.78 59.66 -57.92
C GLU C 698 9.03 60.07 -59.18
N THR C 699 8.49 61.28 -59.18
CA THR C 699 7.70 61.75 -60.30
C THR C 699 8.55 61.86 -61.57
N GLY C 700 7.93 61.58 -62.70
CA GLY C 700 8.61 61.63 -63.99
C GLY C 700 8.03 60.57 -64.92
N THR C 701 8.89 60.10 -65.82
CA THR C 701 8.54 59.09 -66.81
C THR C 701 9.26 57.78 -66.48
N PHE C 702 8.51 56.68 -66.47
CA PHE C 702 9.01 55.38 -66.08
C PHE C 702 8.67 54.36 -67.15
N THR C 703 9.56 53.41 -67.37
CA THR C 703 9.45 52.43 -68.44
C THR C 703 9.07 51.08 -67.86
N VAL C 704 8.04 50.46 -68.42
CA VAL C 704 7.55 49.16 -67.98
C VAL C 704 7.91 48.14 -69.06
N GLU C 705 8.64 47.10 -68.66
CA GLU C 705 9.14 46.09 -69.58
C GLU C 705 8.72 44.71 -69.10
N ALA C 706 8.18 43.90 -70.00
CA ALA C 706 7.72 42.55 -69.67
C ALA C 706 8.24 41.58 -70.71
N ASP C 707 8.85 40.49 -70.24
CA ASP C 707 9.39 39.47 -71.12
C ASP C 707 9.06 38.08 -70.56
N ASP C 708 9.06 37.09 -71.46
CA ASP C 708 8.80 35.71 -71.10
C ASP C 708 9.72 34.76 -71.85
N GLY C 709 10.94 35.19 -72.16
CA GLY C 709 11.82 34.43 -73.02
C GLY C 709 11.52 34.59 -74.49
N ASP C 710 10.68 35.55 -74.87
CA ASP C 710 10.23 35.77 -76.23
C ASP C 710 10.22 37.28 -76.46
N ASN C 711 9.50 37.72 -77.49
CA ASN C 711 9.42 39.13 -77.83
C ASN C 711 8.95 39.95 -76.63
N THR C 712 9.61 41.07 -76.42
CA THR C 712 9.43 41.90 -75.24
C THR C 712 8.64 43.16 -75.59
N ASP C 713 7.62 43.46 -74.80
CA ASP C 713 6.82 44.66 -74.96
C ASP C 713 7.22 45.72 -73.93
N THR C 714 7.26 46.98 -74.38
CA THR C 714 7.63 48.10 -73.52
C THR C 714 6.56 49.16 -73.60
N VAL C 715 6.22 49.73 -72.43
CA VAL C 715 5.24 50.81 -72.33
C VAL C 715 5.76 51.83 -71.32
N ASN C 716 5.44 53.09 -71.57
CA ASN C 716 5.87 54.19 -70.71
C ASN C 716 4.68 54.84 -70.03
N VAL C 717 4.82 55.11 -68.73
CA VAL C 717 3.78 55.76 -67.94
C VAL C 717 4.40 56.92 -67.19
N GLU C 718 3.58 57.94 -66.93
CA GLU C 718 4.02 59.12 -66.22
C GLU C 718 3.70 59.02 -64.73
N VAL C 719 4.57 59.59 -63.91
CA VAL C 719 4.41 59.59 -62.45
C VAL C 719 4.29 61.03 -61.99
N VAL C 720 3.26 61.32 -61.19
CA VAL C 720 2.98 62.66 -60.71
C VAL C 720 2.80 62.59 -59.20
N SER C 721 3.05 63.72 -58.53
CA SER C 721 2.85 63.78 -57.09
C SER C 721 1.39 63.56 -56.72
N GLU C 722 0.49 64.28 -57.39
CA GLU C 722 -0.95 64.12 -57.19
C GLU C 722 -1.64 64.24 -58.53
N ARG C 723 -2.77 63.53 -58.65
CA ARG C 723 -3.54 63.52 -59.88
C ARG C 723 -4.68 64.54 -59.82
N GLU C 724 -5.30 64.77 -60.97
CA GLU C 724 -6.43 65.68 -61.08
C GLU C 724 -7.73 64.88 -61.05
N ASP C 725 -8.65 65.28 -60.19
CA ASP C 725 -9.93 64.60 -60.05
C ASP C 725 -11.05 65.58 -59.71
N GLU D 1 2.67 -50.08 -28.02
CA GLU D 1 3.66 -50.21 -26.95
C GLU D 1 3.87 -48.85 -26.29
N ARG D 2 5.00 -48.68 -25.61
CA ARG D 2 5.37 -47.41 -25.01
C ARG D 2 6.63 -46.89 -25.70
N GLY D 3 6.61 -45.62 -26.06
CA GLY D 3 7.67 -45.03 -26.86
C GLY D 3 7.36 -45.00 -28.34
N ASN D 4 6.51 -45.93 -28.79
CA ASN D 4 5.97 -45.97 -30.15
C ASN D 4 4.47 -46.11 -29.97
N LEU D 5 3.80 -44.96 -29.80
CA LEU D 5 2.41 -44.97 -29.36
C LEU D 5 1.45 -45.21 -30.51
N ASP D 6 1.69 -44.57 -31.67
CA ASP D 6 0.80 -44.73 -32.81
C ASP D 6 0.97 -46.06 -33.52
N ALA D 7 1.98 -46.85 -33.16
CA ALA D 7 2.19 -48.15 -33.79
C ALA D 7 1.06 -49.13 -33.50
N ASP D 8 0.30 -48.91 -32.43
CA ASP D 8 -0.82 -49.78 -32.07
C ASP D 8 -2.15 -49.03 -32.11
N SER D 9 -2.19 -47.86 -32.77
CA SER D 9 -3.40 -47.05 -32.89
C SER D 9 -3.97 -46.66 -31.53
N GLU D 10 -3.10 -46.53 -30.53
CA GLU D 10 -3.51 -46.14 -29.19
C GLU D 10 -3.17 -44.69 -28.93
N SER D 11 -4.07 -43.99 -28.25
CA SER D 11 -3.83 -42.60 -27.89
C SER D 11 -2.96 -42.46 -26.65
N PHE D 12 -2.71 -43.54 -25.92
CA PHE D 12 -1.92 -43.51 -24.70
C PHE D 12 -1.57 -44.94 -24.32
N ASN D 13 -0.60 -45.07 -23.41
CA ASN D 13 -0.31 -46.35 -22.77
C ASN D 13 0.43 -46.07 -21.48
N LYS D 14 0.11 -46.84 -20.45
CA LYS D 14 0.67 -46.67 -19.11
C LYS D 14 1.34 -47.94 -18.60
N THR D 15 1.88 -48.75 -19.52
CA THR D 15 2.62 -49.96 -19.17
C THR D 15 4.10 -49.61 -19.26
N ILE D 16 4.65 -49.15 -18.15
CA ILE D 16 6.04 -48.69 -18.10
C ILE D 16 6.96 -49.88 -17.93
N GLN D 17 8.01 -49.93 -18.74
CA GLN D 17 9.07 -50.93 -18.63
C GLN D 17 10.31 -50.31 -18.02
N SER D 18 11.25 -51.16 -17.64
CA SER D 18 12.46 -50.71 -16.97
C SER D 18 13.28 -49.79 -17.89
N GLY D 19 13.75 -48.69 -17.31
CA GLY D 19 14.59 -47.74 -18.03
C GLY D 19 13.85 -46.71 -18.86
N ASP D 20 12.52 -46.73 -18.86
CA ASP D 20 11.75 -45.79 -19.66
C ASP D 20 11.67 -44.43 -18.96
N ARG D 21 10.88 -43.52 -19.51
CA ARG D 21 10.70 -42.20 -18.94
C ARG D 21 9.27 -42.02 -18.45
N VAL D 22 9.11 -41.21 -17.41
CA VAL D 22 7.83 -40.95 -16.79
C VAL D 22 7.71 -39.44 -16.56
N PHE D 23 6.52 -38.91 -16.77
CA PHE D 23 6.29 -37.47 -16.67
C PHE D 23 5.54 -37.14 -15.38
N LEU D 24 5.39 -35.83 -15.14
CA LEU D 24 4.94 -35.35 -13.85
C LEU D 24 3.53 -35.81 -13.52
N GLY D 25 2.58 -35.62 -14.44
CA GLY D 25 1.19 -35.84 -14.12
C GLY D 25 0.63 -37.21 -14.45
N GLU D 26 1.49 -38.19 -14.71
CA GLU D 26 1.00 -39.49 -15.14
C GLU D 26 0.25 -40.19 -14.01
N GLU D 27 -0.46 -41.25 -14.39
CA GLU D 27 -1.18 -42.13 -13.47
C GLU D 27 -0.82 -43.55 -13.88
N ILE D 28 0.22 -44.10 -13.24
CA ILE D 28 0.75 -45.39 -13.64
C ILE D 28 -0.29 -46.48 -13.45
N SER D 29 -0.28 -47.47 -14.35
CA SER D 29 -1.17 -48.61 -14.28
C SER D 29 -0.49 -49.73 -13.50
N THR D 30 -1.21 -50.28 -12.52
CA THR D 30 -0.69 -51.32 -11.64
C THR D 30 -0.82 -52.71 -12.22
N ASP D 31 -1.13 -52.83 -13.51
CA ASP D 31 -1.24 -54.13 -14.17
C ASP D 31 0.16 -54.62 -14.53
N ALA D 32 0.23 -55.62 -15.39
CA ALA D 32 1.51 -56.21 -15.77
C ALA D 32 2.45 -55.16 -16.33
N GLY D 33 3.70 -55.19 -15.87
CA GLY D 33 4.71 -54.21 -16.18
C GLY D 33 5.44 -53.82 -14.92
N LEU D 34 6.03 -52.62 -14.94
CA LEU D 34 6.72 -52.10 -13.75
C LEU D 34 5.76 -51.29 -12.88
N GLY D 35 4.60 -51.86 -12.59
CA GLY D 35 3.63 -51.25 -11.70
C GLY D 35 3.12 -52.21 -10.67
N ALA D 36 3.42 -53.50 -10.86
CA ALA D 36 3.09 -54.53 -9.89
C ALA D 36 4.33 -55.35 -9.54
N SER D 37 5.28 -55.43 -10.48
CA SER D 37 6.54 -56.10 -10.21
C SER D 37 7.47 -55.28 -9.34
N ASN D 38 7.28 -53.97 -9.28
CA ASN D 38 8.17 -53.10 -8.51
C ASN D 38 7.47 -51.78 -8.24
N PRO D 39 6.49 -51.75 -7.32
CA PRO D 39 5.72 -50.51 -7.13
C PRO D 39 6.44 -49.43 -6.34
N LEU D 40 7.48 -49.77 -5.58
CA LEU D 40 8.18 -48.82 -4.74
C LEU D 40 9.51 -48.45 -5.39
N LEU D 41 9.74 -47.15 -5.60
CA LEU D 41 10.96 -46.67 -6.22
C LEU D 41 11.54 -45.53 -5.40
N THR D 42 12.87 -45.45 -5.41
CA THR D 42 13.62 -44.48 -4.62
C THR D 42 14.60 -43.75 -5.52
N GLY D 43 14.92 -42.51 -5.14
CA GLY D 43 15.79 -41.68 -5.96
C GLY D 43 17.23 -42.16 -5.95
N THR D 44 18.01 -41.61 -6.87
CA THR D 44 19.39 -42.04 -7.09
C THR D 44 20.41 -40.96 -6.72
N ALA D 45 20.32 -39.78 -7.33
CA ALA D 45 21.33 -38.77 -7.12
C ALA D 45 20.69 -37.39 -7.20
N GLY D 46 21.51 -36.36 -6.97
CA GLY D 46 21.04 -34.99 -7.04
C GLY D 46 20.02 -34.70 -5.95
N ASN D 47 19.05 -33.84 -6.29
CA ASN D 47 18.00 -33.51 -5.34
C ASN D 47 17.01 -34.65 -5.14
N SER D 48 17.05 -35.67 -5.99
CA SER D 48 16.08 -36.75 -5.94
C SER D 48 16.53 -37.93 -5.09
N GLU D 49 17.77 -37.93 -4.62
CA GLU D 49 18.28 -39.07 -3.86
C GLU D 49 17.56 -39.17 -2.53
N GLY D 50 17.21 -40.39 -2.15
CA GLY D 50 16.48 -40.67 -0.92
C GLY D 50 14.97 -40.54 -1.07
N VAL D 51 14.51 -39.57 -1.88
CA VAL D 51 13.09 -39.37 -2.08
C VAL D 51 12.49 -40.59 -2.76
N SER D 52 11.29 -40.96 -2.36
CA SER D 52 10.60 -42.13 -2.90
C SER D 52 9.60 -41.72 -3.96
N LEU D 53 9.32 -42.64 -4.88
CA LEU D 53 8.36 -42.45 -5.96
C LEU D 53 7.37 -43.60 -5.90
N ASP D 54 6.12 -43.31 -5.55
CA ASP D 54 5.09 -44.32 -5.42
C ASP D 54 4.37 -44.44 -6.76
N LEU D 55 4.64 -45.53 -7.48
CA LEU D 55 4.02 -45.75 -8.78
C LEU D 55 2.56 -46.16 -8.69
N SER D 56 2.14 -46.72 -7.55
CA SER D 56 0.75 -47.12 -7.38
C SER D 56 -0.19 -45.93 -7.24
N SER D 57 0.34 -44.73 -7.10
CA SER D 57 -0.44 -43.52 -6.93
C SER D 57 -0.07 -42.49 -7.99
N PRO D 58 -0.96 -41.55 -8.29
CA PRO D 58 -0.63 -40.49 -9.24
C PRO D 58 0.57 -39.69 -8.78
N ILE D 59 1.39 -39.27 -9.74
CA ILE D 59 2.65 -38.58 -9.46
C ILE D 59 2.39 -37.08 -9.31
N PRO D 60 2.90 -36.45 -8.25
CA PRO D 60 2.70 -35.00 -8.08
C PRO D 60 3.39 -34.17 -9.14
N GLN D 61 3.28 -32.84 -9.04
CA GLN D 61 3.67 -31.95 -10.12
C GLN D 61 4.48 -30.79 -9.55
N THR D 62 4.67 -29.77 -10.39
CA THR D 62 5.41 -28.54 -10.11
C THR D 62 6.74 -28.76 -9.38
N THR D 63 7.41 -29.88 -9.67
CA THR D 63 8.74 -30.24 -9.17
C THR D 63 8.86 -30.22 -7.64
N GLU D 64 7.75 -30.31 -6.92
CA GLU D 64 7.72 -30.40 -5.47
C GLU D 64 7.23 -31.78 -5.05
N ASN D 65 7.88 -32.33 -4.03
CA ASN D 65 7.69 -33.67 -3.48
C ASN D 65 8.06 -34.77 -4.44
N GLN D 66 8.54 -34.45 -5.64
CA GLN D 66 9.01 -35.45 -6.60
C GLN D 66 10.08 -34.83 -7.48
N PRO D 67 11.33 -34.82 -7.00
CA PRO D 67 12.40 -34.18 -7.76
C PRO D 67 12.70 -34.94 -9.05
N LEU D 68 13.11 -34.19 -10.06
CA LEU D 68 13.43 -34.78 -11.36
C LEU D 68 14.75 -35.54 -11.29
N GLY D 69 14.79 -36.72 -11.88
CA GLY D 69 16.02 -37.48 -11.94
C GLY D 69 15.75 -38.96 -12.13
N THR D 70 16.85 -39.70 -12.21
CA THR D 70 16.82 -41.15 -12.32
C THR D 70 16.51 -41.77 -10.95
N TYR D 71 15.72 -42.83 -10.96
CA TYR D 71 15.27 -43.49 -9.73
C TYR D 71 15.71 -44.96 -9.75
N ASP D 72 16.34 -45.40 -8.66
CA ASP D 72 16.73 -46.80 -8.54
C ASP D 72 15.63 -47.60 -7.84
N VAL D 73 15.89 -48.90 -7.69
CA VAL D 73 15.13 -49.73 -6.77
C VAL D 73 15.78 -49.73 -5.39
N ASP D 74 17.09 -49.46 -5.33
CA ASP D 74 17.84 -49.48 -4.09
C ASP D 74 18.17 -48.09 -3.57
N GLY D 75 18.04 -47.09 -4.41
CA GLY D 75 18.40 -45.74 -4.04
C GLY D 75 19.80 -45.45 -4.54
N SER D 76 20.43 -44.47 -3.91
CA SER D 76 21.81 -44.15 -4.25
C SER D 76 22.67 -45.33 -3.84
N GLY D 77 23.12 -46.13 -4.80
CA GLY D 77 23.88 -47.32 -4.46
C GLY D 77 24.64 -47.93 -5.61
N SER D 78 24.86 -49.25 -5.52
CA SER D 78 25.64 -49.98 -6.51
C SER D 78 24.77 -50.85 -7.40
N ALA D 79 23.48 -50.57 -7.45
CA ALA D 79 22.55 -51.32 -8.29
C ALA D 79 22.01 -50.41 -9.37
N THR D 80 21.97 -50.94 -10.59
CA THR D 80 21.33 -50.29 -11.75
C THR D 80 20.34 -51.32 -12.29
N THR D 81 19.13 -51.27 -11.75
CA THR D 81 18.10 -52.30 -11.87
C THR D 81 16.78 -51.55 -11.97
N PRO D 82 15.56 -52.23 -12.05
CA PRO D 82 14.36 -51.54 -12.57
C PRO D 82 14.23 -50.06 -12.24
N ASN D 83 13.88 -49.26 -13.24
CA ASN D 83 14.47 -47.95 -13.43
C ASN D 83 13.42 -47.02 -14.03
N VAL D 84 13.44 -45.78 -13.57
CA VAL D 84 12.53 -44.73 -14.06
C VAL D 84 13.26 -43.40 -13.99
N THR D 85 13.19 -42.63 -15.07
CA THR D 85 13.62 -41.25 -15.08
C THR D 85 12.40 -40.36 -15.23
N LEU D 86 12.40 -39.25 -14.49
CA LEU D 86 11.23 -38.39 -14.39
C LEU D 86 11.54 -37.06 -15.09
N LEU D 87 10.84 -36.79 -16.18
CA LEU D 87 10.97 -35.57 -16.95
C LEU D 87 9.79 -34.65 -16.66
N ALA D 88 9.69 -33.56 -17.42
CA ALA D 88 8.59 -32.64 -17.29
C ALA D 88 7.82 -32.55 -18.61
N PRO D 89 6.49 -32.42 -18.56
CA PRO D 89 5.72 -32.32 -19.80
C PRO D 89 5.82 -30.91 -20.38
N ARG D 90 5.93 -30.85 -21.70
CA ARG D 90 6.21 -29.58 -22.36
C ARG D 90 5.61 -29.52 -23.75
N ILE D 91 5.10 -28.35 -24.10
CA ILE D 91 4.76 -28.00 -25.49
C ILE D 91 5.66 -26.84 -25.86
N THR D 92 6.47 -27.01 -26.90
CA THR D 92 7.48 -26.02 -27.24
C THR D 92 6.98 -25.01 -28.27
N ASP D 93 6.59 -25.48 -29.44
CA ASP D 93 6.14 -24.60 -30.51
C ASP D 93 4.88 -25.17 -31.14
N SER D 94 4.02 -24.28 -31.62
CA SER D 94 2.78 -24.67 -32.26
C SER D 94 2.31 -23.55 -33.16
N GLU D 95 1.80 -23.90 -34.34
CA GLU D 95 1.42 -22.90 -35.33
C GLU D 95 0.21 -23.40 -36.10
N ILE D 96 -0.48 -22.45 -36.74
CA ILE D 96 -1.56 -22.75 -37.68
C ILE D 96 -1.09 -22.28 -39.05
N LEU D 97 -1.07 -23.19 -40.02
CA LEU D 97 -0.53 -22.89 -41.34
C LEU D 97 -1.52 -23.29 -42.42
N THR D 98 -1.53 -22.50 -43.49
CA THR D 98 -2.41 -22.68 -44.63
C THR D 98 -1.88 -23.84 -45.49
N SER D 99 -2.68 -24.25 -46.49
CA SER D 99 -2.35 -25.43 -47.29
C SER D 99 -1.02 -25.28 -48.02
N SER D 100 -0.53 -24.06 -48.22
CA SER D 100 0.75 -23.82 -48.87
C SER D 100 1.67 -23.01 -47.97
N GLY D 101 1.68 -23.34 -46.68
CA GLY D 101 2.52 -22.65 -45.72
C GLY D 101 1.96 -21.30 -45.33
N GLY D 102 2.66 -20.65 -44.41
CA GLY D 102 2.27 -19.34 -43.95
C GLY D 102 1.50 -19.37 -42.64
N ASP D 103 2.16 -18.97 -41.56
CA ASP D 103 1.51 -18.96 -40.25
C ASP D 103 0.37 -17.95 -40.24
N VAL D 104 -0.76 -18.35 -39.66
CA VAL D 104 -1.94 -17.50 -39.64
C VAL D 104 -2.50 -17.41 -38.23
N THR D 105 -1.73 -17.87 -37.24
CA THR D 105 -2.18 -17.82 -35.87
C THR D 105 -2.25 -16.37 -35.38
N GLY D 106 -3.24 -16.09 -34.54
CA GLY D 106 -3.39 -14.77 -33.97
C GLY D 106 -3.65 -13.67 -34.97
N SER D 107 -4.02 -14.02 -36.20
CA SER D 107 -4.25 -13.05 -37.26
C SER D 107 -5.56 -13.37 -37.97
N ALA D 108 -6.29 -12.32 -38.35
CA ALA D 108 -7.55 -12.51 -39.05
C ALA D 108 -7.30 -13.09 -40.44
N ILE D 109 -8.14 -14.04 -40.83
CA ILE D 109 -8.04 -14.68 -42.14
C ILE D 109 -9.42 -14.65 -42.80
N SER D 110 -9.41 -14.63 -44.13
CA SER D 110 -10.65 -14.62 -44.89
C SER D 110 -11.39 -15.95 -44.74
N SER D 111 -12.71 -15.87 -44.65
CA SER D 111 -13.52 -17.08 -44.52
C SER D 111 -13.39 -17.99 -45.73
N SER D 112 -13.23 -17.39 -46.92
CA SER D 112 -13.11 -18.20 -48.13
C SER D 112 -11.83 -19.03 -48.11
N ASP D 113 -10.72 -18.44 -47.68
CA ASP D 113 -9.44 -19.14 -47.68
C ASP D 113 -9.23 -19.99 -46.43
N ALA D 114 -10.07 -19.82 -45.41
CA ALA D 114 -9.94 -20.60 -44.18
C ALA D 114 -10.64 -21.95 -44.32
N GLY D 115 -10.28 -22.71 -45.35
CA GLY D 115 -10.92 -23.99 -45.57
C GLY D 115 -9.97 -25.16 -45.63
N ASN D 116 -8.66 -24.88 -45.59
CA ASN D 116 -7.65 -25.93 -45.62
C ASN D 116 -6.57 -25.63 -44.60
N LEU D 117 -6.97 -25.18 -43.41
CA LEU D 117 -6.01 -24.86 -42.36
C LEU D 117 -5.47 -26.13 -41.72
N TYR D 118 -4.31 -26.00 -41.09
CA TYR D 118 -3.65 -27.10 -40.39
C TYR D 118 -3.21 -26.63 -39.01
N VAL D 119 -3.16 -27.57 -38.06
CA VAL D 119 -2.69 -27.31 -36.70
C VAL D 119 -1.54 -28.25 -36.43
N ASN D 120 -0.41 -27.69 -36.00
CA ASN D 120 0.80 -28.45 -35.71
C ASN D 120 1.38 -27.99 -34.38
N ALA D 121 2.13 -28.89 -33.74
CA ALA D 121 2.72 -28.58 -32.45
C ALA D 121 3.89 -29.53 -32.20
N ASP D 122 4.77 -29.10 -31.30
CA ASP D 122 5.84 -29.95 -30.79
C ASP D 122 5.65 -30.10 -29.28
N TYR D 123 5.65 -31.35 -28.82
CA TYR D 123 5.43 -31.63 -27.41
C TYR D 123 6.49 -32.62 -26.94
N ASN D 124 6.80 -32.53 -25.64
CA ASN D 124 7.82 -33.39 -25.04
C ASN D 124 7.31 -34.81 -24.82
N TYR D 125 6.03 -34.97 -24.50
CA TYR D 125 5.48 -36.26 -24.11
C TYR D 125 4.91 -36.95 -25.34
N GLU D 126 5.80 -37.63 -26.07
CA GLU D 126 5.37 -38.43 -27.21
C GLU D 126 5.33 -39.92 -26.89
N SER D 127 6.16 -40.39 -25.96
CA SER D 127 6.14 -41.79 -25.60
C SER D 127 4.90 -42.15 -24.80
N ALA D 128 4.34 -41.18 -24.06
CA ALA D 128 3.26 -41.45 -23.12
C ALA D 128 1.88 -41.19 -23.72
N GLU D 129 1.60 -39.96 -24.11
CA GLU D 129 0.25 -39.58 -24.52
C GLU D 129 0.30 -38.63 -25.71
N LYS D 130 -0.62 -38.81 -26.64
CA LYS D 130 -0.80 -37.85 -27.71
C LYS D 130 -1.48 -36.59 -27.17
N VAL D 131 -1.50 -35.54 -27.99
CA VAL D 131 -2.07 -34.25 -27.60
C VAL D 131 -3.33 -34.01 -28.42
N GLU D 132 -4.41 -33.64 -27.75
CA GLU D 132 -5.71 -33.44 -28.37
C GLU D 132 -5.84 -32.02 -28.90
N VAL D 133 -6.71 -31.86 -29.90
CA VAL D 133 -7.06 -30.55 -30.43
C VAL D 133 -8.56 -30.36 -30.26
N THR D 134 -8.96 -29.20 -29.75
CA THR D 134 -10.36 -28.91 -29.49
C THR D 134 -10.63 -27.47 -29.92
N VAL D 135 -11.38 -27.31 -31.01
CA VAL D 135 -11.73 -25.99 -31.50
C VAL D 135 -12.95 -25.48 -30.72
N GLU D 136 -12.87 -24.24 -30.25
CA GLU D 136 -13.92 -23.63 -29.45
C GLU D 136 -14.38 -22.34 -30.11
N ASP D 137 -15.70 -22.20 -30.25
CA ASP D 137 -16.26 -20.97 -30.79
C ASP D 137 -16.14 -19.84 -29.77
N PRO D 138 -16.27 -18.58 -30.20
CA PRO D 138 -16.24 -17.47 -29.23
C PRO D 138 -17.30 -17.59 -28.14
N SER D 139 -18.42 -18.26 -28.43
CA SER D 139 -19.41 -18.51 -27.40
C SER D 139 -18.94 -19.53 -26.37
N GLY D 140 -17.94 -20.34 -26.72
CA GLY D 140 -17.40 -21.31 -25.79
C GLY D 140 -18.04 -22.67 -25.88
N THR D 141 -18.09 -23.25 -27.09
CA THR D 141 -18.70 -24.55 -27.28
C THR D 141 -17.81 -25.39 -28.20
N ASP D 142 -17.73 -26.68 -27.90
CA ASP D 142 -16.88 -27.60 -28.66
C ASP D 142 -17.46 -27.82 -30.05
N ILE D 143 -16.82 -27.26 -31.07
CA ILE D 143 -17.24 -27.42 -32.45
C ILE D 143 -16.26 -28.32 -33.22
N THR D 144 -15.48 -29.13 -32.51
CA THR D 144 -14.41 -29.89 -33.15
C THR D 144 -14.95 -30.86 -34.19
N ASN D 145 -16.03 -31.57 -33.87
CA ASN D 145 -16.55 -32.58 -34.79
C ASN D 145 -17.08 -31.97 -36.08
N GLU D 146 -17.51 -30.70 -36.03
CA GLU D 146 -18.00 -30.05 -37.24
C GLU D 146 -16.86 -29.66 -38.18
N VAL D 147 -15.74 -29.20 -37.62
CA VAL D 147 -14.65 -28.65 -38.43
C VAL D 147 -13.55 -29.66 -38.71
N LEU D 148 -13.56 -30.82 -38.05
CA LEU D 148 -12.51 -31.81 -38.26
C LEU D 148 -12.53 -32.32 -39.70
N SER D 149 -11.33 -32.52 -40.26
CA SER D 149 -11.18 -33.00 -41.61
C SER D 149 -10.37 -34.29 -41.73
N GLY D 150 -9.47 -34.55 -40.81
CA GLY D 150 -8.68 -35.78 -40.88
C GLY D 150 -7.69 -35.85 -39.74
N THR D 151 -6.89 -36.92 -39.77
CA THR D 151 -5.79 -37.21 -38.84
C THR D 151 -6.32 -37.65 -37.47
N ASP D 152 -7.65 -37.61 -37.29
CA ASP D 152 -8.30 -38.14 -36.10
C ASP D 152 -7.89 -37.40 -34.83
N THR D 153 -7.82 -36.08 -34.91
CA THR D 153 -7.71 -35.20 -33.75
C THR D 153 -6.36 -35.34 -33.05
N PHE D 154 -5.54 -36.30 -33.48
CA PHE D 154 -4.23 -36.54 -32.88
C PHE D 154 -3.16 -35.96 -33.80
N VAL D 155 -2.30 -35.11 -33.24
CA VAL D 155 -1.18 -34.52 -33.97
C VAL D 155 0.11 -35.10 -33.42
N ASP D 156 1.00 -35.51 -34.32
CA ASP D 156 2.22 -36.18 -33.93
C ASP D 156 3.29 -35.17 -33.49
N ASP D 157 4.36 -35.69 -32.89
CA ASP D 157 5.48 -34.85 -32.54
C ASP D 157 6.25 -34.45 -33.79
N GLY D 158 6.97 -33.33 -33.70
CA GLY D 158 7.58 -32.77 -34.89
C GLY D 158 6.51 -32.28 -35.84
N SER D 159 6.73 -32.52 -37.13
CA SER D 159 5.74 -32.25 -38.18
C SER D 159 5.33 -30.79 -38.24
N ILE D 160 6.17 -29.88 -37.77
CA ILE D 160 5.91 -28.46 -37.95
C ILE D 160 6.32 -28.06 -39.36
N GLY D 161 5.43 -27.34 -40.05
CA GLY D 161 5.60 -27.06 -41.45
C GLY D 161 5.00 -28.09 -42.38
N SER D 162 4.26 -29.06 -41.85
CA SER D 162 3.61 -30.08 -42.66
C SER D 162 2.34 -29.48 -43.26
N THR D 163 2.32 -29.30 -44.57
CA THR D 163 1.19 -28.70 -45.26
C THR D 163 0.22 -29.75 -45.80
N SER D 164 0.46 -31.03 -45.56
CA SER D 164 -0.38 -32.10 -46.08
C SER D 164 -0.86 -32.98 -44.93
N SER D 165 -2.03 -33.60 -45.13
CA SER D 165 -2.58 -34.50 -44.14
C SER D 165 -1.76 -35.78 -43.97
N THR D 166 -0.84 -36.07 -44.88
CA THR D 166 0.00 -37.25 -44.76
C THR D 166 0.87 -37.18 -43.50
N GLY D 167 1.46 -36.01 -43.24
CA GLY D 167 2.25 -35.82 -42.04
C GLY D 167 1.38 -35.55 -40.82
N GLY D 168 2.05 -35.48 -39.67
CA GLY D 168 1.33 -35.19 -38.44
C GLY D 168 0.74 -33.80 -38.47
N GLY D 169 -0.48 -33.68 -37.93
CA GLY D 169 -1.19 -32.41 -37.91
C GLY D 169 -2.62 -32.65 -38.34
N VAL D 170 -3.54 -31.87 -37.77
CA VAL D 170 -4.96 -32.01 -38.04
C VAL D 170 -5.42 -30.83 -38.88
N GLY D 171 -6.25 -31.12 -39.88
CA GLY D 171 -6.82 -30.08 -40.72
C GLY D 171 -8.22 -29.72 -40.26
N ILE D 172 -8.51 -28.43 -40.24
CA ILE D 172 -9.81 -27.90 -39.83
C ILE D 172 -10.35 -27.05 -40.98
N ASP D 173 -11.63 -27.25 -41.30
CA ASP D 173 -12.29 -26.49 -42.36
C ASP D 173 -13.21 -25.49 -41.66
N MET D 174 -12.65 -24.32 -41.36
CA MET D 174 -13.35 -23.26 -40.66
C MET D 174 -14.04 -22.29 -41.61
N SER D 175 -14.26 -22.69 -42.86
CA SER D 175 -14.92 -21.83 -43.84
C SER D 175 -16.41 -21.66 -43.55
N ASP D 176 -17.07 -22.72 -43.08
CA ASP D 176 -18.52 -22.66 -42.90
C ASP D 176 -18.91 -21.81 -41.70
N GLN D 177 -18.04 -21.73 -40.69
CA GLN D 177 -18.38 -20.97 -39.49
C GLN D 177 -18.43 -19.48 -39.80
N ASP D 178 -19.17 -18.75 -38.97
CA ASP D 178 -19.35 -17.32 -39.16
C ASP D 178 -18.09 -16.57 -38.76
N ALA D 179 -18.15 -15.25 -38.83
CA ALA D 179 -17.02 -14.41 -38.47
C ALA D 179 -16.90 -14.28 -36.96
N GLY D 180 -15.67 -14.40 -36.46
CA GLY D 180 -15.42 -14.29 -35.04
C GLY D 180 -14.01 -14.72 -34.73
N GLU D 181 -13.68 -14.64 -33.44
CA GLU D 181 -12.36 -15.01 -32.94
C GLU D 181 -12.49 -16.35 -32.23
N TYR D 182 -11.70 -17.33 -32.69
CA TYR D 182 -11.81 -18.71 -32.23
C TYR D 182 -10.53 -19.12 -31.53
N THR D 183 -10.65 -20.07 -30.60
CA THR D 183 -9.53 -20.55 -29.82
C THR D 183 -9.36 -22.04 -30.02
N ILE D 184 -8.17 -22.45 -30.43
CA ILE D 184 -7.81 -23.84 -30.57
C ILE D 184 -7.08 -24.28 -29.31
N ILE D 185 -7.53 -25.37 -28.70
CA ILE D 185 -7.02 -25.82 -27.41
C ILE D 185 -6.27 -27.13 -27.62
N LEU D 186 -5.01 -27.17 -27.17
CA LEU D 186 -4.17 -28.35 -27.23
C LEU D 186 -3.87 -28.81 -25.81
N GLU D 187 -4.03 -30.11 -25.56
CA GLU D 187 -3.76 -30.68 -24.26
C GLU D 187 -3.57 -32.17 -24.42
N GLY D 188 -2.99 -32.79 -23.40
CA GLY D 188 -2.70 -34.21 -23.47
C GLY D 188 -3.95 -35.06 -23.52
N ALA D 189 -3.75 -36.31 -23.93
CA ALA D 189 -4.88 -37.21 -24.12
C ALA D 189 -5.59 -37.50 -22.81
N GLU D 190 -4.85 -37.91 -21.79
CA GLU D 190 -5.44 -38.31 -20.52
C GLU D 190 -5.04 -37.41 -19.35
N ASP D 191 -3.75 -37.26 -19.09
CA ASP D 191 -3.30 -36.69 -17.82
C ASP D 191 -2.51 -35.40 -17.96
N LEU D 192 -1.70 -35.28 -19.01
CA LEU D 192 -0.78 -34.15 -19.14
C LEU D 192 -1.51 -32.99 -19.83
N ASP D 193 -2.33 -32.29 -19.05
CA ASP D 193 -3.09 -31.15 -19.56
C ASP D 193 -2.92 -29.90 -18.71
N PHE D 194 -2.06 -29.92 -17.69
CA PHE D 194 -1.88 -28.77 -16.81
C PHE D 194 -0.93 -27.76 -17.46
N GLY D 195 -0.49 -26.79 -16.67
CA GLY D 195 0.37 -25.74 -17.20
C GLY D 195 1.64 -26.30 -17.82
N ASP D 196 2.09 -25.61 -18.88
CA ASP D 196 3.25 -25.94 -19.69
C ASP D 196 3.05 -27.20 -20.51
N ALA D 197 1.93 -27.90 -20.36
CA ALA D 197 1.58 -29.04 -21.20
C ALA D 197 0.38 -28.75 -22.09
N THR D 198 -0.24 -27.58 -21.96
CA THR D 198 -1.37 -27.19 -22.79
C THR D 198 -1.15 -25.77 -23.30
N GLU D 199 -1.66 -25.51 -24.51
CA GLU D 199 -1.53 -24.19 -25.13
C GLU D 199 -2.80 -23.86 -25.89
N THR D 200 -3.22 -22.59 -25.82
CA THR D 200 -4.40 -22.10 -26.52
C THR D 200 -3.94 -21.22 -27.67
N MET D 201 -4.17 -21.67 -28.90
CA MET D 201 -3.86 -20.90 -30.09
C MET D 201 -5.14 -20.24 -30.61
N THR D 202 -5.10 -18.91 -30.71
CA THR D 202 -6.28 -18.15 -31.09
C THR D 202 -6.32 -18.00 -32.61
N LEU D 203 -7.50 -17.69 -33.13
CA LEU D 203 -7.69 -17.51 -34.56
C LEU D 203 -8.90 -16.62 -34.80
N THR D 204 -8.75 -15.66 -35.71
CA THR D 204 -9.79 -14.69 -36.00
C THR D 204 -10.35 -14.94 -37.40
N ILE D 205 -11.67 -15.04 -37.49
CA ILE D 205 -12.39 -15.21 -38.75
C ILE D 205 -13.24 -13.96 -38.98
N SER D 206 -13.12 -13.38 -40.16
CA SER D 206 -13.85 -12.16 -40.48
C SER D 206 -14.01 -12.08 -41.99
N SER D 207 -14.87 -11.17 -42.42
CA SER D 207 -15.07 -10.94 -43.84
C SER D 207 -13.76 -10.47 -44.48
N GLN D 208 -13.54 -10.88 -45.72
CA GLN D 208 -12.27 -10.61 -46.38
C GLN D 208 -12.15 -9.14 -46.72
N ASP D 209 -11.45 -8.37 -45.89
CA ASP D 209 -11.23 -6.95 -46.28
C ASP D 209 -10.28 -6.95 -47.49
N GLU D 210 -10.69 -6.31 -48.61
CA GLU D 210 -9.85 -6.26 -49.85
C GLU D 210 -8.54 -5.55 -49.53
N ILE D 211 -7.52 -5.65 -50.40
CA ILE D 211 -6.25 -5.06 -49.99
C ILE D 211 -6.45 -3.59 -49.69
N GLY D 212 -5.98 -3.16 -48.52
CA GLY D 212 -6.08 -1.78 -48.08
C GLY D 212 -4.70 -1.13 -48.04
N ILE D 213 -4.63 0.10 -48.51
CA ILE D 213 -3.38 0.86 -48.58
C ILE D 213 -3.59 2.22 -47.93
N GLU D 214 -2.64 2.64 -47.11
CA GLU D 214 -2.70 3.93 -46.45
C GLU D 214 -1.34 4.59 -46.49
N LEU D 215 -1.33 5.92 -46.43
CA LEU D 215 -0.12 6.72 -46.43
C LEU D 215 -0.06 7.58 -45.18
N ASP D 216 1.13 7.71 -44.61
CA ASP D 216 1.32 8.56 -43.44
C ASP D 216 1.05 10.03 -43.77
N SER D 217 1.08 10.41 -45.03
CA SER D 217 0.75 11.78 -45.45
C SER D 217 0.22 11.75 -46.87
N GLU D 218 -0.68 12.67 -47.17
CA GLU D 218 -1.24 12.82 -48.50
C GLU D 218 -0.74 14.04 -49.26
N SER D 219 -0.50 15.15 -48.57
CA SER D 219 0.03 16.37 -49.18
C SER D 219 1.49 16.50 -48.81
N VAL D 220 2.37 16.22 -49.77
CA VAL D 220 3.82 16.28 -49.57
C VAL D 220 4.45 17.03 -50.74
N THR D 221 5.70 17.43 -50.55
CA THR D 221 6.49 18.08 -51.57
C THR D 221 7.47 17.08 -52.18
N GLN D 222 8.23 17.53 -53.16
CA GLN D 222 9.24 16.68 -53.76
C GLN D 222 10.35 16.40 -52.76
N GLY D 223 11.03 15.27 -52.94
CA GLY D 223 12.12 14.87 -52.07
C GLY D 223 11.69 14.21 -50.78
N THR D 224 10.47 14.47 -50.31
CA THR D 224 9.99 13.91 -49.06
C THR D 224 9.56 12.46 -49.29
N ASP D 225 10.23 11.53 -48.62
CA ASP D 225 9.88 10.12 -48.74
C ASP D 225 8.56 9.85 -48.02
N VAL D 226 7.73 9.00 -48.62
CA VAL D 226 6.42 8.64 -48.10
C VAL D 226 6.39 7.12 -47.91
N GLN D 227 5.92 6.69 -46.74
CA GLN D 227 5.81 5.27 -46.41
C GLN D 227 4.40 4.79 -46.68
N TYR D 228 4.27 3.73 -47.48
CA TYR D 228 2.99 3.14 -47.81
C TYR D 228 2.89 1.76 -47.19
N THR D 229 1.71 1.44 -46.64
CA THR D 229 1.47 0.17 -45.97
C THR D 229 0.38 -0.60 -46.70
N VAL D 230 0.63 -1.89 -46.92
CA VAL D 230 -0.36 -2.80 -47.49
C VAL D 230 -1.04 -3.54 -46.34
N THR D 231 -2.36 -3.64 -46.39
CA THR D 231 -3.16 -4.11 -45.26
C THR D 231 -4.12 -5.20 -45.73
N ASN D 232 -4.38 -6.15 -44.83
CA ASN D 232 -5.36 -7.21 -45.05
C ASN D 232 -5.00 -8.06 -46.28
N GLY D 233 -3.85 -8.73 -46.19
CA GLY D 233 -3.41 -9.63 -47.22
C GLY D 233 -3.04 -10.98 -46.63
N ILE D 234 -3.05 -12.00 -47.50
CA ILE D 234 -2.70 -13.34 -47.07
C ILE D 234 -1.21 -13.43 -46.82
N ASP D 235 -0.84 -13.97 -45.66
CA ASP D 235 0.56 -14.00 -45.26
C ASP D 235 1.36 -14.93 -46.16
N GLY D 236 2.61 -14.55 -46.41
CA GLY D 236 3.51 -15.41 -47.16
C GLY D 236 3.40 -15.29 -48.66
N ASN D 237 2.59 -14.36 -49.17
CA ASN D 237 2.42 -14.18 -50.60
C ASN D 237 2.89 -12.80 -51.03
N GLU D 238 3.28 -12.71 -52.30
CA GLU D 238 3.99 -11.55 -52.82
C GLU D 238 3.02 -10.65 -53.58
N HIS D 239 2.77 -9.46 -53.04
CA HIS D 239 2.00 -8.46 -53.77
C HIS D 239 2.91 -7.71 -54.74
N VAL D 240 2.29 -6.89 -55.59
CA VAL D 240 3.01 -6.03 -56.52
C VAL D 240 2.38 -4.65 -56.46
N VAL D 241 3.17 -3.64 -56.11
CA VAL D 241 2.74 -2.25 -56.12
C VAL D 241 3.32 -1.58 -57.36
N ALA D 242 2.44 -1.02 -58.18
CA ALA D 242 2.81 -0.51 -59.49
C ALA D 242 2.88 1.01 -59.49
N MET D 243 3.69 1.54 -60.40
CA MET D 243 3.88 2.98 -60.57
C MET D 243 3.80 3.31 -62.05
N ASP D 244 2.81 4.12 -62.41
CA ASP D 244 2.64 4.51 -63.82
C ASP D 244 3.73 5.50 -64.22
N LEU D 245 4.42 5.19 -65.33
CA LEU D 245 5.52 6.02 -65.78
C LEU D 245 5.06 7.38 -66.31
N SER D 246 3.76 7.56 -66.55
CA SER D 246 3.27 8.86 -66.99
C SER D 246 3.42 9.90 -65.87
N ASP D 247 3.30 9.48 -64.61
CA ASP D 247 3.49 10.40 -63.49
C ASP D 247 4.95 10.77 -63.29
N LEU D 248 5.87 10.00 -63.88
CA LEU D 248 7.29 10.30 -63.76
C LEU D 248 7.65 11.56 -64.52
N GLN D 249 8.71 12.22 -64.07
CA GLN D 249 9.21 13.39 -64.78
C GLN D 249 9.77 12.99 -66.14
N ASN D 250 9.55 13.85 -67.13
CA ASN D 250 9.91 13.50 -68.51
C ASN D 250 11.41 13.38 -68.69
N ASP D 251 12.19 14.17 -67.95
CA ASP D 251 13.63 14.21 -68.10
C ASP D 251 14.35 13.15 -67.26
N ALA D 252 13.63 12.10 -66.84
CA ALA D 252 14.24 11.03 -66.07
C ALA D 252 14.96 10.06 -66.99
N THR D 253 15.89 9.29 -66.40
CA THR D 253 16.68 8.31 -67.10
C THR D 253 16.29 6.90 -66.65
N THR D 254 16.96 5.91 -67.23
CA THR D 254 16.67 4.52 -66.89
C THR D 254 17.02 4.23 -65.43
N GLU D 255 18.22 4.60 -65.01
CA GLU D 255 18.62 4.42 -63.62
C GLU D 255 17.85 5.34 -62.68
N GLN D 256 17.26 6.41 -63.20
CA GLN D 256 16.52 7.35 -62.37
C GLN D 256 15.12 6.85 -62.04
N ALA D 257 14.60 5.89 -62.80
CA ALA D 257 13.26 5.37 -62.57
C ALA D 257 13.23 4.10 -61.73
N LYS D 258 14.37 3.43 -61.59
CA LYS D 258 14.43 2.20 -60.81
C LYS D 258 14.59 2.45 -59.32
N GLU D 259 14.65 3.71 -58.90
CA GLU D 259 14.80 4.05 -57.49
C GLU D 259 13.60 4.80 -56.94
N VAL D 260 12.45 4.70 -57.60
CA VAL D 260 11.24 5.31 -57.06
C VAL D 260 10.80 4.61 -55.79
N PHE D 261 10.82 3.28 -55.81
CA PHE D 261 10.52 2.46 -54.63
C PHE D 261 11.81 2.08 -53.94
N ARG D 262 11.85 2.22 -52.62
CA ARG D 262 13.03 1.89 -51.84
C ARG D 262 12.96 0.45 -51.35
N ASN D 263 14.11 -0.08 -50.96
CA ASN D 263 14.18 -1.40 -50.32
C ASN D 263 13.74 -1.37 -48.87
N ILE D 264 13.19 -0.24 -48.41
CA ILE D 264 12.72 -0.13 -47.04
C ILE D 264 11.60 -1.14 -46.79
N GLY D 265 11.52 -1.62 -45.55
CA GLY D 265 10.43 -2.50 -45.17
C GLY D 265 10.57 -3.89 -45.76
N ASP D 266 9.43 -4.46 -46.15
CA ASP D 266 9.35 -5.84 -46.62
C ASP D 266 9.54 -5.97 -48.13
N THR D 267 9.91 -4.89 -48.81
CA THR D 267 10.10 -4.94 -50.25
C THR D 267 11.17 -5.97 -50.62
N SER D 268 10.89 -6.76 -51.65
CA SER D 268 11.80 -7.81 -52.10
C SER D 268 12.64 -7.37 -53.29
N GLU D 269 12.01 -6.98 -54.39
CA GLU D 269 12.71 -6.54 -55.59
C GLU D 269 12.10 -5.24 -56.09
N VAL D 270 12.94 -4.39 -56.69
CA VAL D 270 12.52 -3.12 -57.25
C VAL D 270 13.03 -3.04 -58.67
N GLY D 271 12.28 -2.34 -59.52
CA GLY D 271 12.69 -2.16 -60.89
C GLY D 271 11.53 -1.66 -61.74
N ILE D 272 11.72 -1.73 -63.06
CA ILE D 272 10.70 -1.34 -64.02
C ILE D 272 10.43 -2.53 -64.93
N ALA D 273 9.15 -2.78 -65.19
CA ALA D 273 8.73 -3.94 -65.96
C ALA D 273 7.94 -3.51 -67.19
N ASN D 274 7.87 -4.42 -68.16
CA ASN D 274 7.10 -4.23 -69.38
C ASN D 274 6.25 -5.49 -69.59
N SER D 275 5.41 -5.46 -70.62
CA SER D 275 4.53 -6.60 -70.90
C SER D 275 5.32 -7.86 -71.29
N SER D 276 6.57 -7.70 -71.71
CA SER D 276 7.40 -8.84 -72.11
C SER D 276 8.54 -9.13 -71.16
N ALA D 277 9.26 -8.11 -70.70
CA ALA D 277 10.41 -8.32 -69.82
C ALA D 277 10.41 -7.24 -68.75
N THR D 278 11.32 -7.40 -67.78
CA THR D 278 11.44 -6.48 -66.66
C THR D 278 12.89 -6.08 -66.47
N ASN D 279 13.09 -4.85 -65.98
CA ASN D 279 14.41 -4.32 -65.66
C ASN D 279 14.46 -4.06 -64.16
N THR D 280 15.12 -4.93 -63.42
CA THR D 280 15.23 -4.79 -61.98
C THR D 280 16.37 -3.86 -61.62
N SER D 281 16.48 -3.57 -60.32
CA SER D 281 17.57 -2.73 -59.83
C SER D 281 18.91 -3.44 -59.86
N GLY D 282 18.92 -4.75 -60.09
CA GLY D 282 20.19 -5.47 -60.14
C GLY D 282 21.07 -5.06 -61.30
N SER D 283 20.48 -4.92 -62.49
CA SER D 283 21.24 -4.56 -63.68
C SER D 283 20.34 -3.81 -64.64
N SER D 284 20.97 -3.05 -65.53
CA SER D 284 20.26 -2.31 -66.57
C SER D 284 20.30 -3.10 -67.88
N THR D 285 19.59 -4.22 -67.87
CA THR D 285 19.56 -5.13 -69.02
C THR D 285 18.22 -5.16 -69.72
N GLY D 286 17.11 -5.03 -69.00
CA GLY D 286 15.80 -5.09 -69.59
C GLY D 286 15.41 -3.80 -70.30
N PRO D 287 14.13 -3.46 -70.26
CA PRO D 287 13.67 -2.25 -70.95
C PRO D 287 14.25 -0.99 -70.33
N THR D 288 14.41 0.03 -71.16
CA THR D 288 14.88 1.33 -70.70
C THR D 288 13.70 2.16 -70.22
N VAL D 289 13.97 3.39 -69.78
CA VAL D 289 12.90 4.23 -69.24
C VAL D 289 11.88 4.56 -70.32
N GLU D 290 12.32 4.81 -71.56
CA GLU D 290 11.38 5.04 -72.64
C GLU D 290 10.78 3.73 -73.13
N THR D 291 11.54 2.62 -73.04
CA THR D 291 11.05 1.34 -73.49
C THR D 291 10.03 0.75 -72.51
N ALA D 292 10.29 0.86 -71.22
CA ALA D 292 9.40 0.31 -70.20
C ALA D 292 8.17 1.21 -70.02
N ASP D 293 7.17 0.68 -69.32
CA ASP D 293 5.93 1.41 -69.09
C ASP D 293 5.45 1.40 -67.65
N ILE D 294 5.97 0.52 -66.79
CA ILE D 294 5.52 0.44 -65.40
C ILE D 294 6.74 0.37 -64.48
N ALA D 295 6.59 0.92 -63.29
CA ALA D 295 7.57 0.79 -62.22
C ALA D 295 6.93 0.05 -61.07
N TYR D 296 7.61 -0.98 -60.58
CA TYR D 296 7.01 -1.90 -59.62
C TYR D 296 7.98 -2.18 -58.48
N ALA D 297 7.43 -2.78 -57.41
CA ALA D 297 8.24 -3.24 -56.29
C ALA D 297 7.48 -4.40 -55.63
N VAL D 298 7.91 -5.62 -55.93
CA VAL D 298 7.26 -6.79 -55.34
C VAL D 298 7.52 -6.81 -53.84
N VAL D 299 6.46 -6.96 -53.06
CA VAL D 299 6.53 -6.87 -51.61
C VAL D 299 5.77 -8.04 -51.01
N GLU D 300 6.38 -8.67 -49.99
CA GLU D 300 5.73 -9.76 -49.27
C GLU D 300 4.96 -9.17 -48.09
N ILE D 301 4.48 -10.03 -47.20
CA ILE D 301 3.78 -9.60 -46.00
C ILE D 301 4.09 -10.57 -44.87
N ASP D 302 4.35 -10.03 -43.69
CA ASP D 302 4.64 -10.83 -42.50
C ASP D 302 3.68 -10.39 -41.40
N GLY D 303 2.66 -11.21 -41.16
CA GLY D 303 1.64 -10.87 -40.19
C GLY D 303 0.36 -10.43 -40.88
N ALA D 304 -0.14 -9.25 -40.48
CA ALA D 304 -1.35 -8.70 -41.08
C ALA D 304 -1.08 -7.57 -42.07
N SER D 305 0.10 -6.96 -42.02
CA SER D 305 0.39 -5.83 -42.89
C SER D 305 1.89 -5.77 -43.18
N ALA D 306 2.23 -5.09 -44.26
CA ALA D 306 3.61 -4.83 -44.64
C ALA D 306 3.75 -3.37 -45.03
N VAL D 307 4.95 -2.83 -44.84
CA VAL D 307 5.22 -1.41 -45.05
C VAL D 307 6.34 -1.26 -46.08
N GLY D 308 6.15 -0.31 -46.99
CA GLY D 308 7.17 0.04 -47.96
C GLY D 308 7.44 1.53 -47.97
N GLY D 309 8.02 2.04 -49.05
CA GLY D 309 8.27 3.47 -49.14
C GLY D 309 8.49 3.89 -50.58
N ILE D 310 8.28 5.19 -50.82
CA ILE D 310 8.44 5.78 -52.14
C ILE D 310 9.29 7.04 -52.01
N GLU D 311 9.88 7.43 -53.13
CA GLU D 311 10.66 8.66 -53.24
C GLU D 311 9.90 9.65 -54.12
N THR D 312 9.19 10.59 -53.49
CA THR D 312 8.42 11.56 -54.27
C THR D 312 9.30 12.46 -55.12
N GLN D 313 10.62 12.42 -54.91
CA GLN D 313 11.55 13.14 -55.75
C GLN D 313 11.46 12.64 -57.19
N TYR D 314 11.67 13.57 -58.13
CA TYR D 314 11.48 13.33 -59.56
C TYR D 314 10.09 12.77 -59.88
N LEU D 315 9.06 13.47 -59.39
CA LEU D 315 7.68 13.12 -59.69
C LEU D 315 6.95 14.37 -60.16
N ASP D 316 6.04 14.20 -61.12
CA ASP D 316 5.30 15.33 -61.66
C ASP D 316 4.42 15.95 -60.59
N ASP D 317 4.33 17.29 -60.61
CA ASP D 317 3.55 18.02 -59.62
C ASP D 317 2.07 17.90 -60.01
N SER D 318 1.48 16.77 -59.64
CA SER D 318 0.08 16.50 -59.92
C SER D 318 -0.37 15.37 -58.99
N GLU D 319 -1.57 14.86 -59.22
CA GLU D 319 -2.08 13.75 -58.43
C GLU D 319 -1.30 12.48 -58.79
N VAL D 320 -0.86 11.76 -57.76
CA VAL D 320 -0.04 10.57 -57.93
C VAL D 320 -0.77 9.38 -57.30
N ASP D 321 -0.88 8.30 -58.05
CA ASP D 321 -1.62 7.11 -57.62
C ASP D 321 -0.69 5.93 -57.36
N LEU D 322 -1.15 5.03 -56.50
CA LEU D 322 -0.47 3.77 -56.22
C LEU D 322 -1.42 2.61 -56.47
N GLU D 323 -0.97 1.61 -57.22
CA GLU D 323 -1.80 0.50 -57.62
C GLU D 323 -1.23 -0.79 -57.07
N VAL D 324 -2.06 -1.58 -56.40
CA VAL D 324 -1.70 -2.88 -55.87
C VAL D 324 -2.36 -3.96 -56.72
N TYR D 325 -1.81 -5.16 -56.65
CA TYR D 325 -2.23 -6.27 -57.48
C TYR D 325 -2.41 -7.51 -56.61
N ASP D 326 -3.16 -8.47 -57.13
CA ASP D 326 -3.47 -9.67 -56.37
C ASP D 326 -2.21 -10.51 -56.11
N ALA D 327 -2.28 -11.33 -55.08
CA ALA D 327 -1.13 -12.15 -54.69
C ALA D 327 -0.81 -13.17 -55.76
N GLY D 328 0.47 -13.39 -55.99
CA GLY D 328 0.95 -14.37 -56.94
C GLY D 328 1.12 -13.85 -58.36
N VAL D 329 0.75 -12.61 -58.63
CA VAL D 329 0.87 -12.05 -59.97
C VAL D 329 2.33 -11.73 -60.26
N SER D 330 2.74 -11.90 -61.51
CA SER D 330 4.09 -11.57 -61.92
C SER D 330 4.19 -10.09 -62.28
N ALA D 331 5.43 -9.60 -62.33
CA ALA D 331 5.65 -8.19 -62.63
C ALA D 331 5.28 -7.87 -64.07
N THR D 332 5.75 -8.69 -65.01
CA THR D 332 5.47 -8.45 -66.43
C THR D 332 4.01 -8.60 -66.75
N ALA D 333 3.34 -9.59 -66.15
CA ALA D 333 1.94 -9.86 -66.44
C ALA D 333 0.98 -8.91 -65.75
N ALA D 334 1.48 -8.00 -64.91
CA ALA D 334 0.62 -7.09 -64.15
C ALA D 334 0.40 -5.76 -64.86
N VAL D 335 0.91 -5.59 -66.08
CA VAL D 335 0.80 -4.32 -66.77
C VAL D 335 -0.65 -4.04 -67.17
N GLY D 336 -1.39 -5.08 -67.57
CA GLY D 336 -2.72 -4.87 -68.11
C GLY D 336 -3.86 -5.08 -67.12
N GLN D 337 -3.67 -5.99 -66.18
CA GLN D 337 -4.73 -6.30 -65.22
C GLN D 337 -5.01 -5.11 -64.34
N ASP D 338 -6.30 -4.89 -64.04
CA ASP D 338 -6.69 -3.76 -63.22
C ASP D 338 -6.25 -3.95 -61.77
N ALA D 339 -6.05 -2.83 -61.08
CA ALA D 339 -5.59 -2.86 -59.71
C ALA D 339 -6.73 -3.22 -58.76
N THR D 340 -6.41 -4.05 -57.76
CA THR D 340 -7.40 -4.42 -56.76
C THR D 340 -7.86 -3.20 -55.96
N ASN D 341 -6.92 -2.33 -55.60
CA ASN D 341 -7.25 -1.10 -54.87
C ASN D 341 -6.27 -0.02 -55.30
N ASP D 342 -6.47 1.19 -54.77
CA ASP D 342 -5.63 2.32 -55.15
C ASP D 342 -5.65 3.36 -54.05
N ILE D 343 -4.68 4.27 -54.12
CA ILE D 343 -4.59 5.42 -53.22
C ILE D 343 -3.86 6.53 -53.95
N THR D 344 -4.30 7.77 -53.73
CA THR D 344 -3.76 8.90 -54.47
C THR D 344 -3.26 9.98 -53.51
N LEU D 345 -2.18 10.65 -53.91
CA LEU D 345 -1.61 11.75 -53.16
C LEU D 345 -1.22 12.86 -54.12
N THR D 346 -1.14 14.08 -53.60
CA THR D 346 -0.81 15.25 -54.39
C THR D 346 0.60 15.73 -54.05
N ILE D 347 1.30 16.22 -55.08
CA ILE D 347 2.67 16.70 -54.94
C ILE D 347 2.74 18.12 -55.48
N GLU D 348 3.33 19.02 -54.70
CA GLU D 348 3.49 20.41 -55.08
C GLU D 348 4.96 20.80 -55.02
N GLU D 349 5.31 21.94 -55.63
CA GLU D 349 6.71 22.44 -55.61
C GLU D 349 6.95 23.31 -54.36
N GLY D 350 8.16 23.21 -53.76
CA GLY D 350 8.47 23.96 -52.53
C GLY D 350 8.94 25.38 -52.81
N GLY D 351 9.41 26.09 -51.77
CA GLY D 351 9.82 27.50 -51.93
C GLY D 351 11.27 27.74 -51.57
N THR D 352 11.97 28.55 -52.36
CA THR D 352 13.42 28.79 -52.12
C THR D 352 13.71 30.29 -52.16
N THR D 353 13.72 30.97 -51.00
CA THR D 353 13.92 32.41 -51.05
C THR D 353 15.13 32.82 -50.21
N LEU D 354 15.68 33.98 -50.55
CA LEU D 354 16.79 34.58 -49.82
C LEU D 354 16.28 35.72 -48.94
N SER D 355 16.97 35.94 -47.82
CA SER D 355 16.54 36.93 -46.85
C SER D 355 17.55 38.05 -46.64
N SER D 356 18.81 37.72 -46.38
CA SER D 356 19.79 38.74 -46.00
C SER D 356 20.31 39.55 -47.19
N PRO D 357 20.64 38.94 -48.35
CA PRO D 357 21.16 39.79 -49.43
C PRO D 357 20.04 40.57 -50.13
N THR D 358 19.47 41.53 -49.41
CA THR D 358 18.31 42.26 -49.91
C THR D 358 18.40 43.72 -49.48
N GLY D 359 17.95 44.61 -50.36
CA GLY D 359 17.83 46.02 -50.06
C GLY D 359 19.05 46.85 -50.35
N GLN D 360 20.10 46.70 -49.53
CA GLN D 360 21.30 47.50 -49.66
C GLN D 360 22.53 46.62 -49.51
N TYR D 361 23.64 47.07 -50.11
CA TYR D 361 24.91 46.35 -49.99
C TYR D 361 26.04 47.33 -50.26
N VAL D 362 26.95 47.47 -49.31
CA VAL D 362 28.13 48.30 -49.50
C VAL D 362 29.15 47.53 -50.32
N VAL D 363 29.66 48.15 -51.38
CA VAL D 363 30.59 47.48 -52.27
C VAL D 363 31.85 47.09 -51.51
N GLY D 364 32.27 45.84 -51.67
CA GLY D 364 33.43 45.32 -50.98
C GLY D 364 33.17 44.77 -49.60
N SER D 365 31.96 44.94 -49.07
CA SER D 365 31.64 44.44 -47.75
C SER D 365 31.33 42.95 -47.79
N GLU D 366 31.32 42.34 -46.61
CA GLU D 366 31.00 40.92 -46.45
C GLU D 366 29.66 40.77 -45.77
N VAL D 367 28.88 39.78 -46.22
CA VAL D 367 27.53 39.54 -45.69
C VAL D 367 27.27 38.04 -45.77
N ASP D 368 26.39 37.56 -44.90
CA ASP D 368 26.01 36.16 -44.89
C ASP D 368 24.88 35.89 -45.86
N ILE D 369 24.72 34.61 -46.20
CA ILE D 369 23.65 34.15 -47.09
C ILE D 369 22.59 33.52 -46.20
N ASN D 370 21.42 34.15 -46.13
CA ASN D 370 20.34 33.71 -45.26
C ASN D 370 19.10 33.46 -46.10
N GLY D 371 18.45 32.32 -45.86
CA GLY D 371 17.26 31.98 -46.62
C GLY D 371 16.72 30.64 -46.19
N THR D 372 15.68 30.19 -46.91
CA THR D 372 15.02 28.93 -46.63
C THR D 372 14.80 28.17 -47.93
N ALA D 373 14.69 26.85 -47.81
CA ALA D 373 14.48 25.98 -48.97
C ALA D 373 13.74 24.74 -48.51
N THR D 374 12.46 24.63 -48.87
CA THR D 374 11.65 23.52 -48.39
C THR D 374 12.13 22.19 -48.97
N SER D 375 12.30 22.13 -50.29
CA SER D 375 12.70 20.90 -50.97
C SER D 375 13.97 21.19 -51.76
N SER D 376 15.12 21.03 -51.12
CA SER D 376 16.38 21.32 -51.79
C SER D 376 17.50 20.52 -51.12
N ASP D 377 18.54 20.23 -51.89
CA ASP D 377 19.76 19.62 -51.39
C ASP D 377 20.97 20.51 -51.61
N SER D 378 21.14 21.05 -52.81
CA SER D 378 22.21 21.97 -53.13
C SER D 378 21.60 23.22 -53.78
N VAL D 379 22.07 24.38 -53.36
CA VAL D 379 21.55 25.65 -53.85
C VAL D 379 22.70 26.50 -54.36
N ALA D 380 22.42 27.30 -55.39
CA ALA D 380 23.42 28.17 -56.00
C ALA D 380 22.87 29.58 -56.09
N ILE D 381 23.76 30.56 -56.09
CA ILE D 381 23.41 31.97 -56.11
C ILE D 381 23.88 32.57 -57.43
N TYR D 382 22.97 33.29 -58.10
CA TYR D 382 23.25 33.88 -59.39
C TYR D 382 22.93 35.36 -59.36
N VAL D 383 23.63 36.12 -60.20
CA VAL D 383 23.46 37.57 -60.31
C VAL D 383 23.18 37.92 -61.76
N ARG D 384 22.18 38.77 -61.98
CA ARG D 384 21.77 39.13 -63.33
C ARG D 384 21.74 40.65 -63.48
N ASP D 385 22.16 41.14 -64.64
CA ASP D 385 22.07 42.57 -64.96
C ASP D 385 22.03 42.69 -66.48
N ASP D 386 20.84 42.94 -67.02
CA ASP D 386 20.65 43.16 -68.45
C ASP D 386 21.22 42.04 -69.31
N GLY D 387 20.96 40.80 -68.89
CA GLY D 387 21.44 39.67 -69.66
C GLY D 387 21.41 38.34 -68.94
N ASP D 388 22.50 37.59 -69.05
CA ASP D 388 22.60 36.25 -68.48
C ASP D 388 22.72 36.32 -66.97
N TRP D 389 22.36 35.21 -66.31
CA TRP D 389 22.58 35.04 -64.88
C TRP D 389 23.96 34.45 -64.69
N GLN D 390 24.95 35.30 -64.42
CA GLN D 390 26.31 34.83 -64.22
C GLN D 390 26.43 34.14 -62.86
N LEU D 391 27.03 32.95 -62.87
CA LEU D 391 27.19 32.20 -61.62
C LEU D 391 28.14 32.91 -60.68
N LEU D 392 27.80 32.93 -59.40
CA LEU D 392 28.63 33.51 -58.36
C LEU D 392 29.38 32.38 -57.66
N GLU D 393 30.71 32.42 -57.73
CA GLU D 393 31.56 31.36 -57.20
C GLU D 393 31.70 31.55 -55.68
N ILE D 394 30.75 30.98 -54.93
CA ILE D 394 30.76 31.12 -53.48
C ILE D 394 31.98 30.42 -52.88
N GLY D 395 32.53 29.42 -53.55
CA GLY D 395 33.67 28.71 -53.02
C GLY D 395 33.51 27.20 -53.04
N GLY D 396 33.49 26.59 -51.86
CA GLY D 396 33.45 25.14 -51.74
C GLY D 396 32.19 24.52 -52.31
N ASP D 397 32.35 23.80 -53.42
CA ASP D 397 31.31 23.00 -54.09
C ASP D 397 30.16 23.84 -54.64
N ASN D 398 30.20 25.16 -54.48
CA ASN D 398 29.17 26.06 -55.02
C ASN D 398 27.77 25.62 -54.59
N GLU D 399 27.64 25.23 -53.33
CA GLU D 399 26.35 24.76 -52.82
C GLU D 399 26.28 24.96 -51.33
N ILE D 400 25.06 24.98 -50.81
CA ILE D 400 24.78 25.07 -49.37
C ILE D 400 23.76 24.01 -49.02
N SER D 401 24.05 23.23 -47.97
CA SER D 401 23.12 22.21 -47.52
C SER D 401 21.98 22.83 -46.73
N VAL D 402 20.88 22.08 -46.63
CA VAL D 402 19.67 22.52 -45.94
C VAL D 402 19.43 21.59 -44.77
N ASP D 403 19.09 22.17 -43.61
CA ASP D 403 18.84 21.39 -42.41
C ASP D 403 17.43 20.81 -42.44
N SER D 404 17.03 20.16 -41.33
CA SER D 404 15.68 19.61 -41.24
C SER D 404 14.63 20.70 -41.16
N ASP D 405 14.98 21.88 -40.63
CA ASP D 405 14.06 22.98 -40.49
C ASP D 405 13.83 23.75 -41.79
N ASP D 406 14.23 23.17 -42.93
CA ASP D 406 14.05 23.79 -44.24
C ASP D 406 14.70 25.17 -44.30
N THR D 407 15.88 25.29 -43.70
CA THR D 407 16.62 26.54 -43.66
C THR D 407 18.08 26.28 -44.00
N PHE D 408 18.66 27.14 -44.82
CA PHE D 408 20.06 27.06 -45.18
C PHE D 408 20.73 28.40 -44.90
N GLU D 409 21.98 28.34 -44.48
CA GLU D 409 22.72 29.54 -44.11
C GLU D 409 24.19 29.37 -44.51
N GLU D 410 24.86 30.51 -44.66
CA GLU D 410 26.28 30.55 -44.99
C GLU D 410 26.94 31.64 -44.17
N GLU D 411 28.25 31.50 -43.98
CA GLU D 411 29.01 32.47 -43.19
C GLU D 411 29.12 33.79 -43.96
N ASP D 412 29.80 34.75 -43.35
CA ASP D 412 29.95 36.08 -43.95
C ASP D 412 30.85 35.99 -45.17
N ILE D 413 30.29 36.30 -46.34
CA ILE D 413 31.00 36.24 -47.60
C ILE D 413 30.97 37.61 -48.27
N ALA D 414 32.13 38.05 -48.74
CA ALA D 414 32.22 39.28 -49.52
C ALA D 414 31.87 38.96 -50.97
N LEU D 415 30.72 39.47 -51.43
CA LEU D 415 30.24 39.13 -52.76
C LEU D 415 31.20 39.62 -53.83
N SER D 416 31.62 40.88 -53.73
CA SER D 416 32.55 41.42 -54.73
C SER D 416 33.97 40.92 -54.52
N GLY D 417 34.34 40.57 -53.29
CA GLY D 417 35.70 40.13 -53.02
C GLY D 417 36.05 38.81 -53.67
N LEU D 418 35.09 37.90 -53.73
CA LEU D 418 35.32 36.55 -54.23
C LEU D 418 35.63 36.56 -55.73
N SER D 419 36.40 35.56 -56.16
CA SER D 419 36.84 35.46 -57.54
C SER D 419 35.75 34.86 -58.40
N GLY D 420 35.66 35.34 -59.63
CA GLY D 420 34.68 34.87 -60.59
C GLY D 420 34.17 36.06 -61.39
N ASP D 421 33.61 35.77 -62.56
CA ASP D 421 33.00 36.85 -63.33
C ASP D 421 31.64 37.25 -62.78
N GLY D 422 30.98 36.38 -62.02
CA GLY D 422 29.70 36.75 -61.43
C GLY D 422 29.84 37.92 -60.47
N SER D 423 30.89 37.89 -59.65
CA SER D 423 31.15 38.95 -58.69
C SER D 423 31.45 40.28 -59.38
N SER D 424 31.99 40.22 -60.60
CA SER D 424 32.39 41.44 -61.30
C SER D 424 31.21 42.34 -61.60
N ILE D 425 30.01 41.77 -61.79
CA ILE D 425 28.85 42.61 -62.07
C ILE D 425 28.55 43.49 -60.86
N LEU D 426 28.61 42.92 -59.66
CA LEU D 426 28.26 43.65 -58.45
C LEU D 426 29.30 44.69 -58.05
N SER D 427 30.49 44.67 -58.65
CA SER D 427 31.54 45.61 -58.26
C SER D 427 31.12 47.05 -58.56
N LEU D 428 30.52 47.29 -59.72
CA LEU D 428 30.13 48.62 -60.13
C LEU D 428 28.84 49.02 -59.43
N THR D 429 28.73 50.31 -59.13
CA THR D 429 27.56 50.84 -58.43
C THR D 429 26.33 50.81 -59.34
N GLY D 430 25.22 50.35 -58.78
CA GLY D 430 23.96 50.31 -59.52
C GLY D 430 22.95 49.45 -58.80
N THR D 431 21.84 49.20 -59.48
CA THR D 431 20.76 48.35 -58.98
C THR D 431 20.70 47.08 -59.83
N TYR D 432 20.76 45.93 -59.17
CA TYR D 432 20.87 44.63 -59.83
C TYR D 432 19.85 43.65 -59.29
N ARG D 433 19.97 42.38 -59.66
CA ARG D 433 19.11 41.33 -59.15
C ARG D 433 19.95 40.12 -58.75
N ILE D 434 19.55 39.47 -57.66
CA ILE D 434 20.23 38.29 -57.16
C ILE D 434 19.19 37.24 -56.83
N GLY D 435 19.46 35.98 -57.21
CA GLY D 435 18.51 34.91 -56.99
C GLY D 435 19.21 33.62 -56.62
N VAL D 436 18.44 32.71 -56.03
CA VAL D 436 18.92 31.40 -55.62
C VAL D 436 18.14 30.34 -56.40
N ILE D 437 18.79 29.20 -56.63
CA ILE D 437 18.18 28.10 -57.38
C ILE D 437 18.62 26.78 -56.76
N ASP D 438 17.73 25.79 -56.80
CA ASP D 438 18.01 24.48 -56.26
C ASP D 438 18.94 23.72 -57.20
N ALA D 439 19.33 22.51 -56.78
CA ALA D 439 20.20 21.63 -57.57
C ALA D 439 19.50 21.01 -58.76
N SER D 440 18.28 21.46 -59.10
CA SER D 440 17.60 20.93 -60.26
C SER D 440 18.36 21.23 -61.55
N ASP D 441 19.21 22.26 -61.56
CA ASP D 441 20.02 22.55 -62.73
C ASP D 441 20.99 21.40 -63.00
N ALA D 442 21.90 21.13 -62.07
CA ALA D 442 22.90 20.06 -62.20
C ALA D 442 23.64 20.18 -63.54
N ASP D 443 24.20 21.37 -63.77
CA ASP D 443 24.86 21.70 -65.03
C ASP D 443 23.90 21.52 -66.21
N VAL D 444 22.65 21.95 -66.02
CA VAL D 444 21.55 21.91 -66.99
C VAL D 444 21.54 20.56 -67.72
N GLY D 445 21.95 19.51 -67.02
CA GLY D 445 22.05 18.19 -67.62
C GLY D 445 23.49 17.77 -67.87
N GLY D 446 24.02 16.92 -67.01
CA GLY D 446 25.39 16.47 -67.15
C GLY D 446 26.02 16.06 -65.83
N ASP D 447 27.23 16.55 -65.58
CA ASP D 447 27.93 16.24 -64.34
C ASP D 447 27.21 16.87 -63.14
N GLY D 448 27.32 16.21 -62.00
CA GLY D 448 26.68 16.68 -60.79
C GLY D 448 27.37 17.86 -60.15
N SER D 449 27.38 19.00 -60.86
CA SER D 449 28.02 20.21 -60.36
C SER D 449 27.36 21.40 -61.03
N VAL D 450 27.20 22.49 -60.26
CA VAL D 450 26.57 23.71 -60.77
C VAL D 450 27.66 24.54 -61.45
N ASP D 451 27.82 24.34 -62.76
CA ASP D 451 28.81 25.08 -63.54
C ASP D 451 28.19 25.47 -64.87
N ASP D 452 27.49 26.61 -64.89
CA ASP D 452 26.84 27.20 -66.06
C ASP D 452 26.57 28.67 -65.77
N SER D 453 25.99 29.34 -66.76
CA SER D 453 25.40 30.68 -66.62
C SER D 453 24.00 30.57 -67.19
N LEU D 454 23.05 30.14 -66.37
CA LEU D 454 21.70 29.86 -66.84
C LEU D 454 21.02 31.14 -67.32
N THR D 455 20.32 31.04 -68.44
CA THR D 455 19.61 32.19 -69.00
C THR D 455 18.31 32.41 -68.23
N THR D 456 17.49 33.36 -68.70
CA THR D 456 16.24 33.66 -68.02
C THR D 456 15.31 32.46 -68.03
N SER D 457 15.19 31.78 -69.17
CA SER D 457 14.32 30.62 -69.26
C SER D 457 14.80 29.48 -68.36
N GLU D 458 16.11 29.21 -68.36
CA GLU D 458 16.64 28.13 -67.55
C GLU D 458 16.50 28.42 -66.06
N PHE D 459 16.77 29.66 -65.65
CA PHE D 459 16.67 30.01 -64.24
C PHE D 459 15.23 29.97 -63.76
N THR D 460 14.29 30.44 -64.59
CA THR D 460 12.88 30.48 -64.19
C THR D 460 12.23 29.10 -64.24
N SER D 461 12.70 28.22 -65.13
CA SER D 461 12.04 26.92 -65.30
C SER D 461 12.07 26.11 -64.02
N GLY D 462 13.21 26.06 -63.35
CA GLY D 462 13.32 25.37 -62.08
C GLY D 462 12.79 26.20 -60.94
N VAL D 463 12.77 25.58 -59.75
CA VAL D 463 12.34 26.29 -58.56
C VAL D 463 13.42 27.29 -58.16
N SER D 464 13.02 28.55 -57.97
CA SER D 464 13.96 29.63 -57.72
C SER D 464 13.19 30.83 -57.19
N SER D 465 13.93 31.87 -56.84
CA SER D 465 13.35 33.14 -56.40
C SER D 465 14.44 34.19 -56.47
N SER D 466 14.06 35.41 -56.84
CA SER D 466 14.98 36.52 -56.96
C SER D 466 14.42 37.75 -56.28
N ASN D 467 15.32 38.62 -55.81
CA ASN D 467 14.95 39.84 -55.12
C ASN D 467 15.87 40.97 -55.56
N SER D 468 15.33 42.19 -55.56
CA SER D 468 16.07 43.34 -56.04
C SER D 468 17.15 43.75 -55.04
N ILE D 469 18.34 44.03 -55.55
CA ILE D 469 19.47 44.46 -54.74
C ILE D 469 20.19 45.59 -55.46
N ARG D 470 20.67 46.57 -54.69
CA ARG D 470 21.48 47.65 -55.22
C ARG D 470 22.72 47.81 -54.35
N VAL D 471 23.82 48.21 -54.98
CA VAL D 471 25.10 48.34 -54.30
C VAL D 471 25.38 49.81 -54.08
N THR D 472 25.82 50.15 -52.86
CA THR D 472 26.10 51.53 -52.47
C THR D 472 27.61 51.57 -52.34
N ASP D 473 28.23 52.69 -52.70
CA ASP D 473 29.72 52.83 -52.59
C ASP D 473 30.20 52.73 -51.12
N GLN D 474 31.52 52.63 -50.90
CA GLN D 474 32.07 52.49 -49.50
C GLN D 474 31.83 53.72 -48.60
N ALA D 475 32.19 53.63 -47.30
CA ALA D 475 31.90 54.74 -46.34
C ALA D 475 32.87 54.72 -45.14
N LEU D 476 32.89 55.81 -44.34
CA LEU D 476 33.82 55.89 -43.17
C LEU D 476 33.41 56.95 -42.13
N THR D 477 33.30 56.57 -40.84
CA THR D 477 33.03 57.47 -39.72
C THR D 477 34.12 57.29 -38.69
N GLY D 478 34.56 58.40 -38.09
CA GLY D 478 35.60 58.35 -37.09
C GLY D 478 35.44 59.44 -36.06
N GLN D 479 36.18 59.29 -34.96
CA GLN D 479 36.13 60.25 -33.88
C GLN D 479 37.42 60.18 -33.08
N PHE D 480 37.78 61.30 -32.46
CA PHE D 480 38.95 61.41 -31.59
C PHE D 480 38.53 62.03 -30.27
N THR D 481 38.96 61.41 -29.16
CA THR D 481 38.59 61.89 -27.83
C THR D 481 39.71 62.80 -27.32
N THR D 482 39.42 64.09 -27.21
CA THR D 482 40.34 65.07 -26.67
C THR D 482 39.75 65.68 -25.40
N ILE D 483 40.56 65.74 -24.34
CA ILE D 483 40.08 66.26 -23.07
C ILE D 483 39.68 67.72 -23.21
N ASN D 484 40.51 68.52 -23.87
CA ASN D 484 40.19 69.91 -24.13
C ASN D 484 40.65 70.34 -25.52
N GLY D 485 40.68 69.40 -26.47
CA GLY D 485 41.32 69.64 -27.74
C GLY D 485 42.82 69.43 -27.71
N GLN D 486 43.35 68.91 -26.61
CA GLN D 486 44.78 68.74 -26.42
C GLN D 486 45.04 67.40 -25.76
N VAL D 487 46.29 66.95 -25.85
CA VAL D 487 46.77 65.76 -25.14
C VAL D 487 47.82 66.24 -24.14
N ALA D 488 47.61 65.94 -22.86
CA ALA D 488 48.43 66.55 -21.82
C ALA D 488 49.85 65.97 -21.80
N PRO D 489 50.05 64.66 -21.61
CA PRO D 489 51.43 64.14 -21.49
C PRO D 489 52.10 64.04 -22.85
N VAL D 490 53.06 64.93 -23.10
CA VAL D 490 53.78 64.91 -24.37
C VAL D 490 54.60 63.64 -24.50
N GLU D 491 55.28 63.24 -23.42
CA GLU D 491 56.13 62.06 -23.46
C GLU D 491 55.32 60.82 -23.80
N THR D 492 54.17 60.64 -23.15
CA THR D 492 53.31 59.48 -23.36
C THR D 492 51.88 59.96 -23.56
N GLY D 493 51.52 60.22 -24.81
CA GLY D 493 50.16 60.61 -25.12
C GLY D 493 49.22 59.43 -25.20
N THR D 494 47.92 59.74 -25.30
CA THR D 494 46.90 58.71 -25.37
C THR D 494 45.63 59.29 -25.95
N VAL D 495 45.12 58.67 -27.02
CA VAL D 495 43.86 59.06 -27.63
C VAL D 495 43.03 57.81 -27.88
N ASP D 496 41.71 58.01 -27.94
CA ASP D 496 40.76 56.95 -28.17
C ASP D 496 40.08 57.18 -29.51
N ILE D 497 39.99 56.13 -30.33
CA ILE D 497 39.40 56.23 -31.65
C ILE D 497 38.28 55.21 -31.79
N ASN D 498 37.15 55.63 -32.35
CA ASN D 498 36.04 54.75 -32.62
C ASN D 498 35.24 55.32 -33.79
N GLY D 499 34.50 54.44 -34.45
CA GLY D 499 33.69 54.85 -35.58
C GLY D 499 33.16 53.64 -36.32
N THR D 500 32.52 53.93 -37.45
CA THR D 500 31.91 52.91 -38.29
C THR D 500 32.66 52.86 -39.62
N ALA D 501 33.18 51.68 -39.96
CA ALA D 501 33.87 51.45 -41.23
C ALA D 501 33.27 50.17 -41.83
N SER D 502 32.17 50.33 -42.57
CA SER D 502 31.47 49.18 -43.13
C SER D 502 32.12 48.77 -44.44
N GLY D 503 32.34 47.45 -44.59
CA GLY D 503 32.91 46.91 -45.80
C GLY D 503 34.41 46.86 -45.87
N ALA D 504 35.11 47.39 -44.86
CA ALA D 504 36.56 47.40 -44.83
C ALA D 504 37.08 46.28 -43.94
N ASN D 505 38.35 45.93 -44.16
CA ASN D 505 39.01 44.90 -43.35
C ASN D 505 39.99 45.47 -42.34
N SER D 506 40.59 46.62 -42.64
CA SER D 506 41.50 47.27 -41.70
C SER D 506 41.46 48.77 -41.94
N VAL D 507 41.81 49.53 -40.91
CA VAL D 507 41.79 50.98 -40.94
C VAL D 507 43.12 51.50 -40.42
N LEU D 508 43.73 52.43 -41.13
CA LEU D 508 45.01 53.01 -40.76
C LEU D 508 44.81 54.45 -40.30
N VAL D 509 45.50 54.80 -39.21
CA VAL D 509 45.47 56.15 -38.65
C VAL D 509 46.89 56.70 -38.62
N ILE D 510 47.05 57.96 -39.01
CA ILE D 510 48.36 58.58 -39.12
C ILE D 510 48.36 59.89 -38.35
N PHE D 511 49.46 60.17 -37.65
CA PHE D 511 49.65 61.41 -36.92
C PHE D 511 50.89 62.12 -37.46
N VAL D 512 50.74 63.39 -37.81
CA VAL D 512 51.85 64.20 -38.29
C VAL D 512 51.82 65.55 -37.61
N ASP D 513 52.99 66.06 -37.25
CA ASP D 513 53.11 67.32 -36.52
C ASP D 513 53.50 68.44 -37.50
N GLU D 514 53.81 69.62 -36.95
CA GLU D 514 54.24 70.71 -37.81
C GLU D 514 55.64 70.49 -38.36
N ARG D 515 56.52 69.81 -37.61
CA ARG D 515 57.86 69.54 -38.12
C ARG D 515 57.80 68.59 -39.31
N GLY D 516 57.02 67.51 -39.18
CA GLY D 516 56.93 66.52 -40.24
C GLY D 516 57.10 65.09 -39.78
N ASN D 517 57.13 64.86 -38.46
CA ASN D 517 57.26 63.51 -37.94
C ASN D 517 55.94 62.77 -38.11
N VAL D 518 56.01 61.48 -38.40
CA VAL D 518 54.83 60.69 -38.70
C VAL D 518 54.80 59.46 -37.81
N ASN D 519 53.62 59.15 -37.28
CA ASN D 519 53.36 57.93 -36.55
C ASN D 519 52.10 57.28 -37.12
N TYR D 520 52.15 55.96 -37.30
CA TYR D 520 51.05 55.23 -37.91
C TYR D 520 50.71 54.00 -37.09
N GLN D 521 49.46 53.55 -37.23
CA GLN D 521 49.00 52.32 -36.60
C GLN D 521 47.79 51.82 -37.36
N GLU D 522 47.73 50.50 -37.56
CA GLU D 522 46.58 49.87 -38.21
C GLU D 522 45.62 49.34 -37.16
N VAL D 523 44.33 49.40 -37.48
CA VAL D 523 43.27 48.98 -36.58
C VAL D 523 42.44 47.90 -37.28
N SER D 524 42.30 46.76 -36.61
CA SER D 524 41.50 45.66 -37.15
C SER D 524 40.04 45.92 -36.83
N VAL D 525 39.24 46.18 -37.87
CA VAL D 525 37.82 46.44 -37.69
C VAL D 525 37.07 45.12 -37.59
N ASP D 526 36.07 45.07 -36.71
CA ASP D 526 35.33 43.86 -36.47
C ASP D 526 34.37 43.58 -37.62
N SER D 527 33.58 42.51 -37.47
CA SER D 527 32.74 42.03 -38.56
C SER D 527 31.67 43.05 -38.94
N ASP D 528 31.00 43.66 -37.95
CA ASP D 528 29.92 44.59 -38.25
C ASP D 528 30.41 46.01 -38.54
N GLY D 529 31.70 46.17 -38.83
CA GLY D 529 32.23 47.48 -39.21
C GLY D 529 32.15 48.54 -38.12
N THR D 530 32.51 48.18 -36.89
CA THR D 530 32.51 49.12 -35.77
C THR D 530 33.85 48.98 -35.05
N TYR D 531 34.84 49.74 -35.49
CA TYR D 531 36.18 49.67 -34.92
C TYR D 531 36.30 50.60 -33.72
N ASP D 532 36.97 50.11 -32.68
CA ASP D 532 37.19 50.90 -31.46
C ASP D 532 38.54 50.48 -30.89
N GLU D 533 39.55 51.32 -31.11
CA GLU D 533 40.88 51.09 -30.57
C GLU D 533 41.17 52.15 -29.51
N ASP D 534 41.60 51.70 -28.33
CA ASP D 534 41.74 52.57 -27.17
C ASP D 534 43.20 52.62 -26.72
N ASP D 535 43.55 53.75 -26.09
CA ASP D 535 44.89 53.99 -25.56
C ASP D 535 45.97 53.89 -26.64
N ILE D 536 45.88 54.80 -27.60
CA ILE D 536 46.86 54.91 -28.68
C ILE D 536 47.90 55.95 -28.31
N THR D 537 49.15 55.52 -28.17
CA THR D 537 50.22 56.44 -27.81
C THR D 537 50.65 57.26 -29.01
N VAL D 538 51.06 58.50 -28.74
CA VAL D 538 51.56 59.41 -29.75
C VAL D 538 53.00 59.76 -29.40
N GLY D 539 53.92 59.46 -30.31
CA GLY D 539 55.33 59.70 -30.07
C GLY D 539 55.87 60.85 -30.88
N LEU D 540 55.10 61.92 -30.98
CA LEU D 540 55.47 63.10 -31.74
C LEU D 540 55.97 64.20 -30.80
N THR D 541 56.27 65.36 -31.37
CA THR D 541 56.78 66.49 -30.62
C THR D 541 55.67 67.45 -30.24
N GLN D 542 55.99 68.35 -29.31
CA GLN D 542 55.03 69.34 -28.84
C GLN D 542 54.67 70.30 -29.96
N GLY D 543 53.41 70.73 -29.98
CA GLY D 543 52.94 71.66 -30.99
C GLY D 543 51.53 71.36 -31.47
N ARG D 544 51.32 71.40 -32.77
CA ARG D 544 50.03 71.10 -33.38
C ARG D 544 50.15 69.83 -34.21
N VAL D 545 49.25 68.88 -33.96
CA VAL D 545 49.25 67.60 -34.65
C VAL D 545 47.89 67.41 -35.30
N THR D 546 47.89 67.14 -36.60
CA THR D 546 46.69 66.82 -37.36
C THR D 546 46.63 65.32 -37.60
N ALA D 547 45.43 64.75 -37.52
CA ALA D 547 45.24 63.32 -37.60
C ALA D 547 44.37 62.97 -38.79
N HIS D 548 44.70 61.85 -39.43
CA HIS D 548 43.94 61.31 -40.55
C HIS D 548 43.66 59.83 -40.32
N ILE D 549 42.53 59.40 -40.85
CA ILE D 549 42.08 58.01 -40.78
C ILE D 549 41.98 57.51 -42.21
N LEU D 550 42.73 56.46 -42.53
CA LEU D 550 42.73 55.90 -43.87
C LEU D 550 41.89 54.63 -43.95
N SER D 551 41.27 54.43 -45.12
CA SER D 551 40.38 53.31 -45.37
C SER D 551 40.44 53.00 -46.86
N VAL D 552 40.88 51.79 -47.22
CA VAL D 552 40.89 51.42 -48.62
C VAL D 552 39.45 51.31 -49.11
N GLY D 553 39.19 51.88 -50.29
CA GLY D 553 37.85 51.87 -50.82
C GLY D 553 37.47 50.56 -51.48
N ARG D 554 36.73 50.66 -52.59
CA ARG D 554 36.31 49.47 -53.31
C ARG D 554 37.48 48.73 -53.93
N ASP D 555 38.47 49.47 -54.46
CA ASP D 555 39.58 48.83 -55.16
C ASP D 555 40.49 48.01 -54.25
N SER D 556 40.39 48.19 -52.94
CA SER D 556 41.26 47.50 -51.98
C SER D 556 42.72 47.79 -52.31
N ALA D 557 42.94 49.01 -52.80
CA ALA D 557 44.25 49.53 -53.17
C ALA D 557 44.31 50.96 -52.67
N ILE D 558 45.49 51.42 -52.29
CA ILE D 558 45.56 52.80 -51.82
C ILE D 558 45.34 53.68 -53.03
N GLY D 559 44.16 54.29 -53.13
CA GLY D 559 43.89 55.14 -54.27
C GLY D 559 43.98 54.35 -55.57
N ASP D 560 44.85 54.81 -56.47
CA ASP D 560 45.09 54.14 -57.74
C ASP D 560 46.24 53.14 -57.70
N GLY D 561 46.87 52.94 -56.55
CA GLY D 561 48.05 52.09 -56.53
C GLY D 561 49.31 52.76 -57.02
N SER D 562 49.27 54.06 -57.29
CA SER D 562 50.43 54.78 -57.82
C SER D 562 51.23 55.42 -56.68
N LEU D 563 51.94 54.56 -55.96
CA LEU D 563 52.87 55.02 -54.93
C LEU D 563 54.16 55.52 -55.57
N PRO D 564 54.74 56.61 -55.06
CA PRO D 564 56.00 57.09 -55.64
C PRO D 564 57.13 56.08 -55.52
N SER D 565 57.14 55.25 -54.47
CA SER D 565 58.18 54.24 -54.28
C SER D 565 57.66 52.82 -54.22
N GLY D 566 56.34 52.62 -54.13
CA GLY D 566 55.79 51.29 -54.04
C GLY D 566 55.41 50.72 -55.39
N PRO D 567 55.06 49.44 -55.43
CA PRO D 567 54.67 48.80 -56.69
C PRO D 567 53.30 49.24 -57.18
N SER D 568 52.92 48.79 -58.37
CA SER D 568 51.65 49.16 -58.96
C SER D 568 50.57 48.15 -58.58
N ASN D 569 49.43 48.66 -58.13
CA ASN D 569 48.24 47.90 -57.76
C ASN D 569 48.44 47.04 -56.52
N GLY D 570 49.62 47.03 -55.92
CA GLY D 570 49.84 46.30 -54.69
C GLY D 570 49.86 47.22 -53.48
N ALA D 571 49.36 48.44 -53.66
CA ALA D 571 49.40 49.46 -52.62
C ALA D 571 48.31 49.18 -51.60
N THR D 572 48.69 48.49 -50.53
CA THR D 572 47.79 48.24 -49.40
C THR D 572 48.13 49.19 -48.26
N LEU D 573 47.44 49.02 -47.13
CA LEU D 573 47.73 49.84 -45.97
C LEU D 573 49.16 49.62 -45.48
N ASN D 574 49.61 48.36 -45.44
CA ASN D 574 50.98 48.07 -45.05
C ASN D 574 51.97 48.65 -46.07
N ASP D 575 51.63 48.60 -47.35
CA ASP D 575 52.51 49.16 -48.38
C ASP D 575 52.66 50.66 -48.22
N LEU D 576 51.56 51.36 -47.87
CA LEU D 576 51.66 52.81 -47.70
C LEU D 576 52.51 53.18 -46.49
N THR D 577 52.60 52.29 -45.49
CA THR D 577 53.45 52.56 -44.34
C THR D 577 54.91 52.70 -44.76
N GLY D 578 55.35 51.87 -45.72
CA GLY D 578 56.70 51.99 -46.23
C GLY D 578 56.95 53.35 -46.87
N TYR D 579 55.92 53.89 -47.54
CA TYR D 579 56.04 55.23 -48.10
C TYR D 579 56.12 56.29 -47.01
N LEU D 580 55.45 56.07 -45.88
CA LEU D 580 55.50 57.03 -44.79
C LEU D 580 56.91 57.12 -44.19
N ASP D 581 57.64 56.01 -44.16
CA ASP D 581 58.99 56.02 -43.61
C ASP D 581 59.91 56.93 -44.41
N THR D 582 59.64 57.10 -45.70
CA THR D 582 60.42 58.03 -46.52
C THR D 582 60.05 59.49 -46.26
N LEU D 583 58.84 59.75 -45.79
CA LEU D 583 58.39 61.14 -45.61
C LEU D 583 59.14 61.82 -44.49
N ASP D 584 59.25 61.15 -43.33
CA ASP D 584 59.91 61.77 -42.19
C ASP D 584 61.43 61.82 -42.36
N GLN D 585 61.99 60.89 -43.12
CA GLN D 585 63.44 60.89 -43.34
C GLN D 585 63.87 62.15 -44.07
N ASN D 586 63.14 62.54 -45.11
CA ASN D 586 63.45 63.77 -45.82
C ASN D 586 63.03 64.98 -44.99
N ASN D 587 63.79 66.07 -45.15
CA ASN D 587 63.50 67.31 -44.41
C ASN D 587 62.31 68.00 -45.06
N ASN D 588 61.12 67.52 -44.71
CA ASN D 588 59.88 68.03 -45.26
C ASN D 588 59.08 68.76 -44.18
N ASN D 589 58.44 69.86 -44.56
CA ASN D 589 57.57 70.59 -43.65
C ASN D 589 56.33 69.76 -43.34
N GLY D 590 55.82 69.93 -42.12
CA GLY D 590 54.60 69.22 -41.74
C GLY D 590 53.42 69.60 -42.62
N GLU D 591 53.34 70.87 -43.02
CA GLU D 591 52.30 71.30 -43.93
C GLU D 591 52.46 70.63 -45.29
N GLN D 592 53.71 70.41 -45.72
CA GLN D 592 53.95 69.73 -46.99
C GLN D 592 53.41 68.31 -46.96
N ILE D 593 53.52 67.64 -45.81
CA ILE D 593 53.00 66.29 -45.68
C ILE D 593 51.48 66.28 -45.86
N ASN D 594 50.79 67.30 -45.35
CA ASN D 594 49.35 67.38 -45.57
C ASN D 594 49.01 67.49 -47.06
N GLU D 595 49.76 68.30 -47.80
CA GLU D 595 49.56 68.38 -49.25
C GLU D 595 49.89 67.06 -49.93
N LEU D 596 51.00 66.43 -49.52
CA LEU D 596 51.43 65.19 -50.16
C LEU D 596 50.46 64.04 -49.87
N ILE D 597 50.04 63.89 -48.62
CA ILE D 597 49.20 62.76 -48.25
C ILE D 597 47.86 62.84 -48.98
N ALA D 598 47.24 64.02 -48.97
CA ALA D 598 45.96 64.20 -49.64
C ALA D 598 46.09 64.05 -51.16
N SER D 599 47.17 64.58 -51.73
CA SER D 599 47.32 64.55 -53.19
C SER D 599 47.58 63.14 -53.72
N GLU D 600 48.45 62.40 -53.05
CA GLU D 600 48.87 61.10 -53.58
C GLU D 600 47.79 60.03 -53.40
N THR D 601 46.93 60.16 -52.40
CA THR D 601 45.97 59.12 -52.06
C THR D 601 44.52 59.51 -52.35
N VAL D 602 44.10 60.73 -52.00
CA VAL D 602 42.70 61.11 -52.10
C VAL D 602 42.46 62.09 -53.25
N ASP D 603 43.33 63.08 -53.43
CA ASP D 603 43.09 64.10 -54.44
C ASP D 603 43.16 63.53 -55.86
N GLU D 604 43.78 62.37 -56.05
CA GLU D 604 43.80 61.75 -57.37
C GLU D 604 42.38 61.50 -57.84
N THR D 605 42.10 61.86 -59.09
CA THR D 605 40.73 61.81 -59.60
C THR D 605 40.19 60.39 -59.72
N ALA D 606 41.05 59.39 -59.86
CA ALA D 606 40.62 58.01 -59.99
C ALA D 606 40.60 57.28 -58.66
N SER D 607 40.89 57.98 -57.56
CA SER D 607 40.92 57.36 -56.24
C SER D 607 39.51 57.18 -55.69
N ASP D 608 39.31 56.06 -55.00
CA ASP D 608 38.05 55.74 -54.35
C ASP D 608 38.16 55.70 -52.83
N ASP D 609 39.34 55.92 -52.28
CA ASP D 609 39.54 55.82 -50.84
C ASP D 609 39.01 57.07 -50.14
N LEU D 610 38.61 56.90 -48.88
CA LEU D 610 38.01 57.97 -48.10
C LEU D 610 38.85 58.23 -46.84
N ILE D 611 38.87 59.49 -46.41
CA ILE D 611 39.54 59.87 -45.17
C ILE D 611 38.66 60.83 -44.38
N VAL D 612 38.98 60.98 -43.10
CA VAL D 612 38.38 61.98 -42.23
C VAL D 612 39.52 62.75 -41.59
N THR D 613 39.28 64.04 -41.31
CA THR D 613 40.33 64.92 -40.80
C THR D 613 39.98 65.41 -39.40
N GLU D 614 40.99 65.45 -38.53
CA GLU D 614 40.81 65.96 -37.18
C GLU D 614 42.15 66.50 -36.71
N THR D 615 42.11 67.56 -35.90
CA THR D 615 43.33 68.21 -35.43
C THR D 615 43.25 68.46 -33.93
N PHE D 616 44.41 68.47 -33.28
CA PHE D 616 44.48 68.76 -31.86
C PHE D 616 45.86 69.29 -31.52
N ARG D 617 45.92 70.27 -30.61
CA ARG D 617 47.17 70.89 -30.21
C ARG D 617 47.83 70.01 -29.15
N LEU D 618 48.98 69.43 -29.47
CA LEU D 618 49.72 68.61 -28.51
C LEU D 618 50.48 69.54 -27.58
N ALA D 619 49.97 69.71 -26.36
CA ALA D 619 50.55 70.60 -25.36
C ALA D 619 50.99 69.78 -24.15
N GLU D 620 51.44 70.48 -23.10
CA GLU D 620 51.91 69.78 -21.88
C GLU D 620 50.71 69.47 -20.97
N SER D 621 50.95 68.74 -19.87
CA SER D 621 49.84 68.31 -18.96
C SER D 621 49.18 69.49 -18.25
N SER D 622 47.87 69.43 -18.05
CA SER D 622 47.16 70.51 -17.29
C SER D 622 46.15 69.96 -16.28
N THR D 623 46.00 70.62 -15.13
CA THR D 623 45.00 70.22 -14.10
C THR D 623 44.71 71.48 -13.28
N SER D 624 43.45 71.93 -13.23
CA SER D 624 43.15 73.20 -12.57
C SER D 624 41.74 73.14 -12.01
N ILE D 625 41.47 74.02 -11.04
CA ILE D 625 40.15 74.15 -10.43
C ILE D 625 39.46 75.36 -11.03
N ASP D 626 38.23 75.16 -11.51
CA ASP D 626 37.51 76.20 -12.25
C ASP D 626 36.52 76.96 -11.38
N SER D 627 35.57 76.25 -10.77
CA SER D 627 34.50 76.89 -10.02
C SER D 627 34.23 76.14 -8.74
N ILE D 628 34.05 76.89 -7.65
CA ILE D 628 33.64 76.36 -6.36
C ILE D 628 32.44 77.16 -5.88
N TYR D 629 31.36 76.48 -5.54
CA TYR D 629 30.11 77.13 -5.14
C TYR D 629 29.18 76.08 -4.56
N PRO D 630 28.23 76.49 -3.72
CA PRO D 630 27.29 75.53 -3.11
C PRO D 630 26.25 75.02 -4.10
N ASP D 631 25.27 74.26 -3.61
CA ASP D 631 24.24 73.68 -4.47
C ASP D 631 23.36 74.73 -5.14
N ALA D 632 23.59 76.00 -4.85
CA ALA D 632 22.84 77.07 -5.49
C ALA D 632 23.27 77.22 -6.94
N ALA D 633 22.67 78.18 -7.63
CA ALA D 633 22.93 78.43 -9.04
C ALA D 633 23.99 79.53 -9.16
N GLU D 634 25.20 79.14 -9.59
CA GLU D 634 26.27 80.10 -9.78
C GLU D 634 27.34 79.45 -10.66
N ALA D 635 27.97 80.27 -11.51
CA ALA D 635 29.03 79.78 -12.38
C ALA D 635 30.22 80.73 -12.46
N ALA D 636 30.27 81.76 -11.61
CA ALA D 636 31.39 82.69 -11.64
C ALA D 636 32.69 82.01 -11.25
N GLY D 637 32.65 81.17 -10.22
CA GLY D 637 33.84 80.44 -9.82
C GLY D 637 34.08 80.42 -8.32
N ILE D 638 33.72 81.51 -7.63
CA ILE D 638 33.93 81.63 -6.20
C ILE D 638 32.62 82.01 -5.54
N ASN D 639 32.31 81.35 -4.43
CA ASN D 639 31.08 81.61 -3.68
C ASN D 639 31.23 81.13 -2.24
N PRO D 640 31.02 82.00 -1.26
CA PRO D 640 31.04 81.56 0.14
C PRO D 640 29.99 80.48 0.39
N VAL D 641 30.36 79.50 1.19
CA VAL D 641 29.51 78.33 1.44
C VAL D 641 29.17 78.28 2.92
N ALA D 642 27.87 78.22 3.21
CA ALA D 642 27.42 78.05 4.59
C ALA D 642 27.55 76.59 5.01
N THR D 643 27.95 76.38 6.27
CA THR D 643 28.11 75.03 6.78
C THR D 643 26.75 74.34 6.88
N GLY D 644 26.77 73.01 6.70
CA GLY D 644 25.59 72.19 6.77
C GLY D 644 25.02 71.79 5.42
N GLU D 645 25.40 72.47 4.35
CA GLU D 645 24.92 72.17 3.00
C GLU D 645 26.09 71.75 2.13
N THR D 646 25.86 70.76 1.27
CA THR D 646 26.91 70.27 0.38
C THR D 646 27.26 71.33 -0.66
N MET D 647 28.56 71.45 -0.95
CA MET D 647 29.04 72.38 -1.95
C MET D 647 29.78 71.61 -3.03
N VAL D 648 29.62 72.05 -4.28
CA VAL D 648 30.24 71.39 -5.43
C VAL D 648 31.48 72.17 -5.84
N ILE D 649 32.49 71.45 -6.30
CA ILE D 649 33.72 72.04 -6.83
C ILE D 649 33.94 71.45 -8.22
N ALA D 650 34.25 72.32 -9.19
CA ALA D 650 34.39 71.93 -10.58
C ALA D 650 35.74 72.36 -11.10
N GLY D 651 36.46 71.44 -11.75
CA GLY D 651 37.75 71.73 -12.30
C GLY D 651 37.92 71.09 -13.67
N SER D 652 39.01 71.45 -14.33
CA SER D 652 39.33 70.94 -15.66
C SER D 652 40.57 70.06 -15.60
N THR D 653 40.63 69.08 -16.51
CA THR D 653 41.76 68.18 -16.57
C THR D 653 41.90 67.65 -17.99
N ASN D 654 43.08 67.10 -18.28
CA ASN D 654 43.35 66.49 -19.57
C ASN D 654 43.71 65.02 -19.45
N LEU D 655 43.68 64.45 -18.25
CA LEU D 655 44.09 63.08 -18.03
C LEU D 655 43.03 62.11 -18.52
N LYS D 656 43.41 60.84 -18.57
CA LYS D 656 42.46 59.79 -18.93
C LYS D 656 41.37 59.70 -17.87
N PRO D 657 40.10 59.52 -18.29
CA PRO D 657 39.02 59.52 -17.30
C PRO D 657 39.10 58.40 -16.28
N ASP D 658 39.62 57.24 -16.65
CA ASP D 658 39.62 56.07 -15.78
C ASP D 658 40.99 55.69 -15.24
N ASP D 659 42.04 55.78 -16.07
CA ASP D 659 43.36 55.36 -15.63
C ASP D 659 43.98 56.29 -14.59
N ASN D 660 43.41 57.47 -14.37
CA ASN D 660 43.93 58.43 -13.42
C ASN D 660 42.83 58.84 -12.44
N THR D 661 43.19 59.68 -11.47
CA THR D 661 42.23 60.15 -10.48
C THR D 661 42.69 61.49 -9.95
N ILE D 662 41.74 62.22 -9.37
CA ILE D 662 41.98 63.53 -8.76
C ILE D 662 41.64 63.44 -7.29
N SER D 663 42.60 63.74 -6.44
CA SER D 663 42.42 63.71 -4.99
C SER D 663 42.37 65.14 -4.45
N ILE D 664 41.40 65.42 -3.59
CA ILE D 664 41.22 66.76 -3.04
C ILE D 664 41.70 66.77 -1.60
N GLU D 665 41.99 67.97 -1.10
CA GLU D 665 42.34 68.18 0.30
C GLU D 665 41.77 69.50 0.78
N VAL D 666 41.06 69.48 1.91
CA VAL D 666 40.53 70.68 2.54
C VAL D 666 41.16 70.82 3.91
N THR D 667 41.88 71.92 4.13
CA THR D 667 42.62 72.13 5.37
C THR D 667 42.29 73.50 5.95
N ASN D 668 42.32 73.59 7.28
CA ASN D 668 42.00 74.82 8.01
C ASN D 668 43.20 75.74 8.09
N GLU D 669 43.12 76.72 9.00
CA GLU D 669 44.14 77.75 9.14
C GLU D 669 45.47 77.20 9.66
N ASP D 670 45.49 76.01 10.26
CA ASP D 670 46.74 75.45 10.78
C ASP D 670 46.83 73.96 10.45
N GLY D 671 46.73 73.66 9.15
CA GLY D 671 47.03 72.31 8.65
C GLY D 671 46.27 71.18 9.31
N THR D 672 44.99 71.37 9.59
CA THR D 672 44.12 70.30 10.05
C THR D 672 43.22 69.95 8.87
N SER D 673 43.53 68.84 8.20
CA SER D 673 42.67 68.39 7.10
C SER D 673 41.32 67.94 7.65
N VAL D 674 40.27 68.28 6.91
CA VAL D 674 38.91 67.99 7.36
C VAL D 674 38.19 67.09 6.36
N ALA D 675 38.59 67.17 5.10
CA ALA D 675 37.91 66.43 4.04
C ALA D 675 38.92 65.87 3.06
N LEU D 676 38.54 64.76 2.41
CA LEU D 676 39.38 64.12 1.41
C LEU D 676 38.49 63.26 0.53
N GLU D 677 38.35 63.65 -0.73
CA GLU D 677 37.54 62.92 -1.69
C GLU D 677 38.31 62.76 -2.99
N ASP D 678 37.98 61.70 -3.73
CA ASP D 678 38.65 61.39 -4.98
C ASP D 678 37.61 61.01 -6.03
N THR D 679 37.92 61.34 -7.29
CA THR D 679 37.08 60.97 -8.42
C THR D 679 37.94 60.38 -9.51
N ASP D 680 37.41 59.36 -10.20
CA ASP D 680 38.11 58.71 -11.29
C ASP D 680 37.17 58.50 -12.46
N GLU D 681 36.31 59.49 -12.72
CA GLU D 681 35.38 59.40 -13.83
C GLU D 681 34.95 60.82 -14.22
N TRP D 682 34.94 61.07 -15.53
CA TRP D 682 34.47 62.32 -16.10
C TRP D 682 34.34 62.14 -17.60
N ASN D 683 33.33 62.79 -18.18
CA ASN D 683 33.07 62.65 -19.60
C ASN D 683 34.17 63.32 -20.42
N ASN D 684 34.06 63.19 -21.74
CA ASN D 684 35.05 63.76 -22.65
C ASN D 684 34.99 65.28 -22.72
N ASP D 685 34.14 65.93 -21.93
CA ASP D 685 34.14 67.38 -21.85
C ASP D 685 35.29 67.93 -21.02
N GLY D 686 35.90 67.09 -20.17
CA GLY D 686 37.02 67.49 -19.35
C GLY D 686 36.65 68.04 -17.98
N GLN D 687 35.36 68.21 -17.69
CA GLN D 687 34.92 68.77 -16.42
C GLN D 687 34.68 67.66 -15.41
N TRP D 688 35.17 67.86 -14.20
CA TRP D 688 34.97 66.93 -13.09
C TRP D 688 34.47 67.68 -11.88
N MET D 689 33.50 67.08 -11.17
CA MET D 689 32.90 67.66 -9.98
C MET D 689 33.10 66.74 -8.80
N VAL D 690 33.43 67.33 -7.65
CA VAL D 690 33.70 66.60 -6.42
C VAL D 690 32.77 67.13 -5.33
N GLU D 691 32.12 66.23 -4.61
CA GLU D 691 31.17 66.58 -3.57
C GLU D 691 31.78 66.38 -2.19
N ILE D 692 31.73 67.42 -1.36
CA ILE D 692 32.17 67.35 0.03
C ILE D 692 31.11 67.99 0.91
N ASP D 693 30.88 67.40 2.07
CA ASP D 693 29.87 67.89 3.01
C ASP D 693 30.48 68.93 3.94
N THR D 694 29.63 69.86 4.38
CA THR D 694 30.01 70.92 5.30
C THR D 694 29.24 70.82 6.61
N THR D 695 29.00 69.59 7.07
CA THR D 695 28.21 69.38 8.27
C THR D 695 28.95 69.87 9.51
N ASP D 696 30.21 69.47 9.66
CA ASP D 696 30.99 69.79 10.85
C ASP D 696 32.00 70.91 10.61
N PHE D 697 31.88 71.62 9.50
CA PHE D 697 32.84 72.67 9.18
C PHE D 697 32.66 73.87 10.10
N GLU D 698 33.72 74.65 10.22
CA GLU D 698 33.73 75.86 11.03
C GLU D 698 34.00 77.06 10.14
N THR D 699 33.37 78.19 10.46
CA THR D 699 33.49 79.38 9.64
C THR D 699 34.93 79.90 9.65
N GLY D 700 35.33 80.45 8.52
CA GLY D 700 36.67 80.98 8.35
C GLY D 700 37.14 80.78 6.91
N THR D 701 38.45 80.65 6.77
CA THR D 701 39.10 80.46 5.48
C THR D 701 39.65 79.04 5.39
N PHE D 702 39.37 78.36 4.28
CA PHE D 702 39.72 76.97 4.07
C PHE D 702 40.43 76.83 2.75
N THR D 703 41.41 75.92 2.69
CA THR D 703 42.27 75.74 1.54
C THR D 703 41.90 74.46 0.81
N VAL D 704 41.69 74.56 -0.50
CA VAL D 704 41.34 73.42 -1.33
C VAL D 704 42.53 73.07 -2.20
N GLU D 705 42.98 71.83 -2.11
CA GLU D 705 44.19 71.36 -2.80
C GLU D 705 43.85 70.12 -3.60
N ALA D 706 44.26 70.10 -4.88
CA ALA D 706 44.00 68.98 -5.75
C ALA D 706 45.29 68.61 -6.48
N ASP D 707 45.62 67.31 -6.46
CA ASP D 707 46.81 66.81 -7.11
C ASP D 707 46.50 65.50 -7.84
N ASP D 708 47.33 65.18 -8.83
CA ASP D 708 47.18 63.96 -9.60
C ASP D 708 48.54 63.34 -9.90
N GLY D 709 49.51 63.50 -9.00
CA GLY D 709 50.87 63.10 -9.27
C GLY D 709 51.65 64.09 -10.11
N ASP D 710 51.12 65.30 -10.31
CA ASP D 710 51.70 66.32 -11.16
C ASP D 710 51.53 67.66 -10.44
N ASN D 711 51.65 68.75 -11.19
CA ASN D 711 51.52 70.09 -10.61
C ASN D 711 50.20 70.24 -9.87
N THR D 712 50.28 70.84 -8.68
CA THR D 712 49.16 70.93 -7.76
C THR D 712 48.59 72.34 -7.75
N ASP D 713 47.27 72.46 -7.86
CA ASP D 713 46.57 73.73 -7.80
C ASP D 713 45.92 73.91 -6.44
N THR D 714 45.99 75.14 -5.92
CA THR D 714 45.42 75.48 -4.62
C THR D 714 44.50 76.67 -4.77
N VAL D 715 43.35 76.60 -4.10
CA VAL D 715 42.38 77.69 -4.09
C VAL D 715 41.82 77.82 -2.68
N ASN D 716 41.49 79.06 -2.30
CA ASN D 716 40.97 79.36 -0.97
C ASN D 716 39.54 79.86 -1.06
N VAL D 717 38.69 79.35 -0.17
CA VAL D 717 37.29 79.74 -0.11
C VAL D 717 36.95 80.10 1.33
N GLU D 718 35.99 81.00 1.50
CA GLU D 718 35.55 81.45 2.81
C GLU D 718 34.33 80.66 3.26
N VAL D 719 34.24 80.44 4.57
CA VAL D 719 33.14 79.72 5.19
C VAL D 719 32.43 80.66 6.15
N VAL D 720 31.11 80.75 6.01
CA VAL D 720 30.30 81.65 6.83
C VAL D 720 29.14 80.84 7.42
N SER D 721 28.62 81.32 8.55
CA SER D 721 27.48 80.66 9.17
C SER D 721 26.26 80.70 8.25
N GLU D 722 25.93 81.88 7.73
CA GLU D 722 24.83 82.06 6.80
C GLU D 722 25.24 83.06 5.73
N ARG D 723 24.70 82.87 4.53
CA ARG D 723 25.02 83.73 3.40
C ARG D 723 23.97 84.83 3.25
N GLU D 724 24.28 85.80 2.40
CA GLU D 724 23.38 86.90 2.10
C GLU D 724 22.62 86.61 0.81
N ASP D 725 21.30 86.74 0.86
CA ASP D 725 20.47 86.48 -0.31
C ASP D 725 19.25 87.40 -0.34
N GLU E 1 31.63 -26.36 -40.23
CA GLU E 1 31.64 -27.30 -39.11
C GLU E 1 31.05 -26.62 -37.88
N ARG E 2 31.34 -27.15 -36.70
CA ARG E 2 30.92 -26.55 -35.44
C ARG E 2 32.16 -26.12 -34.67
N GLY E 3 32.13 -24.89 -34.16
CA GLY E 3 33.28 -24.28 -33.53
C GLY E 3 34.08 -23.40 -34.47
N ASN E 4 33.98 -23.67 -35.77
CA ASN E 4 34.53 -22.81 -36.83
C ASN E 4 33.38 -22.62 -37.81
N LEU E 5 32.55 -21.62 -37.53
CA LEU E 5 31.27 -21.48 -38.23
C LEU E 5 31.44 -20.79 -39.57
N ASP E 6 32.24 -19.73 -39.64
CA ASP E 6 32.44 -19.00 -40.89
C ASP E 6 33.33 -19.74 -41.88
N ALA E 7 33.96 -20.84 -41.48
CA ALA E 7 34.80 -21.61 -42.39
C ALA E 7 34.02 -22.24 -43.54
N ASP E 8 32.72 -22.43 -43.36
CA ASP E 8 31.87 -23.00 -44.41
C ASP E 8 30.80 -22.03 -44.88
N SER E 9 30.97 -20.73 -44.58
CA SER E 9 30.04 -19.69 -44.99
C SER E 9 28.62 -19.94 -44.46
N GLU E 10 28.53 -20.59 -43.32
CA GLU E 10 27.25 -20.90 -42.69
C GLU E 10 27.01 -19.95 -41.53
N SER E 11 25.76 -19.51 -41.37
CA SER E 11 25.40 -18.66 -40.26
C SER E 11 25.13 -19.45 -38.98
N PHE E 12 25.04 -20.77 -39.06
CA PHE E 12 24.76 -21.61 -37.90
C PHE E 12 25.05 -23.06 -38.28
N ASN E 13 25.15 -23.90 -37.25
CA ASN E 13 25.18 -25.34 -37.46
C ASN E 13 24.77 -26.01 -36.15
N LYS E 14 24.01 -27.10 -36.28
CA LYS E 14 23.45 -27.81 -35.13
C LYS E 14 23.86 -29.29 -35.15
N THR E 15 25.03 -29.60 -35.71
CA THR E 15 25.57 -30.95 -35.72
C THR E 15 26.60 -31.03 -34.60
N ILE E 16 26.13 -31.40 -33.41
CA ILE E 16 26.98 -31.43 -32.22
C ILE E 16 27.76 -32.73 -32.19
N GLN E 17 29.06 -32.63 -31.94
CA GLN E 17 29.93 -33.77 -31.75
C GLN E 17 30.27 -33.94 -30.28
N SER E 18 30.85 -35.08 -29.94
CA SER E 18 31.15 -35.40 -28.56
C SER E 18 32.14 -34.40 -27.97
N GLY E 19 31.86 -33.94 -26.75
CA GLY E 19 32.73 -33.04 -26.04
C GLY E 19 32.56 -31.57 -26.36
N ASP E 20 31.63 -31.21 -27.25
CA ASP E 20 31.44 -29.82 -27.64
C ASP E 20 30.62 -29.09 -26.57
N ARG E 21 30.23 -27.86 -26.87
CA ARG E 21 29.44 -27.04 -25.95
C ARG E 21 28.07 -26.79 -26.55
N VAL E 22 27.07 -26.64 -25.68
CA VAL E 22 25.70 -26.41 -26.06
C VAL E 22 25.14 -25.29 -25.19
N PHE E 23 24.33 -24.43 -25.77
CA PHE E 23 23.79 -23.27 -25.07
C PHE E 23 22.32 -23.48 -24.72
N LEU E 24 21.78 -22.52 -23.97
CA LEU E 24 20.47 -22.71 -23.34
C LEU E 24 19.36 -22.86 -24.36
N GLY E 25 19.29 -21.96 -25.34
CA GLY E 25 18.14 -21.93 -26.22
C GLY E 25 18.26 -22.70 -27.52
N GLU E 26 19.24 -23.58 -27.63
CA GLU E 26 19.47 -24.27 -28.89
C GLU E 26 18.33 -25.23 -29.21
N GLU E 27 18.31 -25.67 -30.47
CA GLU E 27 17.37 -26.67 -30.96
C GLU E 27 18.20 -27.70 -31.72
N ILE E 28 18.61 -28.75 -31.02
CA ILE E 28 19.53 -29.72 -31.60
C ILE E 28 18.89 -30.42 -32.80
N SER E 29 19.73 -30.73 -33.79
CA SER E 29 19.30 -31.45 -34.98
C SER E 29 19.47 -32.94 -34.77
N THR E 30 18.42 -33.71 -35.05
CA THR E 30 18.41 -35.15 -34.84
C THR E 30 19.02 -35.93 -36.01
N ASP E 31 19.69 -35.25 -36.92
CA ASP E 31 20.34 -35.90 -38.06
C ASP E 31 21.67 -36.49 -37.59
N ALA E 32 22.52 -36.86 -38.56
CA ALA E 32 23.81 -37.48 -38.23
C ALA E 32 24.62 -36.58 -37.30
N GLY E 33 25.20 -37.20 -36.27
CA GLY E 33 25.90 -36.52 -35.21
C GLY E 33 25.47 -37.08 -33.87
N LEU E 34 25.65 -36.27 -32.82
CA LEU E 34 25.22 -36.67 -31.49
C LEU E 34 23.78 -36.21 -31.22
N GLY E 35 22.89 -36.52 -32.15
CA GLY E 35 21.48 -36.23 -31.99
C GLY E 35 20.62 -37.42 -32.34
N ALA E 36 21.24 -38.43 -32.97
CA ALA E 36 20.56 -39.69 -33.26
C ALA E 36 21.37 -40.86 -32.73
N SER E 37 22.69 -40.68 -32.63
CA SER E 37 23.54 -41.71 -32.05
C SER E 37 23.43 -41.77 -30.53
N ASN E 38 22.98 -40.70 -29.88
CA ASN E 38 22.90 -40.65 -28.43
C ASN E 38 21.93 -39.55 -28.01
N PRO E 39 20.62 -39.74 -28.18
CA PRO E 39 19.69 -38.65 -27.90
C PRO E 39 19.43 -38.40 -26.42
N LEU E 40 19.72 -39.35 -25.54
CA LEU E 40 19.43 -39.22 -24.13
C LEU E 40 20.73 -38.94 -23.37
N LEU E 41 20.76 -37.86 -22.61
CA LEU E 41 21.94 -37.47 -21.86
C LEU E 41 21.55 -37.16 -20.42
N THR E 42 22.47 -37.45 -19.50
CA THR E 42 22.25 -37.29 -18.07
C THR E 42 23.40 -36.49 -17.47
N GLY E 43 23.11 -35.79 -16.38
CA GLY E 43 24.10 -34.93 -15.76
C GLY E 43 25.20 -35.71 -15.07
N THR E 44 26.26 -34.99 -14.72
CA THR E 44 27.47 -35.59 -14.16
C THR E 44 27.72 -35.20 -12.70
N ALA E 45 27.81 -33.91 -12.41
CA ALA E 45 28.16 -33.47 -11.06
C ALA E 45 27.47 -32.15 -10.76
N GLY E 46 27.67 -31.68 -9.54
CA GLY E 46 27.09 -30.42 -9.11
C GLY E 46 25.57 -30.48 -9.07
N ASN E 47 24.95 -29.35 -9.39
CA ASN E 47 23.49 -29.30 -9.42
C ASN E 47 22.90 -30.05 -10.61
N SER E 48 23.74 -30.43 -11.59
CA SER E 48 23.24 -31.06 -12.80
C SER E 48 23.23 -32.58 -12.74
N GLU E 49 23.79 -33.17 -11.69
CA GLU E 49 23.87 -34.62 -11.60
C GLU E 49 22.48 -35.22 -11.45
N GLY E 50 22.23 -36.31 -12.18
CA GLY E 50 20.94 -36.98 -12.20
C GLY E 50 19.95 -36.38 -13.18
N VAL E 51 19.98 -35.06 -13.36
CA VAL E 51 19.07 -34.40 -14.28
C VAL E 51 19.37 -34.85 -15.70
N SER E 52 18.33 -35.03 -16.49
CA SER E 52 18.46 -35.50 -17.86
C SER E 52 18.39 -34.32 -18.84
N LEU E 53 19.02 -34.52 -19.99
CA LEU E 53 19.03 -33.53 -21.06
C LEU E 53 18.55 -34.21 -22.34
N ASP E 54 17.37 -33.82 -22.80
CA ASP E 54 16.77 -34.41 -23.99
C ASP E 54 17.20 -33.61 -25.20
N LEU E 55 18.11 -34.17 -26.01
CA LEU E 55 18.61 -33.48 -27.19
C LEU E 55 17.60 -33.47 -28.33
N SER E 56 16.65 -34.41 -28.35
CA SER E 56 15.65 -34.44 -29.40
C SER E 56 14.63 -33.31 -29.28
N SER E 57 14.65 -32.56 -28.19
CA SER E 57 13.73 -31.47 -27.94
C SER E 57 14.49 -30.19 -27.66
N PRO E 58 13.88 -29.03 -27.88
CA PRO E 58 14.54 -27.76 -27.55
C PRO E 58 14.89 -27.68 -26.07
N ILE E 59 16.03 -27.06 -25.79
CA ILE E 59 16.58 -27.00 -24.43
C ILE E 59 15.97 -25.81 -23.68
N PRO E 60 15.48 -26.01 -22.46
CA PRO E 60 14.91 -24.89 -21.70
C PRO E 60 15.94 -23.84 -21.32
N GLN E 61 15.52 -22.81 -20.60
CA GLN E 61 16.34 -21.61 -20.40
C GLN E 61 16.27 -21.20 -18.93
N THR E 62 16.76 -19.99 -18.66
CA THR E 62 16.83 -19.36 -17.33
C THR E 62 17.31 -20.29 -16.22
N THR E 63 18.22 -21.21 -16.55
CA THR E 63 18.90 -22.12 -15.62
C THR E 63 17.94 -22.95 -14.76
N GLU E 64 16.69 -23.10 -15.18
CA GLU E 64 15.70 -23.94 -14.52
C GLU E 64 15.36 -25.15 -15.39
N ASN E 65 15.25 -26.30 -14.75
CA ASN E 65 15.01 -27.62 -15.34
C ASN E 65 16.18 -28.09 -16.21
N GLN E 66 17.25 -27.32 -16.33
CA GLN E 66 18.44 -27.75 -17.06
C GLN E 66 19.66 -27.07 -16.45
N PRO E 67 20.20 -27.65 -15.38
CA PRO E 67 21.35 -27.03 -14.71
C PRO E 67 22.59 -27.03 -15.58
N LEU E 68 23.42 -26.00 -15.41
CA LEU E 68 24.65 -25.88 -16.18
C LEU E 68 25.68 -26.88 -15.70
N GLY E 69 26.35 -27.53 -16.64
CA GLY E 69 27.42 -28.44 -16.29
C GLY E 69 27.68 -29.45 -17.38
N THR E 70 28.67 -30.29 -17.12
CA THR E 70 29.02 -31.39 -18.00
C THR E 70 28.01 -32.53 -17.85
N TYR E 71 27.69 -33.17 -18.97
CA TYR E 71 26.68 -34.24 -19.02
C TYR E 71 27.30 -35.51 -19.56
N ASP E 72 27.12 -36.62 -18.84
CA ASP E 72 27.59 -37.91 -19.30
C ASP E 72 26.52 -38.63 -20.12
N VAL E 73 26.87 -39.82 -20.59
CA VAL E 73 25.89 -40.76 -21.10
C VAL E 73 25.41 -41.68 -19.97
N ASP E 74 26.23 -41.84 -18.93
CA ASP E 74 25.93 -42.74 -17.81
C ASP E 74 25.50 -41.99 -16.57
N GLY E 75 25.76 -40.69 -16.51
CA GLY E 75 25.49 -39.91 -15.33
C GLY E 75 26.75 -39.79 -14.51
N SER E 76 26.56 -39.52 -13.23
CA SER E 76 27.69 -39.45 -12.31
C SER E 76 28.28 -40.85 -12.20
N GLY E 77 29.40 -41.10 -12.84
CA GLY E 77 29.96 -42.44 -12.84
C GLY E 77 31.41 -42.53 -13.25
N SER E 78 31.77 -43.69 -13.80
CA SER E 78 33.15 -43.97 -14.20
C SER E 78 33.33 -43.95 -15.70
N ALA E 79 32.40 -43.35 -16.42
CA ALA E 79 32.47 -43.26 -17.87
C ALA E 79 32.64 -41.80 -18.27
N THR E 80 33.56 -41.56 -19.21
CA THR E 80 33.75 -40.26 -19.85
C THR E 80 33.64 -40.53 -21.34
N THR E 81 32.41 -40.44 -21.85
CA THR E 81 31.99 -40.92 -23.15
C THR E 81 30.96 -39.91 -23.66
N PRO E 82 30.30 -40.07 -24.88
CA PRO E 82 29.67 -38.93 -25.54
C PRO E 82 29.04 -37.88 -24.64
N ASN E 83 29.29 -36.61 -24.93
CA ASN E 83 29.57 -35.61 -23.91
C ASN E 83 29.05 -34.27 -24.37
N VAL E 84 28.48 -33.51 -23.44
CA VAL E 84 27.95 -32.18 -23.70
C VAL E 84 28.14 -31.34 -22.45
N THR E 85 28.66 -30.13 -22.61
CA THR E 85 28.68 -29.14 -21.55
C THR E 85 27.72 -28.01 -21.93
N LEU E 86 26.99 -27.51 -20.95
CA LEU E 86 25.92 -26.55 -21.19
C LEU E 86 26.32 -25.21 -20.59
N LEU E 87 26.52 -24.22 -21.45
CA LEU E 87 26.87 -22.87 -21.08
C LEU E 87 25.65 -21.96 -21.18
N ALA E 88 25.87 -20.66 -21.02
CA ALA E 88 24.80 -19.68 -21.17
C ALA E 88 25.14 -18.70 -22.29
N PRO E 89 24.15 -18.27 -23.07
CA PRO E 89 24.43 -17.32 -24.15
C PRO E 89 24.59 -15.92 -23.59
N ARG E 90 25.55 -15.18 -24.15
CA ARG E 90 25.92 -13.89 -23.60
C ARG E 90 26.43 -12.94 -24.66
N ILE E 91 26.08 -11.67 -24.52
CA ILE E 91 26.70 -10.58 -25.24
C ILE E 91 27.33 -9.67 -24.19
N THR E 92 28.65 -9.49 -24.29
CA THR E 92 29.39 -8.80 -23.23
C THR E 92 29.52 -7.29 -23.52
N ASP E 93 30.13 -6.94 -24.64
CA ASP E 93 30.36 -5.54 -24.98
C ASP E 93 30.02 -5.33 -26.44
N SER E 94 29.56 -4.11 -26.75
CA SER E 94 29.20 -3.75 -28.11
C SER E 94 29.24 -2.24 -28.25
N GLU E 95 29.76 -1.77 -29.38
CA GLU E 95 29.95 -0.34 -29.58
C GLU E 95 29.74 0.00 -31.03
N ILE E 96 29.49 1.29 -31.28
CA ILE E 96 29.42 1.85 -32.63
C ILE E 96 30.58 2.83 -32.76
N LEU E 97 31.45 2.60 -33.74
CA LEU E 97 32.66 3.39 -33.89
C LEU E 97 32.78 3.93 -35.31
N THR E 98 33.33 5.14 -35.41
CA THR E 98 33.53 5.83 -36.67
C THR E 98 34.73 5.22 -37.41
N SER E 99 34.93 5.63 -38.66
CA SER E 99 35.95 5.04 -39.50
C SER E 99 37.36 5.17 -38.93
N SER E 100 37.58 6.12 -38.02
CA SER E 100 38.87 6.31 -37.37
C SER E 100 38.72 6.23 -35.86
N GLY E 101 37.92 5.28 -35.39
CA GLY E 101 37.72 5.09 -33.97
C GLY E 101 36.78 6.13 -33.38
N GLY E 102 36.51 5.96 -32.09
CA GLY E 102 35.64 6.88 -31.39
C GLY E 102 34.22 6.37 -31.24
N ASP E 103 33.87 5.93 -30.04
CA ASP E 103 32.52 5.42 -29.80
C ASP E 103 31.50 6.53 -29.98
N VAL E 104 30.40 6.21 -30.65
CA VAL E 104 29.37 7.21 -30.94
C VAL E 104 27.99 6.67 -30.56
N THR E 105 27.97 5.58 -29.80
CA THR E 105 26.70 5.01 -29.37
C THR E 105 26.03 5.92 -28.36
N GLY E 106 24.69 5.97 -28.44
CA GLY E 106 23.92 6.78 -27.50
C GLY E 106 24.19 8.25 -27.56
N SER E 107 24.83 8.73 -28.63
CA SER E 107 25.19 10.13 -28.78
C SER E 107 24.81 10.61 -30.17
N ALA E 108 24.34 11.85 -30.25
CA ALA E 108 23.98 12.41 -31.54
C ALA E 108 25.21 12.62 -32.40
N ILE E 109 25.09 12.30 -33.69
CA ILE E 109 26.18 12.46 -34.65
C ILE E 109 25.66 13.21 -35.86
N SER E 110 26.56 13.92 -36.53
CA SER E 110 26.20 14.67 -37.72
C SER E 110 25.86 13.73 -38.87
N SER E 111 24.85 14.11 -39.65
CA SER E 111 24.45 13.28 -40.78
C SER E 111 25.56 13.17 -41.82
N SER E 112 26.35 14.23 -41.99
CA SER E 112 27.44 14.20 -42.97
C SER E 112 28.49 13.18 -42.59
N ASP E 113 28.86 13.12 -41.31
CA ASP E 113 29.91 12.20 -40.86
C ASP E 113 29.39 10.80 -40.56
N ALA E 114 28.06 10.61 -40.50
CA ALA E 114 27.49 9.32 -40.23
C ALA E 114 27.38 8.50 -41.50
N GLY E 115 28.49 8.33 -42.23
CA GLY E 115 28.46 7.60 -43.47
C GLY E 115 29.43 6.43 -43.53
N ASN E 116 30.25 6.29 -42.49
CA ASN E 116 31.20 5.18 -42.43
C ASN E 116 31.21 4.57 -41.02
N LEU E 117 30.03 4.42 -40.44
CA LEU E 117 29.92 3.86 -39.10
C LEU E 117 30.14 2.35 -39.14
N TYR E 118 30.49 1.80 -37.98
CA TYR E 118 30.70 0.37 -37.80
C TYR E 118 29.98 -0.10 -36.55
N VAL E 119 29.58 -1.37 -36.57
CA VAL E 119 28.93 -2.01 -35.44
C VAL E 119 29.75 -3.24 -35.05
N ASN E 120 30.14 -3.31 -33.79
CA ASN E 120 30.95 -4.40 -33.27
C ASN E 120 30.36 -4.91 -31.96
N ALA E 121 30.64 -6.17 -31.64
CA ALA E 121 30.12 -6.77 -30.43
C ALA E 121 30.97 -7.98 -30.06
N ASP E 122 30.89 -8.36 -28.79
CA ASP E 122 31.48 -9.60 -28.30
C ASP E 122 30.35 -10.47 -27.76
N TYR E 123 30.30 -11.72 -28.22
CA TYR E 123 29.26 -12.64 -27.81
C TYR E 123 29.87 -13.97 -27.42
N ASN E 124 29.20 -14.67 -26.51
CA ASN E 124 29.69 -15.95 -26.02
C ASN E 124 29.49 -17.07 -27.03
N TYR E 125 28.40 -17.03 -27.80
CA TYR E 125 28.01 -18.11 -28.69
C TYR E 125 28.60 -17.87 -30.07
N GLU E 126 29.87 -18.25 -30.23
CA GLU E 126 30.51 -18.18 -31.53
C GLU E 126 30.58 -19.52 -32.24
N SER E 127 30.63 -20.62 -31.48
CA SER E 127 30.67 -21.94 -32.09
C SER E 127 29.33 -22.32 -32.70
N ALA E 128 28.24 -21.78 -32.16
CA ALA E 128 26.90 -22.21 -32.54
C ALA E 128 26.27 -21.31 -33.61
N GLU E 129 26.08 -20.03 -33.31
CA GLU E 129 25.33 -19.14 -34.19
C GLU E 129 25.98 -17.77 -34.23
N LYS E 130 26.00 -17.16 -35.41
CA LYS E 130 26.39 -15.77 -35.52
C LYS E 130 25.28 -14.86 -35.00
N VAL E 131 25.60 -13.59 -34.83
CA VAL E 131 24.66 -12.61 -34.29
C VAL E 131 24.28 -11.63 -35.41
N GLU E 132 22.98 -11.39 -35.56
CA GLU E 132 22.46 -10.55 -36.63
C GLU E 132 22.42 -9.09 -36.18
N VAL E 133 22.46 -8.20 -37.17
CA VAL E 133 22.29 -6.77 -36.94
C VAL E 133 21.08 -6.31 -37.74
N THR E 134 20.21 -5.53 -37.09
CA THR E 134 18.98 -5.05 -37.73
C THR E 134 18.78 -3.60 -37.32
N VAL E 135 18.96 -2.69 -38.26
CA VAL E 135 18.76 -1.26 -38.00
C VAL E 135 17.28 -0.95 -38.12
N GLU E 136 16.75 -0.22 -37.15
CA GLU E 136 15.34 0.12 -37.09
C GLU E 136 15.17 1.64 -37.01
N ASP E 137 14.32 2.18 -37.87
CA ASP E 137 14.02 3.61 -37.82
C ASP E 137 13.18 3.93 -36.59
N PRO E 138 13.11 5.21 -36.20
CA PRO E 138 12.25 5.57 -35.07
C PRO E 138 10.80 5.19 -35.28
N SER E 139 10.34 5.12 -36.53
CA SER E 139 8.99 4.64 -36.80
C SER E 139 8.84 3.15 -36.54
N GLY E 140 9.95 2.41 -36.50
CA GLY E 140 9.91 0.98 -36.23
C GLY E 140 9.82 0.11 -37.46
N THR E 141 10.71 0.31 -38.43
CA THR E 141 10.71 -0.47 -39.65
C THR E 141 12.12 -0.89 -39.99
N ASP E 142 12.25 -2.12 -40.52
CA ASP E 142 13.56 -2.68 -40.85
C ASP E 142 14.14 -1.96 -42.06
N ILE E 143 15.17 -1.14 -41.84
CA ILE E 143 15.84 -0.42 -42.90
C ILE E 143 17.24 -0.99 -43.16
N THR E 144 17.48 -2.24 -42.74
CA THR E 144 18.83 -2.79 -42.77
C THR E 144 19.36 -2.87 -44.20
N ASN E 145 18.54 -3.32 -45.15
CA ASN E 145 19.01 -3.49 -46.51
C ASN E 145 19.38 -2.16 -47.17
N GLU E 146 18.78 -1.06 -46.72
CA GLU E 146 19.12 0.23 -47.29
C GLU E 146 20.46 0.73 -46.80
N VAL E 147 20.78 0.50 -45.52
CA VAL E 147 21.98 1.07 -44.91
C VAL E 147 23.16 0.11 -44.90
N LEU E 148 22.96 -1.16 -45.22
CA LEU E 148 24.04 -2.13 -45.18
C LEU E 148 25.11 -1.78 -46.20
N SER E 149 26.38 -1.95 -45.81
CA SER E 149 27.51 -1.67 -46.67
C SER E 149 28.42 -2.85 -46.92
N GLY E 150 28.49 -3.81 -46.01
CA GLY E 150 29.35 -4.96 -46.21
C GLY E 150 29.29 -5.90 -45.02
N THR E 151 30.10 -6.96 -45.11
CA THR E 151 30.30 -7.98 -44.08
C THR E 151 29.09 -8.92 -43.99
N ASP E 152 28.03 -8.62 -44.74
CA ASP E 152 26.87 -9.51 -44.87
C ASP E 152 26.14 -9.70 -43.54
N THR E 153 25.97 -8.61 -42.79
CA THR E 153 25.07 -8.55 -41.64
C THR E 153 25.57 -9.41 -40.48
N PHE E 154 26.64 -10.17 -40.69
CA PHE E 154 27.21 -11.03 -39.67
C PHE E 154 28.46 -10.38 -39.10
N VAL E 155 28.50 -10.22 -37.78
CA VAL E 155 29.66 -9.67 -37.09
C VAL E 155 30.32 -10.77 -36.28
N ASP E 156 31.64 -10.86 -36.37
CA ASP E 156 32.38 -11.95 -35.74
C ASP E 156 32.62 -11.66 -34.27
N ASP E 157 33.07 -12.69 -33.55
CA ASP E 157 33.45 -12.50 -32.16
C ASP E 157 34.75 -11.71 -32.08
N GLY E 158 34.96 -11.07 -30.93
CA GLY E 158 36.08 -10.16 -30.81
C GLY E 158 35.86 -8.96 -31.72
N SER E 159 36.94 -8.53 -32.37
CA SER E 159 36.91 -7.49 -33.39
C SER E 159 36.35 -6.17 -32.89
N ILE E 160 36.42 -5.92 -31.58
CA ILE E 160 36.06 -4.61 -31.04
C ILE E 160 37.22 -3.66 -31.27
N GLY E 161 36.92 -2.47 -31.80
CA GLY E 161 37.93 -1.55 -32.24
C GLY E 161 38.35 -1.71 -33.69
N SER E 162 37.68 -2.58 -34.44
CA SER E 162 37.99 -2.78 -35.86
C SER E 162 37.37 -1.64 -36.65
N THR E 163 38.22 -0.79 -37.22
CA THR E 163 37.77 0.37 -37.99
C THR E 163 37.67 0.08 -39.49
N SER E 164 37.94 -1.15 -39.92
CA SER E 164 37.93 -1.50 -41.33
C SER E 164 37.01 -2.69 -41.56
N SER E 165 36.46 -2.76 -42.77
CA SER E 165 35.58 -3.87 -43.13
C SER E 165 36.31 -5.20 -43.22
N THR E 166 37.64 -5.19 -43.24
CA THR E 166 38.39 -6.44 -43.28
C THR E 166 38.14 -7.28 -42.04
N GLY E 167 38.13 -6.65 -40.87
CA GLY E 167 37.83 -7.34 -39.64
C GLY E 167 36.34 -7.54 -39.43
N GLY E 168 36.01 -8.29 -38.38
CA GLY E 168 34.60 -8.51 -38.07
C GLY E 168 33.91 -7.21 -37.69
N GLY E 169 32.67 -7.07 -38.15
CA GLY E 169 31.88 -5.88 -37.90
C GLY E 169 31.22 -5.45 -39.20
N VAL E 170 30.03 -4.88 -39.07
CA VAL E 170 29.25 -4.46 -40.23
C VAL E 170 29.23 -2.95 -40.30
N GLY E 171 29.40 -2.41 -41.50
CA GLY E 171 29.34 -0.99 -41.73
C GLY E 171 27.96 -0.57 -42.21
N ILE E 172 27.48 0.55 -41.67
CA ILE E 172 26.18 1.11 -42.02
C ILE E 172 26.39 2.55 -42.49
N ASP E 173 25.76 2.90 -43.60
CA ASP E 173 25.85 4.26 -44.15
C ASP E 173 24.52 4.93 -43.83
N MET E 174 24.46 5.57 -42.67
CA MET E 174 23.27 6.23 -42.17
C MET E 174 23.22 7.70 -42.58
N SER E 175 23.99 8.11 -43.58
CA SER E 175 24.01 9.50 -44.01
C SER E 175 22.74 9.88 -44.75
N ASP E 176 22.18 8.96 -45.54
CA ASP E 176 21.03 9.31 -46.37
C ASP E 176 19.76 9.45 -45.55
N GLN E 177 19.67 8.75 -44.42
CA GLN E 177 18.45 8.81 -43.62
C GLN E 177 18.30 10.18 -42.96
N ASP E 178 17.07 10.53 -42.63
CA ASP E 178 16.76 11.82 -42.04
C ASP E 178 17.22 11.86 -40.59
N ALA E 179 16.94 13.00 -39.93
CA ALA E 179 17.32 13.16 -38.53
C ALA E 179 16.35 12.43 -37.63
N GLY E 180 16.91 11.73 -36.64
CA GLY E 180 16.09 11.00 -35.69
C GLY E 180 16.96 10.10 -34.84
N GLU E 181 16.30 9.39 -33.93
CA GLU E 181 16.96 8.48 -33.01
C GLU E 181 16.69 7.05 -33.49
N TYR E 182 17.75 6.30 -33.75
CA TYR E 182 17.67 4.98 -34.35
C TYR E 182 18.18 3.93 -33.39
N THR E 183 17.65 2.71 -33.54
CA THR E 183 18.01 1.60 -32.66
C THR E 183 18.59 0.47 -33.50
N ILE E 184 19.79 0.04 -33.14
CA ILE E 184 20.44 -1.12 -33.76
C ILE E 184 20.19 -2.33 -32.88
N ILE E 185 19.68 -3.41 -33.48
CA ILE E 185 19.27 -4.60 -32.75
C ILE E 185 20.21 -5.73 -33.09
N LEU E 186 20.80 -6.34 -32.06
CA LEU E 186 21.67 -7.50 -32.20
C LEU E 186 21.03 -8.70 -31.53
N GLU E 187 21.02 -9.83 -32.23
CA GLU E 187 20.44 -11.06 -31.71
C GLU E 187 21.00 -12.22 -32.51
N GLY E 188 20.85 -13.42 -31.96
CA GLY E 188 21.41 -14.59 -32.59
C GLY E 188 20.74 -14.90 -33.92
N ALA E 189 21.43 -15.75 -34.69
CA ALA E 189 20.95 -16.07 -36.03
C ALA E 189 19.61 -16.80 -36.00
N GLU E 190 19.54 -17.87 -35.22
CA GLU E 190 18.34 -18.71 -35.20
C GLU E 190 17.64 -18.72 -33.84
N ASP E 191 18.34 -19.08 -32.77
CA ASP E 191 17.67 -19.43 -31.52
C ASP E 191 18.06 -18.53 -30.35
N LEU E 192 19.31 -18.10 -30.27
CA LEU E 192 19.80 -17.36 -29.11
C LEU E 192 19.52 -15.87 -29.28
N ASP E 193 18.25 -15.50 -29.04
CA ASP E 193 17.82 -14.11 -29.16
C ASP E 193 17.09 -13.61 -27.93
N PHE E 194 17.02 -14.39 -26.86
CA PHE E 194 16.31 -14.00 -25.66
C PHE E 194 17.19 -13.10 -24.79
N GLY E 195 16.76 -12.85 -23.55
CA GLY E 195 17.50 -11.98 -22.67
C GLY E 195 18.94 -12.43 -22.47
N ASP E 196 19.82 -11.44 -22.33
CA ASP E 196 21.27 -11.59 -22.15
C ASP E 196 21.95 -12.10 -23.41
N ALA E 197 21.21 -12.45 -24.46
CA ALA E 197 21.78 -12.81 -25.74
C ALA E 197 21.48 -11.79 -26.83
N THR E 198 20.70 -10.75 -26.51
CA THR E 198 20.39 -9.68 -27.46
C THR E 198 20.59 -8.33 -26.79
N GLU E 199 21.00 -7.35 -27.58
CA GLU E 199 21.23 -6.00 -27.07
C GLU E 199 20.78 -4.98 -28.11
N THR E 200 20.17 -3.90 -27.64
CA THR E 200 19.71 -2.80 -28.49
C THR E 200 20.64 -1.61 -28.28
N MET E 201 21.40 -1.25 -29.32
CA MET E 201 22.26 -0.08 -29.27
C MET E 201 21.57 1.07 -30.00
N THR E 202 21.38 2.18 -29.29
CA THR E 202 20.65 3.31 -29.84
C THR E 202 21.62 4.26 -30.55
N LEU E 203 21.07 5.10 -31.41
CA LEU E 203 21.89 6.05 -32.16
C LEU E 203 21.01 7.22 -32.58
N THR E 204 21.52 8.44 -32.40
CA THR E 204 20.79 9.66 -32.69
C THR E 204 21.40 10.35 -33.91
N ILE E 205 20.54 10.68 -34.88
CA ILE E 205 20.93 11.41 -36.08
C ILE E 205 20.23 12.75 -36.06
N SER E 206 20.99 13.82 -36.24
CA SER E 206 20.44 15.17 -36.21
C SER E 206 21.34 16.09 -37.04
N SER E 207 20.82 17.27 -37.32
CA SER E 207 21.61 18.29 -38.03
C SER E 207 22.85 18.63 -37.23
N GLN E 208 23.94 18.91 -37.95
CA GLN E 208 25.22 19.12 -37.30
C GLN E 208 25.23 20.46 -36.57
N ASP E 209 24.98 20.43 -35.26
CA ASP E 209 25.11 21.73 -34.52
C ASP E 209 26.60 22.12 -34.50
N GLU E 210 26.94 23.34 -34.99
CA GLU E 210 28.35 23.81 -35.03
C GLU E 210 28.91 23.84 -33.61
N ILE E 211 30.23 23.95 -33.44
CA ILE E 211 30.73 23.87 -32.06
C ILE E 211 30.07 24.94 -31.22
N GLY E 212 29.51 24.53 -30.08
CA GLY E 212 28.85 25.42 -29.15
C GLY E 212 29.66 25.55 -27.87
N ILE E 213 29.77 26.78 -27.36
CA ILE E 213 30.53 27.06 -26.16
C ILE E 213 29.65 27.88 -25.21
N GLU E 214 29.68 27.52 -23.93
CA GLU E 214 28.91 28.22 -22.92
C GLU E 214 29.76 28.40 -21.68
N LEU E 215 29.43 29.43 -20.90
CA LEU E 215 30.12 29.75 -19.66
C LEU E 215 29.12 29.75 -18.51
N ASP E 216 29.56 29.22 -17.36
CA ASP E 216 28.71 29.24 -16.17
C ASP E 216 28.42 30.66 -15.69
N SER E 217 29.23 31.64 -16.10
CA SER E 217 28.99 33.04 -15.76
C SER E 217 29.59 33.91 -16.85
N GLU E 218 28.97 35.07 -17.06
CA GLU E 218 29.44 36.05 -18.04
C GLU E 218 30.05 37.29 -17.40
N SER E 219 29.51 37.75 -16.28
CA SER E 219 30.04 38.91 -15.57
C SER E 219 30.79 38.41 -14.34
N VAL E 220 32.12 38.47 -14.40
CA VAL E 220 32.99 38.01 -13.32
C VAL E 220 34.07 39.06 -13.07
N THR E 221 34.72 38.94 -11.93
CA THR E 221 35.84 39.79 -11.57
C THR E 221 37.15 39.04 -11.78
N GLN E 222 38.27 39.73 -11.53
CA GLN E 222 39.57 39.08 -11.64
C GLN E 222 39.72 38.02 -10.56
N GLY E 223 40.57 37.03 -10.84
CA GLY E 223 40.82 35.95 -9.91
C GLY E 223 39.78 34.85 -9.91
N THR E 224 38.55 35.14 -10.32
CA THR E 224 37.48 34.15 -10.32
C THR E 224 37.64 33.23 -11.53
N ASP E 225 37.86 31.95 -11.27
CA ASP E 225 37.98 30.98 -12.35
C ASP E 225 36.63 30.74 -13.01
N VAL E 226 36.65 30.61 -14.33
CA VAL E 226 35.45 30.39 -15.12
C VAL E 226 35.61 29.09 -15.90
N GLN E 227 34.58 28.24 -15.86
CA GLN E 227 34.59 26.97 -16.55
C GLN E 227 33.88 27.10 -17.89
N TYR E 228 34.55 26.72 -18.96
CA TYR E 228 34.00 26.76 -20.31
C TYR E 228 33.80 25.35 -20.83
N THR E 229 32.67 25.13 -21.51
CA THR E 229 32.32 23.82 -22.03
C THR E 229 32.21 23.88 -23.55
N VAL E 230 32.80 22.90 -24.22
CA VAL E 230 32.68 22.74 -25.67
C VAL E 230 31.59 21.72 -25.94
N THR E 231 30.71 22.03 -26.89
CA THR E 231 29.49 21.26 -27.10
C THR E 231 29.36 20.90 -28.58
N ASN E 232 28.77 19.73 -28.84
CA ASN E 232 28.47 19.26 -30.19
C ASN E 232 29.73 19.14 -31.04
N GLY E 233 30.61 18.24 -30.61
CA GLY E 233 31.81 17.95 -31.36
C GLY E 233 31.97 16.45 -31.56
N ILE E 234 32.76 16.10 -32.57
CA ILE E 234 33.00 14.70 -32.89
C ILE E 234 33.89 14.09 -31.82
N ASP E 235 33.49 12.94 -31.29
CA ASP E 235 34.19 12.32 -30.19
C ASP E 235 35.56 11.83 -30.64
N GLY E 236 36.53 11.93 -29.73
CA GLY E 236 37.86 11.41 -29.99
C GLY E 236 38.78 12.32 -30.76
N ASN E 237 38.36 13.56 -31.03
CA ASN E 237 39.16 14.51 -31.78
C ASN E 237 39.50 15.71 -30.91
N GLU E 238 40.62 16.37 -31.24
CA GLU E 238 41.23 17.38 -30.38
C GLU E 238 40.87 18.77 -30.91
N HIS E 239 40.08 19.51 -30.14
CA HIS E 239 39.81 20.91 -30.45
C HIS E 239 40.94 21.77 -29.93
N VAL E 240 40.92 23.05 -30.31
CA VAL E 240 41.87 24.04 -29.82
C VAL E 240 41.10 25.29 -29.43
N VAL E 241 41.21 25.69 -28.17
CA VAL E 241 40.61 26.93 -27.68
C VAL E 241 41.71 27.97 -27.56
N ALA E 242 41.53 29.10 -28.24
CA ALA E 242 42.59 30.10 -28.37
C ALA E 242 42.30 31.30 -27.48
N MET E 243 43.38 31.99 -27.11
CA MET E 243 43.32 33.17 -26.27
C MET E 243 44.20 34.26 -26.88
N ASP E 244 43.58 35.38 -27.26
CA ASP E 244 44.34 36.46 -27.86
C ASP E 244 45.17 37.18 -26.81
N LEU E 245 46.46 37.34 -27.09
CA LEU E 245 47.36 37.95 -26.13
C LEU E 245 47.12 39.45 -25.94
N SER E 246 46.33 40.06 -26.82
CA SER E 246 46.00 41.48 -26.63
C SER E 246 45.13 41.68 -25.39
N ASP E 247 44.28 40.70 -25.07
CA ASP E 247 43.46 40.80 -23.86
C ASP E 247 44.27 40.58 -22.59
N LEU E 248 45.48 40.03 -22.72
CA LEU E 248 46.33 39.82 -21.55
C LEU E 248 46.83 41.14 -20.99
N GLN E 249 47.13 41.14 -19.70
CA GLN E 249 47.72 42.32 -19.08
C GLN E 249 49.12 42.56 -19.62
N ASN E 250 49.45 43.84 -19.80
CA ASN E 250 50.72 44.20 -20.45
C ASN E 250 51.93 43.79 -19.61
N ASP E 251 51.80 43.82 -18.29
CA ASP E 251 52.91 43.54 -17.39
C ASP E 251 53.06 42.05 -17.09
N ALA E 252 52.51 41.19 -17.94
CA ALA E 252 52.63 39.75 -17.74
C ALA E 252 53.97 39.25 -18.27
N THR E 253 54.37 38.08 -17.80
CA THR E 253 55.63 37.44 -18.18
C THR E 253 55.34 36.19 -19.00
N THR E 254 56.41 35.51 -19.40
CA THR E 254 56.28 34.29 -20.19
C THR E 254 55.59 33.20 -19.39
N GLU E 255 56.07 32.94 -18.18
CA GLU E 255 55.44 31.94 -17.32
C GLU E 255 54.07 32.39 -16.85
N GLN E 256 53.79 33.70 -16.89
CA GLN E 256 52.50 34.20 -16.42
C GLN E 256 51.40 34.01 -17.46
N ALA E 257 51.75 33.78 -18.73
CA ALA E 257 50.77 33.62 -19.78
C ALA E 257 50.45 32.16 -20.07
N LYS E 258 51.28 31.23 -19.64
CA LYS E 258 51.07 29.81 -19.89
C LYS E 258 50.11 29.17 -18.89
N GLU E 259 49.60 29.95 -17.94
CA GLU E 259 48.69 29.43 -16.93
C GLU E 259 47.30 30.06 -17.02
N VAL E 260 46.96 30.65 -18.17
CA VAL E 260 45.62 31.19 -18.35
C VAL E 260 44.59 30.06 -18.39
N PHE E 261 44.90 28.99 -19.13
CA PHE E 261 44.06 27.81 -19.19
C PHE E 261 44.59 26.77 -18.20
N ARG E 262 43.69 26.18 -17.43
CA ARG E 262 44.06 25.18 -16.44
C ARG E 262 43.98 23.77 -17.05
N ASN E 263 44.64 22.83 -16.40
CA ASN E 263 44.53 21.42 -16.76
C ASN E 263 43.23 20.79 -16.29
N ILE E 264 42.29 21.60 -15.79
CA ILE E 264 41.01 21.08 -15.35
C ILE E 264 40.27 20.44 -16.53
N GLY E 265 39.46 19.42 -16.21
CA GLY E 265 38.63 18.81 -17.23
C GLY E 265 39.43 17.97 -18.21
N ASP E 266 39.01 18.03 -19.48
CA ASP E 266 39.56 17.20 -20.54
C ASP E 266 40.75 17.84 -21.25
N THR E 267 41.25 18.97 -20.76
CA THR E 267 42.37 19.65 -21.38
C THR E 267 43.59 18.73 -21.43
N SER E 268 44.27 18.73 -22.58
CA SER E 268 45.43 17.87 -22.80
C SER E 268 46.74 18.62 -22.60
N GLU E 269 46.96 19.70 -23.35
CA GLU E 269 48.17 20.50 -23.25
C GLU E 269 47.81 21.98 -23.20
N VAL E 270 48.62 22.74 -22.47
CA VAL E 270 48.43 24.18 -22.31
C VAL E 270 49.75 24.85 -22.65
N GLY E 271 49.65 26.07 -23.19
CA GLY E 271 50.82 26.84 -23.51
C GLY E 271 50.48 27.99 -24.42
N ILE E 272 51.52 28.60 -25.00
CA ILE E 272 51.38 29.69 -25.94
C ILE E 272 52.05 29.31 -27.24
N ALA E 273 51.39 29.60 -28.36
CA ALA E 273 51.86 29.18 -29.67
C ALA E 273 52.05 30.40 -30.57
N ASN E 274 52.86 30.21 -31.61
CA ASN E 274 53.10 31.21 -32.63
C ASN E 274 52.91 30.54 -34.00
N SER E 275 53.01 31.34 -35.06
CA SER E 275 52.83 30.81 -36.41
C SER E 275 53.91 29.81 -36.80
N SER E 276 55.04 29.81 -36.10
CA SER E 276 56.15 28.89 -36.40
C SER E 276 56.36 27.83 -35.33
N ALA E 277 56.34 28.21 -34.05
CA ALA E 277 56.59 27.26 -32.97
C ALA E 277 55.63 27.56 -31.82
N THR E 278 55.64 26.67 -30.83
CA THR E 278 54.78 26.79 -29.67
C THR E 278 55.59 26.61 -28.38
N ASN E 279 55.13 27.27 -27.32
CA ASN E 279 55.74 27.17 -26.00
C ASN E 279 54.69 26.58 -25.06
N THR E 280 54.85 25.29 -24.75
CA THR E 280 53.91 24.61 -23.87
C THR E 280 54.27 24.85 -22.40
N SER E 281 53.40 24.37 -21.52
CA SER E 281 53.65 24.49 -20.09
C SER E 281 54.77 23.57 -19.62
N GLY E 282 55.22 22.63 -20.45
CA GLY E 282 56.29 21.74 -20.04
C GLY E 282 57.60 22.46 -19.83
N SER E 283 57.97 23.36 -20.74
CA SER E 283 59.23 24.06 -20.64
C SER E 283 59.09 25.43 -21.30
N SER E 284 59.98 26.34 -20.91
CA SER E 284 60.04 27.69 -21.49
C SER E 284 61.13 27.73 -22.57
N THR E 285 60.85 27.02 -23.66
CA THR E 285 61.80 26.90 -24.76
C THR E 285 61.34 27.62 -26.03
N GLY E 286 60.05 27.65 -26.30
CA GLY E 286 59.54 28.28 -27.50
C GLY E 286 59.47 29.78 -27.39
N PRO E 287 58.48 30.38 -28.02
CA PRO E 287 58.36 31.84 -28.01
C PRO E 287 58.07 32.37 -26.61
N THR E 288 58.55 33.59 -26.35
CA THR E 288 58.28 34.26 -25.09
C THR E 288 56.94 34.99 -25.15
N VAL E 289 56.57 35.67 -24.07
CA VAL E 289 55.29 36.35 -24.03
C VAL E 289 55.23 37.46 -25.06
N GLU E 290 56.33 38.20 -25.25
CA GLU E 290 56.35 39.21 -26.30
C GLU E 290 56.55 38.59 -27.67
N THR E 291 57.25 37.46 -27.74
CA THR E 291 57.48 36.78 -29.01
C THR E 291 56.23 36.08 -29.51
N ALA E 292 55.51 35.40 -28.62
CA ALA E 292 54.31 34.67 -29.01
C ALA E 292 53.14 35.63 -29.22
N ASP E 293 52.07 35.10 -29.81
CA ASP E 293 50.88 35.90 -30.11
C ASP E 293 49.57 35.25 -29.70
N ILE E 294 49.54 33.96 -29.40
CA ILE E 294 48.30 33.27 -29.04
C ILE E 294 48.54 32.39 -27.83
N ALA E 295 47.50 32.25 -27.00
CA ALA E 295 47.50 31.31 -25.89
C ALA E 295 46.43 30.26 -26.16
N TYR E 296 46.79 29.00 -26.03
CA TYR E 296 45.91 27.91 -26.46
C TYR E 296 45.87 26.82 -25.40
N ALA E 297 44.90 25.92 -25.55
CA ALA E 297 44.80 24.73 -24.71
C ALA E 297 44.07 23.66 -25.51
N VAL E 298 44.83 22.72 -26.08
CA VAL E 298 44.22 21.65 -26.86
C VAL E 298 43.40 20.75 -25.94
N VAL E 299 42.15 20.52 -26.32
CA VAL E 299 41.19 19.80 -25.49
C VAL E 299 40.50 18.74 -26.34
N GLU E 300 40.37 17.53 -25.78
CA GLU E 300 39.65 16.45 -26.44
C GLU E 300 38.18 16.51 -26.03
N ILE E 301 37.43 15.46 -26.37
CA ILE E 301 36.03 15.37 -25.99
C ILE E 301 35.69 13.90 -25.76
N ASP E 302 34.95 13.63 -24.69
CA ASP E 302 34.52 12.28 -24.33
C ASP E 302 33.01 12.31 -24.18
N GLY E 303 32.30 11.81 -25.17
CA GLY E 303 30.85 11.84 -25.17
C GLY E 303 30.31 12.91 -26.11
N ALA E 304 29.45 13.78 -25.59
CA ALA E 304 28.90 14.87 -26.37
C ALA E 304 29.52 16.23 -26.06
N SER E 305 30.19 16.36 -24.92
CA SER E 305 30.74 17.66 -24.53
C SER E 305 31.97 17.45 -23.66
N ALA E 306 32.81 18.48 -23.61
CA ALA E 306 33.98 18.51 -22.74
C ALA E 306 34.02 19.85 -22.03
N VAL E 307 34.63 19.86 -20.85
CA VAL E 307 34.67 21.03 -19.99
C VAL E 307 36.11 21.41 -19.70
N GLY E 308 36.40 22.70 -19.75
CA GLY E 308 37.70 23.21 -19.36
C GLY E 308 37.57 24.35 -18.36
N GLY E 309 38.60 25.17 -18.25
CA GLY E 309 38.55 26.30 -17.33
C GLY E 309 39.59 27.34 -17.68
N ILE E 310 39.32 28.56 -17.21
CA ILE E 310 40.21 29.70 -17.44
C ILE E 310 40.45 30.41 -16.12
N GLU E 311 41.54 31.16 -16.08
CA GLU E 311 41.90 32.00 -14.93
C GLU E 311 41.76 33.46 -15.32
N THR E 312 40.63 34.08 -14.95
CA THR E 312 40.41 35.48 -15.30
C THR E 312 41.43 36.41 -14.65
N GLN E 313 42.21 35.91 -13.70
CA GLN E 313 43.29 36.68 -13.11
C GLN E 313 44.31 37.08 -14.17
N TYR E 314 44.90 38.25 -14.00
CA TYR E 314 45.78 38.88 -14.98
C TYR E 314 45.13 38.98 -16.37
N LEU E 315 43.94 39.56 -16.42
CA LEU E 315 43.24 39.81 -17.66
C LEU E 315 42.79 41.27 -17.69
N ASP E 316 42.83 41.88 -18.86
CA ASP E 316 42.44 43.28 -18.98
C ASP E 316 40.96 43.45 -18.67
N ASP E 317 40.63 44.55 -18.01
CA ASP E 317 39.25 44.82 -17.61
C ASP E 317 38.50 45.34 -18.84
N SER E 318 38.08 44.40 -19.68
CA SER E 318 37.33 44.71 -20.89
C SER E 318 36.64 43.44 -21.34
N GLU E 319 36.05 43.48 -22.54
CA GLU E 319 35.40 42.30 -23.09
C GLU E 319 36.46 41.26 -23.47
N VAL E 320 36.23 40.01 -23.06
CA VAL E 320 37.16 38.93 -23.28
C VAL E 320 36.47 37.84 -24.09
N ASP E 321 37.14 37.39 -25.16
CA ASP E 321 36.58 36.43 -26.08
C ASP E 321 37.31 35.09 -26.00
N LEU E 322 36.60 34.02 -26.37
CA LEU E 322 37.15 32.68 -26.47
C LEU E 322 36.89 32.15 -27.88
N GLU E 323 37.93 31.62 -28.52
CA GLU E 323 37.86 31.17 -29.90
C GLU E 323 38.17 29.68 -29.96
N VAL E 324 37.27 28.93 -30.61
CA VAL E 324 37.46 27.49 -30.83
C VAL E 324 37.80 27.26 -32.30
N TYR E 325 38.40 26.12 -32.56
CA TYR E 325 38.89 25.79 -33.89
C TYR E 325 38.45 24.37 -34.25
N ASP E 326 38.47 24.08 -35.55
CA ASP E 326 37.99 22.79 -36.03
C ASP E 326 38.88 21.65 -35.56
N ALA E 327 38.30 20.45 -35.53
CA ALA E 327 39.01 19.29 -35.04
C ALA E 327 40.19 18.95 -35.95
N GLY E 328 41.30 18.54 -35.33
CA GLY E 328 42.48 18.14 -36.05
C GLY E 328 43.45 19.25 -36.37
N VAL E 329 43.11 20.50 -36.05
CA VAL E 329 44.00 21.63 -36.34
C VAL E 329 45.14 21.64 -35.33
N SER E 330 46.31 22.06 -35.80
CA SER E 330 47.48 22.17 -34.95
C SER E 330 47.48 23.53 -34.23
N ALA E 331 48.27 23.61 -33.16
CA ALA E 331 48.34 24.84 -32.38
C ALA E 331 48.99 25.96 -33.18
N THR E 332 50.14 25.68 -33.81
CA THR E 332 50.84 26.70 -34.56
C THR E 332 50.06 27.16 -35.78
N ALA E 333 49.40 26.23 -36.47
CA ALA E 333 48.67 26.53 -37.68
C ALA E 333 47.32 27.19 -37.43
N ALA E 334 46.91 27.33 -36.17
CA ALA E 334 45.60 27.90 -35.84
C ALA E 334 45.64 29.40 -35.61
N VAL E 335 46.80 30.05 -35.80
CA VAL E 335 46.91 31.47 -35.51
C VAL E 335 46.11 32.30 -36.50
N GLY E 336 46.08 31.88 -37.77
CA GLY E 336 45.47 32.69 -38.81
C GLY E 336 44.05 32.31 -39.17
N GLN E 337 43.73 31.02 -39.09
CA GLN E 337 42.40 30.55 -39.47
C GLN E 337 41.34 31.12 -38.53
N ASP E 338 40.20 31.49 -39.11
CA ASP E 338 39.12 32.06 -38.33
C ASP E 338 38.50 31.02 -37.40
N ALA E 339 37.93 31.50 -36.30
CA ALA E 339 37.32 30.61 -35.32
C ALA E 339 35.96 30.13 -35.80
N THR E 340 35.67 28.85 -35.54
CA THR E 340 34.38 28.29 -35.88
C THR E 340 33.26 28.96 -35.10
N ASN E 341 33.48 29.22 -33.82
CA ASN E 341 32.50 29.90 -32.99
C ASN E 341 33.25 30.74 -31.96
N ASP E 342 32.50 31.47 -31.14
CA ASP E 342 33.10 32.35 -30.14
C ASP E 342 32.12 32.61 -29.02
N ILE E 343 32.65 33.11 -27.90
CA ILE E 343 31.86 33.52 -26.76
C ILE E 343 32.63 34.61 -26.02
N THR E 344 31.92 35.60 -25.51
CA THR E 344 32.55 36.77 -24.90
C THR E 344 32.02 36.98 -23.48
N LEU E 345 32.91 37.42 -22.60
CA LEU E 345 32.56 37.76 -21.23
C LEU E 345 33.27 39.05 -20.83
N THR E 346 32.70 39.73 -19.84
CA THR E 346 33.22 41.01 -19.37
C THR E 346 33.89 40.83 -18.01
N ILE E 347 34.97 41.57 -17.79
CA ILE E 347 35.74 41.52 -16.55
C ILE E 347 35.85 42.93 -15.98
N GLU E 348 35.54 43.07 -14.70
CA GLU E 348 35.62 44.34 -14.00
C GLU E 348 36.53 44.22 -12.80
N GLU E 349 36.94 45.37 -12.24
CA GLU E 349 37.81 45.37 -11.02
C GLU E 349 36.96 45.35 -9.75
N GLY E 350 37.41 44.62 -8.71
CA GLY E 350 36.64 44.49 -7.47
C GLY E 350 36.85 45.64 -6.50
N GLY E 351 36.34 45.53 -5.27
CA GLY E 351 36.42 46.64 -4.30
C GLY E 351 37.16 46.24 -3.03
N THR E 352 38.01 47.12 -2.52
CA THR E 352 38.81 46.78 -1.31
C THR E 352 38.72 47.94 -0.29
N THR E 353 37.80 47.87 0.68
CA THR E 353 37.67 48.99 1.59
C THR E 353 37.87 48.54 3.03
N LEU E 354 38.23 49.50 3.88
CA LEU E 354 38.39 49.29 5.31
C LEU E 354 37.20 49.87 6.06
N SER E 355 36.88 49.27 7.20
CA SER E 355 35.70 49.66 7.96
C SER E 355 36.03 50.18 9.35
N SER E 356 36.81 49.43 10.13
CA SER E 356 37.02 49.79 11.54
C SER E 356 38.03 50.92 11.72
N PRO E 357 39.17 50.95 11.02
CA PRO E 357 40.10 52.08 11.29
C PRO E 357 39.62 53.38 10.64
N THR E 358 38.52 53.92 11.15
CA THR E 358 37.89 55.09 10.55
C THR E 358 37.35 56.01 11.64
N GLY E 359 37.45 57.31 11.40
CA GLY E 359 36.86 58.31 12.26
C GLY E 359 37.74 58.80 13.38
N GLN E 360 37.95 57.96 14.40
CA GLN E 360 38.71 58.35 15.58
C GLN E 360 39.66 57.22 15.96
N TYR E 361 40.74 57.60 16.64
CA TYR E 361 41.71 56.62 17.13
C TYR E 361 42.49 57.23 18.28
N VAL E 362 42.46 56.59 19.44
CA VAL E 362 43.24 57.04 20.59
C VAL E 362 44.67 56.58 20.41
N VAL E 363 45.62 57.50 20.57
CA VAL E 363 47.02 57.19 20.34
C VAL E 363 47.47 56.13 21.34
N GLY E 364 48.15 55.09 20.84
CA GLY E 364 48.60 54.00 21.66
C GLY E 364 47.59 52.90 21.88
N SER E 365 46.35 53.08 21.44
CA SER E 365 45.32 52.06 21.63
C SER E 365 45.45 50.97 20.57
N GLU E 366 44.77 49.86 20.81
CA GLU E 366 44.75 48.73 19.89
C GLU E 366 43.36 48.60 19.27
N VAL E 367 43.35 48.26 17.98
CA VAL E 367 42.09 48.15 17.23
C VAL E 367 42.27 47.07 16.18
N ASP E 368 41.17 46.45 15.77
CA ASP E 368 41.19 45.42 14.75
C ASP E 368 41.11 46.04 13.35
N ILE E 369 41.50 45.23 12.37
CA ILE E 369 41.44 45.62 10.96
C ILE E 369 40.23 44.94 10.35
N ASN E 370 39.22 45.72 9.97
CA ASN E 370 37.97 45.20 9.46
C ASN E 370 37.72 45.78 8.08
N GLY E 371 37.36 44.93 7.14
CA GLY E 371 37.10 45.38 5.79
C GLY E 371 36.71 44.22 4.89
N THR E 372 36.57 44.53 3.61
CA THR E 372 36.18 43.54 2.61
C THR E 372 37.07 43.69 1.37
N ALA E 373 37.20 42.59 0.63
CA ALA E 373 38.02 42.57 -0.59
C ALA E 373 37.45 41.54 -1.52
N THR E 374 36.82 41.98 -2.62
CA THR E 374 36.15 41.06 -3.54
C THR E 374 37.17 40.17 -4.25
N SER E 375 38.19 40.77 -4.84
CA SER E 375 39.20 40.05 -5.61
C SER E 375 40.57 40.36 -5.01
N SER E 376 40.98 39.58 -4.02
CA SER E 376 42.26 39.81 -3.36
C SER E 376 42.75 38.51 -2.74
N ASP E 377 44.06 38.41 -2.61
CA ASP E 377 44.72 37.32 -1.90
C ASP E 377 45.53 37.81 -0.71
N SER E 378 46.35 38.85 -0.91
CA SER E 378 47.12 39.48 0.15
C SER E 378 46.88 40.98 0.12
N VAL E 379 46.67 41.56 1.30
CA VAL E 379 46.38 42.99 1.41
C VAL E 379 47.36 43.63 2.39
N ALA E 380 47.68 44.89 2.13
CA ALA E 380 48.61 45.64 2.95
C ALA E 380 47.98 46.97 3.33
N ILE E 381 48.41 47.51 4.47
CA ILE E 381 47.87 48.74 5.03
C ILE E 381 48.96 49.81 4.99
N TYR E 382 48.63 50.97 4.46
CA TYR E 382 49.58 52.07 4.32
C TYR E 382 49.01 53.33 4.96
N VAL E 383 49.92 54.20 5.41
CA VAL E 383 49.57 55.46 6.06
C VAL E 383 50.29 56.59 5.33
N ARG E 384 49.55 57.66 5.03
CA ARG E 384 50.10 58.78 4.29
C ARG E 384 49.86 60.08 5.05
N ASP E 385 50.85 60.98 5.00
CA ASP E 385 50.68 62.31 5.58
C ASP E 385 51.67 63.23 4.85
N ASP E 386 51.14 64.04 3.93
CA ASP E 386 51.94 65.05 3.21
C ASP E 386 53.15 64.43 2.53
N GLY E 387 52.95 63.29 1.88
CA GLY E 387 54.06 62.66 1.16
C GLY E 387 53.83 61.22 0.77
N ASP E 388 54.83 60.38 1.02
CA ASP E 388 54.79 58.99 0.61
C ASP E 388 53.84 58.19 1.50
N TRP E 389 53.38 57.05 0.98
CA TRP E 389 52.59 56.09 1.75
C TRP E 389 53.56 55.15 2.43
N GLN E 390 53.89 55.43 3.69
CA GLN E 390 54.81 54.56 4.42
C GLN E 390 54.11 53.26 4.80
N LEU E 391 54.78 52.14 4.53
CA LEU E 391 54.22 50.84 4.84
C LEU E 391 54.10 50.64 6.35
N LEU E 392 52.98 50.08 6.78
CA LEU E 392 52.74 49.76 8.18
C LEU E 392 53.04 48.28 8.39
N GLU E 393 54.01 47.98 9.24
CA GLU E 393 54.46 46.62 9.49
C GLU E 393 53.50 45.93 10.45
N ILE E 394 52.45 45.33 9.88
CA ILE E 394 51.44 44.67 10.71
C ILE E 394 52.02 43.46 11.43
N GLY E 395 53.07 42.87 10.89
CA GLY E 395 53.68 41.70 11.51
C GLY E 395 53.89 40.54 10.55
N GLY E 396 53.21 39.43 10.79
CA GLY E 396 53.40 38.22 10.01
C GLY E 396 53.04 38.36 8.55
N ASP E 397 54.07 38.34 7.69
CA ASP E 397 53.96 38.33 6.23
C ASP E 397 53.35 39.60 5.66
N ASN E 398 52.98 40.58 6.50
CA ASN E 398 52.43 41.86 6.05
C ASN E 398 51.25 41.67 5.11
N GLU E 399 50.37 40.71 5.44
CA GLU E 399 49.23 40.42 4.59
C GLU E 399 48.12 39.80 5.42
N ILE E 400 46.90 39.87 4.88
CA ILE E 400 45.73 39.26 5.48
C ILE E 400 44.98 38.48 4.39
N SER E 401 44.65 37.23 4.67
CA SER E 401 43.91 36.42 3.72
C SER E 401 42.43 36.82 3.72
N VAL E 402 41.75 36.46 2.63
CA VAL E 402 40.34 36.77 2.43
C VAL E 402 39.57 35.47 2.34
N ASP E 403 38.43 35.41 3.02
CA ASP E 403 37.60 34.21 3.04
C ASP E 403 36.75 34.15 1.77
N SER E 404 35.86 33.15 1.70
CA SER E 404 34.97 33.03 0.55
C SER E 404 33.94 34.14 0.51
N ASP E 405 33.59 34.71 1.67
CA ASP E 405 32.60 35.77 1.76
C ASP E 405 33.15 37.14 1.37
N ASP E 406 34.32 37.17 0.73
CA ASP E 406 34.96 38.41 0.30
C ASP E 406 35.17 39.38 1.47
N THR E 407 35.57 38.83 2.62
CA THR E 407 35.80 39.61 3.82
C THR E 407 37.11 39.19 4.47
N PHE E 408 37.89 40.16 4.91
CA PHE E 408 39.14 39.91 5.61
C PHE E 408 39.13 40.65 6.93
N GLU E 409 39.75 40.04 7.94
CA GLU E 409 39.75 40.59 9.28
C GLU E 409 41.09 40.28 9.95
N GLU E 410 41.42 41.08 10.95
CA GLU E 410 42.64 40.91 11.74
C GLU E 410 42.31 41.16 13.21
N GLU E 411 43.13 40.59 14.08
CA GLU E 411 42.94 40.75 15.52
C GLU E 411 43.25 42.19 15.94
N ASP E 412 43.10 42.45 17.23
CA ASP E 412 43.33 43.79 17.76
C ASP E 412 44.81 44.12 17.69
N ILE E 413 45.15 45.15 16.91
CA ILE E 413 46.53 45.57 16.70
C ILE E 413 46.66 47.04 17.11
N ALA E 414 47.71 47.33 17.87
CA ALA E 414 48.04 48.70 18.23
C ALA E 414 48.84 49.32 17.08
N LEU E 415 48.23 50.28 16.38
CA LEU E 415 48.87 50.85 15.20
C LEU E 415 50.17 51.55 15.57
N SER E 416 50.14 52.40 16.60
CA SER E 416 51.35 53.11 17.01
C SER E 416 52.32 52.21 17.75
N GLY E 417 51.81 51.17 18.43
CA GLY E 417 52.68 50.31 19.22
C GLY E 417 53.64 49.49 18.38
N LEU E 418 53.20 49.06 17.21
CA LEU E 418 54.00 48.18 16.37
C LEU E 418 55.22 48.90 15.81
N SER E 419 56.27 48.12 15.54
CA SER E 419 57.54 48.65 15.08
C SER E 419 57.48 48.92 13.58
N GLY E 420 58.15 49.99 13.17
CA GLY E 420 58.22 50.39 11.77
C GLY E 420 58.14 51.90 11.71
N ASP E 421 58.61 52.45 10.59
CA ASP E 421 58.48 53.89 10.40
C ASP E 421 57.06 54.29 10.00
N GLY E 422 56.26 53.37 9.47
CA GLY E 422 54.89 53.70 9.13
C GLY E 422 54.09 54.09 10.36
N SER E 423 54.27 53.34 11.45
CA SER E 423 53.58 53.61 12.70
C SER E 423 53.98 54.96 13.30
N SER E 424 55.20 55.42 13.00
CA SER E 424 55.69 56.66 13.59
C SER E 424 54.88 57.87 13.16
N ILE E 425 54.29 57.83 11.96
CA ILE E 425 53.49 58.97 11.53
C ILE E 425 52.26 59.12 12.42
N LEU E 426 51.61 58.00 12.76
CA LEU E 426 50.39 58.03 13.55
C LEU E 426 50.63 58.37 15.02
N SER E 427 51.88 58.36 15.48
CA SER E 427 52.14 58.62 16.89
C SER E 427 51.75 60.05 17.27
N LEU E 428 52.07 61.02 16.42
CA LEU E 428 51.79 62.41 16.70
C LEU E 428 50.31 62.72 16.43
N THR E 429 49.76 63.63 17.23
CA THR E 429 48.36 63.98 17.10
C THR E 429 48.12 64.77 15.82
N GLY E 430 47.05 64.41 15.12
CA GLY E 430 46.68 65.11 13.90
C GLY E 430 45.66 64.31 13.12
N THR E 431 45.39 64.79 11.90
CA THR E 431 44.48 64.12 10.97
C THR E 431 45.29 63.58 9.80
N TYR E 432 45.12 62.28 9.53
CA TYR E 432 45.93 61.57 8.53
C TYR E 432 45.04 60.78 7.59
N ARG E 433 45.65 59.92 6.78
CA ARG E 433 44.92 59.03 5.87
C ARG E 433 45.50 57.63 5.97
N ILE E 434 44.61 56.64 5.88
CA ILE E 434 45.00 55.23 5.93
C ILE E 434 44.27 54.50 4.81
N GLY E 435 44.99 53.62 4.11
CA GLY E 435 44.40 52.90 2.99
C GLY E 435 44.91 51.48 2.92
N VAL E 436 44.17 50.65 2.20
CA VAL E 436 44.51 49.26 1.99
C VAL E 436 44.71 49.02 0.49
N ILE E 437 45.56 48.05 0.17
CA ILE E 437 45.88 47.74 -1.22
C ILE E 437 46.05 46.23 -1.35
N ASP E 438 45.65 45.71 -2.52
CA ASP E 438 45.76 44.28 -2.79
C ASP E 438 47.22 43.92 -3.07
N ALA E 439 47.47 42.62 -3.28
CA ALA E 439 48.79 42.10 -3.60
C ALA E 439 49.24 42.43 -5.01
N SER E 440 48.52 43.30 -5.73
CA SER E 440 48.96 43.69 -7.07
C SER E 440 50.30 44.41 -7.05
N ASP E 441 50.67 45.00 -5.93
CA ASP E 441 51.99 45.63 -5.81
C ASP E 441 53.09 44.60 -5.97
N ALA E 442 53.15 43.64 -5.05
CA ALA E 442 54.17 42.58 -5.06
C ALA E 442 55.57 43.18 -5.18
N ASP E 443 55.88 44.10 -4.26
CA ASP E 443 57.13 44.87 -4.28
C ASP E 443 57.29 45.60 -5.61
N VAL E 444 56.19 46.20 -6.08
CA VAL E 444 56.09 46.97 -7.32
C VAL E 444 56.86 46.28 -8.46
N GLY E 445 56.91 44.96 -8.42
CA GLY E 445 57.65 44.20 -9.40
C GLY E 445 58.93 43.60 -8.81
N GLY E 446 58.89 42.31 -8.51
CA GLY E 446 60.05 41.64 -7.92
C GLY E 446 59.68 40.44 -7.07
N ASP E 447 60.26 40.38 -5.87
CA ASP E 447 59.97 39.28 -4.96
C ASP E 447 58.53 39.34 -4.48
N GLY E 448 57.96 38.18 -4.19
CA GLY E 448 56.58 38.09 -3.74
C GLY E 448 56.39 38.51 -2.30
N SER E 449 56.64 39.79 -2.01
CA SER E 449 56.48 40.33 -0.68
C SER E 449 56.23 41.82 -0.77
N VAL E 450 55.37 42.32 0.11
CA VAL E 450 55.01 43.75 0.12
C VAL E 450 56.05 44.47 0.96
N ASP E 451 57.10 44.97 0.29
CA ASP E 451 58.17 45.70 0.97
C ASP E 451 58.55 46.90 0.09
N ASP E 452 57.84 48.01 0.27
CA ASP E 452 58.05 49.28 -0.42
C ASP E 452 57.34 50.39 0.36
N SER E 453 57.46 51.61 -0.15
CA SER E 453 56.68 52.76 0.29
C SER E 453 56.11 53.37 -0.98
N LEU E 454 54.97 52.84 -1.43
CA LEU E 454 54.40 53.23 -2.70
C LEU E 454 53.98 54.70 -2.68
N THR E 455 54.27 55.40 -3.77
CA THR E 455 53.91 56.81 -3.88
C THR E 455 52.42 56.94 -4.22
N THR E 456 51.97 58.16 -4.46
CA THR E 456 50.56 58.39 -4.77
C THR E 456 50.16 57.69 -6.06
N SER E 457 51.00 57.77 -7.10
CA SER E 457 50.69 57.13 -8.37
C SER E 457 50.67 55.60 -8.23
N GLU E 458 51.64 55.04 -7.52
CA GLU E 458 51.69 53.59 -7.37
C GLU E 458 50.52 53.07 -6.54
N PHE E 459 50.17 53.77 -5.47
CA PHE E 459 49.07 53.33 -4.62
C PHE E 459 47.74 53.43 -5.35
N THR E 460 47.54 54.51 -6.12
CA THR E 460 46.28 54.71 -6.82
C THR E 460 46.14 53.81 -8.04
N SER E 461 47.26 53.45 -8.68
CA SER E 461 47.19 52.68 -9.93
C SER E 461 46.51 51.34 -9.71
N GLY E 462 46.87 50.63 -8.65
CA GLY E 462 46.23 49.37 -8.33
C GLY E 462 44.91 49.57 -7.63
N VAL E 463 44.22 48.46 -7.39
CA VAL E 463 42.96 48.50 -6.66
C VAL E 463 43.24 48.80 -5.20
N SER E 464 42.55 49.82 -4.67
CA SER E 464 42.82 50.30 -3.32
C SER E 464 41.66 51.18 -2.89
N SER E 465 41.71 51.62 -1.64
CA SER E 465 40.75 52.58 -1.09
C SER E 465 41.34 53.16 0.19
N SER E 466 41.06 54.45 0.42
CA SER E 466 41.56 55.14 1.59
C SER E 466 40.44 55.91 2.26
N ASN E 467 40.57 56.11 3.57
CA ASN E 467 39.58 56.83 4.35
C ASN E 467 40.29 57.71 5.37
N SER E 468 39.65 58.85 5.69
CA SER E 468 40.25 59.82 6.59
C SER E 468 40.23 59.33 8.03
N ILE E 469 41.37 59.50 8.71
CA ILE E 469 41.51 59.10 10.10
C ILE E 469 42.28 60.20 10.84
N ARG E 470 41.88 60.44 12.08
CA ARG E 470 42.59 61.37 12.95
C ARG E 470 42.82 60.70 14.30
N VAL E 471 43.95 61.05 14.92
CA VAL E 471 44.36 60.45 16.18
C VAL E 471 44.08 61.44 17.30
N THR E 472 43.50 60.94 18.40
CA THR E 472 43.14 61.76 19.55
C THR E 472 44.11 61.30 20.64
N ASP E 473 44.55 62.23 21.49
CA ASP E 473 45.49 61.88 22.59
C ASP E 473 44.85 60.89 23.60
N GLN E 474 45.65 60.34 24.53
CA GLN E 474 45.11 59.34 25.52
C GLN E 474 44.08 59.90 26.51
N ALA E 475 43.46 59.05 27.34
CA ALA E 475 42.37 59.50 28.26
C ALA E 475 42.23 58.59 29.49
N LEU E 476 41.48 59.02 30.52
CA LEU E 476 41.33 58.22 31.77
C LEU E 476 40.10 58.62 32.62
N THR E 477 39.23 57.67 32.98
CA THR E 477 38.09 57.87 33.87
C THR E 477 38.19 56.87 35.02
N GLY E 478 37.86 57.32 36.23
CA GLY E 478 37.94 56.47 37.40
C GLY E 478 36.88 56.83 38.41
N GLN E 479 36.68 55.92 39.37
CA GLN E 479 35.71 56.14 40.43
C GLN E 479 36.09 55.29 41.64
N PHE E 480 35.68 55.77 42.82
CA PHE E 480 35.90 55.09 44.07
C PHE E 480 34.57 54.99 44.83
N THR E 481 34.25 53.79 45.31
CA THR E 481 32.99 53.57 46.02
C THR E 481 33.23 53.72 47.51
N THR E 482 32.67 54.77 48.10
CA THR E 482 32.76 55.02 49.53
C THR E 482 31.35 54.99 50.11
N ILE E 483 31.19 54.26 51.22
CA ILE E 483 29.87 54.13 51.84
C ILE E 483 29.38 55.49 52.33
N ASN E 484 30.25 56.25 52.99
CA ASN E 484 29.91 57.60 53.42
C ASN E 484 31.08 58.54 53.26
N GLY E 485 31.94 58.30 52.26
CA GLY E 485 33.20 58.99 52.19
C GLY E 485 34.28 58.39 53.07
N GLN E 486 34.01 57.25 53.69
CA GLN E 486 34.93 56.62 54.63
C GLN E 486 34.95 55.13 54.38
N VAL E 487 35.99 54.48 54.90
CA VAL E 487 36.09 53.02 54.91
C VAL E 487 36.05 52.58 56.37
N ALA E 488 35.09 51.72 56.72
CA ALA E 488 34.83 51.42 58.13
C ALA E 488 35.93 50.57 58.75
N PRO E 489 36.23 49.36 58.24
CA PRO E 489 37.23 48.50 58.92
C PRO E 489 38.64 48.96 58.61
N VAL E 490 39.30 49.55 59.62
CA VAL E 490 40.67 50.02 59.43
C VAL E 490 41.61 48.84 59.21
N GLU E 491 41.43 47.76 59.98
CA GLU E 491 42.31 46.61 59.86
C GLU E 491 42.24 46.01 58.46
N THR E 492 41.02 45.84 57.93
CA THR E 492 40.82 45.25 56.61
C THR E 492 39.83 46.13 55.83
N GLY E 493 40.38 47.11 55.10
CA GLY E 493 39.55 47.96 54.27
C GLY E 493 39.19 47.31 52.95
N THR E 494 38.29 47.96 52.23
CA THR E 494 37.83 47.44 50.94
C THR E 494 37.20 48.57 50.14
N VAL E 495 37.71 48.78 48.92
CA VAL E 495 37.15 49.75 48.00
C VAL E 495 37.01 49.11 46.63
N ASP E 496 36.09 49.66 45.85
CA ASP E 496 35.78 49.19 44.51
C ASP E 496 36.17 50.27 43.51
N ILE E 497 36.89 49.89 42.45
CA ILE E 497 37.36 50.84 41.45
C ILE E 497 36.88 50.40 40.08
N ASN E 498 36.38 51.35 39.30
CA ASN E 498 35.97 51.08 37.93
C ASN E 498 36.07 52.37 37.13
N GLY E 499 36.19 52.23 35.81
CA GLY E 499 36.31 53.38 34.95
C GLY E 499 36.68 52.94 33.55
N THR E 500 36.93 53.95 32.71
CA THR E 500 37.30 53.74 31.32
C THR E 500 38.73 54.21 31.11
N ALA E 501 39.58 53.31 30.62
CA ALA E 501 40.98 53.61 30.29
C ALA E 501 41.24 53.07 28.90
N SER E 502 40.93 53.87 27.88
CA SER E 502 41.07 53.45 26.49
C SER E 502 42.50 53.64 26.02
N GLY E 503 43.04 52.61 25.37
CA GLY E 503 44.38 52.66 24.82
C GLY E 503 45.49 52.24 25.75
N ALA E 504 45.18 51.95 27.01
CA ALA E 504 46.18 51.54 27.99
C ALA E 504 46.18 50.03 28.16
N ASN E 505 47.29 49.51 28.68
CA ASN E 505 47.43 48.09 28.95
C ASN E 505 47.30 47.74 30.42
N SER E 506 47.68 48.65 31.31
CA SER E 506 47.56 48.43 32.75
C SER E 506 47.36 49.78 33.44
N VAL E 507 46.75 49.73 34.61
CA VAL E 507 46.45 50.92 35.40
C VAL E 507 46.92 50.68 36.82
N LEU E 508 47.63 51.66 37.38
CA LEU E 508 48.16 51.58 38.74
C LEU E 508 47.41 52.54 39.64
N VAL E 509 47.08 52.06 40.84
CA VAL E 509 46.39 52.85 41.85
C VAL E 509 47.25 52.88 43.11
N ILE E 510 47.37 54.06 43.72
CA ILE E 510 48.22 54.26 44.88
C ILE E 510 47.41 54.90 46.00
N PHE E 511 47.66 54.45 47.23
CA PHE E 511 47.04 55.00 48.43
C PHE E 511 48.13 55.53 49.35
N VAL E 512 47.99 56.77 49.79
CA VAL E 512 48.92 57.38 50.72
C VAL E 512 48.14 58.11 51.81
N ASP E 513 48.62 58.01 53.05
CA ASP E 513 47.94 58.60 54.19
C ASP E 513 48.64 59.90 54.58
N GLU E 514 48.24 60.48 55.72
CA GLU E 514 48.89 61.69 56.19
C GLU E 514 50.30 61.42 56.71
N ARG E 515 50.55 60.25 57.28
CA ARG E 515 51.90 59.94 57.75
C ARG E 515 52.86 59.82 56.57
N GLY E 516 52.46 59.11 55.53
CA GLY E 516 53.32 58.90 54.38
C GLY E 516 53.42 57.45 53.92
N ASN E 517 52.61 56.57 54.49
CA ASN E 517 52.63 55.17 54.08
C ASN E 517 51.97 55.03 52.71
N VAL E 518 52.49 54.12 51.89
CA VAL E 518 52.04 53.97 50.52
C VAL E 518 51.67 52.52 50.27
N ASN E 519 50.54 52.31 49.59
CA ASN E 519 50.13 51.01 49.09
C ASN E 519 49.77 51.13 47.62
N TYR E 520 50.20 50.16 46.82
CA TYR E 520 50.00 50.21 45.38
C TYR E 520 49.47 48.87 44.89
N GLN E 521 48.78 48.93 43.75
CA GLN E 521 48.28 47.73 43.08
C GLN E 521 48.06 48.06 41.61
N GLU E 522 48.43 47.12 40.74
CA GLU E 522 48.20 47.27 39.30
C GLU E 522 46.93 46.55 38.91
N VAL E 523 46.23 47.13 37.92
CA VAL E 523 44.96 46.60 37.45
C VAL E 523 45.07 46.32 35.96
N SER E 524 44.77 45.10 35.56
CA SER E 524 44.80 44.71 34.15
C SER E 524 43.50 45.15 33.49
N VAL E 525 43.59 46.12 32.59
CA VAL E 525 42.43 46.63 31.89
C VAL E 525 42.11 45.72 30.72
N ASP E 526 40.82 45.50 30.48
CA ASP E 526 40.39 44.59 29.43
C ASP E 526 40.56 45.24 28.06
N SER E 527 40.12 44.51 27.02
CA SER E 527 40.37 44.94 25.65
C SER E 527 39.67 46.25 25.32
N ASP E 528 38.40 46.39 25.72
CA ASP E 528 37.64 47.59 25.39
C ASP E 528 37.88 48.75 26.34
N GLY E 529 38.95 48.70 27.14
CA GLY E 529 39.29 49.80 28.03
C GLY E 529 38.29 50.08 29.11
N THR E 530 37.77 49.04 29.78
CA THR E 530 36.82 49.20 30.88
C THR E 530 37.30 48.34 32.03
N TYR E 531 38.14 48.92 32.89
CA TYR E 531 38.70 48.20 34.02
C TYR E 531 37.77 48.26 35.22
N ASP E 532 37.64 47.14 35.92
CA ASP E 532 36.80 47.06 37.11
C ASP E 532 37.45 46.06 38.05
N GLU E 533 38.13 46.57 39.08
CA GLU E 533 38.75 45.74 40.10
C GLU E 533 38.00 45.94 41.42
N ASP E 534 37.60 44.85 42.05
CA ASP E 534 36.74 44.89 43.22
C ASP E 534 37.44 44.29 44.43
N ASP E 535 37.03 44.76 45.61
CA ASP E 535 37.55 44.31 46.90
C ASP E 535 39.06 44.51 47.01
N ILE E 536 39.46 45.77 46.97
CA ILE E 536 40.86 46.17 47.12
C ILE E 536 41.11 46.53 48.58
N THR E 537 41.99 45.77 49.23
CA THR E 537 42.31 46.01 50.62
C THR E 537 43.25 47.21 50.76
N VAL E 538 43.09 47.94 51.86
CA VAL E 538 43.93 49.08 52.20
C VAL E 538 44.63 48.77 53.51
N GLY E 539 45.96 48.77 53.48
CA GLY E 539 46.75 48.44 54.66
C GLY E 539 47.43 49.66 55.26
N LEU E 540 46.72 50.78 55.30
CA LEU E 540 47.25 52.03 55.81
C LEU E 540 46.72 52.27 57.22
N THR E 541 47.07 53.43 57.77
CA THR E 541 46.69 53.79 59.13
C THR E 541 45.43 54.66 59.13
N GLN E 542 44.85 54.80 60.31
CA GLN E 542 43.65 55.61 60.47
C GLN E 542 43.95 57.07 60.20
N GLY E 543 42.98 57.77 59.61
CA GLY E 543 43.15 59.18 59.30
C GLY E 543 42.54 59.57 57.97
N ARG E 544 43.27 60.36 57.19
CA ARG E 544 42.84 60.79 55.87
C ARG E 544 43.76 60.18 54.83
N VAL E 545 43.16 59.54 53.83
CA VAL E 545 43.90 58.88 52.75
C VAL E 545 43.43 59.45 51.43
N THR E 546 44.37 59.91 50.62
CA THR E 546 44.10 60.38 49.27
C THR E 546 44.54 59.32 48.27
N ALA E 547 43.76 59.15 47.22
CA ALA E 547 43.99 58.09 46.25
C ALA E 547 44.26 58.69 44.87
N HIS E 548 45.17 58.05 44.14
CA HIS E 548 45.51 58.42 42.78
C HIS E 548 45.47 57.18 41.88
N ILE E 549 45.13 57.43 40.62
CA ILE E 549 45.06 56.39 39.60
C ILE E 549 46.06 56.78 38.52
N LEU E 550 47.03 55.91 38.26
CA LEU E 550 48.07 56.16 37.28
C LEU E 550 47.79 55.42 35.97
N SER E 551 48.20 56.05 34.87
CA SER E 551 47.97 55.53 33.53
C SER E 551 49.09 56.05 32.65
N VAL E 552 49.91 55.16 32.08
CA VAL E 552 50.94 55.60 31.16
C VAL E 552 50.29 56.16 29.91
N GLY E 553 50.78 57.32 29.45
CA GLY E 553 50.20 57.96 28.30
C GLY E 553 50.67 57.37 26.99
N ARG E 554 50.88 58.24 26.00
CA ARG E 554 51.32 57.79 24.69
C ARG E 554 52.72 57.19 24.74
N ASP E 555 53.62 57.80 25.53
CA ASP E 555 55.00 57.37 25.54
C ASP E 555 55.21 55.98 26.14
N SER E 556 54.21 55.45 26.85
CA SER E 556 54.31 54.16 27.52
C SER E 556 55.50 54.17 28.47
N ALA E 557 55.74 55.34 29.05
CA ALA E 557 56.78 55.60 30.01
C ALA E 557 56.19 56.46 31.10
N ILE E 558 56.67 56.30 32.33
CA ILE E 558 56.11 57.13 33.38
C ILE E 558 56.59 58.56 33.12
N GLY E 559 55.69 59.42 32.63
CA GLY E 559 56.11 60.78 32.35
C GLY E 559 57.21 60.82 31.31
N ASP E 560 58.34 61.42 31.68
CA ASP E 560 59.51 61.50 30.82
C ASP E 560 60.50 60.37 31.05
N GLY E 561 60.21 59.41 31.93
CA GLY E 561 61.20 58.41 32.24
C GLY E 561 62.28 58.86 33.19
N SER E 562 62.16 60.06 33.76
CA SER E 562 63.18 60.60 34.65
C SER E 562 62.84 60.29 36.11
N LEU E 563 63.03 59.02 36.48
CA LEU E 563 62.87 58.59 37.85
C LEU E 563 64.12 58.98 38.66
N PRO E 564 63.95 59.44 39.90
CA PRO E 564 65.13 59.77 40.72
C PRO E 564 66.06 58.60 40.94
N SER E 565 65.52 57.37 41.02
CA SER E 565 66.34 56.19 41.25
C SER E 565 66.23 55.15 40.13
N GLY E 566 65.29 55.30 39.21
CA GLY E 566 65.12 54.33 38.14
C GLY E 566 65.90 54.70 36.89
N PRO E 567 65.94 53.78 35.93
CA PRO E 567 66.66 54.05 34.67
C PRO E 567 65.94 55.04 33.78
N SER E 568 66.57 55.41 32.68
CA SER E 568 66.01 56.38 31.74
C SER E 568 65.21 55.65 30.66
N ASN E 569 63.99 56.13 30.41
CA ASN E 569 63.05 55.65 29.40
C ASN E 569 62.53 54.25 29.68
N GLY E 570 62.97 53.60 30.76
CA GLY E 570 62.44 52.29 31.11
C GLY E 570 61.44 52.39 32.25
N ALA E 571 60.95 53.60 32.52
CA ALA E 571 60.05 53.85 33.64
C ALA E 571 58.65 53.38 33.28
N THR E 572 58.34 52.15 33.68
CA THR E 572 57.00 51.60 33.52
C THR E 572 56.27 51.67 34.85
N LEU E 573 55.05 51.11 34.88
CA LEU E 573 54.29 51.07 36.12
C LEU E 573 55.01 50.24 37.18
N ASN E 574 55.55 49.09 36.79
CA ASN E 574 56.33 48.28 37.74
C ASN E 574 57.58 49.01 38.18
N ASP E 575 58.23 49.75 37.28
CA ASP E 575 59.42 50.50 37.66
C ASP E 575 59.10 51.58 38.68
N LEU E 576 57.95 52.25 38.52
CA LEU E 576 57.58 53.30 39.48
C LEU E 576 57.28 52.73 40.85
N THR E 577 56.87 51.45 40.93
CA THR E 577 56.62 50.84 42.22
C THR E 577 57.91 50.77 43.04
N GLY E 578 59.04 50.48 42.39
CA GLY E 578 60.31 50.49 43.09
C GLY E 578 60.63 51.86 43.68
N TYR E 579 60.24 52.92 42.97
CA TYR E 579 60.43 54.27 43.51
C TYR E 579 59.52 54.52 44.71
N LEU E 580 58.32 53.92 44.71
CA LEU E 580 57.41 54.08 45.84
C LEU E 580 57.98 53.47 47.11
N ASP E 581 58.71 52.36 46.99
CA ASP E 581 59.29 51.71 48.16
C ASP E 581 60.28 52.62 48.88
N THR E 582 60.93 53.52 48.14
CA THR E 582 61.83 54.48 48.75
C THR E 582 61.10 55.61 49.45
N LEU E 583 59.86 55.90 49.04
CA LEU E 583 59.14 57.05 49.61
C LEU E 583 58.75 56.78 51.06
N ASP E 584 58.19 55.61 51.35
CA ASP E 584 57.74 55.31 52.70
C ASP E 584 58.91 55.03 53.64
N GLN E 585 60.04 54.53 53.11
CA GLN E 585 61.20 54.25 53.95
C GLN E 585 61.73 55.54 54.56
N ASN E 586 61.83 56.61 53.78
CA ASN E 586 62.28 57.89 54.31
C ASN E 586 61.17 58.53 55.12
N ASN E 587 61.56 59.28 56.15
CA ASN E 587 60.61 59.96 57.03
C ASN E 587 60.06 61.18 56.31
N ASN E 588 59.09 60.94 55.44
CA ASN E 588 58.47 61.97 54.62
C ASN E 588 57.03 62.19 55.05
N ASN E 589 56.62 63.46 55.05
CA ASN E 589 55.23 63.80 55.35
C ASN E 589 54.32 63.30 54.23
N GLY E 590 53.09 62.93 54.60
CA GLY E 590 52.13 62.49 53.60
C GLY E 590 51.82 63.58 52.59
N GLU E 591 51.75 64.83 53.05
CA GLU E 591 51.56 65.95 52.13
C GLU E 591 52.73 66.10 51.18
N GLN E 592 53.95 65.81 51.66
CA GLN E 592 55.12 65.87 50.79
C GLN E 592 55.03 64.86 49.66
N ILE E 593 54.47 63.68 49.95
CA ILE E 593 54.29 62.67 48.91
C ILE E 593 53.36 63.17 47.81
N ASN E 594 52.32 63.91 48.19
CA ASN E 594 51.44 64.48 47.17
C ASN E 594 52.18 65.45 46.27
N GLU E 595 53.04 66.30 46.83
CA GLU E 595 53.86 67.18 46.01
C GLU E 595 54.84 66.39 45.15
N LEU E 596 55.47 65.37 45.73
CA LEU E 596 56.47 64.60 45.00
C LEU E 596 55.84 63.79 43.87
N ILE E 597 54.73 63.12 44.14
CA ILE E 597 54.12 62.24 43.14
C ILE E 597 53.66 63.06 41.94
N ALA E 598 52.97 64.17 42.20
CA ALA E 598 52.49 65.01 41.11
C ALA E 598 53.64 65.67 40.35
N SER E 599 54.68 66.10 41.06
CA SER E 599 55.77 66.82 40.41
C SER E 599 56.61 65.90 39.53
N GLU E 600 56.93 64.70 40.02
CA GLU E 600 57.86 63.84 39.29
C GLU E 600 57.21 63.18 38.09
N THR E 601 55.90 62.98 38.11
CA THR E 601 55.20 62.24 37.06
C THR E 601 54.32 63.10 36.18
N VAL E 602 53.52 63.99 36.77
CA VAL E 602 52.52 64.74 36.01
C VAL E 602 52.92 66.19 35.80
N ASP E 603 53.43 66.85 36.85
CA ASP E 603 53.75 68.26 36.74
C ASP E 603 54.88 68.56 35.75
N GLU E 604 55.69 67.56 35.42
CA GLU E 604 56.73 67.74 34.42
C GLU E 604 56.10 68.18 33.10
N THR E 605 56.68 69.22 32.49
CA THR E 605 56.08 69.82 31.31
C THR E 605 56.08 68.90 30.09
N ALA E 606 56.99 67.93 30.03
CA ALA E 606 57.07 67.01 28.92
C ALA E 606 56.31 65.72 29.17
N SER E 607 55.62 65.62 30.30
CA SER E 607 54.87 64.42 30.64
C SER E 607 53.55 64.35 29.89
N ASP E 608 53.18 63.15 29.49
CA ASP E 608 51.92 62.88 28.81
C ASP E 608 50.97 62.03 29.63
N ASP E 609 51.38 61.57 30.81
CA ASP E 609 50.56 60.68 31.61
C ASP E 609 49.45 61.46 32.31
N LEU E 610 48.35 60.76 32.59
CA LEU E 610 47.17 61.36 33.20
C LEU E 610 46.85 60.67 34.52
N ILE E 611 46.31 61.45 35.46
CA ILE E 611 45.85 60.92 36.74
C ILE E 611 44.49 61.51 37.09
N VAL E 612 43.82 60.85 38.04
CA VAL E 612 42.60 61.37 38.64
C VAL E 612 42.80 61.32 40.15
N THR E 613 42.17 62.27 40.85
CA THR E 613 42.37 62.42 42.28
C THR E 613 41.08 62.17 43.04
N GLU E 614 41.18 61.47 44.17
CA GLU E 614 40.03 61.20 45.02
C GLU E 614 40.54 61.02 46.44
N THR E 615 39.74 61.45 47.41
CA THR E 615 40.14 61.39 48.82
C THR E 615 39.01 60.81 49.66
N PHE E 616 39.39 60.15 50.76
CA PHE E 616 38.41 59.61 51.68
C PHE E 616 39.04 59.48 53.07
N ARG E 617 38.25 59.76 54.10
CA ARG E 617 38.72 59.71 55.47
C ARG E 617 38.66 58.26 55.96
N LEU E 618 39.81 57.66 56.23
CA LEU E 618 39.84 56.29 56.74
C LEU E 618 39.55 56.34 58.23
N ALA E 619 38.33 55.95 58.60
CA ALA E 619 37.88 55.99 59.99
C ALA E 619 37.53 54.56 60.44
N GLU E 620 36.97 54.45 61.65
CA GLU E 620 36.63 53.11 62.19
C GLU E 620 35.24 52.70 61.69
N SER E 621 34.82 51.47 61.99
CA SER E 621 33.52 50.94 61.48
C SER E 621 32.32 51.68 62.07
N SER E 622 31.26 51.88 61.27
CA SER E 622 30.03 52.54 61.79
C SER E 622 28.75 51.84 61.32
N THR E 623 27.72 51.79 62.18
CA THR E 623 26.40 51.20 61.83
C THR E 623 25.37 51.85 62.76
N SER E 624 24.36 52.52 62.21
CA SER E 624 23.43 53.27 63.05
C SER E 624 22.06 53.31 62.38
N ILE E 625 21.04 53.57 63.18
CA ILE E 625 19.67 53.71 62.69
C ILE E 625 19.34 55.20 62.61
N ASP E 626 18.84 55.63 61.44
CA ASP E 626 18.62 57.04 61.18
C ASP E 626 17.16 57.45 61.39
N SER E 627 16.24 56.82 60.68
CA SER E 627 14.84 57.23 60.72
C SER E 627 13.93 56.02 60.77
N ILE E 628 12.91 56.10 61.62
CA ILE E 628 11.85 55.09 61.70
C ILE E 628 10.51 55.81 61.61
N TYR E 629 9.67 55.37 60.69
CA TYR E 629 8.40 56.03 60.43
C TYR E 629 7.56 55.12 59.53
N PRO E 630 6.23 55.27 59.56
CA PRO E 630 5.37 54.42 58.70
C PRO E 630 5.43 54.82 57.24
N ASP E 631 4.56 54.22 56.43
CA ASP E 631 4.54 54.49 54.99
C ASP E 631 4.15 55.93 54.65
N ALA E 632 3.84 56.73 55.67
CA ALA E 632 3.52 58.13 55.44
C ALA E 632 4.78 58.91 55.08
N ALA E 633 4.61 60.22 54.87
CA ALA E 633 5.72 61.09 54.47
C ALA E 633 6.31 61.74 55.71
N GLU E 634 7.53 61.34 56.07
CA GLU E 634 8.22 61.90 57.22
C GLU E 634 9.70 61.57 57.11
N ALA E 635 10.54 62.51 57.55
CA ALA E 635 11.99 62.29 57.53
C ALA E 635 12.66 62.76 58.81
N ALA E 636 11.90 63.13 59.85
CA ALA E 636 12.51 63.59 61.09
C ALA E 636 13.31 62.48 61.76
N GLY E 637 12.76 61.26 61.79
CA GLY E 637 13.48 60.14 62.37
C GLY E 637 12.64 59.26 63.27
N ILE E 638 11.69 59.86 63.98
CA ILE E 638 10.84 59.15 64.92
C ILE E 638 9.38 59.46 64.60
N ASN E 639 8.55 58.42 64.59
CA ASN E 639 7.12 58.57 64.31
C ASN E 639 6.36 57.38 64.87
N PRO E 640 5.35 57.61 65.71
CA PRO E 640 4.52 56.50 66.20
C PRO E 640 3.83 55.80 65.02
N VAL E 641 3.76 54.48 65.12
CA VAL E 641 3.25 53.64 64.04
C VAL E 641 2.01 52.90 64.54
N ALA E 642 0.91 53.05 63.79
CA ALA E 642 -0.31 52.31 64.10
C ALA E 642 -0.19 50.88 63.58
N THR E 643 -0.71 49.94 64.36
CA THR E 643 -0.67 48.53 63.97
C THR E 643 -1.54 48.29 62.74
N GLY E 644 -1.12 47.32 61.93
CA GLY E 644 -1.83 46.95 60.72
C GLY E 644 -1.23 47.51 59.44
N GLU E 645 -0.37 48.52 59.54
CA GLU E 645 0.26 49.11 58.37
C GLU E 645 1.78 48.92 58.47
N THR E 646 2.41 48.65 57.32
CA THR E 646 3.84 48.46 57.30
C THR E 646 4.57 49.76 57.60
N MET E 647 5.65 49.66 58.35
CA MET E 647 6.48 50.81 58.70
C MET E 647 7.90 50.56 58.20
N VAL E 648 8.54 51.61 57.72
CA VAL E 648 9.89 51.53 57.17
C VAL E 648 10.88 52.04 58.20
N ILE E 649 12.06 51.43 58.24
CA ILE E 649 13.15 51.86 59.09
C ILE E 649 14.37 52.07 58.22
N ALA E 650 15.05 53.19 58.42
CA ALA E 650 16.20 53.58 57.58
C ALA E 650 17.40 53.83 58.46
N GLY E 651 18.55 53.24 58.08
CA GLY E 651 19.77 53.42 58.82
C GLY E 651 20.95 53.58 57.88
N SER E 652 22.09 53.93 58.45
CA SER E 652 23.32 54.15 57.72
C SER E 652 24.34 53.07 58.08
N THR E 653 25.20 52.76 57.10
CA THR E 653 26.23 51.75 57.30
C THR E 653 27.41 52.05 56.38
N ASN E 654 28.55 51.46 56.71
CA ASN E 654 29.75 51.56 55.90
C ASN E 654 30.23 50.22 55.37
N LEU E 655 29.51 49.14 55.63
CA LEU E 655 29.95 47.81 55.26
C LEU E 655 29.74 47.58 53.76
N LYS E 656 30.31 46.48 53.28
CA LYS E 656 30.12 46.10 51.89
C LYS E 656 28.64 45.76 51.65
N PRO E 657 28.08 46.17 50.51
CA PRO E 657 26.63 45.95 50.29
C PRO E 657 26.25 44.48 50.25
N ASP E 658 27.10 43.60 49.75
CA ASP E 658 26.76 42.21 49.53
C ASP E 658 27.44 41.25 50.50
N ASP E 659 28.72 41.47 50.82
CA ASP E 659 29.44 40.54 51.68
C ASP E 659 28.98 40.56 53.13
N ASN E 660 28.17 41.55 53.51
CA ASN E 660 27.69 41.67 54.89
C ASN E 660 26.17 41.78 54.88
N THR E 661 25.59 41.83 56.07
CA THR E 661 24.14 41.94 56.21
C THR E 661 23.81 42.62 57.53
N ILE E 662 22.59 43.15 57.61
CA ILE E 662 22.09 43.81 58.81
C ILE E 662 20.85 43.05 59.28
N SER E 663 20.89 42.58 60.51
CA SER E 663 19.78 41.83 61.11
C SER E 663 19.08 42.71 62.15
N ILE E 664 17.76 42.74 62.09
CA ILE E 664 16.97 43.56 63.00
C ILE E 664 16.32 42.68 64.05
N GLU E 665 15.94 43.30 65.17
CA GLU E 665 15.19 42.62 66.23
C GLU E 665 14.19 43.58 66.83
N VAL E 666 12.93 43.15 66.92
CA VAL E 666 11.87 43.93 67.55
C VAL E 666 11.35 43.14 68.74
N THR E 667 11.46 43.71 69.94
CA THR E 667 11.10 43.02 71.17
C THR E 667 10.18 43.90 72.02
N ASN E 668 9.29 43.25 72.77
CA ASN E 668 8.32 43.93 73.61
C ASN E 668 8.90 44.30 74.96
N GLU E 669 8.02 44.63 75.91
CA GLU E 669 8.43 45.10 77.22
C GLU E 669 9.12 44.03 78.05
N ASP E 670 8.98 42.75 77.70
CA ASP E 670 9.62 41.68 78.48
C ASP E 670 10.23 40.64 77.54
N GLY E 671 11.10 41.11 76.66
CA GLY E 671 11.93 40.21 75.84
C GLY E 671 11.20 39.17 75.03
N THR E 672 10.06 39.52 74.45
CA THR E 672 9.37 38.65 73.51
C THR E 672 9.62 39.25 72.12
N SER E 673 10.52 38.62 71.36
CA SER E 673 10.76 39.08 70.01
C SER E 673 9.54 38.80 69.14
N VAL E 674 9.22 39.75 68.26
CA VAL E 674 8.02 39.64 67.44
C VAL E 674 8.39 39.65 65.96
N ALA E 675 9.51 40.28 65.61
CA ALA E 675 9.90 40.43 64.23
C ALA E 675 11.40 40.23 64.08
N LEU E 676 11.80 39.79 62.89
CA LEU E 676 13.21 39.58 62.58
C LEU E 676 13.36 39.60 61.06
N GLU E 677 14.05 40.63 60.56
CA GLU E 677 14.29 40.76 59.12
C GLU E 677 15.75 41.12 58.88
N ASP E 678 16.24 40.76 57.69
CA ASP E 678 17.62 40.99 57.33
C ASP E 678 17.69 41.53 55.91
N THR E 679 18.67 42.38 55.66
CA THR E 679 18.94 42.91 54.33
C THR E 679 20.42 42.78 54.01
N ASP E 680 20.73 42.47 52.76
CA ASP E 680 22.10 42.34 52.30
C ASP E 680 22.27 43.05 50.96
N GLU E 681 21.64 44.21 50.83
CA GLU E 681 21.76 45.00 49.60
C GLU E 681 21.42 46.45 49.90
N TRP E 682 22.25 47.36 49.38
CA TRP E 682 22.03 48.79 49.49
C TRP E 682 23.00 49.48 48.54
N ASN E 683 22.55 50.58 47.94
CA ASN E 683 23.36 51.29 46.97
C ASN E 683 24.54 51.97 47.66
N ASN E 684 25.40 52.59 46.84
CA ASN E 684 26.59 53.26 47.36
C ASN E 684 26.27 54.54 48.13
N ASP E 685 24.99 54.87 48.34
CA ASP E 685 24.64 56.00 49.18
C ASP E 685 24.76 55.68 50.67
N GLY E 686 24.80 54.39 51.02
CA GLY E 686 24.93 53.98 52.40
C GLY E 686 23.63 53.78 53.15
N GLN E 687 22.49 54.12 52.55
CA GLN E 687 21.20 54.01 53.21
C GLN E 687 20.58 52.64 52.95
N TRP E 688 20.05 52.03 54.01
CA TRP E 688 19.36 50.75 53.90
C TRP E 688 18.02 50.84 54.60
N MET E 689 17.00 50.23 53.99
CA MET E 689 15.65 50.24 54.52
C MET E 689 15.18 48.81 54.76
N VAL E 690 14.50 48.59 55.87
CA VAL E 690 14.01 47.27 56.26
C VAL E 690 12.51 47.38 56.50
N GLU E 691 11.76 46.44 55.94
CA GLU E 691 10.30 46.43 56.03
C GLU E 691 9.84 45.38 57.02
N ILE E 692 9.01 45.78 57.98
CA ILE E 692 8.40 44.87 58.93
C ILE E 692 6.92 45.20 59.04
N ASP E 693 6.09 44.16 59.14
CA ASP E 693 4.65 44.34 59.23
C ASP E 693 4.22 44.52 60.69
N THR E 694 3.13 45.25 60.87
CA THR E 694 2.55 45.51 62.19
C THR E 694 1.14 44.94 62.28
N THR E 695 0.92 43.77 61.66
CA THR E 695 -0.41 43.19 61.64
C THR E 695 -0.83 42.71 63.02
N ASP E 696 0.03 41.97 63.71
CA ASP E 696 -0.29 41.38 65.00
C ASP E 696 0.34 42.13 66.16
N PHE E 697 0.87 43.33 65.93
CA PHE E 697 1.53 44.07 66.98
C PHE E 697 0.53 44.61 68.00
N GLU E 698 1.03 44.89 69.19
CA GLU E 698 0.22 45.41 70.29
C GLU E 698 0.76 46.78 70.68
N THR E 699 -0.15 47.68 71.06
CA THR E 699 0.25 49.04 71.39
C THR E 699 1.15 49.06 72.63
N GLY E 700 2.08 49.99 72.63
CA GLY E 700 3.02 50.14 73.73
C GLY E 700 4.36 50.62 73.20
N THR E 701 5.42 50.24 73.91
CA THR E 701 6.79 50.59 73.57
C THR E 701 7.54 49.35 73.10
N PHE E 702 8.23 49.48 71.97
CA PHE E 702 8.92 48.37 71.32
C PHE E 702 10.36 48.77 71.04
N THR E 703 11.26 47.81 71.14
CA THR E 703 12.69 48.05 71.03
C THR E 703 13.20 47.51 69.70
N VAL E 704 13.93 48.34 68.96
CA VAL E 704 14.48 47.96 67.66
C VAL E 704 15.98 47.82 67.82
N GLU E 705 16.50 46.65 67.47
CA GLU E 705 17.91 46.32 67.65
C GLU E 705 18.49 45.84 66.33
N ALA E 706 19.65 46.39 65.95
CA ALA E 706 20.31 46.03 64.70
C ALA E 706 21.77 45.76 64.97
N ASP E 707 22.26 44.63 64.47
CA ASP E 707 23.65 44.24 64.65
C ASP E 707 24.20 43.67 63.34
N ASP E 708 25.53 43.72 63.21
CA ASP E 708 26.21 43.19 62.05
C ASP E 708 27.50 42.48 62.44
N GLY E 709 27.53 41.87 63.62
CA GLY E 709 28.76 41.32 64.15
C GLY E 709 29.67 42.35 64.79
N ASP E 710 29.17 43.56 65.02
CA ASP E 710 29.94 44.68 65.54
C ASP E 710 29.04 45.42 66.54
N ASN E 711 29.41 46.66 66.85
CA ASN E 711 28.64 47.46 67.80
C ASN E 711 27.18 47.54 67.40
N THR E 712 26.30 47.39 68.38
CA THR E 712 24.87 47.26 68.16
C THR E 712 24.16 48.54 68.59
N ASP E 713 23.29 49.05 67.72
CA ASP E 713 22.49 50.22 68.00
C ASP E 713 21.06 49.83 68.37
N THR E 714 20.51 50.51 69.37
CA THR E 714 19.15 50.25 69.84
C THR E 714 18.34 51.55 69.82
N VAL E 715 17.10 51.45 69.37
CA VAL E 715 16.17 52.58 69.34
C VAL E 715 14.79 52.08 69.76
N ASN E 716 14.04 52.95 70.43
CA ASN E 716 12.72 52.63 70.93
C ASN E 716 11.67 53.47 70.22
N VAL E 717 10.58 52.82 69.82
CA VAL E 717 9.46 53.48 69.15
C VAL E 717 8.17 53.10 69.86
N GLU E 718 7.19 53.99 69.81
CA GLU E 718 5.90 53.77 70.44
C GLU E 718 4.90 53.24 69.43
N VAL E 719 3.99 52.38 69.91
CA VAL E 719 2.96 51.77 69.09
C VAL E 719 1.61 52.21 69.64
N VAL E 720 0.74 52.72 68.76
CA VAL E 720 -0.58 53.22 69.13
C VAL E 720 -1.61 52.58 68.22
N SER E 721 -2.85 52.50 68.72
CA SER E 721 -3.93 51.95 67.91
C SER E 721 -4.17 52.80 66.67
N GLU E 722 -4.30 54.11 66.86
CA GLU E 722 -4.47 55.05 65.76
C GLU E 722 -3.67 56.31 66.04
N ARG E 723 -3.19 56.95 64.98
CA ARG E 723 -2.39 58.16 65.08
C ARG E 723 -3.26 59.40 64.93
N GLU E 724 -2.67 60.54 65.25
CA GLU E 724 -3.35 61.83 65.13
C GLU E 724 -2.93 62.49 63.82
N ASP E 725 -3.92 62.92 63.04
CA ASP E 725 -3.65 63.57 61.75
C ASP E 725 -4.68 64.65 61.46
N GLU F 1 55.25 -8.28 -14.13
CA GLU F 1 54.68 -9.62 -14.10
C GLU F 1 53.29 -9.57 -13.49
N ARG F 2 52.80 -10.72 -13.01
CA ARG F 2 51.53 -10.79 -12.32
C ARG F 2 51.78 -11.20 -10.88
N GLY F 3 51.15 -10.49 -9.94
CA GLY F 3 51.40 -10.67 -8.53
C GLY F 3 52.41 -9.68 -7.98
N ASN F 4 53.29 -9.17 -8.85
CA ASN F 4 54.22 -8.08 -8.53
C ASN F 4 54.03 -7.08 -9.66
N LEU F 5 53.05 -6.19 -9.50
CA LEU F 5 52.59 -5.35 -10.60
C LEU F 5 53.48 -4.13 -10.79
N ASP F 6 53.87 -3.48 -9.69
CA ASP F 6 54.70 -2.28 -9.77
C ASP F 6 56.16 -2.58 -10.10
N ALA F 7 56.55 -3.86 -10.12
CA ALA F 7 57.93 -4.21 -10.44
C ALA F 7 58.30 -3.88 -11.88
N ASP F 8 57.30 -3.76 -12.77
CA ASP F 8 57.55 -3.43 -14.16
C ASP F 8 56.91 -2.10 -14.55
N SER F 9 56.56 -1.27 -13.56
CA SER F 9 55.95 0.04 -13.78
C SER F 9 54.67 -0.05 -14.59
N GLU F 10 53.95 -1.16 -14.45
CA GLU F 10 52.69 -1.38 -15.15
C GLU F 10 51.53 -1.19 -14.19
N SER F 11 50.45 -0.57 -14.69
CA SER F 11 49.25 -0.39 -13.89
C SER F 11 48.37 -1.61 -13.86
N PHE F 12 48.64 -2.60 -14.72
CA PHE F 12 47.83 -3.82 -14.80
C PHE F 12 48.60 -4.85 -15.61
N ASN F 13 48.15 -6.10 -15.52
CA ASN F 13 48.62 -7.15 -16.41
C ASN F 13 47.59 -8.26 -16.41
N LYS F 14 47.37 -8.85 -17.58
CA LYS F 14 46.36 -9.88 -17.78
C LYS F 14 46.95 -11.16 -18.35
N THR F 15 48.23 -11.43 -18.04
CA THR F 15 48.90 -12.66 -18.47
C THR F 15 48.87 -13.60 -17.27
N ILE F 16 47.82 -14.41 -17.19
CA ILE F 16 47.62 -15.30 -16.06
C ILE F 16 48.42 -16.58 -16.26
N GLN F 17 49.13 -16.99 -15.23
CA GLN F 17 49.85 -18.25 -15.21
C GLN F 17 49.12 -19.26 -14.35
N SER F 18 49.54 -20.52 -14.44
CA SER F 18 48.88 -21.59 -13.73
C SER F 18 48.96 -21.39 -12.23
N GLY F 19 47.83 -21.60 -11.55
CA GLY F 19 47.77 -21.50 -10.11
C GLY F 19 47.56 -20.11 -9.55
N ASP F 20 47.43 -19.09 -10.40
CA ASP F 20 47.27 -17.72 -9.94
C ASP F 20 45.81 -17.48 -9.53
N ARG F 21 45.47 -16.23 -9.23
CA ARG F 21 44.13 -15.85 -8.84
C ARG F 21 43.52 -14.95 -9.89
N VAL F 22 42.20 -15.03 -10.02
CA VAL F 22 41.45 -14.25 -10.99
C VAL F 22 40.22 -13.67 -10.28
N PHE F 23 39.87 -12.45 -10.62
CA PHE F 23 38.77 -11.75 -9.97
C PHE F 23 37.55 -11.69 -10.87
N LEU F 24 36.45 -11.17 -10.32
CA LEU F 24 35.15 -11.30 -10.97
C LEU F 24 35.09 -10.56 -12.30
N GLY F 25 35.53 -9.31 -12.32
CA GLY F 25 35.31 -8.48 -13.50
C GLY F 25 36.44 -8.43 -14.51
N GLU F 26 37.40 -9.35 -14.41
CA GLU F 26 38.55 -9.28 -15.28
C GLU F 26 38.18 -9.55 -16.73
N GLU F 27 39.11 -9.23 -17.62
CA GLU F 27 39.00 -9.50 -19.05
C GLU F 27 40.33 -10.15 -19.47
N ILE F 28 40.36 -11.48 -19.45
CA ILE F 28 41.61 -12.20 -19.67
C ILE F 28 42.14 -11.93 -21.08
N SER F 29 43.45 -11.89 -21.21
CA SER F 29 44.11 -11.70 -22.49
C SER F 29 44.41 -13.05 -23.11
N THR F 30 44.03 -13.22 -24.38
CA THR F 30 44.18 -14.48 -25.10
C THR F 30 45.56 -14.64 -25.72
N ASP F 31 46.52 -13.80 -25.35
CA ASP F 31 47.88 -13.90 -25.86
C ASP F 31 48.63 -14.98 -25.09
N ALA F 32 49.96 -15.00 -25.22
CA ALA F 32 50.76 -16.02 -24.56
C ALA F 32 50.51 -16.03 -23.06
N GLY F 33 50.33 -17.24 -22.51
CA GLY F 33 49.97 -17.47 -21.13
C GLY F 33 48.88 -18.50 -21.06
N LEU F 34 48.12 -18.48 -19.97
CA LEU F 34 46.98 -19.38 -19.81
C LEU F 34 45.71 -18.77 -20.36
N GLY F 35 45.78 -18.25 -21.58
CA GLY F 35 44.62 -17.72 -22.26
C GLY F 35 44.51 -18.24 -23.68
N ALA F 36 45.58 -18.88 -24.16
CA ALA F 36 45.57 -19.54 -25.46
C ALA F 36 46.03 -20.98 -25.33
N SER F 37 46.85 -21.26 -24.32
CA SER F 37 47.26 -22.63 -24.05
C SER F 37 46.17 -23.46 -23.39
N ASN F 38 45.19 -22.83 -22.77
CA ASN F 38 44.13 -23.55 -22.06
C ASN F 38 42.94 -22.62 -21.86
N PRO F 39 42.18 -22.32 -22.92
CA PRO F 39 41.09 -21.33 -22.77
C PRO F 39 39.86 -21.86 -22.07
N LEU F 40 39.67 -23.17 -21.97
CA LEU F 40 38.46 -23.75 -21.38
C LEU F 40 38.80 -24.29 -20.00
N LEU F 41 38.07 -23.85 -18.98
CA LEU F 41 38.30 -24.27 -17.61
C LEU F 41 36.98 -24.68 -16.97
N THR F 42 37.06 -25.66 -16.08
CA THR F 42 35.91 -26.24 -15.41
C THR F 42 36.13 -26.24 -13.90
N GLY F 43 35.03 -26.18 -13.16
CA GLY F 43 35.12 -26.11 -11.72
C GLY F 43 35.59 -27.41 -11.09
N THR F 44 35.94 -27.32 -9.81
CA THR F 44 36.54 -28.43 -9.08
C THR F 44 35.63 -28.97 -7.97
N ALA F 45 35.22 -28.12 -7.02
CA ALA F 45 34.47 -28.60 -5.88
C ALA F 45 33.49 -27.52 -5.44
N GLY F 46 32.69 -27.84 -4.43
CA GLY F 46 31.74 -26.90 -3.88
C GLY F 46 30.65 -26.56 -4.89
N ASN F 47 30.19 -25.31 -4.82
CA ASN F 47 29.18 -24.85 -5.76
C ASN F 47 29.75 -24.65 -7.17
N SER F 48 31.07 -24.66 -7.33
CA SER F 48 31.68 -24.37 -8.61
C SER F 48 31.95 -25.61 -9.45
N GLU F 49 31.75 -26.81 -8.89
CA GLU F 49 32.06 -28.03 -9.62
C GLU F 49 31.11 -28.20 -10.79
N GLY F 50 31.67 -28.60 -11.93
CA GLY F 50 30.91 -28.77 -13.17
C GLY F 50 30.77 -27.50 -13.97
N VAL F 51 30.63 -26.36 -13.29
CA VAL F 51 30.48 -25.08 -13.98
C VAL F 51 31.75 -24.76 -14.74
N SER F 52 31.60 -24.20 -15.93
CA SER F 52 32.72 -23.87 -16.79
C SER F 52 33.09 -22.40 -16.65
N LEU F 53 34.36 -22.10 -16.92
CA LEU F 53 34.89 -20.74 -16.89
C LEU F 53 35.56 -20.45 -18.24
N ASP F 54 34.97 -19.56 -19.02
CA ASP F 54 35.49 -19.24 -20.35
C ASP F 54 36.44 -18.07 -20.21
N LEU F 55 37.74 -18.35 -20.34
CA LEU F 55 38.75 -17.31 -20.21
C LEU F 55 38.82 -16.41 -21.43
N SER F 56 38.36 -16.87 -22.59
CA SER F 56 38.39 -16.05 -23.80
C SER F 56 37.36 -14.93 -23.77
N SER F 57 36.47 -14.93 -22.79
CA SER F 57 35.42 -13.94 -22.65
C SER F 57 35.49 -13.28 -21.28
N PRO F 58 34.97 -12.06 -21.14
CA PRO F 58 34.93 -11.41 -19.83
C PRO F 58 34.15 -12.24 -18.81
N ILE F 59 34.63 -12.21 -17.57
CA ILE F 59 34.08 -13.05 -16.50
C ILE F 59 32.89 -12.33 -15.85
N PRO F 60 31.76 -13.01 -15.67
CA PRO F 60 30.59 -12.36 -15.04
C PRO F 60 30.84 -12.02 -13.58
N GLN F 61 29.83 -11.46 -12.91
CA GLN F 61 30.01 -10.85 -11.59
C GLN F 61 28.88 -11.29 -10.67
N THR F 62 28.77 -10.61 -9.53
CA THR F 62 27.80 -10.83 -8.46
C THR F 62 27.58 -12.30 -8.12
N THR F 63 28.63 -13.11 -8.22
CA THR F 63 28.66 -14.53 -7.82
C THR F 63 27.58 -15.38 -8.49
N GLU F 64 27.02 -14.92 -9.61
CA GLU F 64 26.06 -15.68 -10.40
C GLU F 64 26.67 -16.06 -11.74
N ASN F 65 26.41 -17.31 -12.15
CA ASN F 65 26.92 -17.97 -13.34
C ASN F 65 28.42 -18.21 -13.28
N GLN F 66 29.09 -17.83 -12.19
CA GLN F 66 30.52 -18.10 -12.01
C GLN F 66 30.81 -18.24 -10.53
N PRO F 67 30.60 -19.43 -9.97
CA PRO F 67 30.80 -19.61 -8.52
C PRO F 67 32.27 -19.50 -8.16
N LEU F 68 32.50 -18.99 -6.94
CA LEU F 68 33.86 -18.83 -6.45
C LEU F 68 34.48 -20.17 -6.09
N GLY F 69 35.73 -20.36 -6.48
CA GLY F 69 36.43 -21.58 -6.12
C GLY F 69 37.58 -21.87 -7.07
N THR F 70 38.26 -22.97 -6.76
CA THR F 70 39.34 -23.46 -7.60
C THR F 70 38.79 -24.17 -8.83
N TYR F 71 39.45 -23.99 -9.97
CA TYR F 71 39.01 -24.53 -11.25
C TYR F 71 40.07 -25.44 -11.83
N ASP F 72 39.69 -26.65 -12.22
CA ASP F 72 40.62 -27.56 -12.87
C ASP F 72 40.57 -27.39 -14.39
N VAL F 73 41.40 -28.19 -15.07
CA VAL F 73 41.26 -28.40 -16.50
C VAL F 73 40.35 -29.59 -16.77
N ASP F 74 40.24 -30.52 -15.80
CA ASP F 74 39.46 -31.74 -15.96
C ASP F 74 38.16 -31.70 -15.18
N GLY F 75 38.03 -30.76 -14.25
CA GLY F 75 36.87 -30.70 -13.41
C GLY F 75 37.16 -31.40 -12.10
N SER F 76 36.09 -31.80 -11.42
CA SER F 76 36.25 -32.57 -10.19
C SER F 76 36.88 -33.91 -10.54
N GLY F 77 38.17 -34.07 -10.26
CA GLY F 77 38.84 -35.30 -10.65
C GLY F 77 40.15 -35.55 -9.96
N SER F 78 41.03 -36.29 -10.64
CA SER F 78 42.32 -36.68 -10.10
C SER F 78 43.47 -35.90 -10.72
N ALA F 79 43.18 -34.78 -11.35
CA ALA F 79 44.20 -33.95 -11.98
C ALA F 79 44.27 -32.62 -11.24
N THR F 80 45.51 -32.18 -10.98
CA THR F 80 45.80 -30.86 -10.43
C THR F 80 46.80 -30.24 -11.40
N THR F 81 46.28 -29.57 -12.41
CA THR F 81 46.96 -29.12 -13.61
C THR F 81 46.37 -27.76 -13.96
N PRO F 82 46.77 -27.06 -15.10
CA PRO F 82 46.54 -25.60 -15.20
C PRO F 82 45.26 -25.09 -14.57
N ASN F 83 45.37 -23.99 -13.83
CA ASN F 83 44.66 -23.82 -12.57
C ASN F 83 44.32 -22.35 -12.38
N VAL F 84 43.12 -22.09 -11.87
CA VAL F 84 42.65 -20.74 -11.59
C VAL F 84 41.74 -20.80 -10.37
N THR F 85 41.96 -19.90 -9.43
CA THR F 85 41.04 -19.67 -8.32
C THR F 85 40.39 -18.31 -8.50
N LEU F 86 39.10 -18.23 -8.21
CA LEU F 86 38.31 -17.04 -8.49
C LEU F 86 37.90 -16.40 -7.17
N LEU F 87 38.41 -15.20 -6.91
CA LEU F 87 38.12 -14.42 -5.72
C LEU F 87 37.15 -13.31 -6.07
N ALA F 88 36.91 -12.41 -5.12
CA ALA F 88 36.07 -11.25 -5.33
C ALA F 88 36.86 -9.97 -5.12
N PRO F 89 36.60 -8.93 -5.90
CA PRO F 89 37.33 -7.67 -5.73
C PRO F 89 36.76 -6.90 -4.55
N ARG F 90 37.66 -6.27 -3.79
CA ARG F 90 37.27 -5.66 -2.54
C ARG F 90 38.15 -4.48 -2.19
N ILE F 91 37.52 -3.43 -1.64
CA ILE F 91 38.23 -2.34 -0.97
C ILE F 91 37.77 -2.37 0.48
N THR F 92 38.72 -2.54 1.40
CA THR F 92 38.36 -2.75 2.80
C THR F 92 38.33 -1.45 3.59
N ASP F 93 39.45 -0.73 3.65
CA ASP F 93 39.54 0.50 4.42
C ASP F 93 40.25 1.55 3.58
N SER F 94 39.88 2.81 3.81
CA SER F 94 40.48 3.93 3.09
C SER F 94 40.28 5.19 3.91
N GLU F 95 41.32 6.03 3.95
CA GLU F 95 41.28 7.23 4.79
C GLU F 95 42.05 8.34 4.12
N ILE F 96 41.77 9.57 4.55
CA ILE F 96 42.52 10.76 4.16
C ILE F 96 43.22 11.28 5.41
N LEU F 97 44.54 11.39 5.36
CA LEU F 97 45.32 11.76 6.53
C LEU F 97 46.26 12.92 6.20
N THR F 98 46.45 13.77 7.19
CA THR F 98 47.31 14.94 7.09
C THR F 98 48.78 14.53 7.17
N SER F 99 49.69 15.46 6.90
CA SER F 99 51.11 15.16 6.82
C SER F 99 51.67 14.56 8.10
N SER F 100 51.00 14.77 9.24
CA SER F 100 51.42 14.22 10.52
C SER F 100 50.31 13.38 11.14
N GLY F 101 49.63 12.60 10.30
CA GLY F 101 48.56 11.74 10.78
C GLY F 101 47.28 12.51 11.04
N GLY F 102 46.25 11.77 11.41
CA GLY F 102 44.96 12.36 11.70
C GLY F 102 43.98 12.28 10.55
N ASP F 103 43.00 11.38 10.67
CA ASP F 103 42.01 11.22 9.62
C ASP F 103 41.17 12.49 9.50
N VAL F 104 40.93 12.90 8.25
CA VAL F 104 40.20 14.14 7.99
C VAL F 104 39.09 13.88 6.98
N THR F 105 38.79 12.61 6.73
CA THR F 105 37.73 12.28 5.79
C THR F 105 36.37 12.66 6.35
N GLY F 106 35.48 13.11 5.47
CA GLY F 106 34.13 13.47 5.89
C GLY F 106 34.04 14.61 6.86
N SER F 107 35.12 15.38 7.03
CA SER F 107 35.17 16.48 7.98
C SER F 107 35.76 17.70 7.31
N ALA F 108 35.22 18.88 7.65
CA ALA F 108 35.73 20.12 7.09
C ALA F 108 37.13 20.39 7.59
N ILE F 109 37.98 20.86 6.68
CA ILE F 109 39.37 21.19 7.01
C ILE F 109 39.68 22.59 6.50
N SER F 110 40.62 23.26 7.16
CA SER F 110 41.01 24.60 6.75
C SER F 110 41.75 24.55 5.42
N SER F 111 41.50 25.57 4.58
CA SER F 111 42.17 25.62 3.29
C SER F 111 43.67 25.78 3.43
N SER F 112 44.12 26.50 4.47
CA SER F 112 45.55 26.69 4.67
C SER F 112 46.25 25.37 4.98
N ASP F 113 45.65 24.53 5.83
CA ASP F 113 46.26 23.27 6.22
C ASP F 113 45.99 22.15 5.24
N ALA F 114 45.07 22.34 4.30
CA ALA F 114 44.76 21.31 3.32
C ALA F 114 45.73 21.38 2.15
N GLY F 115 47.03 21.32 2.42
CA GLY F 115 48.01 21.42 1.36
C GLY F 115 48.98 20.24 1.31
N ASN F 116 48.88 19.34 2.28
CA ASN F 116 49.73 18.16 2.32
C ASN F 116 48.91 16.93 2.68
N LEU F 117 47.72 16.82 2.11
CA LEU F 117 46.86 15.69 2.39
C LEU F 117 47.36 14.44 1.66
N TYR F 118 46.93 13.29 2.16
CA TYR F 118 47.26 11.99 1.58
C TYR F 118 46.00 11.15 1.46
N VAL F 119 46.01 10.26 0.47
CA VAL F 119 44.92 9.32 0.25
C VAL F 119 45.50 7.91 0.29
N ASN F 120 44.92 7.06 1.14
CA ASN F 120 45.36 5.69 1.30
C ASN F 120 44.16 4.75 1.28
N ALA F 121 44.41 3.50 0.92
CA ALA F 121 43.34 2.51 0.84
C ALA F 121 43.95 1.12 0.90
N ASP F 122 43.11 0.16 1.26
CA ASP F 122 43.44 -1.26 1.19
C ASP F 122 42.48 -1.94 0.23
N TYR F 123 43.02 -2.66 -0.74
CA TYR F 123 42.20 -3.32 -1.74
C TYR F 123 42.65 -4.77 -1.89
N ASN F 124 41.70 -5.63 -2.28
CA ASN F 124 41.99 -7.05 -2.43
C ASN F 124 42.78 -7.34 -3.70
N TYR F 125 42.53 -6.58 -4.77
CA TYR F 125 43.10 -6.87 -6.09
C TYR F 125 44.40 -6.10 -6.25
N GLU F 126 45.48 -6.67 -5.72
CA GLU F 126 46.80 -6.10 -5.90
C GLU F 126 47.62 -6.82 -6.97
N SER F 127 47.37 -8.11 -7.18
CA SER F 127 48.10 -8.84 -8.20
C SER F 127 47.64 -8.44 -9.60
N ALA F 128 46.40 -8.01 -9.74
CA ALA F 128 45.81 -7.76 -11.06
C ALA F 128 45.91 -6.29 -11.49
N GLU F 129 45.29 -5.38 -10.74
CA GLU F 129 45.18 -4.00 -11.17
C GLU F 129 45.37 -3.06 -9.98
N LYS F 130 46.06 -1.95 -10.23
CA LYS F 130 46.12 -0.89 -9.24
C LYS F 130 44.78 -0.14 -9.19
N VAL F 131 44.63 0.70 -8.18
CA VAL F 131 43.40 1.46 -7.98
C VAL F 131 43.68 2.93 -8.23
N GLU F 132 42.83 3.57 -9.03
CA GLU F 132 43.00 4.96 -9.42
C GLU F 132 42.37 5.89 -8.40
N VAL F 133 42.87 7.12 -8.37
CA VAL F 133 42.29 8.19 -7.55
C VAL F 133 41.89 9.32 -8.48
N THR F 134 40.68 9.84 -8.30
CA THR F 134 40.15 10.89 -9.14
C THR F 134 39.42 11.89 -8.25
N VAL F 135 40.00 13.07 -8.09
CA VAL F 135 39.37 14.12 -7.29
C VAL F 135 38.34 14.85 -8.14
N GLU F 136 37.16 15.05 -7.59
CA GLU F 136 36.06 15.70 -8.29
C GLU F 136 35.58 16.90 -7.50
N ASP F 137 35.44 18.04 -8.18
CA ASP F 137 34.90 19.23 -7.56
C ASP F 137 33.40 19.06 -7.31
N PRO F 138 32.82 19.90 -6.44
CA PRO F 138 31.36 19.82 -6.24
C PRO F 138 30.56 20.04 -7.51
N SER F 139 31.11 20.77 -8.47
CA SER F 139 30.45 20.91 -9.77
C SER F 139 30.50 19.62 -10.58
N GLY F 140 31.41 18.70 -10.25
CA GLY F 140 31.49 17.43 -10.95
C GLY F 140 32.44 17.42 -12.11
N THR F 141 33.69 17.85 -11.89
CA THR F 141 34.68 17.89 -12.95
C THR F 141 36.00 17.33 -12.43
N ASP F 142 36.71 16.61 -13.29
CA ASP F 142 37.98 15.98 -12.92
C ASP F 142 39.05 17.04 -12.75
N ILE F 143 39.44 17.28 -11.49
CA ILE F 143 40.49 18.24 -11.18
C ILE F 143 41.76 17.53 -10.70
N THR F 144 41.92 16.25 -11.04
CA THR F 144 43.00 15.45 -10.49
C THR F 144 44.36 16.00 -10.89
N ASN F 145 44.53 16.38 -12.17
CA ASN F 145 45.83 16.83 -12.62
C ASN F 145 46.25 18.14 -11.97
N GLU F 146 45.29 18.95 -11.52
CA GLU F 146 45.64 20.20 -10.84
C GLU F 146 46.14 19.96 -9.42
N VAL F 147 45.54 18.99 -8.71
CA VAL F 147 45.85 18.79 -7.30
C VAL F 147 46.86 17.68 -7.06
N LEU F 148 47.21 16.91 -8.08
CA LEU F 148 48.15 15.81 -7.89
C LEU F 148 49.53 16.34 -7.50
N SER F 149 50.18 15.63 -6.57
CA SER F 149 51.50 16.01 -6.10
C SER F 149 52.56 14.94 -6.30
N GLY F 150 52.19 13.67 -6.33
CA GLY F 150 53.17 12.62 -6.51
C GLY F 150 52.52 11.25 -6.49
N THR F 151 53.38 10.24 -6.61
CA THR F 151 53.03 8.81 -6.54
C THR F 151 52.32 8.35 -7.81
N ASP F 152 52.03 9.29 -8.72
CA ASP F 152 51.49 8.97 -10.05
C ASP F 152 50.12 8.31 -9.97
N THR F 153 49.26 8.83 -9.09
CA THR F 153 47.83 8.51 -9.08
C THR F 153 47.57 7.06 -8.65
N PHE F 154 48.62 6.27 -8.49
CA PHE F 154 48.51 4.88 -8.09
C PHE F 154 48.86 4.74 -6.61
N VAL F 155 47.95 4.15 -5.83
CA VAL F 155 48.18 3.90 -4.42
C VAL F 155 48.33 2.39 -4.22
N ASP F 156 49.34 2.00 -3.44
CA ASP F 156 49.66 0.60 -3.25
C ASP F 156 48.75 -0.03 -2.20
N ASP F 157 48.80 -1.35 -2.12
CA ASP F 157 48.08 -2.06 -1.08
C ASP F 157 48.77 -1.85 0.27
N GLY F 158 47.99 -2.00 1.33
CA GLY F 158 48.50 -1.65 2.65
C GLY F 158 48.71 -0.15 2.72
N SER F 159 49.82 0.25 3.35
CA SER F 159 50.27 1.63 3.41
C SER F 159 49.25 2.56 4.04
N ILE F 160 48.37 2.05 4.88
CA ILE F 160 47.47 2.90 5.65
C ILE F 160 48.24 3.46 6.85
N GLY F 161 48.13 4.77 7.05
CA GLY F 161 48.95 5.47 8.02
C GLY F 161 50.25 5.99 7.48
N SER F 162 50.49 5.89 6.18
CA SER F 162 51.71 6.41 5.56
C SER F 162 51.58 7.92 5.41
N THR F 163 52.38 8.66 6.14
CA THR F 163 52.35 10.11 6.12
C THR F 163 53.35 10.71 5.15
N SER F 164 54.10 9.89 4.42
CA SER F 164 55.12 10.38 3.51
C SER F 164 54.89 9.80 2.12
N SER F 165 55.34 10.55 1.11
CA SER F 165 55.20 10.11 -0.27
C SER F 165 56.07 8.90 -0.59
N THR F 166 57.01 8.53 0.28
CA THR F 166 57.83 7.35 0.04
C THR F 166 56.98 6.09 0.02
N GLY F 167 56.04 5.97 0.96
CA GLY F 167 55.14 4.84 0.98
C GLY F 167 54.00 4.99 0.00
N GLY F 168 53.21 3.92 -0.12
CA GLY F 168 52.07 3.97 -1.01
C GLY F 168 51.04 4.99 -0.54
N GLY F 169 50.47 5.69 -1.51
CA GLY F 169 49.49 6.73 -1.23
C GLY F 169 49.82 7.94 -2.06
N VAL F 170 48.77 8.68 -2.47
CA VAL F 170 48.92 9.84 -3.33
C VAL F 170 48.63 11.10 -2.50
N GLY F 171 49.46 12.12 -2.70
CA GLY F 171 49.27 13.39 -2.04
C GLY F 171 48.54 14.37 -2.95
N ILE F 172 47.60 15.11 -2.36
CA ILE F 172 46.81 16.10 -3.07
C ILE F 172 46.96 17.43 -2.37
N ASP F 173 47.21 18.50 -3.12
CA ASP F 173 47.36 19.84 -2.57
C ASP F 173 46.07 20.58 -2.90
N MET F 174 45.10 20.48 -2.00
CA MET F 174 43.79 21.08 -2.17
C MET F 174 43.70 22.48 -1.57
N SER F 175 44.85 23.12 -1.33
CA SER F 175 44.87 24.46 -0.76
C SER F 175 44.39 25.52 -1.74
N ASP F 176 44.74 25.37 -3.02
CA ASP F 176 44.42 26.40 -4.00
C ASP F 176 42.93 26.43 -4.34
N GLN F 177 42.25 25.30 -4.23
CA GLN F 177 40.84 25.25 -4.59
C GLN F 177 40.00 26.04 -3.59
N ASP F 178 38.83 26.48 -4.04
CA ASP F 178 37.95 27.28 -3.21
C ASP F 178 37.27 26.40 -2.16
N ALA F 179 36.39 27.03 -1.39
CA ALA F 179 35.67 26.32 -0.34
C ALA F 179 34.52 25.50 -0.94
N GLY F 180 34.39 24.27 -0.48
CA GLY F 180 33.33 23.40 -0.95
C GLY F 180 33.54 21.99 -0.47
N GLU F 181 32.61 21.12 -0.85
CA GLU F 181 32.65 19.71 -0.47
C GLU F 181 33.08 18.91 -1.69
N TYR F 182 34.16 18.16 -1.55
CA TYR F 182 34.79 17.46 -2.66
C TYR F 182 34.72 15.95 -2.44
N THR F 183 34.72 15.21 -3.54
CA THR F 183 34.61 13.76 -3.50
C THR F 183 35.81 13.14 -4.18
N ILE F 184 36.51 12.27 -3.45
CA ILE F 184 37.63 11.50 -3.98
C ILE F 184 37.11 10.13 -4.40
N ILE F 185 37.41 9.74 -5.64
CA ILE F 185 36.87 8.51 -6.22
C ILE F 185 37.99 7.52 -6.40
N LEU F 186 37.83 6.32 -5.85
CA LEU F 186 38.79 5.24 -6.00
C LEU F 186 38.14 4.10 -6.78
N GLU F 187 38.85 3.58 -7.77
CA GLU F 187 38.35 2.49 -8.58
C GLU F 187 39.54 1.83 -9.27
N GLY F 188 39.31 0.62 -9.77
CA GLY F 188 40.37 -0.14 -10.39
C GLY F 188 40.88 0.51 -11.66
N ALA F 189 42.06 0.06 -12.08
CA ALA F 189 42.72 0.66 -13.23
C ALA F 189 41.92 0.43 -14.50
N GLU F 190 41.56 -0.82 -14.78
CA GLU F 190 40.88 -1.16 -16.03
C GLU F 190 39.47 -1.70 -15.81
N ASP F 191 39.30 -2.76 -15.02
CA ASP F 191 38.05 -3.51 -15.03
C ASP F 191 37.33 -3.54 -13.69
N LEU F 192 38.08 -3.58 -12.58
CA LEU F 192 37.47 -3.76 -11.26
C LEU F 192 37.07 -2.40 -10.70
N ASP F 193 35.95 -1.88 -11.20
CA ASP F 193 35.43 -0.59 -10.75
C ASP F 193 33.97 -0.65 -10.33
N PHE F 194 33.36 -1.82 -10.30
CA PHE F 194 31.95 -1.95 -9.93
C PHE F 194 31.80 -1.94 -8.41
N GLY F 195 30.61 -2.29 -7.94
CA GLY F 195 30.33 -2.27 -6.52
C GLY F 195 31.29 -3.14 -5.73
N ASP F 196 31.60 -2.68 -4.52
CA ASP F 196 32.53 -3.29 -3.57
C ASP F 196 33.98 -3.22 -4.04
N ALA F 197 34.24 -2.72 -5.24
CA ALA F 197 35.59 -2.48 -5.71
C ALA F 197 35.90 -1.01 -5.88
N THR F 198 34.93 -0.13 -5.64
CA THR F 198 35.12 1.31 -5.71
C THR F 198 34.52 1.97 -4.48
N GLU F 199 35.13 3.08 -4.06
CA GLU F 199 34.67 3.81 -2.89
C GLU F 199 34.84 5.31 -3.12
N THR F 200 33.86 6.09 -2.68
CA THR F 200 33.89 7.54 -2.79
C THR F 200 34.14 8.13 -1.40
N MET F 201 35.30 8.74 -1.21
CA MET F 201 35.63 9.43 0.04
C MET F 201 35.40 10.91 -0.12
N THR F 202 34.54 11.47 0.73
CA THR F 202 34.17 12.88 0.62
C THR F 202 35.14 13.73 1.43
N LEU F 203 35.15 15.02 1.12
CA LEU F 203 36.03 15.96 1.82
C LEU F 203 35.45 17.36 1.69
N THR F 204 35.44 18.09 2.80
CA THR F 204 34.86 19.43 2.87
C THR F 204 35.97 20.45 3.04
N ILE F 205 35.96 21.47 2.19
CA ILE F 205 36.89 22.59 2.26
C ILE F 205 36.10 23.85 2.57
N SER F 206 36.53 24.58 3.58
CA SER F 206 35.84 25.79 4.00
C SER F 206 36.84 26.72 4.69
N SER F 207 36.42 27.96 4.89
CA SER F 207 37.23 28.93 5.62
C SER F 207 37.49 28.43 7.03
N GLN F 208 38.68 28.73 7.54
CA GLN F 208 39.09 28.20 8.84
C GLN F 208 38.31 28.86 9.96
N ASP F 209 37.24 28.22 10.44
CA ASP F 209 36.57 28.81 11.62
C ASP F 209 37.52 28.70 12.82
N GLU F 210 37.83 29.84 13.50
CA GLU F 210 38.74 29.84 14.67
C GLU F 210 38.15 28.95 15.77
N ILE F 211 38.94 28.57 16.78
CA ILE F 211 38.38 27.64 17.74
C ILE F 211 37.11 28.22 18.34
N GLY F 212 36.03 27.44 18.31
CA GLY F 212 34.74 27.84 18.85
C GLY F 212 34.41 27.03 20.09
N ILE F 213 33.88 27.70 21.10
CA ILE F 213 33.53 27.08 22.37
C ILE F 213 32.10 27.46 22.73
N GLU F 214 31.32 26.48 23.18
CA GLU F 214 29.95 26.71 23.58
C GLU F 214 29.65 25.95 24.86
N LEU F 215 28.68 26.46 25.61
CA LEU F 215 28.25 25.84 26.86
C LEU F 215 26.77 25.50 26.78
N ASP F 216 26.39 24.36 27.34
CA ASP F 216 24.99 23.97 27.39
C ASP F 216 24.16 24.92 28.25
N SER F 217 24.80 25.70 29.13
CA SER F 217 24.11 26.70 29.92
C SER F 217 25.07 27.82 30.27
N GLU F 218 24.54 29.02 30.40
CA GLU F 218 25.33 30.19 30.79
C GLU F 218 25.05 30.66 32.20
N SER F 219 23.81 30.58 32.67
CA SER F 219 23.45 30.98 34.03
C SER F 219 23.26 29.71 34.86
N VAL F 220 24.22 29.41 35.73
CA VAL F 220 24.18 28.23 36.59
C VAL F 220 24.55 28.64 38.01
N THR F 221 24.25 27.74 38.94
CA THR F 221 24.61 27.92 40.33
C THR F 221 25.83 27.08 40.66
N GLN F 222 26.30 27.17 41.91
CA GLN F 222 27.42 26.36 42.34
C GLN F 222 27.02 24.90 42.38
N GLY F 223 28.01 24.02 42.24
CA GLY F 223 27.78 22.59 42.26
C GLY F 223 27.29 22.00 40.96
N THR F 224 26.64 22.79 40.11
CA THR F 224 26.11 22.30 38.85
C THR F 224 27.23 22.18 37.83
N ASP F 225 27.49 20.95 37.37
CA ASP F 225 28.52 20.72 36.38
C ASP F 225 28.07 21.25 35.02
N VAL F 226 29.01 21.85 34.29
CA VAL F 226 28.76 22.44 32.98
C VAL F 226 29.67 21.78 31.97
N GLN F 227 29.11 21.36 30.84
CA GLN F 227 29.85 20.72 29.77
C GLN F 227 30.24 21.74 28.71
N TYR F 228 31.53 21.83 28.41
CA TYR F 228 32.05 22.73 27.39
C TYR F 228 32.56 21.95 26.20
N THR F 229 32.28 22.44 25.00
CA THR F 229 32.66 21.78 23.77
C THR F 229 33.61 22.67 22.98
N VAL F 230 34.69 22.08 22.47
CA VAL F 230 35.63 22.76 21.59
C VAL F 230 35.27 22.40 20.15
N THR F 231 35.23 23.41 19.28
CA THR F 231 34.69 23.25 17.93
C THR F 231 35.67 23.79 16.91
N ASN F 232 35.69 23.15 15.74
CA ASN F 232 36.48 23.59 14.59
C ASN F 232 37.98 23.61 14.92
N GLY F 233 38.50 22.41 15.21
CA GLY F 233 39.91 22.23 15.47
C GLY F 233 40.47 21.11 14.62
N ILE F 234 41.80 21.16 14.44
CA ILE F 234 42.46 20.14 13.64
C ILE F 234 42.50 18.82 14.42
N ASP F 235 42.10 17.74 13.76
CA ASP F 235 41.98 16.46 14.43
C ASP F 235 43.35 15.93 14.83
N GLY F 236 43.39 15.25 15.98
CA GLY F 236 44.61 14.60 16.42
C GLY F 236 45.58 15.50 17.15
N ASN F 237 45.20 16.74 17.44
CA ASN F 237 46.08 17.67 18.14
C ASN F 237 45.47 18.07 19.48
N GLU F 238 46.33 18.45 20.41
CA GLU F 238 45.96 18.64 21.81
C GLU F 238 45.77 20.13 22.09
N HIS F 239 44.54 20.53 22.38
CA HIS F 239 44.27 21.87 22.84
C HIS F 239 44.52 21.97 24.35
N VAL F 240 44.49 23.20 24.85
CA VAL F 240 44.61 23.46 26.28
C VAL F 240 43.54 24.46 26.68
N VAL F 241 42.68 24.08 27.60
CA VAL F 241 41.66 24.97 28.15
C VAL F 241 42.13 25.42 29.52
N ALA F 242 42.22 26.74 29.71
CA ALA F 242 42.84 27.31 30.89
C ALA F 242 41.78 27.89 31.84
N MET F 243 42.13 27.92 33.11
CA MET F 243 41.27 28.44 34.17
C MET F 243 42.08 29.38 35.05
N ASP F 244 41.67 30.65 35.09
CA ASP F 244 42.37 31.63 35.90
C ASP F 244 42.08 31.40 37.37
N LEU F 245 43.14 31.31 38.18
CA LEU F 245 42.99 31.04 39.59
C LEU F 245 42.37 32.20 40.38
N SER F 246 42.28 33.38 39.77
CA SER F 246 41.63 34.49 40.44
C SER F 246 40.13 34.23 40.60
N ASP F 247 39.52 33.52 39.65
CA ASP F 247 38.11 33.18 39.77
C ASP F 247 37.86 32.10 40.81
N LEU F 248 38.91 31.39 41.24
CA LEU F 248 38.76 30.36 42.25
C LEU F 248 38.45 30.98 43.61
N GLN F 249 37.77 30.20 44.45
CA GLN F 249 37.50 30.65 45.82
C GLN F 249 38.81 30.74 46.60
N ASN F 250 38.89 31.76 47.46
CA ASN F 250 40.14 32.04 48.17
C ASN F 250 40.50 30.92 49.14
N ASP F 251 39.51 30.29 49.74
CA ASP F 251 39.73 29.27 50.76
C ASP F 251 39.96 27.88 50.16
N ALA F 252 40.33 27.79 48.88
CA ALA F 252 40.58 26.51 48.26
C ALA F 252 41.99 26.03 48.58
N THR F 253 42.19 24.72 48.43
CA THR F 253 43.47 24.07 48.70
C THR F 253 44.09 23.59 47.39
N THR F 254 45.26 22.97 47.52
CA THR F 254 45.97 22.46 46.35
C THR F 254 45.18 21.35 45.67
N GLU F 255 44.74 20.36 46.46
CA GLU F 255 43.93 19.29 45.90
C GLU F 255 42.55 19.77 45.50
N GLN F 256 42.09 20.91 46.02
CA GLN F 256 40.78 21.42 45.69
C GLN F 256 40.75 22.13 44.34
N ALA F 257 41.91 22.53 43.82
CA ALA F 257 41.98 23.23 42.54
C ALA F 257 42.26 22.32 41.36
N LYS F 258 42.75 21.11 41.61
CA LYS F 258 43.08 20.18 40.54
C LYS F 258 41.86 19.40 40.05
N GLU F 259 40.68 19.65 40.62
CA GLU F 259 39.46 18.94 40.23
C GLU F 259 38.43 19.90 39.64
N VAL F 260 38.84 21.08 39.18
CA VAL F 260 37.91 21.98 38.51
C VAL F 260 37.46 21.38 37.18
N PHE F 261 38.40 20.85 36.41
CA PHE F 261 38.10 20.15 35.16
C PHE F 261 38.02 18.65 35.41
N ARG F 262 36.99 18.02 34.87
CA ARG F 262 36.80 16.60 35.03
C ARG F 262 37.46 15.83 33.89
N ASN F 263 37.67 14.54 34.11
CA ASN F 263 38.14 13.64 33.06
C ASN F 263 37.04 13.24 32.09
N ILE F 264 35.88 13.88 32.18
CA ILE F 264 34.78 13.60 31.26
C ILE F 264 35.20 13.92 29.83
N GLY F 265 34.64 13.17 28.88
CA GLY F 265 34.89 13.46 27.48
C GLY F 265 36.29 13.10 27.05
N ASP F 266 36.85 13.94 26.16
CA ASP F 266 38.14 13.68 25.54
C ASP F 266 39.31 14.25 26.32
N THR F 267 39.08 14.73 27.54
CA THR F 267 40.16 15.30 28.33
C THR F 267 41.24 14.26 28.59
N SER F 268 42.50 14.69 28.47
CA SER F 268 43.64 13.80 28.64
C SER F 268 44.27 13.92 30.02
N GLU F 269 44.70 15.12 30.39
CA GLU F 269 45.30 15.36 31.69
C GLU F 269 44.70 16.61 32.32
N VAL F 270 44.61 16.61 33.65
CA VAL F 270 44.07 17.72 34.41
C VAL F 270 45.07 18.08 35.49
N GLY F 271 45.12 19.36 35.85
CA GLY F 271 46.00 19.82 36.89
C GLY F 271 46.13 21.33 36.86
N ILE F 272 47.12 21.81 37.60
CA ILE F 272 47.43 23.24 37.66
C ILE F 272 48.88 23.44 37.23
N ALA F 273 49.10 24.44 36.40
CA ALA F 273 50.41 24.70 35.83
C ALA F 273 50.91 26.09 36.19
N ASN F 274 52.23 26.27 36.08
CA ASN F 274 52.88 27.56 36.30
C ASN F 274 53.81 27.81 35.12
N SER F 275 54.44 28.98 35.11
CA SER F 275 55.34 29.33 34.02
C SER F 275 56.58 28.44 33.97
N SER F 276 56.89 27.75 35.06
CA SER F 276 58.06 26.87 35.11
C SER F 276 57.70 25.39 35.19
N ALA F 277 56.74 25.02 36.03
CA ALA F 277 56.38 23.61 36.20
C ALA F 277 54.87 23.50 36.31
N THR F 278 54.39 22.25 36.31
CA THR F 278 52.97 21.96 36.39
C THR F 278 52.70 20.91 37.45
N ASN F 279 51.51 21.00 38.06
CA ASN F 279 51.06 20.04 39.07
C ASN F 279 49.82 19.36 38.51
N THR F 280 49.97 18.12 38.04
CA THR F 280 48.86 17.38 37.48
C THR F 280 48.07 16.68 38.59
N SER F 281 46.97 16.06 38.19
CA SER F 281 46.14 15.32 39.13
C SER F 281 46.80 14.02 39.58
N GLY F 282 47.88 13.60 38.92
CA GLY F 282 48.55 12.36 39.32
C GLY F 282 49.17 12.45 40.70
N SER F 283 49.85 13.57 41.00
CA SER F 283 50.52 13.72 42.28
C SER F 283 50.58 15.20 42.63
N SER F 284 50.74 15.47 43.92
CA SER F 284 50.89 16.84 44.43
C SER F 284 52.38 17.15 44.63
N THR F 285 53.08 17.24 43.50
CA THR F 285 54.52 17.48 43.51
C THR F 285 54.91 18.85 42.99
N GLY F 286 54.19 19.38 42.00
CA GLY F 286 54.52 20.66 41.43
C GLY F 286 54.08 21.82 42.29
N PRO F 287 53.68 22.93 41.67
CA PRO F 287 53.27 24.10 42.43
C PRO F 287 52.01 23.86 43.23
N THR F 288 51.90 24.56 44.36
CA THR F 288 50.72 24.49 45.20
C THR F 288 49.67 25.48 44.69
N VAL F 289 48.53 25.54 45.38
CA VAL F 289 47.45 26.43 44.94
C VAL F 289 47.88 27.89 45.01
N GLU F 290 48.62 28.27 46.06
CA GLU F 290 49.13 29.63 46.12
C GLU F 290 50.34 29.81 45.21
N THR F 291 51.11 28.74 45.01
CA THR F 291 52.29 28.84 44.14
C THR F 291 51.90 28.88 42.67
N ALA F 292 50.94 28.08 42.25
CA ALA F 292 50.51 28.02 40.87
C ALA F 292 49.63 29.23 40.53
N ASP F 293 49.40 29.42 39.23
CA ASP F 293 48.60 30.55 38.76
C ASP F 293 47.54 30.19 37.73
N ILE F 294 47.59 29.00 37.12
CA ILE F 294 46.62 28.61 36.11
C ILE F 294 46.16 27.19 36.38
N ALA F 295 44.90 26.92 36.03
CA ALA F 295 44.34 25.58 36.04
C ALA F 295 43.98 25.18 34.62
N TYR F 296 44.43 24.00 34.20
CA TYR F 296 44.33 23.62 32.80
C TYR F 296 43.81 22.18 32.69
N ALA F 297 43.43 21.83 31.46
CA ALA F 297 43.04 20.46 31.14
C ALA F 297 43.30 20.24 29.66
N VAL F 298 44.41 19.58 29.34
CA VAL F 298 44.75 19.31 27.96
C VAL F 298 43.73 18.34 27.36
N VAL F 299 43.17 18.70 26.21
CA VAL F 299 42.10 17.95 25.59
C VAL F 299 42.42 17.75 24.12
N GLU F 300 42.19 16.53 23.63
CA GLU F 300 42.36 16.22 22.22
C GLU F 300 41.05 16.46 21.49
N ILE F 301 40.98 16.02 20.23
CA ILE F 301 39.75 16.13 19.45
C ILE F 301 39.67 14.94 18.51
N ASP F 302 38.48 14.35 18.41
CA ASP F 302 38.22 13.20 17.55
C ASP F 302 37.05 13.56 16.65
N GLY F 303 37.34 13.89 15.40
CA GLY F 303 36.32 14.32 14.46
C GLY F 303 36.35 15.82 14.25
N ALA F 304 35.21 16.48 14.43
CA ALA F 304 35.12 17.93 14.30
C ALA F 304 35.06 18.66 15.63
N SER F 305 34.73 17.98 16.71
CA SER F 305 34.57 18.64 18.00
C SER F 305 34.89 17.67 19.12
N ALA F 306 35.22 18.24 20.28
CA ALA F 306 35.44 17.47 21.50
C ALA F 306 34.71 18.15 22.65
N VAL F 307 34.32 17.34 23.64
CA VAL F 307 33.50 17.82 24.75
C VAL F 307 34.24 17.55 26.06
N GLY F 308 34.20 18.53 26.96
CA GLY F 308 34.75 18.36 28.29
C GLY F 308 33.74 18.76 29.34
N GLY F 309 34.20 19.08 30.55
CA GLY F 309 33.30 19.49 31.61
C GLY F 309 34.03 20.22 32.71
N ILE F 310 33.27 21.02 33.46
CA ILE F 310 33.82 21.80 34.56
C ILE F 310 32.93 21.60 35.78
N GLU F 311 33.51 21.86 36.96
CA GLU F 311 32.80 21.81 38.23
C GLU F 311 32.66 23.23 38.76
N THR F 312 31.49 23.83 38.56
CA THR F 312 31.27 25.21 39.03
C THR F 312 31.34 25.31 40.55
N GLN F 313 31.35 24.19 41.26
CA GLN F 313 31.54 24.19 42.69
C GLN F 313 32.90 24.79 43.06
N TYR F 314 32.93 25.47 44.20
CA TYR F 314 34.09 26.25 44.65
C TYR F 314 34.56 27.25 43.58
N LEU F 315 33.63 28.07 43.10
CA LEU F 315 33.93 29.14 42.16
C LEU F 315 33.32 30.43 42.67
N ASP F 316 34.03 31.54 42.47
CA ASP F 316 33.54 32.83 42.94
C ASP F 316 32.26 33.22 42.22
N ASP F 317 31.34 33.83 42.96
CA ASP F 317 30.04 34.22 42.40
C ASP F 317 30.25 35.50 41.59
N SER F 318 30.72 35.31 40.37
CA SER F 318 30.96 36.41 39.44
C SER F 318 31.05 35.84 38.04
N GLU F 319 31.45 36.68 37.08
CA GLU F 319 31.61 36.21 35.71
C GLU F 319 32.83 35.30 35.64
N VAL F 320 32.66 34.15 34.98
CA VAL F 320 33.69 33.13 34.87
C VAL F 320 34.00 32.89 33.39
N ASP F 321 35.28 32.93 33.05
CA ASP F 321 35.73 32.81 31.67
C ASP F 321 36.46 31.49 31.44
N LEU F 322 36.44 31.05 30.18
CA LEU F 322 37.19 29.87 29.73
C LEU F 322 38.07 30.27 28.57
N GLU F 323 39.35 29.91 28.63
CA GLU F 323 40.34 30.30 27.64
C GLU F 323 40.91 29.07 26.96
N VAL F 324 40.89 29.06 25.63
CA VAL F 324 41.48 27.99 24.84
C VAL F 324 42.76 28.51 24.19
N TYR F 325 43.61 27.55 23.80
CA TYR F 325 44.93 27.87 23.27
C TYR F 325 45.17 27.06 22.01
N ASP F 326 46.13 27.51 21.21
CA ASP F 326 46.39 26.88 19.93
C ASP F 326 46.93 25.46 20.10
N ALA F 327 46.76 24.66 19.06
CA ALA F 327 47.18 23.27 19.11
C ALA F 327 48.69 23.15 19.24
N GLY F 328 49.13 22.19 20.04
CA GLY F 328 50.54 21.92 20.24
C GLY F 328 51.20 22.71 21.35
N VAL F 329 50.48 23.63 21.99
CA VAL F 329 51.06 24.44 23.06
C VAL F 329 51.17 23.60 24.32
N SER F 330 52.22 23.85 25.09
CA SER F 330 52.43 23.16 26.35
C SER F 330 51.65 23.85 27.47
N ALA F 331 51.47 23.13 28.57
CA ALA F 331 50.72 23.67 29.70
C ALA F 331 51.49 24.80 30.37
N THR F 332 52.77 24.60 30.64
CA THR F 332 53.57 25.61 31.32
C THR F 332 53.75 26.85 30.44
N ALA F 333 53.95 26.66 29.15
CA ALA F 333 54.21 27.76 28.23
C ALA F 333 52.94 28.53 27.84
N ALA F 334 51.77 28.09 28.28
CA ALA F 334 50.51 28.73 27.91
C ALA F 334 50.07 29.78 28.90
N VAL F 335 50.85 30.07 29.93
CA VAL F 335 50.44 31.03 30.95
C VAL F 335 50.39 32.45 30.39
N GLY F 336 51.31 32.80 29.51
CA GLY F 336 51.42 34.16 29.05
C GLY F 336 50.75 34.45 27.72
N GLN F 337 50.75 33.47 26.83
CA GLN F 337 50.18 33.67 25.49
C GLN F 337 48.68 33.92 25.59
N ASP F 338 48.18 34.83 24.75
CA ASP F 338 46.77 35.18 24.77
C ASP F 338 45.93 34.03 24.22
N ALA F 339 44.68 33.97 24.67
CA ALA F 339 43.77 32.92 24.27
C ALA F 339 43.25 33.16 22.86
N THR F 340 43.15 32.08 22.08
CA THR F 340 42.59 32.19 20.74
C THR F 340 41.13 32.62 20.77
N ASN F 341 40.35 32.07 21.70
CA ASN F 341 38.96 32.45 21.86
C ASN F 341 38.60 32.35 23.34
N ASP F 342 37.37 32.71 23.66
CA ASP F 342 36.92 32.71 25.06
C ASP F 342 35.41 32.58 25.12
N ILE F 343 34.92 32.24 26.31
CA ILE F 343 33.50 32.17 26.60
C ILE F 343 33.31 32.43 28.08
N THR F 344 32.25 33.14 28.43
CA THR F 344 32.02 33.58 29.81
C THR F 344 30.65 33.13 30.29
N LEU F 345 30.58 32.76 31.58
CA LEU F 345 29.32 32.39 32.22
C LEU F 345 29.28 33.02 33.59
N THR F 346 28.06 33.19 34.10
CA THR F 346 27.83 33.80 35.41
C THR F 346 27.41 32.75 36.43
N ILE F 347 27.87 32.92 37.66
CA ILE F 347 27.57 31.99 38.76
C ILE F 347 26.96 32.78 39.91
N GLU F 348 25.83 32.30 40.43
CA GLU F 348 25.15 32.92 41.55
C GLU F 348 24.99 31.92 42.68
N GLU F 349 24.66 32.43 43.88
CA GLU F 349 24.43 31.53 45.05
C GLU F 349 22.97 31.06 45.11
N GLY F 350 22.74 29.80 45.52
CA GLY F 350 21.37 29.24 45.56
C GLY F 350 20.63 29.58 46.84
N GLY F 351 19.45 28.98 47.05
CA GLY F 351 18.61 29.32 48.22
C GLY F 351 18.34 28.11 49.10
N THR F 352 18.41 28.30 50.41
CA THR F 352 18.22 27.17 51.36
C THR F 352 17.21 27.57 52.45
N THR F 353 15.92 27.25 52.30
CA THR F 353 14.97 27.70 53.30
C THR F 353 14.23 26.50 53.90
N LEU F 354 13.70 26.71 55.10
CA LEU F 354 12.88 25.74 55.80
C LEU F 354 11.42 26.14 55.72
N SER F 355 10.53 25.13 55.74
CA SER F 355 9.11 25.37 55.57
C SER F 355 8.28 24.93 56.78
N SER F 356 8.46 23.71 57.25
CA SER F 356 7.58 23.17 58.29
C SER F 356 7.90 23.71 59.69
N PRO F 357 9.18 23.79 60.10
CA PRO F 357 9.40 24.28 61.49
C PRO F 357 9.24 25.80 61.58
N THR F 358 8.01 26.26 61.41
CA THR F 358 7.73 27.69 61.37
C THR F 358 6.41 27.99 62.08
N GLY F 359 6.37 29.13 62.75
CA GLY F 359 5.15 29.64 63.36
C GLY F 359 4.91 29.17 64.77
N GLN F 360 4.54 27.90 64.94
CA GLN F 360 4.19 27.37 66.26
C GLN F 360 4.83 26.00 66.44
N TYR F 361 5.04 25.63 67.69
CA TYR F 361 5.60 24.32 68.02
C TYR F 361 5.22 23.98 69.46
N VAL F 362 4.55 22.86 69.65
CA VAL F 362 4.22 22.38 70.99
C VAL F 362 5.45 21.71 71.58
N VAL F 363 5.80 22.10 72.81
CA VAL F 363 7.01 21.57 73.43
C VAL F 363 6.87 20.07 73.63
N GLY F 364 7.89 19.33 73.24
CA GLY F 364 7.89 17.89 73.33
C GLY F 364 7.27 17.17 72.15
N SER F 365 6.66 17.90 71.22
CA SER F 365 6.03 17.27 70.07
C SER F 365 7.08 16.93 69.01
N GLU F 366 6.67 16.10 68.05
CA GLU F 366 7.52 15.71 66.94
C GLU F 366 7.00 16.32 65.65
N VAL F 367 7.94 16.74 64.79
CA VAL F 367 7.59 17.41 63.53
C VAL F 367 8.67 17.06 62.51
N ASP F 368 8.29 17.09 61.24
CA ASP F 368 9.24 16.82 60.17
C ASP F 368 10.00 18.07 59.77
N ILE F 369 11.12 17.86 59.07
CA ILE F 369 11.95 18.93 58.55
C ILE F 369 11.66 19.05 57.07
N ASN F 370 11.04 20.16 56.66
CA ASN F 370 10.63 20.38 55.29
C ASN F 370 11.27 21.64 54.76
N GLY F 371 11.84 21.57 53.57
CA GLY F 371 12.49 22.73 52.98
C GLY F 371 13.07 22.39 51.63
N THR F 372 13.78 23.37 51.06
CA THR F 372 14.40 23.23 49.75
C THR F 372 15.82 23.76 49.80
N ALA F 373 16.66 23.24 48.89
CA ALA F 373 18.06 23.66 48.82
C ALA F 373 18.52 23.48 47.38
N THR F 374 18.73 24.60 46.68
CA THR F 374 19.08 24.54 45.27
C THR F 374 20.47 23.93 45.07
N SER F 375 21.46 24.44 45.80
CA SER F 375 22.85 23.99 45.66
C SER F 375 23.34 23.54 47.04
N SER F 376 23.11 22.28 47.36
CA SER F 376 23.51 21.75 48.65
C SER F 376 23.70 20.24 48.56
N ASP F 377 24.56 19.72 49.43
CA ASP F 377 24.76 18.29 49.59
C ASP F 377 24.42 17.83 51.00
N SER F 378 24.91 18.53 52.03
CA SER F 378 24.59 18.24 53.41
C SER F 378 24.13 19.52 54.08
N VAL F 379 23.06 19.42 54.86
CA VAL F 379 22.47 20.58 55.53
C VAL F 379 22.35 20.29 57.03
N ALA F 380 22.49 21.34 57.83
CA ALA F 380 22.41 21.24 59.27
C ALA F 380 21.44 22.27 59.80
N ILE F 381 20.85 21.98 60.96
CA ILE F 381 19.82 22.82 61.58
C ILE F 381 20.39 23.37 62.87
N TYR F 382 20.27 24.68 63.05
CA TYR F 382 20.81 25.37 64.22
C TYR F 382 19.71 26.18 64.88
N VAL F 383 19.84 26.38 66.19
CA VAL F 383 18.89 27.13 67.00
C VAL F 383 19.65 28.22 67.74
N ARG F 384 19.11 29.44 67.72
CA ARG F 384 19.76 30.59 68.35
C ARG F 384 18.79 31.28 69.30
N ASP F 385 19.33 31.74 70.43
CA ASP F 385 18.54 32.54 71.37
C ASP F 385 19.53 33.39 72.18
N ASP F 386 19.62 34.67 71.82
CA ASP F 386 20.45 35.65 72.55
C ASP F 386 21.90 35.18 72.67
N GLY F 387 22.45 34.67 71.57
CA GLY F 387 23.83 34.25 71.58
C GLY F 387 24.24 33.37 70.42
N ASP F 388 24.97 32.29 70.73
CA ASP F 388 25.50 31.41 69.71
C ASP F 388 24.40 30.56 69.08
N TRP F 389 24.68 30.07 67.87
CA TRP F 389 23.81 29.11 67.19
C TRP F 389 24.23 27.71 67.64
N GLN F 390 23.54 27.17 68.64
CA GLN F 390 23.86 25.84 69.13
C GLN F 390 23.40 24.79 68.11
N LEU F 391 24.29 23.85 67.80
CA LEU F 391 23.96 22.81 66.84
C LEU F 391 22.90 21.88 67.40
N LEU F 392 21.93 21.50 66.56
CA LEU F 392 20.89 20.57 66.92
C LEU F 392 21.26 19.20 66.38
N GLU F 393 21.41 18.23 67.28
CA GLU F 393 21.86 16.88 66.94
C GLU F 393 20.68 16.10 66.38
N ILE F 394 20.46 16.21 65.07
CA ILE F 394 19.33 15.52 64.45
C ILE F 394 19.50 14.01 64.51
N GLY F 395 20.74 13.53 64.60
CA GLY F 395 20.98 12.11 64.64
C GLY F 395 22.04 11.63 63.66
N GLY F 396 21.62 10.81 62.70
CA GLY F 396 22.55 10.21 61.75
C GLY F 396 23.27 11.20 60.86
N ASP F 397 24.57 11.36 61.08
CA ASP F 397 25.49 12.17 60.28
C ASP F 397 25.18 13.66 60.32
N ASN F 398 24.14 14.08 61.05
CA ASN F 398 23.79 15.49 61.19
C ASN F 398 23.65 16.18 59.83
N GLU F 399 23.01 15.49 58.89
CA GLU F 399 22.85 16.03 57.55
C GLU F 399 21.64 15.41 56.89
N ILE F 400 21.14 16.09 55.86
CA ILE F 400 20.04 15.61 55.03
C ILE F 400 20.43 15.78 53.57
N SER F 401 20.25 14.72 52.78
CA SER F 401 20.55 14.79 51.36
C SER F 401 19.45 15.52 50.61
N VAL F 402 19.79 16.02 49.42
CA VAL F 402 18.87 16.76 48.57
C VAL F 402 18.66 15.98 47.28
N ASP F 403 17.42 15.89 46.84
CA ASP F 403 17.09 15.16 45.62
C ASP F 403 17.36 16.03 44.39
N SER F 404 16.99 15.52 43.21
CA SER F 404 17.18 16.28 41.98
C SER F 404 16.24 17.48 41.92
N ASP F 405 15.09 17.41 42.59
CA ASP F 405 14.12 18.49 42.57
C ASP F 405 14.48 19.62 43.52
N ASP F 406 15.73 19.66 44.00
CA ASP F 406 16.20 20.72 44.90
C ASP F 406 15.35 20.79 46.17
N THR F 407 14.96 19.63 46.69
CA THR F 407 14.14 19.54 47.88
C THR F 407 14.69 18.49 48.82
N PHE F 408 14.74 18.82 50.11
CA PHE F 408 15.20 17.89 51.14
C PHE F 408 14.13 17.77 52.21
N GLU F 409 14.00 16.58 52.78
CA GLU F 409 12.98 16.30 53.76
C GLU F 409 13.52 15.32 54.79
N GLU F 410 12.91 15.33 55.97
CA GLU F 410 13.26 14.43 57.06
C GLU F 410 11.98 13.94 57.72
N GLU F 411 12.08 12.79 58.38
CA GLU F 411 10.93 12.20 59.04
C GLU F 411 10.56 13.02 60.28
N ASP F 412 9.51 12.58 60.97
CA ASP F 412 9.03 13.30 62.15
C ASP F 412 10.04 13.19 63.28
N ILE F 413 10.59 14.34 63.68
CA ILE F 413 11.61 14.41 64.72
C ILE F 413 11.12 15.31 65.85
N ALA F 414 11.27 14.85 67.08
CA ALA F 414 10.97 15.65 68.26
C ALA F 414 12.18 16.54 68.56
N LEU F 415 12.02 17.85 68.34
CA LEU F 415 13.16 18.76 68.50
C LEU F 415 13.66 18.76 69.93
N SER F 416 12.77 18.89 70.91
CA SER F 416 13.18 18.90 72.31
C SER F 416 13.54 17.50 72.81
N GLY F 417 12.95 16.47 72.23
CA GLY F 417 13.19 15.11 72.70
C GLY F 417 14.62 14.64 72.45
N LEU F 418 15.21 15.05 71.33
CA LEU F 418 16.52 14.58 70.94
C LEU F 418 17.61 15.11 71.87
N SER F 419 18.69 14.34 71.99
CA SER F 419 19.78 14.65 72.89
C SER F 419 20.71 15.69 72.26
N GLY F 420 21.22 16.57 73.10
CA GLY F 420 22.13 17.62 72.68
C GLY F 420 21.80 18.89 73.44
N ASP F 421 22.78 19.79 73.50
CA ASP F 421 22.50 21.08 74.13
C ASP F 421 21.70 22.00 73.24
N GLY F 422 21.70 21.77 71.92
CA GLY F 422 20.90 22.61 71.04
C GLY F 422 19.42 22.48 71.35
N SER F 423 18.97 21.25 71.58
CA SER F 423 17.56 20.99 71.90
C SER F 423 17.16 21.63 73.23
N SER F 424 18.12 21.81 74.15
CA SER F 424 17.80 22.34 75.46
C SER F 424 17.26 23.77 75.39
N ILE F 425 17.67 24.54 74.39
CA ILE F 425 17.16 25.91 74.29
C ILE F 425 15.66 25.89 74.02
N LEU F 426 15.22 25.00 73.12
CA LEU F 426 13.82 24.95 72.74
C LEU F 426 12.91 24.37 73.82
N SER F 427 13.48 23.76 74.86
CA SER F 427 12.64 23.14 75.89
C SER F 427 11.81 24.18 76.63
N LEU F 428 12.40 25.31 76.96
CA LEU F 428 11.72 26.36 77.70
C LEU F 428 10.80 27.16 76.77
N THR F 429 9.68 27.60 77.32
CA THR F 429 8.70 28.35 76.54
C THR F 429 9.24 29.73 76.19
N GLY F 430 9.05 30.12 74.93
CA GLY F 430 9.48 31.43 74.48
C GLY F 430 9.46 31.50 72.96
N THR F 431 10.00 32.61 72.45
CA THR F 431 10.14 32.83 71.02
C THR F 431 11.62 32.80 70.65
N TYR F 432 11.97 31.96 69.67
CA TYR F 432 13.35 31.70 69.31
C TYR F 432 13.54 31.81 67.80
N ARG F 433 14.71 31.39 67.31
CA ARG F 433 15.00 31.38 65.89
C ARG F 433 15.64 30.05 65.51
N ILE F 434 15.29 29.55 64.33
CA ILE F 434 15.83 28.30 63.81
C ILE F 434 16.23 28.51 62.36
N GLY F 435 17.40 28.00 61.98
CA GLY F 435 17.90 28.18 60.64
C GLY F 435 18.61 26.94 60.13
N VAL F 436 18.75 26.88 58.81
CA VAL F 436 19.43 25.78 58.14
C VAL F 436 20.64 26.34 57.40
N ILE F 437 21.67 25.51 57.25
CA ILE F 437 22.90 25.91 56.58
C ILE F 437 23.43 24.74 55.77
N ASP F 438 24.06 25.05 54.65
CA ASP F 438 24.63 24.04 53.77
C ASP F 438 25.92 23.48 54.38
N ALA F 439 26.51 22.50 53.71
CA ALA F 439 27.76 21.88 54.12
C ALA F 439 28.96 22.77 53.90
N SER F 440 28.77 24.05 53.56
CA SER F 440 29.90 24.96 53.39
C SER F 440 30.67 25.14 54.68
N ASP F 441 30.04 24.92 55.83
CA ASP F 441 30.76 24.99 57.11
C ASP F 441 31.86 23.94 57.17
N ALA F 442 31.48 22.66 57.13
CA ALA F 442 32.42 21.54 57.20
C ALA F 442 33.35 21.68 58.40
N ASP F 443 32.75 21.86 59.57
CA ASP F 443 33.48 22.13 60.82
C ASP F 443 34.34 23.38 60.68
N VAL F 444 33.77 24.41 60.05
CA VAL F 444 34.38 25.72 59.81
C VAL F 444 35.84 25.56 59.36
N GLY F 445 36.12 24.48 58.65
CA GLY F 445 37.48 24.17 58.23
C GLY F 445 38.09 23.04 59.03
N GLY F 446 38.14 21.85 58.42
CA GLY F 446 38.69 20.70 59.10
C GLY F 446 38.11 19.38 58.62
N ASP F 447 37.71 18.53 59.54
CA ASP F 447 37.12 17.24 59.19
C ASP F 447 35.77 17.43 58.52
N GLY F 448 35.43 16.50 57.63
CA GLY F 448 34.18 16.58 56.90
C GLY F 448 32.96 16.20 57.73
N SER F 449 32.67 17.00 58.76
CA SER F 449 31.54 16.75 59.63
C SER F 449 31.11 18.07 60.25
N VAL F 450 29.80 18.23 60.42
CA VAL F 450 29.24 19.46 60.99
C VAL F 450 29.24 19.30 62.51
N ASP F 451 30.32 19.76 63.14
CA ASP F 451 30.45 19.69 64.60
C ASP F 451 31.07 21.00 65.09
N ASP F 452 30.20 21.99 65.33
CA ASP F 452 30.55 23.32 65.85
C ASP F 452 29.29 23.97 66.39
N SER F 453 29.47 25.18 66.92
CA SER F 453 28.37 26.09 67.27
C SER F 453 28.72 27.42 66.60
N LEU F 454 28.32 27.55 65.34
CA LEU F 454 28.71 28.71 64.54
C LEU F 454 28.09 29.98 65.11
N THR F 455 28.88 31.05 65.16
CA THR F 455 28.41 32.33 65.66
C THR F 455 27.57 33.02 64.59
N THR F 456 27.16 34.26 64.86
CA THR F 456 26.34 35.00 63.91
C THR F 456 27.09 35.24 62.60
N SER F 457 28.36 35.63 62.69
CA SER F 457 29.14 35.88 61.48
C SER F 457 29.36 34.60 60.68
N GLU F 458 29.69 33.50 61.35
CA GLU F 458 29.92 32.25 60.64
C GLU F 458 28.64 31.71 59.99
N PHE F 459 27.52 31.80 60.70
CA PHE F 459 26.26 31.30 60.15
C PHE F 459 25.81 32.15 58.96
N THR F 460 25.96 33.47 59.05
CA THR F 460 25.51 34.36 57.99
C THR F 460 26.44 34.33 56.78
N SER F 461 27.74 34.07 57.00
CA SER F 461 28.70 34.15 55.90
C SER F 461 28.37 33.15 54.80
N GLY F 462 28.04 31.91 55.16
CA GLY F 462 27.64 30.92 54.20
C GLY F 462 26.20 31.08 53.78
N VAL F 463 25.79 30.24 52.82
CA VAL F 463 24.41 30.25 52.39
C VAL F 463 23.54 29.63 53.47
N SER F 464 22.48 30.34 53.85
CA SER F 464 21.65 29.92 54.97
C SER F 464 20.34 30.73 54.92
N SER F 465 19.45 30.40 55.84
CA SER F 465 18.20 31.12 56.02
C SER F 465 17.61 30.75 57.36
N SER F 466 16.98 31.72 58.03
CA SER F 466 16.39 31.50 59.34
C SER F 466 14.98 32.08 59.36
N ASN F 467 14.14 31.50 60.22
CA ASN F 467 12.76 31.93 60.37
C ASN F 467 12.37 31.90 61.84
N SER F 468 11.47 32.80 62.21
CA SER F 468 11.07 32.93 63.61
C SER F 468 10.19 31.77 64.04
N ILE F 469 10.49 31.23 65.22
CA ILE F 469 9.72 30.12 65.80
C ILE F 469 9.51 30.38 67.28
N ARG F 470 8.34 30.02 67.78
CA ARG F 470 8.04 30.10 69.20
C ARG F 470 7.44 28.79 69.65
N VAL F 471 7.72 28.41 70.90
CA VAL F 471 7.28 27.14 71.45
C VAL F 471 6.11 27.40 72.39
N THR F 472 5.07 26.58 72.27
CA THR F 472 3.85 26.73 73.07
C THR F 472 3.89 25.52 74.00
N ASP F 473 3.43 25.67 75.24
CA ASP F 473 3.40 24.53 76.20
C ASP F 473 2.49 23.39 75.73
N GLN F 474 2.52 22.23 76.41
CA GLN F 474 1.69 21.04 75.98
C GLN F 474 0.17 21.26 76.11
N ALA F 475 -0.65 20.30 75.64
CA ALA F 475 -2.13 20.47 75.63
C ALA F 475 -2.87 19.11 75.65
N LEU F 476 -4.20 19.13 75.92
CA LEU F 476 -4.99 17.86 75.98
C LEU F 476 -6.51 18.07 75.83
N THR F 477 -7.17 17.35 74.90
CA THR F 477 -8.60 17.35 74.71
C THR F 477 -9.10 15.91 74.79
N GLY F 478 -10.25 15.73 75.42
CA GLY F 478 -10.82 14.39 75.57
C GLY F 478 -12.33 14.44 75.59
N GLN F 479 -12.93 13.26 75.43
CA GLN F 479 -14.38 13.13 75.44
C GLN F 479 -14.75 11.71 75.82
N PHE F 480 -15.94 11.57 76.40
CA PHE F 480 -16.50 10.28 76.78
C PHE F 480 -17.92 10.17 76.24
N THR F 481 -18.22 9.05 75.59
CA THR F 481 -19.53 8.84 74.99
C THR F 481 -20.42 8.10 75.98
N THR F 482 -21.43 8.78 76.50
CA THR F 482 -22.41 8.19 77.40
C THR F 482 -23.78 8.25 76.76
N ILE F 483 -24.50 7.12 76.79
CA ILE F 483 -25.81 7.04 76.17
C ILE F 483 -26.78 8.00 76.85
N ASN F 484 -26.78 8.02 78.18
CA ASN F 484 -27.60 8.95 78.93
C ASN F 484 -26.87 9.47 80.16
N GLY F 485 -25.55 9.56 80.09
CA GLY F 485 -24.75 9.81 81.28
C GLY F 485 -24.46 8.56 82.08
N GLN F 486 -24.83 7.39 81.57
CA GLN F 486 -24.70 6.14 82.28
C GLN F 486 -24.20 5.05 81.33
N VAL F 487 -23.70 3.98 81.90
CA VAL F 487 -23.32 2.78 81.15
C VAL F 487 -24.24 1.66 81.61
N ALA F 488 -24.96 1.05 80.66
CA ALA F 488 -26.04 0.14 81.04
C ALA F 488 -25.51 -1.19 81.57
N PRO F 489 -24.70 -1.96 80.84
CA PRO F 489 -24.29 -3.28 81.35
C PRO F 489 -23.19 -3.15 82.38
N VAL F 490 -23.53 -3.40 83.64
CA VAL F 490 -22.55 -3.31 84.72
C VAL F 490 -21.48 -4.38 84.56
N GLU F 491 -21.91 -5.61 84.22
CA GLU F 491 -20.96 -6.71 84.09
C GLU F 491 -19.94 -6.43 82.99
N THR F 492 -20.38 -5.93 81.84
CA THR F 492 -19.50 -5.64 80.71
C THR F 492 -19.85 -4.24 80.18
N GLY F 493 -19.17 -3.23 80.72
CA GLY F 493 -19.37 -1.88 80.25
C GLY F 493 -18.59 -1.59 78.99
N THR F 494 -18.87 -0.43 78.40
CA THR F 494 -18.21 -0.03 77.16
C THR F 494 -18.33 1.48 76.99
N VAL F 495 -17.20 2.16 76.82
CA VAL F 495 -17.16 3.58 76.56
C VAL F 495 -16.20 3.85 75.40
N ASP F 496 -16.43 4.97 74.73
CA ASP F 496 -15.63 5.38 73.60
C ASP F 496 -14.90 6.68 73.96
N ILE F 497 -13.61 6.75 73.69
CA ILE F 497 -12.80 7.90 74.03
C ILE F 497 -12.09 8.42 72.79
N ASN F 498 -12.13 9.73 72.60
CA ASN F 498 -11.42 10.37 71.50
C ASN F 498 -11.07 11.79 71.91
N GLY F 499 -10.06 12.35 71.24
CA GLY F 499 -9.64 13.70 71.53
C GLY F 499 -8.32 14.01 70.84
N THR F 500 -7.80 15.18 71.15
CA THR F 500 -6.55 15.66 70.58
C THR F 500 -5.50 15.74 71.69
N ALA F 501 -4.38 15.05 71.49
CA ALA F 501 -3.24 15.07 72.41
C ALA F 501 -1.99 15.32 71.57
N SER F 502 -1.69 16.60 71.33
CA SER F 502 -0.57 16.95 70.49
C SER F 502 0.73 16.95 71.30
N GLY F 503 1.76 16.34 70.74
CA GLY F 503 3.07 16.31 71.38
C GLY F 503 3.30 15.16 72.33
N ALA F 504 2.28 14.34 72.59
CA ALA F 504 2.42 13.21 73.51
C ALA F 504 2.62 11.91 72.74
N ASN F 505 3.15 10.92 73.43
CA ASN F 505 3.36 9.59 72.85
C ASN F 505 2.35 8.56 73.31
N SER F 506 1.81 8.71 74.52
CA SER F 506 0.80 7.80 75.02
C SER F 506 -0.09 8.56 76.01
N VAL F 507 -1.32 8.07 76.16
CA VAL F 507 -2.31 8.68 77.03
C VAL F 507 -2.91 7.59 77.92
N LEU F 508 -2.99 7.87 79.23
CA LEU F 508 -3.53 6.94 80.20
C LEU F 508 -4.89 7.42 80.69
N VAL F 509 -5.83 6.49 80.80
CA VAL F 509 -7.16 6.77 81.31
C VAL F 509 -7.43 5.88 82.52
N ILE F 510 -8.01 6.46 83.56
CA ILE F 510 -8.24 5.76 84.82
C ILE F 510 -9.71 5.89 85.20
N PHE F 511 -10.28 4.80 85.72
CA PHE F 511 -11.65 4.78 86.23
C PHE F 511 -11.62 4.40 87.70
N VAL F 512 -12.29 5.20 88.53
CA VAL F 512 -12.40 4.92 89.96
C VAL F 512 -13.84 5.14 90.40
N ASP F 513 -14.33 4.25 91.27
CA ASP F 513 -15.70 4.31 91.73
C ASP F 513 -15.76 4.94 93.12
N GLU F 514 -16.93 4.90 93.75
CA GLU F 514 -17.06 5.44 95.09
C GLU F 514 -16.37 4.55 96.14
N ARG F 515 -16.33 3.23 95.91
CA ARG F 515 -15.64 2.37 96.87
C ARG F 515 -14.14 2.63 96.84
N GLY F 516 -13.56 2.74 95.65
CA GLY F 516 -12.13 2.95 95.52
C GLY F 516 -11.44 2.01 94.56
N ASN F 517 -12.21 1.22 93.79
CA ASN F 517 -11.61 0.33 92.81
C ASN F 517 -11.12 1.13 91.62
N VAL F 518 -9.99 0.70 91.04
CA VAL F 518 -9.35 1.45 89.97
C VAL F 518 -9.13 0.52 88.78
N ASN F 519 -9.40 1.04 87.58
CA ASN F 519 -9.09 0.38 86.33
C ASN F 519 -8.36 1.37 85.43
N TYR F 520 -7.31 0.89 84.77
CA TYR F 520 -6.48 1.76 83.95
C TYR F 520 -6.23 1.11 82.60
N GLN F 521 -5.96 1.96 81.60
CA GLN F 521 -5.58 1.51 80.27
C GLN F 521 -4.80 2.61 79.57
N GLU F 522 -3.76 2.23 78.85
CA GLU F 522 -2.98 3.17 78.08
C GLU F 522 -3.44 3.18 76.62
N VAL F 523 -3.38 4.36 76.01
CA VAL F 523 -3.84 4.55 74.64
C VAL F 523 -2.68 5.09 73.81
N SER F 524 -2.37 4.42 72.71
CA SER F 524 -1.30 4.85 71.82
C SER F 524 -1.85 5.92 70.88
N VAL F 525 -1.38 7.15 71.05
CA VAL F 525 -1.84 8.26 70.22
C VAL F 525 -1.07 8.25 68.91
N ASP F 526 -1.76 8.56 67.81
CA ASP F 526 -1.15 8.52 66.49
C ASP F 526 -0.24 9.73 66.28
N SER F 527 0.32 9.82 65.07
CA SER F 527 1.34 10.82 64.79
C SER F 527 0.79 12.24 64.91
N ASP F 528 -0.40 12.50 64.36
CA ASP F 528 -0.96 13.84 64.37
C ASP F 528 -1.69 14.18 65.66
N GLY F 529 -1.47 13.41 66.73
CA GLY F 529 -2.06 13.71 68.01
C GLY F 529 -3.58 13.65 68.06
N THR F 530 -4.16 12.61 67.46
CA THR F 530 -5.62 12.41 67.48
C THR F 530 -5.89 10.97 67.88
N TYR F 531 -6.00 10.74 69.19
CA TYR F 531 -6.23 9.41 69.72
C TYR F 531 -7.71 9.07 69.74
N ASP F 532 -8.04 7.83 69.37
CA ASP F 532 -9.42 7.37 69.37
C ASP F 532 -9.40 5.89 69.70
N GLU F 533 -9.73 5.55 70.95
CA GLU F 533 -9.82 4.17 71.39
C GLU F 533 -11.27 3.84 71.67
N ASP F 534 -11.75 2.74 71.11
CA ASP F 534 -13.16 2.39 71.14
C ASP F 534 -13.37 1.07 71.87
N ASP F 535 -14.56 0.92 72.45
CA ASP F 535 -14.98 -0.28 73.18
C ASP F 535 -14.03 -0.59 74.34
N ILE F 536 -14.00 0.32 75.31
CA ILE F 536 -13.20 0.17 76.52
C ILE F 536 -14.10 -0.39 77.62
N THR F 537 -13.76 -1.59 78.09
CA THR F 537 -14.54 -2.24 79.14
C THR F 537 -14.24 -1.63 80.50
N VAL F 538 -15.25 -1.59 81.35
CA VAL F 538 -15.12 -1.09 82.72
C VAL F 538 -15.47 -2.24 83.66
N GLY F 539 -14.52 -2.60 84.52
CA GLY F 539 -14.70 -3.70 85.44
C GLY F 539 -14.89 -3.25 86.87
N LEU F 540 -15.65 -2.18 87.06
CA LEU F 540 -15.90 -1.61 88.37
C LEU F 540 -17.28 -2.01 88.87
N THR F 541 -17.66 -1.49 90.02
CA THR F 541 -18.93 -1.83 90.66
C THR F 541 -19.99 -0.78 90.32
N GLN F 542 -21.23 -1.14 90.60
CA GLN F 542 -22.36 -0.24 90.35
C GLN F 542 -22.27 0.99 91.25
N GLY F 543 -22.69 2.13 90.71
CA GLY F 543 -22.66 3.37 91.46
C GLY F 543 -22.26 4.56 90.62
N ARG F 544 -21.39 5.40 91.15
CA ARG F 544 -20.89 6.58 90.46
C ARG F 544 -19.40 6.40 90.19
N VAL F 545 -19.01 6.59 88.94
CA VAL F 545 -17.62 6.42 88.52
C VAL F 545 -17.16 7.73 87.86
N THR F 546 -16.05 8.27 88.35
CA THR F 546 -15.43 9.44 87.76
C THR F 546 -14.21 9.01 86.95
N ALA F 547 -14.00 9.66 85.82
CA ALA F 547 -12.95 9.26 84.89
C ALA F 547 -11.95 10.39 84.71
N HIS F 548 -10.69 10.02 84.58
CA HIS F 548 -9.59 10.95 84.33
C HIS F 548 -8.75 10.47 83.17
N ILE F 549 -8.18 11.42 82.45
CA ILE F 549 -7.31 11.17 81.30
C ILE F 549 -5.95 11.78 81.65
N LEU F 550 -4.92 10.94 81.66
CA LEU F 550 -3.58 11.39 81.99
C LEU F 550 -2.72 11.58 80.74
N SER F 551 -1.83 12.56 80.82
CA SER F 551 -0.95 12.92 79.71
C SER F 551 0.32 13.51 80.30
N VAL F 552 1.46 12.86 80.04
CA VAL F 552 2.73 13.42 80.51
C VAL F 552 3.00 14.72 79.78
N GLY F 553 3.41 15.74 80.53
CA GLY F 553 3.66 17.04 79.93
C GLY F 553 5.00 17.14 79.26
N ARG F 554 5.63 18.31 79.38
CA ARG F 554 6.94 18.53 78.76
C ARG F 554 8.00 17.63 79.38
N ASP F 555 7.96 17.44 80.70
CA ASP F 555 9.03 16.70 81.38
C ASP F 555 9.05 15.22 81.03
N SER F 556 7.98 14.70 80.42
CA SER F 556 7.87 13.27 80.08
C SER F 556 8.05 12.45 81.35
N ALA F 557 7.58 13.00 82.46
CA ALA F 557 7.60 12.40 83.78
C ALA F 557 6.26 12.68 84.42
N ILE F 558 5.79 11.76 85.25
CA ILE F 558 4.50 12.01 85.88
C ILE F 558 4.71 13.15 86.87
N GLY F 559 4.24 14.35 86.53
CA GLY F 559 4.43 15.47 87.43
C GLY F 559 5.90 15.74 87.65
N ASP F 560 6.31 15.71 88.92
CA ASP F 560 7.69 15.91 89.30
C ASP F 560 8.49 14.61 89.43
N GLY F 561 7.88 13.46 89.14
CA GLY F 561 8.58 12.22 89.37
C GLY F 561 8.59 11.76 90.82
N SER F 562 7.86 12.44 91.70
CA SER F 562 7.86 12.12 93.12
C SER F 562 6.68 11.19 93.45
N LEU F 563 6.84 9.92 93.03
CA LEU F 563 5.90 8.88 93.39
C LEU F 563 6.13 8.43 94.82
N PRO F 564 5.06 8.16 95.59
CA PRO F 564 5.27 7.66 96.96
C PRO F 564 6.01 6.34 97.02
N SER F 565 5.84 5.48 96.02
CA SER F 565 6.52 4.19 95.99
C SER F 565 7.42 3.98 94.78
N GLY F 566 7.36 4.86 93.78
CA GLY F 566 8.17 4.72 92.60
C GLY F 566 9.49 5.46 92.69
N PRO F 567 10.37 5.24 91.71
CA PRO F 567 11.67 5.91 91.72
C PRO F 567 11.57 7.38 91.35
N SER F 568 12.68 8.10 91.43
CA SER F 568 12.72 9.53 91.13
C SER F 568 13.05 9.74 89.66
N ASN F 569 12.26 10.61 89.01
CA ASN F 569 12.39 11.02 87.61
C ASN F 569 12.14 9.90 86.62
N GLY F 570 11.84 8.68 87.07
CA GLY F 570 11.51 7.61 86.17
C GLY F 570 10.02 7.35 86.14
N ALA F 571 9.24 8.30 86.63
CA ALA F 571 7.79 8.16 86.74
C ALA F 571 7.15 8.35 85.38
N THR F 572 6.92 7.25 84.68
CA THR F 572 6.21 7.27 83.40
C THR F 572 4.76 6.82 83.62
N LEU F 573 4.02 6.69 82.52
CA LEU F 573 2.65 6.22 82.62
C LEU F 573 2.61 4.79 83.16
N ASN F 574 3.50 3.92 82.67
CA ASN F 574 3.57 2.57 83.19
C ASN F 574 3.99 2.55 84.65
N ASP F 575 4.90 3.45 85.04
CA ASP F 575 5.32 3.50 86.44
C ASP F 575 4.17 3.91 87.35
N LEU F 576 3.32 4.85 86.90
CA LEU F 576 2.21 5.27 87.72
C LEU F 576 1.18 4.16 87.89
N THR F 577 1.10 3.24 86.94
CA THR F 577 0.18 2.11 87.07
C THR F 577 0.54 1.25 88.28
N GLY F 578 1.83 1.07 88.54
CA GLY F 578 2.24 0.35 89.74
C GLY F 578 1.78 1.03 91.00
N TYR F 579 1.76 2.36 91.01
CA TYR F 579 1.23 3.10 92.16
C TYR F 579 -0.26 2.90 92.30
N LEU F 580 -0.98 2.76 91.18
CA LEU F 580 -2.42 2.54 91.24
C LEU F 580 -2.75 1.21 91.89
N ASP F 581 -1.93 0.19 91.68
CA ASP F 581 -2.19 -1.12 92.27
C ASP F 581 -2.17 -1.05 93.80
N THR F 582 -1.40 -0.12 94.36
CA THR F 582 -1.39 0.06 95.81
C THR F 582 -2.62 0.80 96.32
N LEU F 583 -3.27 1.59 95.47
CA LEU F 583 -4.41 2.40 95.92
C LEU F 583 -5.61 1.51 96.24
N ASP F 584 -5.95 0.58 95.35
CA ASP F 584 -7.12 -0.24 95.57
C ASP F 584 -6.88 -1.30 96.64
N GLN F 585 -5.62 -1.72 96.83
CA GLN F 585 -5.33 -2.71 97.86
C GLN F 585 -5.65 -2.18 99.24
N ASN F 586 -5.27 -0.94 99.52
CA ASN F 586 -5.59 -0.32 100.79
C ASN F 586 -7.06 0.06 100.84
N ASN F 587 -7.64 0.00 102.04
CA ASN F 587 -9.05 0.34 102.24
C ASN F 587 -9.20 1.85 102.20
N ASN F 588 -9.24 2.40 101.00
CA ASN F 588 -9.33 3.83 100.78
C ASN F 588 -10.69 4.17 100.16
N ASN F 589 -11.25 5.29 100.61
CA ASN F 589 -12.49 5.80 100.04
C ASN F 589 -12.26 6.26 98.60
N GLY F 590 -13.29 6.10 97.76
CA GLY F 590 -13.20 6.56 96.39
C GLY F 590 -12.96 8.06 96.29
N GLU F 591 -13.57 8.82 97.19
CA GLU F 591 -13.33 10.26 97.24
C GLU F 591 -11.89 10.55 97.61
N GLN F 592 -11.30 9.74 98.48
CA GLN F 592 -9.90 9.91 98.87
C GLN F 592 -8.99 9.74 97.66
N ILE F 593 -9.32 8.81 96.77
CA ILE F 593 -8.52 8.61 95.57
C ILE F 593 -8.54 9.85 94.69
N ASN F 594 -9.68 10.54 94.61
CA ASN F 594 -9.73 11.78 93.85
C ASN F 594 -8.79 12.83 94.43
N GLU F 595 -8.76 12.97 95.76
CA GLU F 595 -7.81 13.88 96.39
C GLU F 595 -6.37 13.44 96.16
N LEU F 596 -6.11 12.13 96.28
CA LEU F 596 -4.74 11.64 96.14
C LEU F 596 -4.24 11.77 94.70
N ILE F 597 -5.07 11.40 93.73
CA ILE F 597 -4.61 11.40 92.34
C ILE F 597 -4.30 12.83 91.89
N ALA F 598 -5.20 13.76 92.20
CA ALA F 598 -4.98 15.16 91.81
C ALA F 598 -3.79 15.76 92.56
N SER F 599 -3.64 15.44 93.84
CA SER F 599 -2.58 16.06 94.64
C SER F 599 -1.20 15.56 94.23
N GLU F 600 -1.04 14.26 94.02
CA GLU F 600 0.27 13.69 93.77
C GLU F 600 0.79 14.00 92.37
N THR F 601 -0.11 14.20 91.41
CA THR F 601 0.28 14.36 90.01
C THR F 601 0.07 15.76 89.48
N VAL F 602 -1.08 16.39 89.74
CA VAL F 602 -1.42 17.66 89.13
C VAL F 602 -1.31 18.82 90.12
N ASP F 603 -1.80 18.64 91.35
CA ASP F 603 -1.80 19.75 92.30
C ASP F 603 -0.40 20.19 92.71
N GLU F 604 0.61 19.33 92.52
CA GLU F 604 1.97 19.73 92.81
C GLU F 604 2.34 20.96 91.98
N THR F 605 2.94 21.96 92.64
CA THR F 605 3.20 23.25 92.00
C THR F 605 4.23 23.15 90.88
N ALA F 606 5.11 22.16 90.89
CA ALA F 606 6.12 22.01 89.87
C ALA F 606 5.69 21.06 88.77
N SER F 607 4.45 20.56 88.82
CA SER F 607 3.95 19.62 87.82
C SER F 607 3.55 20.34 86.55
N ASP F 608 3.82 19.70 85.42
CA ASP F 608 3.47 20.21 84.10
C ASP F 608 2.42 19.35 83.41
N ASP F 609 2.00 18.25 84.00
CA ASP F 609 1.07 17.33 83.36
C ASP F 609 -0.35 17.88 83.42
N LEU F 610 -1.16 17.49 82.43
CA LEU F 610 -2.53 17.97 82.30
C LEU F 610 -3.51 16.81 82.36
N ILE F 611 -4.70 17.07 82.93
CA ILE F 611 -5.77 16.09 82.97
C ILE F 611 -7.09 16.74 82.58
N VAL F 612 -8.07 15.91 82.23
CA VAL F 612 -9.44 16.33 82.03
C VAL F 612 -10.33 15.43 82.89
N THR F 613 -11.43 15.99 83.36
CA THR F 613 -12.31 15.29 84.29
C THR F 613 -13.68 15.03 83.67
N GLU F 614 -14.22 13.85 83.91
CA GLU F 614 -15.54 13.49 83.42
C GLU F 614 -16.13 12.45 84.37
N THR F 615 -17.44 12.50 84.58
CA THR F 615 -18.11 11.59 85.50
C THR F 615 -19.34 10.98 84.85
N PHE F 616 -19.69 9.77 85.28
CA PHE F 616 -20.89 9.12 84.79
C PHE F 616 -21.36 8.10 85.82
N ARG F 617 -22.68 7.99 85.98
CA ARG F 617 -23.27 7.07 86.94
C ARG F 617 -23.34 5.68 86.32
N LEU F 618 -22.59 4.73 86.88
CA LEU F 618 -22.62 3.36 86.38
C LEU F 618 -23.85 2.68 86.95
N ALA F 619 -24.88 2.52 86.13
CA ALA F 619 -26.15 1.92 86.53
C ALA F 619 -26.40 0.65 85.73
N GLU F 620 -27.58 0.06 85.91
CA GLU F 620 -27.91 -1.19 85.19
C GLU F 620 -28.45 -0.88 83.79
N SER F 621 -28.69 -1.90 82.97
CA SER F 621 -29.14 -1.68 81.57
C SER F 621 -30.55 -1.06 81.49
N SER F 622 -30.78 -0.18 80.51
CA SER F 622 -32.14 0.40 80.34
C SER F 622 -32.57 0.45 78.86
N THR F 623 -33.87 0.24 78.59
CA THR F 623 -34.43 0.32 77.21
C THR F 623 -35.91 0.64 77.37
N SER F 624 -36.41 1.75 76.80
CA SER F 624 -37.77 2.16 77.03
C SER F 624 -38.28 2.93 75.83
N ILE F 625 -39.60 3.00 75.70
CA ILE F 625 -40.27 3.75 74.65
C ILE F 625 -40.76 5.06 75.22
N ASP F 626 -40.40 6.17 74.56
CA ASP F 626 -40.68 7.50 75.07
C ASP F 626 -41.93 8.13 74.46
N SER F 627 -41.96 8.26 73.14
CA SER F 627 -43.05 8.95 72.47
C SER F 627 -43.47 8.21 71.21
N ILE F 628 -44.77 8.10 71.02
CA ILE F 628 -45.35 7.55 69.79
C ILE F 628 -46.38 8.55 69.27
N TYR F 629 -46.26 8.93 68.01
CA TYR F 629 -47.12 9.94 67.42
C TYR F 629 -46.89 9.94 65.90
N PRO F 630 -47.88 10.41 65.13
CA PRO F 630 -47.72 10.43 63.66
C PRO F 630 -46.77 11.53 63.19
N ASP F 631 -46.69 11.73 61.88
CA ASP F 631 -45.78 12.72 61.30
C ASP F 631 -46.13 14.15 61.69
N ALA F 632 -47.21 14.33 62.45
CA ALA F 632 -47.58 15.66 62.91
C ALA F 632 -46.61 16.12 64.00
N ALA F 633 -46.87 17.32 64.52
CA ALA F 633 -46.00 17.92 65.54
C ALA F 633 -46.58 17.61 66.92
N GLU F 634 -45.88 16.76 67.68
CA GLU F 634 -46.30 16.41 69.02
C GLU F 634 -45.12 15.78 69.75
N ALA F 635 -45.03 16.06 71.05
CA ALA F 635 -43.96 15.49 71.87
C ALA F 635 -44.45 15.00 73.22
N ALA F 636 -45.77 14.94 73.45
CA ALA F 636 -46.29 14.48 74.73
C ALA F 636 -45.94 13.00 74.95
N GLY F 637 -46.09 12.18 73.93
CA GLY F 637 -45.74 10.77 74.04
C GLY F 637 -46.76 9.82 73.45
N ILE F 638 -48.04 10.19 73.52
CA ILE F 638 -49.13 9.35 73.03
C ILE F 638 -49.99 10.18 72.09
N ASN F 639 -50.35 9.58 70.95
CA ASN F 639 -51.18 10.25 69.96
C ASN F 639 -51.85 9.22 69.05
N PRO F 640 -53.18 9.22 68.96
CA PRO F 640 -53.85 8.32 68.02
C PRO F 640 -53.39 8.58 66.59
N VAL F 641 -53.23 7.50 65.84
CA VAL F 641 -52.67 7.55 64.49
C VAL F 641 -53.71 7.04 63.51
N ALA F 642 -54.02 7.86 62.50
CA ALA F 642 -54.91 7.45 61.43
C ALA F 642 -54.18 6.55 60.45
N THR F 643 -54.88 5.53 59.95
CA THR F 643 -54.28 4.62 59.00
C THR F 643 -54.00 5.31 57.68
N GLY F 644 -52.95 4.86 56.99
CA GLY F 644 -52.55 5.41 55.71
C GLY F 644 -51.38 6.37 55.79
N GLU F 645 -51.05 6.89 56.97
CA GLU F 645 -49.94 7.80 57.14
C GLU F 645 -48.91 7.18 58.07
N THR F 646 -47.63 7.41 57.76
CA THR F 646 -46.55 6.86 58.58
C THR F 646 -46.52 7.54 59.95
N MET F 647 -46.26 6.75 60.98
CA MET F 647 -46.17 7.25 62.34
C MET F 647 -44.79 6.93 62.89
N VAL F 648 -44.23 7.85 63.66
CA VAL F 648 -42.89 7.70 64.23
C VAL F 648 -43.01 7.27 65.69
N ILE F 649 -42.08 6.44 66.13
CA ILE F 649 -41.99 6.01 67.52
C ILE F 649 -40.58 6.31 68.00
N ALA F 650 -40.47 6.91 69.19
CA ALA F 650 -39.19 7.35 69.73
C ALA F 650 -38.98 6.74 71.11
N GLY F 651 -37.80 6.16 71.34
CA GLY F 651 -37.49 5.56 72.62
C GLY F 651 -36.06 5.87 73.01
N SER F 652 -35.73 5.52 74.24
CA SER F 652 -34.41 5.74 74.81
C SER F 652 -33.70 4.41 75.04
N THR F 653 -32.38 4.43 74.95
CA THR F 653 -31.57 3.24 75.16
C THR F 653 -30.19 3.65 75.63
N ASN F 654 -29.48 2.67 76.21
CA ASN F 654 -28.12 2.86 76.66
C ASN F 654 -27.13 1.94 75.95
N LEU F 655 -27.59 1.14 75.01
CA LEU F 655 -26.75 0.16 74.34
C LEU F 655 -25.82 0.83 73.34
N LYS F 656 -24.85 0.05 72.84
CA LYS F 656 -23.97 0.55 71.80
C LYS F 656 -24.76 0.82 70.53
N PRO F 657 -24.48 1.91 69.82
CA PRO F 657 -25.28 2.25 68.65
C PRO F 657 -25.22 1.22 67.54
N ASP F 658 -24.08 0.54 67.35
CA ASP F 658 -23.89 -0.35 66.22
C ASP F 658 -23.85 -1.83 66.61
N ASP F 659 -23.23 -2.17 67.74
CA ASP F 659 -23.11 -3.58 68.12
C ASP F 659 -24.43 -4.20 68.54
N ASN F 660 -25.48 -3.41 68.77
CA ASN F 660 -26.77 -3.91 69.20
C ASN F 660 -27.85 -3.39 68.26
N THR F 661 -29.08 -3.83 68.51
CA THR F 661 -30.21 -3.40 67.69
C THR F 661 -31.49 -3.49 68.52
N ILE F 662 -32.51 -2.76 68.05
CA ILE F 662 -33.82 -2.74 68.69
C ILE F 662 -34.84 -3.25 67.69
N SER F 663 -35.56 -4.30 68.06
CA SER F 663 -36.58 -4.91 67.22
C SER F 663 -37.96 -4.57 67.76
N ILE F 664 -38.87 -4.15 66.88
CA ILE F 664 -40.20 -3.75 67.29
C ILE F 664 -41.19 -4.85 66.88
N GLU F 665 -42.35 -4.84 67.54
CA GLU F 665 -43.45 -5.74 67.19
C GLU F 665 -44.77 -5.02 67.38
N VAL F 666 -45.62 -5.05 66.35
CA VAL F 666 -46.96 -4.48 66.41
C VAL F 666 -47.97 -5.61 66.22
N THR F 667 -48.82 -5.82 67.22
CA THR F 667 -49.77 -6.93 67.20
C THR F 667 -51.17 -6.42 67.52
N ASN F 668 -52.17 -7.09 66.94
CA ASN F 668 -53.57 -6.73 67.10
C ASN F 668 -54.16 -7.32 68.37
N GLU F 669 -55.50 -7.32 68.44
CA GLU F 669 -56.21 -7.76 69.64
C GLU F 669 -56.06 -9.26 69.90
N ASP F 670 -55.64 -10.06 68.92
CA ASP F 670 -55.50 -11.49 69.12
C ASP F 670 -54.21 -11.99 68.46
N GLY F 671 -53.10 -11.39 68.86
CA GLY F 671 -51.77 -11.90 68.50
C GLY F 671 -51.51 -12.10 67.02
N THR F 672 -51.99 -11.19 66.18
CA THR F 672 -51.64 -11.18 64.75
C THR F 672 -50.65 -10.04 64.57
N SER F 673 -49.38 -10.37 64.43
CA SER F 673 -48.38 -9.35 64.17
C SER F 673 -48.58 -8.77 62.78
N VAL F 674 -48.41 -7.45 62.67
CA VAL F 674 -48.66 -6.76 61.40
C VAL F 674 -47.40 -6.06 60.92
N ALA F 675 -46.52 -5.69 61.84
CA ALA F 675 -45.33 -4.93 61.49
C ALA F 675 -44.14 -5.44 62.28
N LEU F 676 -42.94 -5.26 61.70
CA LEU F 676 -41.70 -5.66 62.36
C LEU F 676 -40.57 -4.87 61.72
N GLU F 677 -39.96 -3.97 62.48
CA GLU F 677 -38.85 -3.17 62.01
C GLU F 677 -37.74 -3.15 63.05
N ASP F 678 -36.51 -2.94 62.57
CA ASP F 678 -35.34 -2.95 63.43
C ASP F 678 -34.44 -1.78 63.07
N THR F 679 -33.75 -1.24 64.07
CA THR F 679 -32.78 -0.18 63.88
C THR F 679 -31.50 -0.53 64.63
N ASP F 680 -30.37 -0.18 64.03
CA ASP F 680 -29.06 -0.42 64.63
C ASP F 680 -28.18 0.81 64.48
N GLU F 681 -28.77 1.98 64.64
CA GLU F 681 -28.02 3.23 64.55
C GLU F 681 -28.78 4.32 65.30
N TRP F 682 -28.05 5.09 66.10
CA TRP F 682 -28.56 6.24 66.81
C TRP F 682 -27.39 7.02 67.38
N ASN F 683 -27.54 8.34 67.40
CA ASN F 683 -26.45 9.22 67.85
C ASN F 683 -26.24 9.05 69.36
N ASN F 684 -25.22 9.75 69.86
CA ASN F 684 -24.88 9.68 71.28
C ASN F 684 -25.89 10.37 72.17
N ASP F 685 -27.00 10.88 71.63
CA ASP F 685 -28.06 11.42 72.45
C ASP F 685 -28.92 10.34 73.09
N GLY F 686 -28.87 9.11 72.57
CA GLY F 686 -29.63 8.00 73.12
C GLY F 686 -31.00 7.81 72.52
N GLN F 687 -31.46 8.71 71.67
CA GLN F 687 -32.79 8.63 71.09
C GLN F 687 -32.75 7.86 69.77
N TRP F 688 -33.72 6.95 69.60
CA TRP F 688 -33.86 6.18 68.39
C TRP F 688 -35.30 6.25 67.90
N MET F 689 -35.46 6.38 66.59
CA MET F 689 -36.78 6.47 65.97
C MET F 689 -36.96 5.35 64.96
N VAL F 690 -38.15 4.76 64.95
CA VAL F 690 -38.48 3.64 64.08
C VAL F 690 -39.71 4.01 63.26
N GLU F 691 -39.66 3.77 61.96
CA GLU F 691 -40.74 4.13 61.05
C GLU F 691 -41.51 2.88 60.64
N ILE F 692 -42.83 2.92 60.81
CA ILE F 692 -43.72 1.86 60.37
C ILE F 692 -44.90 2.47 59.64
N ASP F 693 -45.33 1.82 58.56
CA ASP F 693 -46.43 2.32 57.76
C ASP F 693 -47.76 1.80 58.30
N THR F 694 -48.82 2.59 58.09
CA THR F 694 -50.16 2.26 58.51
C THR F 694 -51.10 2.15 57.31
N THR F 695 -50.58 1.61 56.20
CA THR F 695 -51.38 1.53 54.98
C THR F 695 -52.52 0.52 55.12
N ASP F 696 -52.22 -0.68 55.61
CA ASP F 696 -53.20 -1.75 55.71
C ASP F 696 -53.71 -1.95 57.14
N PHE F 697 -53.43 -1.01 58.03
CA PHE F 697 -53.83 -1.17 59.42
C PHE F 697 -55.35 -1.01 59.57
N GLU F 698 -55.88 -1.57 60.65
CA GLU F 698 -57.30 -1.51 60.97
C GLU F 698 -57.48 -0.78 62.29
N THR F 699 -58.56 -0.01 62.39
CA THR F 699 -58.81 0.78 63.59
C THR F 699 -59.01 -0.11 64.80
N GLY F 700 -58.56 0.37 65.95
CA GLY F 700 -58.68 -0.36 67.20
C GLY F 700 -57.49 -0.07 68.09
N THR F 701 -57.14 -1.06 68.91
CA THR F 701 -56.03 -0.97 69.85
C THR F 701 -54.92 -1.92 69.41
N PHE F 702 -53.70 -1.41 69.37
CA PHE F 702 -52.54 -2.13 68.87
C PHE F 702 -51.42 -2.06 69.90
N THR F 703 -50.65 -3.14 70.00
CA THR F 703 -49.63 -3.29 71.02
C THR F 703 -48.25 -3.15 70.39
N VAL F 704 -47.42 -2.29 70.96
CA VAL F 704 -46.06 -2.05 70.45
C VAL F 704 -45.08 -2.67 71.45
N GLU F 705 -44.23 -3.55 70.96
CA GLU F 705 -43.30 -4.32 71.78
C GLU F 705 -41.89 -4.15 71.23
N ALA F 706 -40.95 -3.82 72.11
CA ALA F 706 -39.56 -3.62 71.72
C ALA F 706 -38.65 -4.39 72.67
N ASP F 707 -37.73 -5.17 72.10
CA ASP F 707 -36.79 -5.96 72.88
C ASP F 707 -35.40 -5.87 72.27
N ASP F 708 -34.39 -6.13 73.10
CA ASP F 708 -33.00 -6.12 72.65
C ASP F 708 -32.22 -7.26 73.31
N GLY F 709 -32.87 -8.39 73.58
CA GLY F 709 -32.26 -9.45 74.34
C GLY F 709 -32.28 -9.22 75.84
N ASP F 710 -33.04 -8.24 76.31
CA ASP F 710 -33.08 -7.84 77.71
C ASP F 710 -34.55 -7.54 78.04
N ASN F 711 -34.77 -6.82 79.13
CA ASN F 711 -36.13 -6.48 79.55
C ASN F 711 -36.90 -5.78 78.44
N THR F 712 -38.15 -6.20 78.26
CA THR F 712 -38.98 -5.77 77.14
C THR F 712 -40.04 -4.79 77.62
N ASP F 713 -40.16 -3.67 76.89
CA ASP F 713 -41.17 -2.67 77.17
C ASP F 713 -42.33 -2.78 76.19
N THR F 714 -43.54 -2.61 76.71
CA THR F 714 -44.75 -2.69 75.91
C THR F 714 -45.59 -1.42 76.11
N VAL F 715 -46.13 -0.92 75.00
CA VAL F 715 -47.00 0.25 75.03
C VAL F 715 -48.15 0.02 74.04
N ASN F 716 -49.31 0.57 74.38
CA ASN F 716 -50.51 0.41 73.58
C ASN F 716 -50.95 1.75 73.00
N VAL F 717 -51.30 1.75 71.72
CA VAL F 717 -51.76 2.96 71.03
C VAL F 717 -53.07 2.62 70.32
N GLU F 718 -53.92 3.63 70.16
CA GLU F 718 -55.20 3.48 69.50
C GLU F 718 -55.09 3.88 68.03
N VAL F 719 -55.88 3.19 67.19
CA VAL F 719 -55.92 3.44 65.76
C VAL F 719 -57.33 3.87 65.40
N VAL F 720 -57.44 4.98 64.67
CA VAL F 720 -58.72 5.56 64.29
C VAL F 720 -58.70 5.81 62.78
N SER F 721 -59.88 5.83 62.17
CA SER F 721 -59.98 6.13 60.75
C SER F 721 -59.48 7.54 60.46
N GLU F 722 -59.98 8.52 61.21
CA GLU F 722 -59.55 9.91 61.07
C GLU F 722 -59.45 10.53 62.46
N ARG F 723 -58.53 11.48 62.59
CA ARG F 723 -58.29 12.16 63.86
C ARG F 723 -59.07 13.48 63.92
N GLU F 724 -59.11 14.05 65.11
CA GLU F 724 -59.77 15.34 65.34
C GLU F 724 -58.73 16.44 65.33
N ASP F 725 -58.98 17.48 64.53
CA ASP F 725 -58.06 18.60 64.43
C ASP F 725 -58.81 19.92 64.22
#